data_1K9A
#
_entry.id   1K9A
#
_cell.length_a   115.000
_cell.length_b   162.600
_cell.length_c   232.400
_cell.angle_alpha   90.00
_cell.angle_beta   90.00
_cell.angle_gamma   90.00
#
_symmetry.space_group_name_H-M   'P 21 21 21'
#
loop_
_entity.id
_entity.type
_entity.pdbx_description
1 polymer 'Carboxyl-terminal Src kinase'
2 water water
#
_entity_poly.entity_id   1
_entity_poly.type   'polypeptide(L)'
_entity_poly.pdbx_seq_one_letter_code
;MSAIQASWPSGTECIAKYNFHGTAEQDLPFCKGDVLTIVAVTKDPNWYKAKNKVGREGIIPANYVQKREGVKAGTKLSLM
PWFHGKITREQAERLLYPPETGLFLVRESTNYPGDYTLCVSCEGKVEHYRIMYHASKLSIDEEVYFENLMQLVEHYTTDA
DGLCTRLIKPKVMEGTVAAQDEFYRSGWALNMKELKLLQTIGKGEFGDVMLGDYRGNKVAVKCIKNDATAQAFLAEASVM
TQLRHSNLVQLLGVIVEEKGGLYIVTEYMAKGSLVDYLRSRGRSVLGGDCLLKFSLDVCEAMEYLEGNNFVHRDLAARNV
LVSEDNVAKVSDFGLTKEASSTQDTGKLPVKWTAPEALREKKFSTKSDVWSFGILLWEIYSFGRVPYPRIPLKDVVPRVE
KGYKMDAPDGCPPAVYDVMKNCWHLDAATRPTFLQLREQLEHIRTHELHL
;
_entity_poly.pdbx_strand_id   A,B,C,D,E,F
#
# COMPACT_ATOMS: atom_id res chain seq x y z
N ALA A 6 35.26 -6.57 -16.10
CA ALA A 6 34.92 -7.69 -17.03
C ALA A 6 33.43 -7.64 -17.40
N SER A 7 33.12 -7.86 -18.68
CA SER A 7 31.74 -7.83 -19.12
C SER A 7 30.99 -9.11 -18.67
N TRP A 8 29.67 -9.05 -18.65
CA TRP A 8 28.89 -10.20 -18.25
C TRP A 8 28.93 -11.29 -19.32
N PRO A 9 29.39 -12.49 -18.95
CA PRO A 9 29.46 -13.58 -19.92
C PRO A 9 28.07 -13.86 -20.43
N SER A 10 27.99 -14.43 -21.64
CA SER A 10 26.71 -14.80 -22.21
C SER A 10 26.05 -15.74 -21.20
N GLY A 11 24.74 -15.67 -21.09
CA GLY A 11 24.03 -16.55 -20.16
C GLY A 11 23.85 -15.99 -18.76
N THR A 12 24.56 -14.91 -18.45
CA THR A 12 24.44 -14.30 -17.14
C THR A 12 23.01 -13.78 -17.01
N GLU A 13 22.46 -13.81 -15.81
CA GLU A 13 21.11 -13.30 -15.57
C GLU A 13 21.17 -12.00 -14.79
N CYS A 14 20.33 -11.05 -15.17
CA CYS A 14 20.28 -9.74 -14.51
C CYS A 14 18.85 -9.35 -14.26
N ILE A 15 18.58 -8.78 -13.10
CA ILE A 15 17.22 -8.36 -12.82
C ILE A 15 17.18 -6.86 -13.04
N ALA A 16 16.12 -6.39 -13.68
CA ALA A 16 15.99 -4.98 -13.96
C ALA A 16 15.70 -4.14 -12.71
N LYS A 17 16.51 -3.12 -12.52
CA LYS A 17 16.36 -2.22 -11.38
C LYS A 17 15.33 -1.13 -11.65
N TYR A 18 15.20 -0.74 -12.91
CA TYR A 18 14.26 0.30 -13.29
C TYR A 18 13.54 -0.11 -14.54
N ASN A 19 12.55 0.68 -14.93
CA ASN A 19 11.82 0.42 -16.15
C ASN A 19 12.71 0.98 -17.24
N PHE A 20 12.73 0.34 -18.40
CA PHE A 20 13.54 0.84 -19.49
C PHE A 20 12.57 0.97 -20.66
N HIS A 21 12.48 2.15 -21.23
CA HIS A 21 11.55 2.39 -22.32
C HIS A 21 12.17 2.36 -23.70
N GLY A 22 13.50 2.28 -23.76
CA GLY A 22 14.18 2.23 -25.05
C GLY A 22 14.63 3.57 -25.58
N THR A 23 15.83 3.61 -26.15
CA THR A 23 16.36 4.84 -26.71
C THR A 23 16.46 4.73 -28.23
N ALA A 24 16.60 3.51 -28.74
CA ALA A 24 16.72 3.27 -30.17
C ALA A 24 15.77 2.14 -30.56
N GLU A 25 15.74 1.80 -31.84
CA GLU A 25 14.88 0.72 -32.31
C GLU A 25 15.43 -0.66 -31.96
N GLN A 26 16.75 -0.75 -31.78
CA GLN A 26 17.42 -1.99 -31.43
C GLN A 26 17.23 -2.35 -29.96
N ASP A 27 16.90 -1.35 -29.15
CA ASP A 27 16.73 -1.55 -27.72
C ASP A 27 15.59 -2.50 -27.31
N LEU A 28 15.83 -3.26 -26.25
CA LEU A 28 14.82 -4.17 -25.70
C LEU A 28 14.22 -3.53 -24.43
N PRO A 29 12.96 -3.07 -24.51
CA PRO A 29 12.32 -2.47 -23.33
C PRO A 29 12.09 -3.55 -22.30
N PHE A 30 11.78 -3.16 -21.07
CA PHE A 30 11.51 -4.08 -19.98
C PHE A 30 11.06 -3.35 -18.74
N CYS A 31 10.40 -4.06 -17.84
CA CYS A 31 9.90 -3.48 -16.60
C CYS A 31 10.76 -3.81 -15.40
N LYS A 32 10.64 -2.99 -14.36
CA LYS A 32 11.40 -3.18 -13.14
C LYS A 32 11.11 -4.58 -12.61
N GLY A 33 12.14 -5.27 -12.16
CA GLY A 33 11.94 -6.61 -11.66
C GLY A 33 12.04 -7.72 -12.69
N ASP A 34 12.01 -7.38 -13.98
CA ASP A 34 12.11 -8.40 -15.04
C ASP A 34 13.47 -9.09 -15.05
N VAL A 35 13.49 -10.35 -15.45
CA VAL A 35 14.73 -11.10 -15.51
C VAL A 35 15.27 -11.08 -16.94
N LEU A 36 16.51 -10.62 -17.08
CA LEU A 36 17.13 -10.55 -18.39
C LEU A 36 18.35 -11.43 -18.48
N THR A 37 18.44 -12.13 -19.61
CA THR A 37 19.54 -13.02 -19.84
C THR A 37 20.46 -12.36 -20.86
N ILE A 38 21.70 -12.19 -20.45
CA ILE A 38 22.70 -11.57 -21.29
C ILE A 38 23.04 -12.47 -22.47
N VAL A 39 23.26 -11.85 -23.63
CA VAL A 39 23.63 -12.58 -24.82
C VAL A 39 25.08 -12.24 -25.14
N ALA A 40 25.39 -10.95 -25.19
CA ALA A 40 26.74 -10.50 -25.48
C ALA A 40 26.84 -9.00 -25.24
N VAL A 41 28.01 -8.55 -24.81
CA VAL A 41 28.24 -7.13 -24.56
C VAL A 41 28.57 -6.52 -25.91
N THR A 42 28.15 -5.28 -26.13
CA THR A 42 28.41 -4.62 -27.41
C THR A 42 29.76 -3.91 -27.37
N LYS A 43 30.02 -3.12 -28.40
CA LYS A 43 31.25 -2.38 -28.54
C LYS A 43 31.34 -1.35 -27.42
N ASP A 44 30.19 -0.97 -26.88
CA ASP A 44 30.13 -0.03 -25.77
C ASP A 44 29.79 -0.88 -24.53
N PRO A 45 30.68 -0.90 -23.53
CA PRO A 45 30.47 -1.67 -22.30
C PRO A 45 29.19 -1.31 -21.53
N ASN A 46 28.63 -0.12 -21.79
CA ASN A 46 27.41 0.27 -21.09
C ASN A 46 26.16 -0.41 -21.65
N TRP A 47 26.29 -1.07 -22.79
CA TRP A 47 25.13 -1.72 -23.39
C TRP A 47 25.42 -3.16 -23.74
N TYR A 48 24.42 -4.01 -23.57
CA TYR A 48 24.54 -5.44 -23.85
C TYR A 48 23.37 -5.87 -24.72
N LYS A 49 23.55 -7.01 -25.38
CA LYS A 49 22.47 -7.60 -26.16
C LYS A 49 21.92 -8.62 -25.15
N ALA A 50 20.61 -8.74 -25.05
CA ALA A 50 20.04 -9.67 -24.09
C ALA A 50 18.67 -10.11 -24.52
N LYS A 51 18.13 -11.10 -23.81
CA LYS A 51 16.81 -11.63 -24.12
C LYS A 51 15.94 -11.55 -22.88
N ASN A 52 14.63 -11.46 -23.08
CA ASN A 52 13.69 -11.43 -21.95
C ASN A 52 13.15 -12.85 -21.80
N LYS A 53 12.34 -13.09 -20.78
CA LYS A 53 11.81 -14.44 -20.56
C LYS A 53 11.15 -15.06 -21.80
N VAL A 54 10.42 -14.26 -22.57
CA VAL A 54 9.76 -14.75 -23.76
C VAL A 54 10.73 -14.92 -24.93
N GLY A 55 12.02 -14.73 -24.66
CA GLY A 55 13.02 -14.90 -25.70
C GLY A 55 13.40 -13.69 -26.55
N ARG A 56 12.57 -12.65 -26.61
CA ARG A 56 12.89 -11.47 -27.42
C ARG A 56 14.27 -10.87 -27.12
N GLU A 57 15.01 -10.54 -28.18
CA GLU A 57 16.36 -10.00 -28.04
C GLU A 57 16.44 -8.51 -28.40
N GLY A 58 17.41 -7.82 -27.84
CA GLY A 58 17.59 -6.42 -28.09
C GLY A 58 18.67 -5.82 -27.22
N ILE A 59 18.97 -4.55 -27.40
CA ILE A 59 19.99 -3.87 -26.62
C ILE A 59 19.42 -3.29 -25.33
N ILE A 60 20.23 -3.32 -24.28
CA ILE A 60 19.83 -2.83 -22.97
C ILE A 60 21.04 -2.24 -22.25
N PRO A 61 20.81 -1.30 -21.30
CA PRO A 61 21.91 -0.67 -20.55
C PRO A 61 22.32 -1.41 -19.28
N ALA A 62 23.62 -1.67 -19.16
CA ALA A 62 24.17 -2.38 -18.00
C ALA A 62 23.80 -1.68 -16.71
N ASN A 63 23.75 -0.36 -16.78
CA ASN A 63 23.43 0.44 -15.63
C ASN A 63 22.04 0.12 -15.09
N TYR A 64 21.15 -0.31 -15.97
CA TYR A 64 19.78 -0.61 -15.59
C TYR A 64 19.52 -1.98 -14.98
N VAL A 65 20.48 -2.90 -15.10
CA VAL A 65 20.28 -4.24 -14.56
C VAL A 65 21.29 -4.65 -13.49
N GLN A 66 20.87 -5.58 -12.66
CA GLN A 66 21.67 -6.10 -11.57
C GLN A 66 21.93 -7.58 -11.79
N LYS A 67 23.19 -7.97 -11.87
CA LYS A 67 23.53 -9.37 -12.07
C LYS A 67 22.96 -10.20 -10.92
N ARG A 68 22.23 -11.26 -11.24
CA ARG A 68 21.67 -12.09 -10.18
C ARG A 68 22.66 -13.18 -9.76
N GLU A 69 22.94 -13.29 -8.48
CA GLU A 69 23.88 -14.30 -8.05
C GLU A 69 23.61 -14.89 -6.67
N GLY A 70 24.25 -16.02 -6.38
CA GLY A 70 24.05 -16.67 -5.11
C GLY A 70 24.51 -15.88 -3.92
N VAL A 71 23.91 -16.16 -2.77
CA VAL A 71 24.27 -15.49 -1.54
C VAL A 71 24.63 -16.61 -0.55
N LYS A 72 25.82 -16.52 0.04
CA LYS A 72 26.26 -17.51 1.01
C LYS A 72 25.91 -17.04 2.42
N ALA A 73 25.07 -17.79 3.12
CA ALA A 73 24.69 -17.42 4.49
C ALA A 73 25.88 -17.66 5.43
N GLY A 74 26.93 -16.86 5.26
CA GLY A 74 28.11 -17.00 6.12
C GLY A 74 27.75 -16.83 7.58
N THR A 75 28.74 -16.98 8.45
CA THR A 75 28.48 -16.85 9.88
C THR A 75 28.45 -15.36 10.23
N LYS A 76 28.77 -14.53 9.24
CA LYS A 76 28.81 -13.09 9.41
C LYS A 76 27.62 -12.39 8.75
N LEU A 77 26.83 -13.12 7.98
CA LEU A 77 25.67 -12.54 7.31
C LEU A 77 24.57 -12.25 8.31
N SER A 78 24.09 -11.01 8.36
CA SER A 78 23.04 -10.68 9.32
C SER A 78 22.11 -9.52 8.92
N LEU A 79 20.95 -9.50 9.56
CA LEU A 79 19.95 -8.46 9.34
C LEU A 79 19.88 -7.52 10.54
N MET A 80 20.75 -7.75 11.53
CA MET A 80 20.76 -6.93 12.73
C MET A 80 22.15 -6.43 13.10
N PRO A 81 22.55 -5.27 12.53
CA PRO A 81 23.88 -4.72 12.83
C PRO A 81 24.14 -4.74 14.33
N TRP A 82 23.19 -4.18 15.06
CA TRP A 82 23.23 -4.07 16.50
C TRP A 82 23.13 -5.38 17.28
N PHE A 83 23.14 -6.52 16.61
CA PHE A 83 23.06 -7.79 17.32
C PHE A 83 24.48 -8.27 17.51
N HIS A 84 24.83 -8.64 18.74
CA HIS A 84 26.19 -9.09 19.03
C HIS A 84 26.33 -10.52 19.53
N GLY A 85 25.32 -11.35 19.28
CA GLY A 85 25.40 -12.75 19.68
C GLY A 85 25.66 -13.11 21.14
N LYS A 86 26.83 -13.68 21.41
CA LYS A 86 27.23 -14.13 22.77
C LYS A 86 28.06 -13.14 23.58
N ILE A 87 27.89 -11.84 23.34
CA ILE A 87 28.66 -10.84 24.06
C ILE A 87 28.27 -10.72 25.53
N THR A 88 29.28 -10.60 26.39
CA THR A 88 29.11 -10.48 27.83
C THR A 88 28.60 -9.11 28.29
N ARG A 89 28.08 -9.06 29.51
CA ARG A 89 27.57 -7.82 30.10
C ARG A 89 28.65 -6.74 30.06
N GLU A 90 29.79 -7.03 30.70
CA GLU A 90 30.90 -6.07 30.73
C GLU A 90 31.22 -5.60 29.32
N GLN A 91 31.34 -6.55 28.39
CA GLN A 91 31.65 -6.24 27.00
C GLN A 91 30.71 -5.19 26.43
N ALA A 92 29.42 -5.31 26.75
CA ALA A 92 28.43 -4.35 26.28
C ALA A 92 28.75 -3.01 26.92
N GLU A 93 29.13 -3.06 28.20
CA GLU A 93 29.50 -1.87 28.95
C GLU A 93 30.67 -1.19 28.25
N ARG A 94 31.61 -2.00 27.79
CA ARG A 94 32.78 -1.49 27.07
C ARG A 94 32.32 -0.97 25.71
N LEU A 95 31.58 -1.81 24.99
CA LEU A 95 31.07 -1.46 23.66
C LEU A 95 30.24 -0.19 23.77
N LEU A 96 29.63 -0.01 24.93
CA LEU A 96 28.84 1.18 25.23
C LEU A 96 29.50 1.88 26.41
N TYR A 97 30.63 2.52 26.16
CA TYR A 97 31.35 3.20 27.22
C TYR A 97 31.03 4.70 27.26
N PRO A 98 31.24 5.43 26.16
CA PRO A 98 30.94 6.86 26.18
C PRO A 98 29.43 7.06 26.30
N PRO A 99 28.96 7.57 27.45
CA PRO A 99 27.53 7.80 27.69
C PRO A 99 26.81 8.49 26.53
N GLU A 100 25.96 7.75 25.83
CA GLU A 100 25.19 8.31 24.73
C GLU A 100 23.75 7.84 24.87
N THR A 101 22.83 8.79 24.91
CA THR A 101 21.41 8.49 25.07
C THR A 101 20.81 7.78 23.85
N GLY A 102 20.33 6.56 24.05
CA GLY A 102 19.73 5.83 22.95
C GLY A 102 20.67 4.90 22.20
N LEU A 103 21.91 4.80 22.70
CA LEU A 103 22.91 3.94 22.08
C LEU A 103 22.63 2.54 22.64
N PHE A 104 22.21 1.62 21.78
CA PHE A 104 21.85 0.26 22.21
C PHE A 104 22.50 -0.89 21.45
N LEU A 105 22.28 -2.09 21.97
CA LEU A 105 22.81 -3.30 21.36
C LEU A 105 22.15 -4.53 21.98
N VAL A 106 21.84 -5.52 21.15
CA VAL A 106 21.22 -6.74 21.64
C VAL A 106 22.25 -7.86 21.70
N ARG A 107 22.11 -8.72 22.69
CA ARG A 107 23.01 -9.84 22.89
C ARG A 107 22.19 -10.99 23.41
N GLU A 108 22.76 -12.18 23.42
CA GLU A 108 22.04 -13.32 23.95
C GLU A 108 22.06 -13.11 25.43
N SER A 109 21.41 -13.99 26.19
CA SER A 109 21.38 -13.82 27.62
C SER A 109 22.32 -14.78 28.37
N THR A 110 23.34 -14.21 29.02
CA THR A 110 24.30 -14.97 29.80
C THR A 110 23.54 -15.30 31.08
N ASN A 111 23.05 -14.23 31.68
CA ASN A 111 22.28 -14.26 32.90
C ASN A 111 21.15 -15.30 32.83
N TYR A 112 20.22 -15.09 31.90
CA TYR A 112 19.09 -16.02 31.69
C TYR A 112 19.20 -16.75 30.36
N PRO A 113 19.67 -18.01 30.39
CA PRO A 113 19.86 -18.88 29.23
C PRO A 113 18.63 -19.05 28.33
N GLY A 114 18.86 -19.03 27.01
CA GLY A 114 17.78 -19.18 26.05
C GLY A 114 17.11 -17.89 25.63
N ASP A 115 17.22 -16.86 26.47
CA ASP A 115 16.62 -15.58 26.16
C ASP A 115 17.68 -14.62 25.66
N TYR A 116 17.29 -13.36 25.53
CA TYR A 116 18.19 -12.33 25.04
C TYR A 116 18.20 -11.19 26.03
N THR A 117 18.97 -10.15 25.71
CA THR A 117 19.06 -9.01 26.60
C THR A 117 19.23 -7.76 25.77
N LEU A 118 18.53 -6.70 26.16
CA LEU A 118 18.61 -5.42 25.46
C LEU A 118 19.44 -4.49 26.33
N CYS A 119 20.44 -3.84 25.75
CA CYS A 119 21.31 -2.94 26.51
C CYS A 119 21.26 -1.52 25.95
N VAL A 120 20.91 -0.58 26.82
CA VAL A 120 20.79 0.81 26.43
C VAL A 120 21.63 1.72 27.32
N SER A 121 22.00 2.88 26.79
CA SER A 121 22.78 3.87 27.52
C SER A 121 21.81 5.01 27.81
N CYS A 122 21.36 5.11 29.06
CA CYS A 122 20.41 6.17 29.40
C CYS A 122 21.01 7.45 29.93
N GLU A 123 21.32 7.47 31.21
CA GLU A 123 21.90 8.66 31.79
C GLU A 123 23.16 8.29 32.53
N GLY A 124 24.27 8.36 31.79
CA GLY A 124 25.56 8.01 32.36
C GLY A 124 25.56 6.55 32.76
N LYS A 125 24.42 5.88 32.57
CA LYS A 125 24.29 4.48 32.94
C LYS A 125 23.79 3.66 31.75
N VAL A 126 24.05 2.35 31.80
CA VAL A 126 23.62 1.45 30.74
C VAL A 126 22.68 0.40 31.34
N GLU A 127 21.39 0.55 31.05
CA GLU A 127 20.36 -0.36 31.52
C GLU A 127 20.35 -1.65 30.71
N HIS A 128 20.15 -2.77 31.40
CA HIS A 128 20.11 -4.07 30.75
C HIS A 128 18.74 -4.72 30.95
N TYR A 129 17.91 -4.75 29.90
CA TYR A 129 16.59 -5.35 30.00
C TYR A 129 16.55 -6.75 29.41
N ARG A 130 15.98 -7.67 30.17
CA ARG A 130 15.87 -9.05 29.75
C ARG A 130 14.73 -9.29 28.77
N ILE A 131 15.03 -9.96 27.66
CA ILE A 131 14.03 -10.27 26.64
C ILE A 131 13.68 -11.75 26.74
N MET A 132 12.46 -12.06 27.16
CA MET A 132 12.05 -13.45 27.29
C MET A 132 11.60 -14.10 25.99
N TYR A 133 11.98 -15.36 25.82
CA TYR A 133 11.61 -16.11 24.64
C TYR A 133 10.78 -17.27 25.14
N HIS A 134 9.51 -17.25 24.80
CA HIS A 134 8.58 -18.29 25.21
C HIS A 134 7.53 -18.43 24.12
N ALA A 135 7.08 -19.66 23.87
CA ALA A 135 6.06 -19.89 22.85
C ALA A 135 6.40 -19.22 21.52
N SER A 136 7.69 -19.15 21.20
CA SER A 136 8.14 -18.55 19.95
C SER A 136 7.98 -17.03 19.85
N LYS A 137 7.75 -16.35 20.96
CA LYS A 137 7.62 -14.90 20.97
C LYS A 137 8.60 -14.23 21.92
N LEU A 138 8.93 -12.97 21.62
CA LEU A 138 9.86 -12.18 22.43
C LEU A 138 9.07 -11.11 23.15
N SER A 139 9.46 -10.83 24.39
CA SER A 139 8.78 -9.80 25.16
C SER A 139 9.55 -9.36 26.37
N ILE A 140 9.51 -8.07 26.65
CA ILE A 140 10.20 -7.50 27.79
C ILE A 140 9.22 -7.21 28.91
N ASP A 141 8.11 -6.58 28.57
CA ASP A 141 7.09 -6.22 29.56
C ASP A 141 5.98 -7.26 29.64
N GLU A 142 6.08 -8.31 28.82
CA GLU A 142 5.07 -9.35 28.82
C GLU A 142 3.69 -8.77 28.53
N GLU A 143 3.67 -7.70 27.75
CA GLU A 143 2.42 -7.06 27.36
C GLU A 143 2.41 -6.97 25.84
N VAL A 144 3.56 -6.65 25.27
CA VAL A 144 3.72 -6.58 23.82
C VAL A 144 4.69 -7.71 23.47
N TYR A 145 4.34 -8.53 22.49
CA TYR A 145 5.23 -9.61 22.09
C TYR A 145 5.71 -9.39 20.68
N PHE A 146 6.75 -10.12 20.28
CA PHE A 146 7.28 -9.95 18.94
C PHE A 146 7.75 -11.27 18.35
N GLU A 147 7.83 -11.33 17.03
CA GLU A 147 8.26 -12.54 16.32
C GLU A 147 9.78 -12.60 16.24
N ASN A 148 10.41 -11.44 16.08
CA ASN A 148 11.86 -11.37 16.01
C ASN A 148 12.41 -10.11 16.67
N LEU A 149 13.71 -10.14 16.97
CA LEU A 149 14.41 -9.04 17.61
C LEU A 149 14.38 -7.76 16.80
N MET A 150 14.15 -7.87 15.50
CA MET A 150 14.08 -6.68 14.65
C MET A 150 12.80 -5.91 14.91
N GLN A 151 11.70 -6.62 15.15
CA GLN A 151 10.45 -5.93 15.40
C GLN A 151 10.52 -5.29 16.77
N LEU A 152 11.14 -5.99 17.72
CA LEU A 152 11.26 -5.46 19.06
C LEU A 152 12.02 -4.15 19.01
N VAL A 153 13.06 -4.08 18.18
CA VAL A 153 13.85 -2.87 18.07
C VAL A 153 13.10 -1.75 17.35
N GLU A 154 12.23 -2.12 16.41
CA GLU A 154 11.43 -1.13 15.69
C GLU A 154 10.58 -0.43 16.74
N HIS A 155 9.94 -1.25 17.57
CA HIS A 155 9.04 -0.80 18.62
C HIS A 155 9.67 0.17 19.61
N TYR A 156 10.68 -0.31 20.33
CA TYR A 156 11.35 0.50 21.33
C TYR A 156 12.16 1.64 20.74
N THR A 157 12.28 1.69 19.42
CA THR A 157 12.99 2.79 18.77
C THR A 157 11.97 3.89 18.52
N THR A 158 10.72 3.47 18.32
CA THR A 158 9.63 4.40 18.09
C THR A 158 9.18 5.06 19.39
N ASP A 159 9.41 4.38 20.51
CA ASP A 159 9.04 4.90 21.82
C ASP A 159 9.75 4.09 22.91
N ALA A 160 10.00 4.72 24.06
CA ALA A 160 10.67 4.04 25.16
C ALA A 160 9.76 2.97 25.77
N ASP A 161 8.46 3.21 25.66
CA ASP A 161 7.41 2.32 26.15
C ASP A 161 7.74 1.60 27.45
N GLY A 162 8.37 2.29 28.38
CA GLY A 162 8.69 1.68 29.65
C GLY A 162 10.18 1.65 29.92
N LEU A 163 10.97 1.63 28.86
CA LEU A 163 12.41 1.60 29.02
C LEU A 163 12.91 2.96 29.49
N CYS A 164 14.10 2.97 30.09
CA CYS A 164 14.67 4.20 30.60
C CYS A 164 14.85 5.25 29.50
N THR A 165 14.83 4.81 28.25
CA THR A 165 14.93 5.68 27.07
C THR A 165 14.60 4.91 25.80
N ARG A 166 14.24 5.63 24.74
CA ARG A 166 13.94 4.98 23.48
C ARG A 166 15.29 4.71 22.81
N LEU A 167 15.31 3.77 21.87
CA LEU A 167 16.54 3.43 21.15
C LEU A 167 16.76 4.41 20.01
N ILE A 168 17.98 4.90 19.87
CA ILE A 168 18.29 5.86 18.81
C ILE A 168 19.43 5.42 17.90
N LYS A 169 20.58 5.10 18.48
CA LYS A 169 21.70 4.67 17.66
C LYS A 169 22.23 3.30 18.02
N PRO A 170 22.33 2.42 17.01
CA PRO A 170 22.80 1.03 17.12
C PRO A 170 24.30 0.97 17.31
N LYS A 171 24.76 0.00 18.09
CA LYS A 171 26.20 -0.16 18.25
C LYS A 171 26.54 -1.30 17.32
N VAL A 172 26.75 -0.95 16.05
CA VAL A 172 27.06 -1.90 14.99
C VAL A 172 28.24 -2.83 15.27
N MET A 173 27.95 -4.12 15.50
CA MET A 173 29.03 -5.07 15.73
C MET A 173 29.91 -5.09 14.50
N GLU A 174 31.17 -5.50 14.66
CA GLU A 174 32.11 -5.54 13.54
C GLU A 174 32.05 -6.87 12.79
N GLY A 175 32.27 -6.80 11.47
CA GLY A 175 32.24 -8.00 10.67
C GLY A 175 30.84 -8.30 10.20
N THR A 176 29.87 -7.53 10.69
CA THR A 176 28.49 -7.72 10.29
C THR A 176 28.31 -7.43 8.81
N VAL A 177 27.54 -8.28 8.15
CA VAL A 177 27.26 -8.13 6.74
C VAL A 177 25.76 -7.93 6.56
N ALA A 178 25.38 -6.72 6.20
CA ALA A 178 23.99 -6.39 6.00
C ALA A 178 23.37 -7.26 4.91
N ALA A 179 22.62 -8.26 5.34
CA ALA A 179 21.98 -9.15 4.40
C ALA A 179 21.02 -8.37 3.48
N GLN A 180 20.47 -7.27 3.96
CA GLN A 180 19.56 -6.52 3.11
C GLN A 180 20.25 -6.05 1.83
N ASP A 181 21.45 -5.49 1.92
CA ASP A 181 22.08 -5.06 0.68
C ASP A 181 22.78 -6.23 0.00
N GLU A 182 22.98 -7.33 0.71
CA GLU A 182 23.58 -8.49 0.09
C GLU A 182 22.58 -9.05 -0.91
N PHE A 183 21.37 -9.34 -0.44
CA PHE A 183 20.36 -9.88 -1.33
C PHE A 183 20.01 -8.85 -2.39
N TYR A 184 20.17 -7.58 -2.05
CA TYR A 184 19.88 -6.49 -2.96
C TYR A 184 20.85 -6.47 -4.15
N ARG A 185 22.14 -6.51 -3.83
CA ARG A 185 23.20 -6.51 -4.84
C ARG A 185 23.25 -7.78 -5.66
N SER A 186 22.70 -8.87 -5.13
CA SER A 186 22.69 -10.15 -5.83
C SER A 186 21.40 -10.32 -6.65
N GLY A 187 20.63 -9.25 -6.77
CA GLY A 187 19.41 -9.29 -7.55
C GLY A 187 18.26 -10.13 -7.02
N TRP A 188 18.13 -10.21 -5.69
CA TRP A 188 17.05 -10.99 -5.09
C TRP A 188 16.09 -10.18 -4.21
N ALA A 189 16.33 -8.87 -4.09
CA ALA A 189 15.48 -8.03 -3.26
C ALA A 189 14.20 -7.63 -3.97
N LEU A 190 13.08 -7.75 -3.27
CA LEU A 190 11.77 -7.39 -3.82
C LEU A 190 11.23 -6.19 -3.01
N ASN A 191 10.20 -5.52 -3.53
CA ASN A 191 9.63 -4.37 -2.83
C ASN A 191 8.23 -4.68 -2.30
N MET A 192 8.06 -4.47 -0.99
CA MET A 192 6.80 -4.73 -0.31
C MET A 192 5.60 -4.01 -0.93
N LYS A 193 5.81 -2.81 -1.46
CA LYS A 193 4.73 -2.05 -2.07
C LYS A 193 4.14 -2.74 -3.29
N GLU A 194 4.91 -3.62 -3.93
CA GLU A 194 4.41 -4.32 -5.11
C GLU A 194 3.84 -5.70 -4.77
N LEU A 195 3.81 -6.02 -3.49
CA LEU A 195 3.29 -7.31 -3.04
C LEU A 195 1.98 -7.12 -2.29
N LYS A 196 0.92 -7.77 -2.76
CA LYS A 196 -0.36 -7.70 -2.07
C LYS A 196 -0.71 -9.10 -1.57
N LEU A 197 -0.69 -9.29 -0.25
CA LEU A 197 -1.00 -10.59 0.34
C LEU A 197 -2.49 -10.86 0.25
N LEU A 198 -2.88 -11.76 -0.65
CA LEU A 198 -4.28 -12.10 -0.85
C LEU A 198 -4.89 -13.03 0.20
N GLN A 199 -4.39 -14.24 0.33
CA GLN A 199 -4.97 -15.14 1.34
C GLN A 199 -3.94 -16.11 1.89
N THR A 200 -4.24 -16.71 3.03
CA THR A 200 -3.35 -17.67 3.66
C THR A 200 -3.62 -19.07 3.12
N ILE A 201 -2.64 -19.66 2.44
CA ILE A 201 -2.80 -20.99 1.87
C ILE A 201 -2.64 -22.06 2.93
N GLY A 202 -1.80 -21.79 3.91
CA GLY A 202 -1.58 -22.77 4.96
C GLY A 202 -0.87 -22.19 6.16
N LYS A 203 -1.35 -22.55 7.35
CA LYS A 203 -0.74 -22.10 8.59
C LYS A 203 -0.10 -23.33 9.21
N GLY A 204 1.21 -23.46 9.04
CA GLY A 204 1.92 -24.61 9.55
C GLY A 204 2.63 -24.39 10.87
N GLU A 205 3.28 -25.44 11.35
CA GLU A 205 4.00 -25.37 12.60
C GLU A 205 5.30 -24.58 12.52
N PHE A 206 6.00 -24.63 11.39
CA PHE A 206 7.26 -23.90 11.31
C PHE A 206 7.23 -22.64 10.45
N GLY A 207 6.08 -22.38 9.81
CA GLY A 207 5.95 -21.20 8.98
C GLY A 207 4.56 -21.09 8.39
N ASP A 208 4.30 -19.98 7.71
CA ASP A 208 3.00 -19.76 7.07
C ASP A 208 3.21 -19.52 5.58
N VAL A 209 2.23 -19.88 4.77
CA VAL A 209 2.32 -19.64 3.34
C VAL A 209 1.06 -18.94 2.89
N MET A 210 1.24 -17.88 2.10
CA MET A 210 0.12 -17.11 1.61
C MET A 210 0.19 -16.92 0.11
N LEU A 211 -0.96 -16.86 -0.52
CA LEU A 211 -1.03 -16.63 -1.96
C LEU A 211 -0.92 -15.12 -2.06
N GLY A 212 -0.19 -14.64 -3.05
CA GLY A 212 -0.06 -13.20 -3.18
C GLY A 212 -0.05 -12.74 -4.61
N ASP A 213 0.09 -11.43 -4.78
CA ASP A 213 0.13 -10.82 -6.09
C ASP A 213 1.33 -9.91 -6.09
N TYR A 214 2.29 -10.21 -6.96
CA TYR A 214 3.49 -9.40 -7.05
C TYR A 214 3.64 -8.91 -8.49
N ARG A 215 3.51 -7.60 -8.68
CA ARG A 215 3.63 -7.02 -9.99
C ARG A 215 2.70 -7.72 -10.97
N GLY A 216 1.49 -8.03 -10.52
CA GLY A 216 0.51 -8.67 -11.38
C GLY A 216 0.45 -10.17 -11.46
N ASN A 217 1.45 -10.86 -10.92
CA ASN A 217 1.44 -12.31 -10.98
C ASN A 217 1.23 -12.99 -9.65
N LYS A 218 0.49 -14.09 -9.67
CA LYS A 218 0.25 -14.85 -8.46
C LYS A 218 1.60 -15.32 -7.98
N VAL A 219 1.81 -15.29 -6.67
CA VAL A 219 3.08 -15.69 -6.09
C VAL A 219 2.85 -16.33 -4.72
N ALA A 220 3.84 -17.07 -4.22
CA ALA A 220 3.71 -17.69 -2.90
C ALA A 220 4.62 -16.95 -1.96
N VAL A 221 4.11 -16.61 -0.79
CA VAL A 221 4.89 -15.89 0.20
C VAL A 221 4.96 -16.67 1.49
N LYS A 222 6.17 -16.90 1.96
CA LYS A 222 6.39 -17.66 3.16
C LYS A 222 7.07 -16.86 4.25
N CYS A 223 6.70 -17.10 5.50
CA CYS A 223 7.34 -16.45 6.63
C CYS A 223 7.71 -17.61 7.56
N ILE A 224 8.80 -17.46 8.31
CA ILE A 224 9.28 -18.53 9.18
C ILE A 224 9.05 -18.24 10.65
N LYS A 225 8.40 -19.18 11.34
CA LYS A 225 8.11 -19.00 12.76
C LYS A 225 9.27 -19.36 13.70
N ASN A 226 9.18 -18.89 14.93
CA ASN A 226 10.18 -19.15 15.97
C ASN A 226 11.60 -18.87 15.50
N ASP A 227 11.78 -17.76 14.79
CA ASP A 227 13.07 -17.39 14.25
C ASP A 227 13.50 -15.99 14.71
N ALA A 228 13.66 -15.85 16.03
CA ALA A 228 14.04 -14.58 16.66
C ALA A 228 15.19 -13.80 16.04
N THR A 229 16.26 -14.48 15.64
CA THR A 229 17.40 -13.79 15.07
C THR A 229 17.32 -13.73 13.57
N ALA A 230 16.28 -14.35 13.01
CA ALA A 230 16.07 -14.38 11.58
C ALA A 230 17.10 -15.25 10.85
N GLN A 231 17.88 -16.04 11.58
CA GLN A 231 18.87 -16.85 10.89
C GLN A 231 18.28 -18.03 10.14
N ALA A 232 17.11 -18.51 10.57
CA ALA A 232 16.45 -19.60 9.86
C ALA A 232 16.05 -18.99 8.50
N PHE A 233 15.48 -17.78 8.57
CA PHE A 233 15.09 -17.05 7.38
C PHE A 233 16.29 -16.87 6.45
N LEU A 234 17.40 -16.37 6.98
CA LEU A 234 18.56 -16.15 6.15
C LEU A 234 19.04 -17.45 5.50
N ALA A 235 19.18 -18.50 6.31
CA ALA A 235 19.64 -19.79 5.82
C ALA A 235 18.78 -20.32 4.68
N GLU A 236 17.46 -20.19 4.79
CA GLU A 236 16.58 -20.71 3.77
C GLU A 236 16.65 -19.89 2.49
N ALA A 237 16.67 -18.59 2.64
CA ALA A 237 16.73 -17.72 1.48
C ALA A 237 18.03 -17.96 0.75
N SER A 238 19.15 -17.95 1.48
CA SER A 238 20.47 -18.16 0.88
C SER A 238 20.54 -19.40 0.04
N VAL A 239 20.26 -20.54 0.66
CA VAL A 239 20.37 -21.76 -0.09
C VAL A 239 19.50 -21.69 -1.34
N MET A 240 18.32 -21.09 -1.24
CA MET A 240 17.43 -20.98 -2.39
C MET A 240 18.04 -20.16 -3.53
N THR A 241 18.84 -19.17 -3.21
CA THR A 241 19.46 -18.39 -4.28
C THR A 241 20.48 -19.26 -5.01
N GLN A 242 20.83 -20.41 -4.43
CA GLN A 242 21.81 -21.30 -5.05
C GLN A 242 21.20 -22.49 -5.75
N LEU A 243 19.90 -22.67 -5.66
CA LEU A 243 19.27 -23.82 -6.30
C LEU A 243 18.61 -23.46 -7.60
N ARG A 244 18.88 -24.26 -8.63
CA ARG A 244 18.27 -24.02 -9.92
C ARG A 244 18.11 -25.33 -10.64
N HIS A 245 16.92 -25.89 -10.53
CA HIS A 245 16.59 -27.14 -11.20
C HIS A 245 15.12 -27.00 -11.51
N SER A 246 14.68 -27.63 -12.59
CA SER A 246 13.27 -27.51 -12.98
C SER A 246 12.30 -28.24 -12.05
N ASN A 247 12.85 -28.99 -11.09
CA ASN A 247 11.99 -29.73 -10.17
C ASN A 247 12.16 -29.29 -8.73
N LEU A 248 12.64 -28.06 -8.58
CA LEU A 248 12.81 -27.43 -7.27
C LEU A 248 11.99 -26.15 -7.35
N VAL A 249 11.15 -25.90 -6.36
CA VAL A 249 10.35 -24.67 -6.34
C VAL A 249 11.31 -23.51 -6.45
N GLN A 250 11.05 -22.59 -7.38
CA GLN A 250 11.95 -21.49 -7.60
C GLN A 250 11.77 -20.20 -6.76
N LEU A 251 12.89 -19.73 -6.22
CA LEU A 251 12.92 -18.52 -5.44
C LEU A 251 12.68 -17.34 -6.39
N LEU A 252 11.81 -16.41 -6.02
CA LEU A 252 11.58 -15.25 -6.86
C LEU A 252 12.27 -14.07 -6.21
N GLY A 253 12.38 -14.12 -4.89
CA GLY A 253 13.03 -13.03 -4.20
C GLY A 253 12.76 -12.95 -2.71
N VAL A 254 13.34 -11.94 -2.10
CA VAL A 254 13.21 -11.75 -0.68
C VAL A 254 12.66 -10.38 -0.36
N ILE A 255 11.89 -10.32 0.72
CA ILE A 255 11.30 -9.08 1.20
C ILE A 255 11.64 -8.87 2.65
N VAL A 256 12.33 -7.76 2.93
CA VAL A 256 12.72 -7.42 4.29
C VAL A 256 12.21 -6.05 4.72
N GLU A 257 11.15 -6.01 5.52
CA GLU A 257 10.62 -4.74 6.02
C GLU A 257 11.42 -4.43 7.29
N GLU A 258 11.92 -3.20 7.41
CA GLU A 258 12.71 -2.82 8.59
C GLU A 258 11.96 -3.01 9.91
N LYS A 259 10.64 -3.09 9.83
CA LYS A 259 9.81 -3.28 11.00
C LYS A 259 10.02 -4.69 11.51
N GLY A 260 10.44 -5.59 10.62
CA GLY A 260 10.68 -6.96 11.02
C GLY A 260 9.99 -8.06 10.24
N GLY A 261 9.06 -7.70 9.34
CA GLY A 261 8.38 -8.72 8.52
C GLY A 261 9.33 -9.32 7.50
N LEU A 262 9.63 -10.61 7.64
CA LEU A 262 10.57 -11.28 6.74
C LEU A 262 9.86 -12.31 5.84
N TYR A 263 9.95 -12.13 4.54
CA TYR A 263 9.28 -13.03 3.62
C TYR A 263 10.11 -13.62 2.48
N ILE A 264 9.75 -14.82 2.10
CA ILE A 264 10.41 -15.50 1.00
C ILE A 264 9.35 -15.65 -0.07
N VAL A 265 9.57 -14.97 -1.20
CA VAL A 265 8.62 -15.01 -2.31
C VAL A 265 9.03 -16.15 -3.24
N THR A 266 8.05 -16.97 -3.57
CA THR A 266 8.29 -18.15 -4.38
C THR A 266 7.31 -18.30 -5.53
N GLU A 267 7.67 -19.08 -6.54
CA GLU A 267 6.74 -19.27 -7.64
C GLU A 267 5.48 -19.91 -7.06
N TYR A 268 4.33 -19.57 -7.62
CA TYR A 268 3.07 -20.13 -7.15
C TYR A 268 2.90 -21.51 -7.76
N MET A 269 2.44 -22.46 -6.96
CA MET A 269 2.21 -23.81 -7.44
C MET A 269 0.72 -24.03 -7.24
N ALA A 270 -0.03 -23.78 -8.31
CA ALA A 270 -1.48 -23.87 -8.32
C ALA A 270 -2.16 -25.12 -7.78
N LYS A 271 -1.55 -26.29 -7.92
CA LYS A 271 -2.19 -27.52 -7.46
C LYS A 271 -1.97 -27.95 -6.02
N GLY A 272 -1.34 -27.09 -5.21
CA GLY A 272 -1.10 -27.44 -3.82
C GLY A 272 -0.12 -28.58 -3.60
N SER A 273 -0.01 -29.06 -2.38
CA SER A 273 0.90 -30.14 -2.04
C SER A 273 0.56 -31.43 -2.79
N LEU A 274 1.56 -32.27 -2.99
CA LEU A 274 1.36 -33.54 -3.68
C LEU A 274 0.41 -34.44 -2.88
N VAL A 275 0.50 -34.35 -1.56
CA VAL A 275 -0.36 -35.14 -0.67
C VAL A 275 -1.82 -34.89 -1.02
N ASP A 276 -2.22 -33.62 -0.97
CA ASP A 276 -3.59 -33.28 -1.27
C ASP A 276 -3.97 -33.67 -2.69
N TYR A 277 -3.16 -33.26 -3.67
CA TYR A 277 -3.45 -33.61 -5.06
C TYR A 277 -3.80 -35.09 -5.20
N LEU A 278 -3.04 -35.94 -4.52
CA LEU A 278 -3.28 -37.37 -4.56
C LEU A 278 -4.61 -37.72 -3.89
N ARG A 279 -4.81 -37.23 -2.68
CA ARG A 279 -6.05 -37.51 -1.96
C ARG A 279 -7.29 -37.03 -2.70
N SER A 280 -7.25 -35.80 -3.21
CA SER A 280 -8.41 -35.28 -3.92
C SER A 280 -8.77 -36.12 -5.14
N ARG A 281 -7.92 -36.11 -6.16
CA ARG A 281 -8.18 -36.85 -7.39
C ARG A 281 -8.19 -38.38 -7.26
N GLY A 282 -7.33 -38.92 -6.40
CA GLY A 282 -7.28 -40.36 -6.16
C GLY A 282 -7.19 -41.40 -7.27
N ARG A 283 -7.18 -42.66 -6.83
CA ARG A 283 -7.08 -43.84 -7.68
C ARG A 283 -7.88 -43.84 -8.98
N SER A 284 -9.10 -43.31 -8.95
CA SER A 284 -9.95 -43.29 -10.13
C SER A 284 -9.53 -42.27 -11.19
N VAL A 285 -8.56 -41.42 -10.85
CA VAL A 285 -8.12 -40.39 -11.79
C VAL A 285 -6.65 -40.50 -12.19
N LEU A 286 -5.79 -40.74 -11.20
CA LEU A 286 -4.35 -40.84 -11.42
C LEU A 286 -3.86 -42.21 -11.89
N GLY A 287 -3.46 -42.30 -13.15
CA GLY A 287 -2.98 -43.56 -13.69
C GLY A 287 -1.58 -43.90 -13.22
N GLY A 288 -1.06 -45.04 -13.65
CA GLY A 288 0.28 -45.46 -13.27
C GLY A 288 1.36 -44.54 -13.80
N ASP A 289 1.16 -44.06 -15.02
CA ASP A 289 2.12 -43.16 -15.63
C ASP A 289 2.22 -41.89 -14.80
N CYS A 290 1.09 -41.37 -14.34
CA CYS A 290 1.09 -40.14 -13.55
C CYS A 290 1.92 -40.35 -12.29
N LEU A 291 1.65 -41.44 -11.58
CA LEU A 291 2.37 -41.75 -10.35
C LEU A 291 3.87 -41.92 -10.59
N LEU A 292 4.25 -42.67 -11.61
CA LEU A 292 5.66 -42.84 -11.89
C LEU A 292 6.27 -41.51 -12.31
N LYS A 293 5.53 -40.73 -13.08
CA LYS A 293 6.03 -39.42 -13.53
C LYS A 293 6.34 -38.50 -12.35
N PHE A 294 5.52 -38.58 -11.31
CA PHE A 294 5.73 -37.77 -10.10
C PHE A 294 7.00 -38.25 -9.40
N SER A 295 7.18 -39.57 -9.34
CA SER A 295 8.34 -40.17 -8.68
C SER A 295 9.63 -39.75 -9.35
N LEU A 296 9.63 -39.74 -10.69
CA LEU A 296 10.78 -39.32 -11.44
C LEU A 296 11.04 -37.84 -11.21
N ASP A 297 9.98 -37.04 -11.17
CA ASP A 297 10.13 -35.60 -10.93
C ASP A 297 10.89 -35.38 -9.63
N VAL A 298 10.39 -35.97 -8.55
CA VAL A 298 11.03 -35.82 -7.25
C VAL A 298 12.43 -36.40 -7.28
N CYS A 299 12.57 -37.56 -7.91
CA CYS A 299 13.87 -38.19 -7.97
C CYS A 299 14.91 -37.33 -8.66
N GLU A 300 14.53 -36.65 -9.73
CA GLU A 300 15.49 -35.82 -10.41
C GLU A 300 15.87 -34.63 -9.58
N ALA A 301 14.91 -34.11 -8.81
CA ALA A 301 15.18 -32.98 -7.96
C ALA A 301 16.21 -33.42 -6.95
N MET A 302 15.98 -34.61 -6.40
CA MET A 302 16.88 -35.13 -5.40
C MET A 302 18.27 -35.44 -5.95
N GLU A 303 18.34 -35.94 -7.18
CA GLU A 303 19.63 -36.26 -7.77
C GLU A 303 20.40 -34.96 -7.93
N TYR A 304 19.67 -33.90 -8.23
CA TYR A 304 20.27 -32.57 -8.39
C TYR A 304 20.82 -32.09 -7.04
N LEU A 305 20.03 -32.23 -5.98
CA LEU A 305 20.49 -31.80 -4.68
C LEU A 305 21.74 -32.58 -4.28
N GLU A 306 21.70 -33.91 -4.43
CA GLU A 306 22.86 -34.72 -4.09
C GLU A 306 24.06 -34.28 -4.91
N GLY A 307 23.83 -33.97 -6.19
CA GLY A 307 24.90 -33.52 -7.06
C GLY A 307 25.47 -32.18 -6.67
N ASN A 308 24.75 -31.42 -5.86
CA ASN A 308 25.25 -30.13 -5.43
C ASN A 308 25.56 -30.17 -3.96
N ASN A 309 25.76 -31.38 -3.47
CA ASN A 309 26.12 -31.61 -2.09
C ASN A 309 25.14 -31.06 -1.04
N PHE A 310 23.85 -31.17 -1.33
CA PHE A 310 22.87 -30.69 -0.38
C PHE A 310 22.04 -31.85 0.14
N VAL A 311 21.59 -31.74 1.38
CA VAL A 311 20.76 -32.75 2.00
C VAL A 311 19.46 -32.04 2.35
N HIS A 312 18.33 -32.57 1.90
CA HIS A 312 17.04 -31.93 2.17
C HIS A 312 16.52 -32.12 3.60
N ARG A 313 16.71 -33.32 4.15
CA ARG A 313 16.29 -33.67 5.51
C ARG A 313 14.81 -33.54 5.80
N ASP A 314 13.99 -33.21 4.83
CA ASP A 314 12.58 -33.05 5.12
C ASP A 314 11.73 -33.42 3.93
N LEU A 315 12.17 -34.42 3.17
CA LEU A 315 11.45 -34.87 1.99
C LEU A 315 10.19 -35.70 2.31
N ALA A 316 9.04 -35.22 1.84
CA ALA A 316 7.79 -35.92 2.08
C ALA A 316 6.77 -35.40 1.10
N ALA A 317 5.70 -36.16 0.88
CA ALA A 317 4.70 -35.74 -0.07
C ALA A 317 4.10 -34.37 0.26
N ARG A 318 4.06 -34.01 1.54
CA ARG A 318 3.50 -32.72 1.93
C ARG A 318 4.41 -31.58 1.46
N ASN A 319 5.70 -31.84 1.45
CA ASN A 319 6.66 -30.83 1.05
C ASN A 319 6.96 -30.81 -0.46
N VAL A 320 6.13 -31.50 -1.24
CA VAL A 320 6.28 -31.53 -2.69
C VAL A 320 5.02 -30.91 -3.25
N LEU A 321 5.18 -29.88 -4.07
CA LEU A 321 4.05 -29.16 -4.63
C LEU A 321 3.88 -29.49 -6.11
N VAL A 322 2.69 -29.26 -6.64
CA VAL A 322 2.38 -29.53 -8.04
C VAL A 322 1.95 -28.27 -8.75
N SER A 323 2.55 -27.98 -9.90
CA SER A 323 2.21 -26.80 -10.68
C SER A 323 0.92 -26.96 -11.47
N GLU A 324 0.49 -25.87 -12.11
CA GLU A 324 -0.75 -25.89 -12.88
C GLU A 324 -0.74 -26.95 -13.97
N ASP A 325 0.41 -27.26 -14.55
CA ASP A 325 0.42 -28.30 -15.57
C ASP A 325 1.12 -29.58 -15.11
N ASN A 326 0.76 -29.98 -13.89
CA ASN A 326 1.22 -31.20 -13.24
C ASN A 326 2.67 -31.55 -13.01
N VAL A 327 3.54 -30.56 -12.87
CA VAL A 327 4.94 -30.85 -12.60
C VAL A 327 5.17 -30.79 -11.09
N ALA A 328 5.62 -31.91 -10.53
CA ALA A 328 5.91 -31.99 -9.11
C ALA A 328 7.27 -31.38 -8.83
N LYS A 329 7.36 -30.57 -7.79
CA LYS A 329 8.62 -29.95 -7.44
C LYS A 329 8.83 -30.00 -5.94
N VAL A 330 10.06 -30.28 -5.52
CA VAL A 330 10.36 -30.32 -4.11
C VAL A 330 10.35 -28.89 -3.61
N SER A 331 9.91 -28.67 -2.38
CA SER A 331 9.88 -27.33 -1.81
C SER A 331 10.31 -27.41 -0.37
N ASP A 332 10.10 -26.31 0.35
CA ASP A 332 10.43 -26.23 1.77
C ASP A 332 11.88 -26.58 2.06
N PHE A 333 12.79 -25.68 1.74
CA PHE A 333 14.20 -25.92 1.95
C PHE A 333 14.74 -25.41 3.27
N GLY A 334 13.87 -25.26 4.26
CA GLY A 334 14.32 -24.80 5.57
C GLY A 334 15.48 -25.61 6.13
N LEU A 335 15.32 -26.94 6.17
CA LEU A 335 16.34 -27.82 6.72
C LEU A 335 17.47 -28.17 5.76
N THR A 336 17.49 -27.57 4.59
CA THR A 336 18.52 -27.89 3.61
C THR A 336 19.90 -27.33 3.91
N LYS A 337 20.87 -28.22 4.09
CA LYS A 337 22.26 -27.83 4.39
C LYS A 337 23.17 -28.82 3.69
N GLU A 338 24.44 -28.44 3.50
CA GLU A 338 25.39 -29.34 2.87
C GLU A 338 25.57 -30.53 3.79
N ALA A 339 26.10 -31.63 3.26
CA ALA A 339 26.32 -32.86 4.02
C ALA A 339 26.73 -32.54 5.45
N SER A 340 25.73 -32.50 6.33
CA SER A 340 25.89 -32.18 7.76
C SER A 340 27.28 -32.43 8.33
N LYS A 347 13.88 -29.76 13.69
CA LYS A 347 13.71 -31.16 14.07
C LYS A 347 13.18 -31.99 12.90
N LEU A 348 13.60 -33.25 12.83
CA LEU A 348 13.22 -34.14 11.73
C LEU A 348 11.96 -34.97 11.93
N PRO A 349 11.07 -35.01 10.93
CA PRO A 349 9.82 -35.78 11.01
C PRO A 349 10.12 -37.26 11.12
N VAL A 350 9.89 -37.81 12.31
CA VAL A 350 10.17 -39.22 12.61
C VAL A 350 9.70 -40.23 11.59
N LYS A 351 8.45 -40.11 11.14
CA LYS A 351 7.92 -41.08 10.18
C LYS A 351 8.58 -41.04 8.80
N TRP A 352 9.35 -39.99 8.54
CA TRP A 352 10.01 -39.88 7.25
C TRP A 352 11.53 -39.97 7.34
N THR A 353 12.07 -39.86 8.55
CA THR A 353 13.52 -39.88 8.75
C THR A 353 14.16 -41.23 8.99
N ALA A 354 15.32 -41.42 8.39
CA ALA A 354 16.06 -42.67 8.54
C ALA A 354 16.54 -42.85 9.98
N PRO A 355 16.58 -44.10 10.46
CA PRO A 355 17.02 -44.44 11.82
C PRO A 355 18.34 -43.80 12.20
N GLU A 356 19.38 -44.01 11.42
CA GLU A 356 20.67 -43.42 11.74
C GLU A 356 20.55 -41.91 11.87
N ALA A 357 19.69 -41.30 11.07
CA ALA A 357 19.54 -39.85 11.14
C ALA A 357 18.97 -39.36 12.46
N LEU A 358 17.91 -40.00 12.96
CA LEU A 358 17.30 -39.59 14.23
C LEU A 358 18.29 -39.81 15.38
N ARG A 359 19.12 -40.84 15.27
CA ARG A 359 20.08 -41.18 16.30
C ARG A 359 21.41 -40.44 16.18
N GLU A 360 22.01 -40.46 15.01
CA GLU A 360 23.29 -39.78 14.76
C GLU A 360 23.06 -38.28 14.64
N LYS A 361 24.08 -37.49 14.94
CA LYS A 361 23.91 -36.04 14.83
C LYS A 361 24.13 -35.56 13.40
N LYS A 362 24.65 -36.43 12.55
CA LYS A 362 24.87 -36.06 11.17
C LYS A 362 23.87 -36.74 10.25
N PHE A 363 23.49 -36.00 9.22
CA PHE A 363 22.52 -36.44 8.23
C PHE A 363 23.29 -36.63 6.92
N SER A 364 22.76 -37.45 6.02
CA SER A 364 23.44 -37.65 4.75
C SER A 364 22.41 -37.97 3.67
N THR A 365 22.86 -37.89 2.42
CA THR A 365 22.01 -38.20 1.28
C THR A 365 21.34 -39.56 1.48
N LYS A 366 22.02 -40.48 2.14
CA LYS A 366 21.41 -41.79 2.35
C LYS A 366 20.15 -41.71 3.20
N SER A 367 20.06 -40.72 4.08
CA SER A 367 18.84 -40.60 4.89
C SER A 367 17.79 -40.00 3.97
N ASP A 368 18.23 -39.12 3.06
CA ASP A 368 17.30 -38.53 2.12
C ASP A 368 16.71 -39.66 1.26
N VAL A 369 17.56 -40.58 0.83
CA VAL A 369 17.08 -41.70 0.03
C VAL A 369 16.03 -42.48 0.82
N TRP A 370 16.30 -42.69 2.11
CA TRP A 370 15.32 -43.37 2.95
C TRP A 370 14.00 -42.61 2.87
N SER A 371 14.04 -41.29 3.05
CA SER A 371 12.82 -40.49 3.00
C SER A 371 12.15 -40.64 1.63
N PHE A 372 12.95 -40.74 0.57
CA PHE A 372 12.39 -40.91 -0.76
C PHE A 372 11.56 -42.19 -0.75
N GLY A 373 12.13 -43.23 -0.15
CA GLY A 373 11.41 -44.49 -0.07
C GLY A 373 10.05 -44.28 0.59
N ILE A 374 10.03 -43.57 1.71
CA ILE A 374 8.79 -43.30 2.41
C ILE A 374 7.82 -42.51 1.52
N LEU A 375 8.34 -41.48 0.86
CA LEU A 375 7.54 -40.65 -0.04
C LEU A 375 6.88 -41.44 -1.16
N LEU A 376 7.63 -42.35 -1.80
CA LEU A 376 7.08 -43.19 -2.86
C LEU A 376 5.87 -43.92 -2.31
N TRP A 377 6.05 -44.49 -1.12
CA TRP A 377 4.95 -45.20 -0.46
C TRP A 377 3.76 -44.25 -0.35
N GLU A 378 4.03 -42.99 -0.01
CA GLU A 378 2.94 -42.03 0.09
C GLU A 378 2.31 -41.87 -1.30
N ILE A 379 3.13 -41.75 -2.33
CA ILE A 379 2.61 -41.59 -3.67
C ILE A 379 1.69 -42.72 -4.08
N TYR A 380 2.19 -43.95 -4.04
CA TYR A 380 1.37 -45.09 -4.42
C TYR A 380 0.27 -45.45 -3.41
N SER A 381 0.18 -44.69 -2.32
CA SER A 381 -0.86 -44.90 -1.32
C SER A 381 -1.89 -43.78 -1.46
N PHE A 382 -1.63 -42.86 -2.37
CA PHE A 382 -2.51 -41.74 -2.63
C PHE A 382 -2.69 -40.79 -1.46
N GLY A 383 -1.58 -40.48 -0.79
CA GLY A 383 -1.60 -39.55 0.33
C GLY A 383 -1.74 -40.15 1.70
N ARG A 384 -2.04 -41.45 1.77
CA ARG A 384 -2.21 -42.10 3.06
C ARG A 384 -0.96 -41.83 3.92
N VAL A 385 -1.15 -41.76 5.24
CA VAL A 385 -0.05 -41.50 6.16
C VAL A 385 0.79 -42.73 6.48
N PRO A 386 2.12 -42.58 6.48
CA PRO A 386 3.05 -43.67 6.75
C PRO A 386 2.73 -44.46 8.04
N TYR A 387 3.14 -45.72 8.06
CA TYR A 387 2.94 -46.61 9.19
C TYR A 387 1.52 -46.47 9.77
N PRO A 388 0.50 -46.81 8.97
CA PRO A 388 -0.92 -46.76 9.30
C PRO A 388 -1.39 -47.40 10.60
N ARG A 389 -1.07 -48.67 10.81
CA ARG A 389 -1.52 -49.35 12.01
C ARG A 389 -0.38 -49.63 12.98
N ILE A 390 0.20 -48.55 13.51
CA ILE A 390 1.30 -48.63 14.48
C ILE A 390 1.35 -47.31 15.24
N PRO A 391 1.65 -47.37 16.55
CA PRO A 391 1.73 -46.14 17.35
C PRO A 391 3.03 -45.41 17.08
N LEU A 392 2.95 -44.09 16.95
CA LEU A 392 4.13 -43.27 16.67
C LEU A 392 5.33 -43.55 17.59
N LYS A 393 5.09 -44.29 18.66
CA LYS A 393 6.12 -44.61 19.64
C LYS A 393 6.72 -45.99 19.41
N ASP A 394 6.27 -46.64 18.34
CA ASP A 394 6.73 -47.99 18.01
C ASP A 394 7.53 -47.98 16.71
N VAL A 395 7.25 -47.00 15.87
CA VAL A 395 7.88 -46.86 14.58
C VAL A 395 9.37 -47.20 14.60
N VAL A 396 10.18 -46.28 15.10
CA VAL A 396 11.62 -46.50 15.12
C VAL A 396 12.02 -47.85 15.71
N PRO A 397 11.47 -48.22 16.88
CA PRO A 397 11.91 -49.53 17.39
C PRO A 397 11.45 -50.69 16.49
N ARG A 398 10.23 -50.64 15.95
CA ARG A 398 9.77 -51.70 15.07
C ARG A 398 10.64 -51.70 13.82
N VAL A 399 10.76 -50.53 13.19
CA VAL A 399 11.58 -50.35 11.99
C VAL A 399 12.97 -50.92 12.19
N GLU A 400 13.63 -50.53 13.27
CA GLU A 400 14.98 -51.01 13.56
C GLU A 400 14.98 -52.52 13.83
N LYS A 401 13.80 -53.05 14.13
CA LYS A 401 13.67 -54.48 14.35
C LYS A 401 13.28 -55.08 13.00
N GLY A 402 13.59 -54.33 11.94
CA GLY A 402 13.32 -54.78 10.58
C GLY A 402 11.94 -54.56 9.98
N TYR A 403 11.03 -53.92 10.70
CA TYR A 403 9.71 -53.71 10.13
C TYR A 403 9.80 -52.84 8.88
N LYS A 404 8.87 -53.07 7.95
CA LYS A 404 8.81 -52.31 6.70
C LYS A 404 7.36 -52.32 6.30
N MET A 405 6.83 -51.16 5.93
CA MET A 405 5.43 -51.08 5.51
C MET A 405 5.14 -52.04 4.35
N ASP A 406 3.88 -52.42 4.21
CA ASP A 406 3.52 -53.31 3.12
C ASP A 406 3.34 -52.51 1.84
N ALA A 407 3.60 -53.15 0.71
CA ALA A 407 3.41 -52.50 -0.57
C ALA A 407 1.95 -52.02 -0.59
N PRO A 408 1.71 -50.77 -1.01
CA PRO A 408 0.34 -50.25 -1.06
C PRO A 408 -0.57 -51.10 -1.94
N ASP A 409 -1.86 -50.79 -1.92
CA ASP A 409 -2.79 -51.54 -2.75
C ASP A 409 -2.57 -51.24 -4.24
N GLY A 410 -2.46 -52.31 -5.04
CA GLY A 410 -2.26 -52.15 -6.47
C GLY A 410 -0.92 -51.58 -6.88
N CYS A 411 0.05 -51.59 -5.97
CA CYS A 411 1.38 -51.06 -6.22
C CYS A 411 2.18 -52.02 -7.09
N PRO A 412 2.89 -51.50 -8.10
CA PRO A 412 3.70 -52.36 -8.97
C PRO A 412 4.81 -52.99 -8.14
N PRO A 413 5.01 -54.31 -8.27
CA PRO A 413 6.07 -54.96 -7.51
C PRO A 413 7.42 -54.28 -7.66
N ALA A 414 7.74 -53.85 -8.88
CA ALA A 414 9.01 -53.18 -9.12
C ALA A 414 9.10 -51.87 -8.35
N VAL A 415 7.98 -51.16 -8.24
CA VAL A 415 8.00 -49.90 -7.52
C VAL A 415 8.25 -50.16 -6.04
N TYR A 416 7.60 -51.19 -5.52
CA TYR A 416 7.77 -51.55 -4.13
C TYR A 416 9.20 -51.96 -3.84
N ASP A 417 9.88 -52.57 -4.80
CA ASP A 417 11.26 -52.99 -4.59
C ASP A 417 12.18 -51.78 -4.52
N VAL A 418 11.77 -50.68 -5.13
CA VAL A 418 12.56 -49.46 -5.07
C VAL A 418 12.40 -48.96 -3.62
N MET A 419 11.15 -48.92 -3.16
CA MET A 419 10.88 -48.50 -1.79
C MET A 419 11.78 -49.33 -0.88
N LYS A 420 11.61 -50.64 -0.91
CA LYS A 420 12.39 -51.52 -0.05
C LYS A 420 13.88 -51.23 -0.14
N ASN A 421 14.36 -51.00 -1.34
CA ASN A 421 15.76 -50.75 -1.52
C ASN A 421 16.15 -49.47 -0.77
N CYS A 422 15.18 -48.58 -0.59
CA CYS A 422 15.48 -47.34 0.12
C CYS A 422 15.50 -47.59 1.62
N TRP A 423 14.79 -48.63 2.05
CA TRP A 423 14.70 -48.96 3.46
C TRP A 423 15.72 -49.93 4.05
N HIS A 424 16.84 -50.14 3.37
CA HIS A 424 17.84 -51.04 3.96
C HIS A 424 18.29 -50.40 5.27
N LEU A 425 18.56 -51.21 6.29
CA LEU A 425 19.02 -50.64 7.56
C LEU A 425 20.44 -50.13 7.45
N ASP A 426 21.25 -50.73 6.58
CA ASP A 426 22.62 -50.25 6.44
C ASP A 426 22.68 -49.20 5.35
N ALA A 427 22.55 -47.96 5.78
CA ALA A 427 22.57 -46.79 4.90
C ALA A 427 23.44 -46.88 3.65
N ALA A 428 24.70 -47.31 3.79
CA ALA A 428 25.63 -47.37 2.64
C ALA A 428 25.16 -48.25 1.51
N THR A 429 24.30 -49.21 1.85
CA THR A 429 23.76 -50.14 0.88
C THR A 429 22.61 -49.52 0.10
N ARG A 430 22.10 -48.38 0.57
CA ARG A 430 20.99 -47.71 -0.11
C ARG A 430 21.43 -47.15 -1.44
N PRO A 431 20.49 -47.11 -2.40
CA PRO A 431 20.85 -46.58 -3.70
C PRO A 431 21.11 -45.08 -3.71
N THR A 432 21.82 -44.68 -4.75
CA THR A 432 22.17 -43.32 -5.06
C THR A 432 20.91 -42.75 -5.74
N PHE A 433 20.75 -41.43 -5.80
CA PHE A 433 19.56 -40.92 -6.46
C PHE A 433 19.65 -41.20 -7.96
N LEU A 434 20.87 -41.18 -8.49
CA LEU A 434 21.05 -41.50 -9.90
C LEU A 434 20.66 -42.97 -10.11
N GLN A 435 21.01 -43.84 -9.18
CA GLN A 435 20.63 -45.25 -9.33
C GLN A 435 19.13 -45.40 -9.19
N LEU A 436 18.51 -44.52 -8.41
CA LEU A 436 17.07 -44.57 -8.27
C LEU A 436 16.43 -44.14 -9.58
N ARG A 437 16.96 -43.07 -10.19
CA ARG A 437 16.40 -42.59 -11.44
C ARG A 437 16.50 -43.66 -12.51
N GLU A 438 17.69 -44.24 -12.64
CA GLU A 438 17.93 -45.30 -13.62
C GLU A 438 16.93 -46.45 -13.45
N GLN A 439 16.69 -46.88 -12.21
CA GLN A 439 15.76 -47.98 -12.00
C GLN A 439 14.29 -47.62 -12.26
N LEU A 440 13.91 -46.39 -11.95
CA LEU A 440 12.55 -45.94 -12.19
C LEU A 440 12.40 -45.84 -13.70
N GLU A 441 13.48 -45.47 -14.39
CA GLU A 441 13.49 -45.38 -15.84
C GLU A 441 13.47 -46.80 -16.44
N HIS A 442 14.12 -47.74 -15.76
CA HIS A 442 14.12 -49.11 -16.26
C HIS A 442 12.70 -49.64 -16.16
N ILE A 443 12.00 -49.22 -15.11
CA ILE A 443 10.63 -49.64 -14.87
C ILE A 443 9.72 -49.05 -15.94
N ARG A 444 9.88 -47.75 -16.19
CA ARG A 444 9.06 -47.07 -17.18
C ARG A 444 9.30 -47.64 -18.57
N THR A 445 10.57 -47.83 -18.90
CA THR A 445 10.97 -48.35 -20.20
C THR A 445 10.35 -49.71 -20.56
N HIS A 446 10.10 -50.55 -19.56
CA HIS A 446 9.50 -51.87 -19.80
C HIS A 446 8.07 -51.89 -19.31
N GLU A 447 7.56 -50.72 -18.96
CA GLU A 447 6.20 -50.56 -18.49
C GLU A 447 5.85 -51.50 -17.34
N LEU A 448 6.82 -51.71 -16.46
CA LEU A 448 6.60 -52.58 -15.32
C LEU A 448 5.67 -51.94 -14.29
N HIS A 449 5.15 -50.76 -14.58
CA HIS A 449 4.25 -50.08 -13.66
C HIS A 449 2.80 -50.09 -14.14
N LEU A 450 2.57 -50.58 -15.35
CA LEU A 450 1.23 -50.61 -15.91
C LEU A 450 0.62 -52.01 -15.94
N ILE B 4 -8.12 6.86 52.18
CA ILE B 4 -7.85 8.32 52.16
C ILE B 4 -6.57 8.67 52.92
N GLN B 5 -6.34 7.98 54.03
CA GLN B 5 -5.17 8.24 54.89
C GLN B 5 -4.13 7.13 54.99
N ALA B 6 -4.58 5.88 54.96
CA ALA B 6 -3.68 4.73 55.05
C ALA B 6 -2.83 4.61 53.79
N SER B 7 -1.51 4.59 53.96
CA SER B 7 -0.59 4.47 52.84
C SER B 7 -0.83 3.18 52.06
N TRP B 8 -0.67 3.25 50.74
CA TRP B 8 -0.90 2.09 49.88
C TRP B 8 -0.02 0.89 50.21
N PRO B 9 -0.63 -0.29 50.33
CA PRO B 9 0.09 -1.53 50.64
C PRO B 9 0.90 -1.98 49.43
N SER B 10 1.97 -2.72 49.69
CA SER B 10 2.81 -3.26 48.64
C SER B 10 1.89 -4.10 47.75
N GLY B 11 2.11 -4.05 46.44
CA GLY B 11 1.28 -4.82 45.53
C GLY B 11 0.09 -4.05 45.01
N THR B 12 -0.09 -2.84 45.55
CA THR B 12 -1.18 -1.95 45.13
C THR B 12 -0.88 -1.42 43.73
N GLU B 13 -1.88 -1.43 42.88
CA GLU B 13 -1.71 -0.95 41.52
C GLU B 13 -2.23 0.48 41.34
N CYS B 14 -1.45 1.31 40.67
CA CYS B 14 -1.84 2.70 40.44
C CYS B 14 -1.58 3.14 39.01
N ILE B 15 -2.42 4.03 38.49
CA ILE B 15 -2.23 4.52 37.14
C ILE B 15 -1.74 5.96 37.23
N ALA B 16 -0.87 6.33 36.30
CA ALA B 16 -0.31 7.67 36.29
C ALA B 16 -1.34 8.66 35.83
N LYS B 17 -1.46 9.76 36.56
CA LYS B 17 -2.40 10.82 36.22
C LYS B 17 -1.74 11.88 35.36
N TYR B 18 -0.41 11.99 35.45
CA TYR B 18 0.36 12.96 34.68
C TYR B 18 1.69 12.33 34.33
N ASN B 19 2.53 13.09 33.62
CA ASN B 19 3.84 12.58 33.30
C ASN B 19 4.72 12.97 34.47
N PHE B 20 5.75 12.17 34.74
CA PHE B 20 6.64 12.46 35.84
C PHE B 20 8.05 12.39 35.29
N HIS B 21 8.79 13.47 35.42
CA HIS B 21 10.14 13.52 34.87
C HIS B 21 11.27 13.33 35.87
N GLY B 22 10.94 13.05 37.13
CA GLY B 22 12.01 12.82 38.09
C GLY B 22 12.69 14.05 38.66
N THR B 23 12.83 14.06 39.97
CA THR B 23 13.45 15.18 40.65
C THR B 23 14.82 14.82 41.19
N ALA B 24 15.12 13.53 41.22
CA ALA B 24 16.40 13.03 41.72
C ALA B 24 16.77 11.75 40.99
N GLU B 25 18.02 11.31 41.16
CA GLU B 25 18.49 10.10 40.52
C GLU B 25 17.69 8.86 40.95
N GLN B 26 17.13 8.91 42.15
CA GLN B 26 16.37 7.76 42.64
C GLN B 26 14.92 7.70 42.13
N ASP B 27 14.48 8.72 41.44
CA ASP B 27 13.10 8.71 41.00
C ASP B 27 12.81 7.80 39.81
N LEU B 28 11.57 7.31 39.73
CA LEU B 28 11.16 6.48 38.62
C LEU B 28 10.26 7.33 37.72
N PRO B 29 10.74 7.71 36.54
CA PRO B 29 9.91 8.51 35.66
C PRO B 29 8.85 7.67 34.99
N PHE B 30 7.71 8.28 34.70
CA PHE B 30 6.65 7.55 34.02
C PHE B 30 5.80 8.50 33.20
N CYS B 31 4.97 7.93 32.36
CA CYS B 31 4.10 8.68 31.48
C CYS B 31 2.65 8.56 31.91
N LYS B 32 1.89 9.61 31.68
CA LYS B 32 0.47 9.59 32.02
C LYS B 32 -0.14 8.33 31.46
N GLY B 33 -0.85 7.57 32.29
CA GLY B 33 -1.47 6.37 31.80
C GLY B 33 -0.69 5.11 32.11
N ASP B 34 0.53 5.24 32.62
CA ASP B 34 1.31 4.05 32.96
C ASP B 34 0.73 3.43 34.24
N VAL B 35 0.81 2.11 34.32
CA VAL B 35 0.34 1.39 35.50
C VAL B 35 1.61 1.08 36.30
N LEU B 36 1.60 1.40 37.59
CA LEU B 36 2.77 1.17 38.43
C LEU B 36 2.35 0.35 39.64
N THR B 37 3.21 -0.57 40.05
CA THR B 37 2.88 -1.40 41.20
C THR B 37 3.65 -0.85 42.39
N ILE B 38 2.98 -0.74 43.54
CA ILE B 38 3.64 -0.21 44.72
C ILE B 38 4.54 -1.25 45.39
N VAL B 39 5.81 -0.90 45.56
CA VAL B 39 6.77 -1.76 46.24
C VAL B 39 6.64 -1.43 47.73
N ALA B 40 6.80 -0.14 48.07
CA ALA B 40 6.68 0.30 49.46
C ALA B 40 6.65 1.84 49.63
N VAL B 41 5.99 2.30 50.70
CA VAL B 41 5.96 3.72 50.96
C VAL B 41 7.33 4.07 51.56
N THR B 42 7.78 5.31 51.39
CA THR B 42 9.07 5.69 51.93
C THR B 42 8.84 6.39 53.27
N LYS B 43 9.91 6.92 53.85
CA LYS B 43 9.79 7.62 55.13
C LYS B 43 8.89 8.82 54.96
N ASP B 44 8.84 9.35 53.73
CA ASP B 44 7.99 10.51 53.43
C ASP B 44 6.70 9.93 52.83
N PRO B 45 5.56 10.13 53.52
CA PRO B 45 4.25 9.63 53.05
C PRO B 45 3.89 10.10 51.64
N ASN B 46 4.52 11.17 51.19
CA ASN B 46 4.22 11.69 49.85
C ASN B 46 4.99 10.97 48.74
N TRP B 47 5.94 10.11 49.11
CA TRP B 47 6.70 9.38 48.10
C TRP B 47 6.69 7.86 48.31
N TYR B 48 6.64 7.13 47.19
CA TYR B 48 6.61 5.66 47.22
C TYR B 48 7.64 5.04 46.29
N LYS B 49 8.02 3.81 46.60
CA LYS B 49 8.91 3.10 45.71
C LYS B 49 7.92 2.25 44.93
N ALA B 50 8.02 2.31 43.61
CA ALA B 50 7.12 1.55 42.73
C ALA B 50 7.87 0.86 41.63
N LYS B 51 7.17 -0.06 40.95
CA LYS B 51 7.73 -0.83 39.85
C LYS B 51 6.89 -0.64 38.58
N ASN B 52 7.55 -0.48 37.43
CA ASN B 52 6.84 -0.31 36.16
C ASN B 52 6.74 -1.61 35.35
N LYS B 53 5.98 -1.62 34.26
CA LYS B 53 5.78 -2.85 33.49
C LYS B 53 7.03 -3.50 32.92
N VAL B 54 8.16 -2.83 33.04
CA VAL B 54 9.39 -3.36 32.50
C VAL B 54 10.30 -3.82 33.64
N GLY B 55 9.83 -3.64 34.88
CA GLY B 55 10.59 -4.05 36.03
C GLY B 55 11.47 -2.99 36.68
N ARG B 56 11.59 -1.81 36.09
CA ARG B 56 12.41 -0.76 36.67
C ARG B 56 11.74 -0.26 37.93
N GLU B 57 12.53 0.01 38.96
CA GLU B 57 11.98 0.48 40.23
C GLU B 57 12.56 1.82 40.66
N GLY B 58 11.76 2.60 41.36
CA GLY B 58 12.21 3.90 41.79
C GLY B 58 11.18 4.62 42.61
N ILE B 59 11.54 5.82 43.06
CA ILE B 59 10.66 6.65 43.88
C ILE B 59 9.69 7.46 43.02
N ILE B 60 8.41 7.44 43.37
CA ILE B 60 7.38 8.18 42.63
C ILE B 60 6.51 8.97 43.62
N PRO B 61 6.04 10.14 43.21
CA PRO B 61 5.19 10.95 44.10
C PRO B 61 3.75 10.46 44.10
N ALA B 62 3.21 10.21 45.28
CA ALA B 62 1.83 9.75 45.42
C ALA B 62 0.85 10.59 44.61
N ASN B 63 0.85 11.89 44.84
CA ASN B 63 -0.05 12.78 44.16
C ASN B 63 -0.18 12.58 42.66
N TYR B 64 0.86 12.03 42.03
CA TYR B 64 0.85 11.81 40.58
C TYR B 64 0.11 10.55 40.13
N VAL B 65 -0.12 9.61 41.04
CA VAL B 65 -0.80 8.37 40.64
C VAL B 65 -2.12 8.16 41.33
N GLN B 66 -2.95 7.34 40.72
CA GLN B 66 -4.27 7.04 41.27
C GLN B 66 -4.43 5.55 41.52
N LYS B 67 -4.79 5.19 42.74
CA LYS B 67 -4.98 3.77 43.08
C LYS B 67 -6.09 3.20 42.21
N ARG B 68 -5.83 2.03 41.63
CA ARG B 68 -6.84 1.40 40.79
C ARG B 68 -7.55 0.32 41.58
N GLU B 69 -8.87 0.25 41.43
CA GLU B 69 -9.64 -0.73 42.17
C GLU B 69 -10.95 -1.08 41.49
N GLY B 70 -11.59 -2.13 41.99
CA GLY B 70 -12.85 -2.58 41.42
C GLY B 70 -13.96 -1.57 41.56
N VAL B 71 -14.86 -1.55 40.60
CA VAL B 71 -16.00 -0.64 40.63
C VAL B 71 -17.18 -1.43 41.13
N LYS B 72 -17.59 -1.03 42.34
CA LYS B 72 -18.63 -1.64 43.15
C LYS B 72 -20.16 -1.68 42.86
N ALA B 73 -20.74 -0.54 42.48
CA ALA B 73 -22.19 -0.39 42.27
C ALA B 73 -23.08 -1.48 41.61
N GLY B 74 -23.01 -1.62 40.28
CA GLY B 74 -23.85 -2.63 39.64
C GLY B 74 -25.30 -2.28 39.31
N THR B 75 -25.75 -1.08 39.65
CA THR B 75 -27.12 -0.60 39.35
C THR B 75 -27.30 0.75 40.00
N LYS B 76 -26.77 0.89 41.20
CA LYS B 76 -26.82 2.17 41.86
C LYS B 76 -25.73 2.97 41.13
N LEU B 77 -25.12 2.31 40.14
CA LEU B 77 -24.09 2.85 39.26
C LEU B 77 -24.79 3.28 37.98
N SER B 78 -24.73 4.57 37.67
CA SER B 78 -25.39 5.05 36.48
C SER B 78 -24.69 6.26 35.86
N LEU B 79 -25.08 6.56 34.63
CA LEU B 79 -24.54 7.69 33.89
C LEU B 79 -25.68 8.65 33.68
N MET B 80 -26.86 8.23 34.11
CA MET B 80 -28.07 9.01 33.95
C MET B 80 -28.78 9.11 35.30
N PRO B 81 -28.32 10.03 36.18
CA PRO B 81 -28.96 10.16 37.49
C PRO B 81 -30.45 10.45 37.34
N TRP B 82 -30.82 11.05 36.22
CA TRP B 82 -32.21 11.37 35.96
C TRP B 82 -33.05 10.21 35.37
N PHE B 83 -32.42 9.07 35.13
CA PHE B 83 -33.17 7.94 34.60
C PHE B 83 -33.75 7.13 35.75
N HIS B 84 -35.01 6.72 35.63
CA HIS B 84 -35.68 6.00 36.72
C HIS B 84 -36.13 4.57 36.46
N GLY B 85 -35.82 4.02 35.30
CA GLY B 85 -36.21 2.65 35.02
C GLY B 85 -37.69 2.34 34.85
N LYS B 86 -38.10 1.16 35.31
CA LYS B 86 -39.48 0.72 35.18
C LYS B 86 -40.47 1.38 36.12
N ILE B 87 -40.51 2.70 36.09
CA ILE B 87 -41.43 3.45 36.93
C ILE B 87 -42.68 3.78 36.12
N THR B 88 -43.84 3.73 36.77
CA THR B 88 -45.11 4.00 36.09
C THR B 88 -45.36 5.48 35.79
N ARG B 89 -46.31 5.72 34.91
CA ARG B 89 -46.68 7.07 34.50
C ARG B 89 -47.03 7.92 35.70
N GLU B 90 -47.79 7.37 36.64
CA GLU B 90 -48.19 8.14 37.78
C GLU B 90 -47.15 8.29 38.88
N GLN B 91 -46.22 7.35 38.99
CA GLN B 91 -45.17 7.49 40.01
C GLN B 91 -44.36 8.69 39.54
N ALA B 92 -44.32 8.85 38.22
CA ALA B 92 -43.62 9.94 37.60
C ALA B 92 -44.34 11.21 38.02
N GLU B 93 -45.66 11.15 38.11
CA GLU B 93 -46.45 12.30 38.50
C GLU B 93 -46.06 12.77 39.90
N ARG B 94 -45.88 11.83 40.81
CA ARG B 94 -45.51 12.17 42.19
C ARG B 94 -44.10 12.73 42.29
N LEU B 95 -43.13 12.01 41.72
CA LEU B 95 -41.74 12.44 41.76
C LEU B 95 -41.58 13.88 41.29
N LEU B 96 -42.35 14.26 40.29
CA LEU B 96 -42.29 15.62 39.78
C LEU B 96 -43.50 16.39 40.31
N TYR B 97 -43.99 16.06 41.50
CA TYR B 97 -45.19 16.75 41.94
C TYR B 97 -45.16 18.24 42.11
N PRO B 98 -44.73 18.76 43.29
CA PRO B 98 -44.75 20.23 43.32
C PRO B 98 -44.18 20.71 41.99
N PRO B 99 -45.04 21.28 41.12
CA PRO B 99 -44.67 21.79 39.80
C PRO B 99 -43.44 22.68 39.83
N GLU B 100 -42.47 22.38 38.97
CA GLU B 100 -41.22 23.14 38.88
C GLU B 100 -40.78 23.10 37.43
N THR B 101 -40.77 24.24 36.76
CA THR B 101 -40.40 24.28 35.36
C THR B 101 -39.01 23.70 35.07
N GLY B 102 -38.97 22.67 34.23
CA GLY B 102 -37.71 22.05 33.88
C GLY B 102 -37.41 20.75 34.59
N LEU B 103 -38.04 20.52 35.74
CA LEU B 103 -37.84 19.29 36.50
C LEU B 103 -38.23 18.13 35.61
N PHE B 104 -37.29 17.25 35.33
CA PHE B 104 -37.56 16.13 34.44
C PHE B 104 -36.98 14.80 34.92
N LEU B 105 -37.25 13.78 34.12
CA LEU B 105 -36.78 12.43 34.40
C LEU B 105 -37.08 11.62 33.17
N VAL B 106 -36.49 10.44 33.09
CA VAL B 106 -36.75 9.57 31.95
C VAL B 106 -37.14 8.22 32.53
N ARG B 107 -38.08 7.55 31.90
CA ARG B 107 -38.52 6.23 32.36
C ARG B 107 -38.83 5.39 31.13
N GLU B 108 -39.16 4.13 31.36
CA GLU B 108 -39.49 3.27 30.23
C GLU B 108 -40.98 3.44 29.95
N SER B 109 -41.36 3.32 28.67
CA SER B 109 -42.75 3.47 28.30
C SER B 109 -43.59 2.25 28.60
N THR B 110 -44.72 2.46 29.25
CA THR B 110 -45.63 1.38 29.60
C THR B 110 -46.45 0.96 28.37
N ASN B 111 -47.09 1.93 27.74
CA ASN B 111 -47.94 1.70 26.57
C ASN B 111 -47.18 1.31 25.31
N TYR B 112 -45.97 1.83 25.17
CA TYR B 112 -45.15 1.54 24.00
C TYR B 112 -43.91 0.76 24.42
N PRO B 113 -44.11 -0.50 24.84
CA PRO B 113 -43.02 -1.39 25.28
C PRO B 113 -41.74 -1.21 24.48
N GLY B 114 -40.62 -1.14 25.19
CA GLY B 114 -39.35 -0.96 24.52
C GLY B 114 -38.98 0.50 24.42
N ASP B 115 -39.99 1.37 24.33
CA ASP B 115 -39.74 2.80 24.22
C ASP B 115 -39.50 3.45 25.58
N TYR B 116 -39.06 4.70 25.55
CA TYR B 116 -38.82 5.45 26.77
C TYR B 116 -39.68 6.70 26.79
N THR B 117 -39.77 7.35 27.95
CA THR B 117 -40.58 8.55 28.06
C THR B 117 -39.88 9.67 28.81
N LEU B 118 -39.85 10.86 28.21
CA LEU B 118 -39.25 12.02 28.86
C LEU B 118 -40.40 12.73 29.58
N CYS B 119 -40.29 12.85 30.89
CA CYS B 119 -41.32 13.50 31.72
C CYS B 119 -40.81 14.83 32.27
N VAL B 120 -41.43 15.93 31.86
CA VAL B 120 -41.02 17.28 32.27
C VAL B 120 -42.15 18.11 32.91
N SER B 121 -41.87 18.72 34.06
CA SER B 121 -42.86 19.57 34.72
C SER B 121 -42.91 20.89 33.97
N CYS B 122 -44.11 21.34 33.65
CA CYS B 122 -44.24 22.57 32.88
C CYS B 122 -45.63 23.18 33.08
N GLU B 123 -45.67 24.46 33.43
CA GLU B 123 -46.94 25.16 33.63
C GLU B 123 -47.88 24.42 34.59
N GLY B 124 -47.32 23.89 35.67
CA GLY B 124 -48.10 23.18 36.67
C GLY B 124 -48.62 21.80 36.32
N LYS B 125 -48.07 21.20 35.27
CA LYS B 125 -48.50 19.87 34.84
C LYS B 125 -47.34 19.15 34.15
N VAL B 126 -47.28 17.85 34.34
CA VAL B 126 -46.22 17.06 33.76
C VAL B 126 -46.50 16.69 32.32
N GLU B 127 -45.51 16.96 31.47
CA GLU B 127 -45.58 16.63 30.04
C GLU B 127 -44.85 15.31 29.84
N HIS B 128 -45.52 14.33 29.27
CA HIS B 128 -44.90 13.03 29.03
C HIS B 128 -44.59 12.91 27.54
N TYR B 129 -43.31 12.90 27.20
CA TYR B 129 -42.92 12.78 25.80
C TYR B 129 -42.40 11.39 25.48
N ARG B 130 -43.07 10.72 24.56
CA ARG B 130 -42.66 9.39 24.16
C ARG B 130 -41.36 9.47 23.36
N ILE B 131 -40.44 8.56 23.66
CA ILE B 131 -39.18 8.52 22.94
C ILE B 131 -39.14 7.20 22.18
N MET B 132 -39.36 7.25 20.87
CA MET B 132 -39.34 6.04 20.06
C MET B 132 -37.97 5.41 20.05
N TYR B 133 -37.94 4.12 20.37
CA TYR B 133 -36.72 3.34 20.37
C TYR B 133 -36.91 2.32 19.26
N HIS B 134 -36.33 2.63 18.10
CA HIS B 134 -36.47 1.77 16.93
C HIS B 134 -35.23 1.88 16.04
N ALA B 135 -34.83 0.76 15.44
CA ALA B 135 -33.66 0.72 14.57
C ALA B 135 -32.43 1.17 15.34
N SER B 136 -32.30 0.70 16.57
CA SER B 136 -31.15 1.03 17.43
C SER B 136 -31.00 2.54 17.62
N LYS B 137 -32.13 3.25 17.67
CA LYS B 137 -32.07 4.68 17.86
C LYS B 137 -33.22 5.25 18.68
N LEU B 138 -33.08 6.52 19.05
CA LEU B 138 -34.07 7.21 19.86
C LEU B 138 -34.39 8.58 19.27
N SER B 139 -35.69 8.90 19.24
CA SER B 139 -36.14 10.18 18.74
C SER B 139 -37.50 10.52 19.33
N ILE B 140 -37.77 11.81 19.50
CA ILE B 140 -39.05 12.23 20.03
C ILE B 140 -39.83 12.89 18.91
N ASP B 141 -39.11 13.55 18.00
CA ASP B 141 -39.75 14.25 16.90
C ASP B 141 -39.44 13.68 15.53
N GLU B 142 -38.63 12.61 15.51
CA GLU B 142 -38.22 11.96 14.27
C GLU B 142 -37.55 12.96 13.34
N GLU B 143 -36.84 13.91 13.92
CA GLU B 143 -36.10 14.91 13.16
C GLU B 143 -34.64 14.83 13.60
N VAL B 144 -34.42 14.53 14.88
CA VAL B 144 -33.08 14.38 15.44
C VAL B 144 -33.10 13.05 16.18
N TYR B 145 -32.10 12.21 15.92
CA TYR B 145 -32.03 10.92 16.59
C TYR B 145 -30.81 10.80 17.49
N PHE B 146 -30.82 9.82 18.37
CA PHE B 146 -29.71 9.60 19.30
C PHE B 146 -29.51 8.11 19.58
N GLU B 147 -28.34 7.78 20.15
CA GLU B 147 -28.00 6.41 20.48
C GLU B 147 -28.27 6.08 21.94
N ASN B 148 -28.02 7.05 22.80
CA ASN B 148 -28.26 6.85 24.24
C ASN B 148 -29.05 8.05 24.78
N LEU B 149 -29.72 7.83 25.89
CA LEU B 149 -30.52 8.90 26.50
C LEU B 149 -29.68 10.12 26.87
N MET B 150 -28.41 9.89 27.23
CA MET B 150 -27.52 11.00 27.57
C MET B 150 -27.49 11.97 26.41
N GLN B 151 -27.38 11.43 25.20
CA GLN B 151 -27.34 12.25 24.00
C GLN B 151 -28.60 13.09 23.89
N LEU B 152 -29.74 12.44 24.13
CA LEU B 152 -31.02 13.11 24.06
C LEU B 152 -31.13 14.17 25.14
N VAL B 153 -31.07 13.73 26.40
CA VAL B 153 -31.18 14.66 27.51
C VAL B 153 -30.25 15.85 27.31
N GLU B 154 -29.04 15.58 26.86
CA GLU B 154 -28.10 16.66 26.68
C GLU B 154 -28.68 17.63 25.67
N HIS B 155 -29.22 17.09 24.58
CA HIS B 155 -29.79 17.92 23.53
C HIS B 155 -30.84 18.88 24.04
N TYR B 156 -31.88 18.34 24.67
CA TYR B 156 -32.99 19.13 25.19
C TYR B 156 -32.69 19.92 26.46
N THR B 157 -31.50 19.70 27.02
CA THR B 157 -31.09 20.45 28.21
C THR B 157 -30.54 21.77 27.66
N THR B 158 -30.07 21.70 26.43
CA THR B 158 -29.48 22.82 25.72
C THR B 158 -30.50 23.80 25.11
N ASP B 159 -31.63 23.27 24.68
CA ASP B 159 -32.71 24.07 24.09
C ASP B 159 -33.95 23.19 23.98
N ALA B 160 -35.10 23.77 24.29
CA ALA B 160 -36.36 23.03 24.25
C ALA B 160 -36.62 22.33 22.92
N ASP B 161 -36.26 22.99 21.82
CA ASP B 161 -36.43 22.44 20.48
C ASP B 161 -37.77 21.75 20.23
N GLY B 162 -38.86 22.40 20.61
CA GLY B 162 -40.17 21.83 20.41
C GLY B 162 -40.89 21.45 21.70
N LEU B 163 -40.11 21.19 22.74
CA LEU B 163 -40.70 20.82 24.02
C LEU B 163 -41.29 22.02 24.74
N CYS B 164 -42.13 21.74 25.73
CA CYS B 164 -42.76 22.78 26.55
C CYS B 164 -41.70 23.71 27.13
N THR B 165 -40.58 23.15 27.55
CA THR B 165 -39.48 23.92 28.13
C THR B 165 -38.18 23.16 27.96
N ARG B 166 -37.04 23.83 28.08
CA ARG B 166 -35.79 23.11 27.98
C ARG B 166 -35.69 22.34 29.29
N LEU B 167 -34.89 21.28 29.31
CA LEU B 167 -34.73 20.50 30.52
C LEU B 167 -33.83 21.31 31.44
N ILE B 168 -34.17 21.37 32.73
CA ILE B 168 -33.39 22.13 33.68
C ILE B 168 -32.86 21.28 34.84
N LYS B 169 -33.64 21.18 35.90
CA LYS B 169 -33.21 20.42 37.07
C LYS B 169 -33.57 18.94 36.96
N PRO B 170 -32.56 18.06 37.07
CA PRO B 170 -32.87 16.63 36.99
C PRO B 170 -33.47 16.12 38.28
N LYS B 171 -34.43 15.22 38.16
CA LYS B 171 -35.05 14.62 39.34
C LYS B 171 -34.22 13.36 39.63
N VAL B 172 -33.04 13.57 40.20
CA VAL B 172 -32.12 12.50 40.53
C VAL B 172 -32.79 11.36 41.28
N MET B 173 -32.53 10.14 40.84
CA MET B 173 -33.10 8.97 41.51
C MET B 173 -32.27 8.63 42.74
N GLU B 174 -32.94 8.21 43.80
CA GLU B 174 -32.24 7.88 45.04
C GLU B 174 -31.34 6.64 44.97
N GLY B 175 -30.14 6.77 45.53
CA GLY B 175 -29.20 5.67 45.54
C GLY B 175 -28.48 5.54 44.21
N THR B 176 -28.03 6.67 43.67
CA THR B 176 -27.33 6.67 42.40
C THR B 176 -25.87 7.05 42.61
N VAL B 177 -24.98 6.38 41.88
CA VAL B 177 -23.55 6.63 41.96
C VAL B 177 -23.05 7.11 40.60
N ALA B 178 -22.56 8.35 40.55
CA ALA B 178 -22.06 8.91 39.30
C ALA B 178 -21.03 7.98 38.66
N ALA B 179 -21.47 7.22 37.66
CA ALA B 179 -20.59 6.26 36.99
C ALA B 179 -19.31 6.90 36.49
N GLN B 180 -19.41 8.06 35.87
CA GLN B 180 -18.23 8.73 35.37
C GLN B 180 -17.15 8.91 36.43
N ASP B 181 -17.52 9.47 37.58
CA ASP B 181 -16.53 9.68 38.63
C ASP B 181 -16.03 8.37 39.19
N GLU B 182 -16.93 7.43 39.39
CA GLU B 182 -16.57 6.14 39.92
C GLU B 182 -15.40 5.51 39.15
N PHE B 183 -15.52 5.47 37.82
CA PHE B 183 -14.46 4.91 37.01
C PHE B 183 -13.18 5.75 37.06
N TYR B 184 -13.35 7.07 37.14
CA TYR B 184 -12.20 7.94 37.20
C TYR B 184 -11.44 7.81 38.53
N ARG B 185 -12.17 7.82 39.65
CA ARG B 185 -11.53 7.71 40.95
C ARG B 185 -10.90 6.32 41.12
N SER B 186 -11.53 5.31 40.53
CA SER B 186 -11.05 3.94 40.62
C SER B 186 -9.98 3.58 39.58
N GLY B 187 -9.44 4.59 38.90
CA GLY B 187 -8.39 4.36 37.93
C GLY B 187 -8.65 3.63 36.62
N TRP B 188 -9.85 3.76 36.06
CA TRP B 188 -10.18 3.08 34.81
C TRP B 188 -10.53 4.03 33.65
N ALA B 189 -10.28 5.31 33.81
CA ALA B 189 -10.62 6.27 32.77
C ALA B 189 -9.51 6.50 31.74
N LEU B 190 -9.82 6.21 30.48
CA LEU B 190 -8.86 6.41 29.40
C LEU B 190 -9.14 7.74 28.74
N ASN B 191 -8.23 8.18 27.88
CA ASN B 191 -8.37 9.47 27.21
C ASN B 191 -8.66 9.30 25.72
N MET B 192 -9.89 9.62 25.32
CA MET B 192 -10.31 9.51 23.93
C MET B 192 -9.30 10.06 22.93
N LYS B 193 -8.75 11.23 23.26
CA LYS B 193 -7.75 11.93 22.46
C LYS B 193 -6.55 11.05 22.13
N GLU B 194 -6.27 10.08 22.99
CA GLU B 194 -5.13 9.20 22.83
C GLU B 194 -5.49 7.87 22.17
N LEU B 195 -6.71 7.78 21.66
CA LEU B 195 -7.16 6.54 21.06
C LEU B 195 -7.51 6.66 19.57
N LYS B 196 -6.81 5.88 18.76
CA LYS B 196 -7.05 5.88 17.32
C LYS B 196 -7.70 4.57 16.91
N LEU B 197 -8.92 4.64 16.41
CA LEU B 197 -9.60 3.44 15.95
C LEU B 197 -9.00 3.03 14.60
N LEU B 198 -8.89 1.74 14.37
CA LEU B 198 -8.33 1.25 13.11
C LEU B 198 -9.34 0.28 12.52
N GLN B 199 -8.87 -0.72 11.79
CA GLN B 199 -9.81 -1.65 11.18
C GLN B 199 -10.78 -2.22 12.21
N THR B 200 -11.78 -2.94 11.74
CA THR B 200 -12.78 -3.51 12.62
C THR B 200 -12.57 -5.01 12.78
N ILE B 201 -12.26 -5.43 14.00
CA ILE B 201 -12.03 -6.83 14.29
C ILE B 201 -13.34 -7.60 14.11
N GLY B 202 -14.46 -6.96 14.43
CA GLY B 202 -15.72 -7.66 14.28
C GLY B 202 -16.98 -6.88 14.56
N LYS B 203 -17.91 -6.93 13.60
CA LYS B 203 -19.19 -6.26 13.76
C LYS B 203 -20.02 -7.29 14.50
N GLY B 204 -20.91 -6.84 15.37
CA GLY B 204 -21.69 -7.81 16.10
C GLY B 204 -23.10 -7.43 16.53
N GLU B 205 -23.77 -8.44 17.05
CA GLU B 205 -25.13 -8.37 17.56
C GLU B 205 -25.38 -7.11 18.40
N PHE B 206 -24.73 -7.04 19.56
CA PHE B 206 -24.90 -5.90 20.45
C PHE B 206 -23.59 -5.15 20.70
N GLY B 207 -22.78 -4.97 19.67
CA GLY B 207 -21.52 -4.26 19.84
C GLY B 207 -20.43 -4.67 18.88
N ASP B 208 -19.62 -3.71 18.46
CA ASP B 208 -18.54 -3.99 17.54
C ASP B 208 -17.22 -3.95 18.28
N VAL B 209 -16.23 -4.65 17.75
CA VAL B 209 -14.90 -4.66 18.35
C VAL B 209 -13.97 -4.14 17.28
N MET B 210 -13.06 -3.26 17.65
CA MET B 210 -12.15 -2.68 16.68
C MET B 210 -10.73 -2.67 17.17
N LEU B 211 -9.79 -2.90 16.26
CA LEU B 211 -8.39 -2.83 16.63
C LEU B 211 -8.22 -1.36 16.92
N GLY B 212 -7.41 -1.04 17.92
CA GLY B 212 -7.20 0.35 18.25
C GLY B 212 -5.77 0.58 18.68
N ASP B 213 -5.37 1.83 18.65
CA ASP B 213 -4.04 2.20 19.05
C ASP B 213 -4.27 3.15 20.22
N TYR B 214 -3.81 2.74 21.39
CA TYR B 214 -3.98 3.57 22.58
C TYR B 214 -2.61 3.87 23.13
N ARG B 215 -2.26 5.14 23.18
CA ARG B 215 -0.97 5.55 23.67
C ARG B 215 0.15 4.71 23.06
N GLY B 216 0.07 4.48 21.75
CA GLY B 216 1.10 3.72 21.07
C GLY B 216 1.03 2.21 21.01
N ASN B 217 0.02 1.59 21.63
CA ASN B 217 -0.07 0.14 21.59
C ASN B 217 -1.41 -0.38 21.14
N LYS B 218 -1.40 -1.52 20.46
CA LYS B 218 -2.62 -2.15 19.98
C LYS B 218 -3.50 -2.51 21.16
N VAL B 219 -4.79 -2.32 20.97
CA VAL B 219 -5.73 -2.62 22.03
C VAL B 219 -7.05 -2.90 21.36
N ALA B 220 -7.94 -3.62 22.03
CA ALA B 220 -9.24 -3.90 21.45
C ALA B 220 -10.19 -2.86 22.00
N VAL B 221 -11.16 -2.45 21.19
CA VAL B 221 -12.13 -1.44 21.60
C VAL B 221 -13.52 -1.92 21.27
N LYS B 222 -14.39 -1.90 22.27
CA LYS B 222 -15.76 -2.36 22.09
C LYS B 222 -16.72 -1.23 22.39
N CYS B 223 -17.77 -1.13 21.60
CA CYS B 223 -18.77 -0.09 21.79
C CYS B 223 -20.12 -0.77 21.66
N ILE B 224 -20.73 -1.07 22.80
CA ILE B 224 -22.02 -1.75 22.82
C ILE B 224 -23.01 -1.03 21.90
N LYS B 225 -24.04 -1.77 21.47
CA LYS B 225 -25.06 -1.21 20.59
C LYS B 225 -26.43 -1.43 21.19
N ASN B 226 -27.38 -0.60 20.80
CA ASN B 226 -28.73 -0.73 21.32
C ASN B 226 -28.70 -0.74 22.83
N ASP B 227 -27.87 0.13 23.39
CA ASP B 227 -27.76 0.24 24.83
C ASP B 227 -28.21 1.66 25.21
N ALA B 228 -29.53 1.86 25.20
CA ALA B 228 -30.14 3.15 25.48
C ALA B 228 -29.81 3.71 26.86
N THR B 229 -29.87 2.84 27.87
CA THR B 229 -29.61 3.25 29.25
C THR B 229 -28.16 3.07 29.69
N ALA B 230 -27.31 2.59 28.78
CA ALA B 230 -25.89 2.36 29.07
C ALA B 230 -25.77 1.25 30.11
N GLN B 231 -26.87 0.55 30.35
CA GLN B 231 -26.89 -0.55 31.31
C GLN B 231 -25.84 -1.60 30.96
N ALA B 232 -25.93 -2.11 29.72
CA ALA B 232 -25.00 -3.12 29.22
C ALA B 232 -23.57 -2.67 29.42
N PHE B 233 -23.29 -1.45 28.98
CA PHE B 233 -21.95 -0.88 29.10
C PHE B 233 -21.42 -0.90 30.53
N LEU B 234 -22.25 -0.50 31.48
CA LEU B 234 -21.82 -0.47 32.88
C LEU B 234 -21.69 -1.88 33.45
N ALA B 235 -22.67 -2.73 33.17
CA ALA B 235 -22.63 -4.09 33.67
C ALA B 235 -21.34 -4.77 33.24
N GLU B 236 -21.03 -4.70 31.96
CA GLU B 236 -19.83 -5.35 31.43
C GLU B 236 -18.53 -4.72 31.90
N ALA B 237 -18.53 -3.41 32.05
CA ALA B 237 -17.33 -2.69 32.48
C ALA B 237 -17.03 -2.86 33.97
N SER B 238 -18.04 -2.67 34.80
CA SER B 238 -17.84 -2.78 36.25
C SER B 238 -17.34 -4.16 36.65
N VAL B 239 -17.98 -5.19 36.12
CA VAL B 239 -17.54 -6.54 36.46
C VAL B 239 -16.10 -6.72 36.02
N MET B 240 -15.76 -6.16 34.87
CA MET B 240 -14.42 -6.30 34.37
C MET B 240 -13.37 -5.64 35.25
N THR B 241 -13.76 -4.66 36.05
CA THR B 241 -12.80 -3.99 36.94
C THR B 241 -12.55 -4.91 38.13
N GLN B 242 -13.32 -5.98 38.22
CA GLN B 242 -13.22 -6.92 39.32
C GLN B 242 -12.50 -8.22 38.98
N LEU B 243 -12.46 -8.56 37.69
CA LEU B 243 -11.84 -9.80 37.26
C LEU B 243 -10.33 -9.66 37.15
N ARG B 244 -9.61 -10.67 37.63
CA ARG B 244 -8.16 -10.64 37.61
C ARG B 244 -7.63 -12.07 37.48
N HIS B 245 -7.46 -12.54 36.25
CA HIS B 245 -6.94 -13.89 36.05
C HIS B 245 -6.18 -13.98 34.74
N SER B 246 -5.06 -14.68 34.77
CA SER B 246 -4.26 -14.80 33.57
C SER B 246 -5.00 -15.35 32.37
N ASN B 247 -6.17 -15.95 32.62
CA ASN B 247 -6.95 -16.52 31.52
C ASN B 247 -8.26 -15.83 31.22
N LEU B 248 -8.38 -14.58 31.66
CA LEU B 248 -9.57 -13.78 31.40
C LEU B 248 -9.02 -12.57 30.67
N VAL B 249 -9.68 -12.14 29.59
CA VAL B 249 -9.22 -10.98 28.84
C VAL B 249 -9.27 -9.82 29.81
N GLN B 250 -8.16 -9.10 29.93
CA GLN B 250 -8.02 -7.99 30.85
C GLN B 250 -8.50 -6.64 30.35
N LEU B 251 -9.17 -5.90 31.23
CA LEU B 251 -9.69 -4.57 30.93
C LEU B 251 -8.57 -3.54 31.04
N LEU B 252 -8.52 -2.59 30.12
CA LEU B 252 -7.48 -1.58 30.17
C LEU B 252 -8.06 -0.30 30.75
N GLY B 253 -9.35 -0.07 30.52
CA GLY B 253 -9.96 1.14 31.03
C GLY B 253 -11.26 1.36 30.27
N VAL B 254 -11.88 2.51 30.48
CA VAL B 254 -13.13 2.81 29.81
C VAL B 254 -13.16 4.23 29.23
N ILE B 255 -13.97 4.45 28.21
CA ILE B 255 -14.09 5.78 27.59
C ILE B 255 -15.56 6.13 27.43
N VAL B 256 -15.94 7.26 28.01
CA VAL B 256 -17.31 7.74 27.97
C VAL B 256 -17.48 9.06 27.21
N GLU B 257 -18.58 9.16 26.47
CA GLU B 257 -18.89 10.37 25.69
C GLU B 257 -20.39 10.62 25.66
N GLU B 258 -20.83 11.63 26.43
CA GLU B 258 -22.24 11.99 26.49
C GLU B 258 -22.81 12.13 25.09
N LYS B 259 -22.15 12.94 24.26
CA LYS B 259 -22.60 13.14 22.90
C LYS B 259 -22.14 12.00 22.00
N GLY B 260 -20.98 11.43 22.34
CA GLY B 260 -20.44 10.34 21.54
C GLY B 260 -20.75 8.94 22.02
N GLY B 261 -19.85 8.01 21.70
CA GLY B 261 -20.04 6.62 22.11
C GLY B 261 -19.48 6.26 23.47
N LEU B 262 -19.68 5.00 23.84
CA LEU B 262 -19.20 4.47 25.10
C LEU B 262 -18.32 3.28 24.74
N TYR B 263 -17.01 3.38 24.99
CA TYR B 263 -16.11 2.29 24.66
C TYR B 263 -15.46 1.60 25.85
N ILE B 264 -15.28 0.29 25.69
CA ILE B 264 -14.64 -0.55 26.69
C ILE B 264 -13.36 -1.01 26.01
N VAL B 265 -12.23 -0.55 26.53
CA VAL B 265 -10.93 -0.89 25.97
C VAL B 265 -10.36 -2.06 26.71
N THR B 266 -10.12 -3.13 25.97
CA THR B 266 -9.63 -4.39 26.51
C THR B 266 -8.30 -4.74 25.89
N GLU B 267 -7.64 -5.77 26.40
CA GLU B 267 -6.35 -6.16 25.84
C GLU B 267 -6.59 -6.76 24.46
N TYR B 268 -5.66 -6.52 23.55
CA TYR B 268 -5.77 -7.03 22.18
C TYR B 268 -5.29 -8.46 22.04
N MET B 269 -6.13 -9.31 21.47
CA MET B 269 -5.76 -10.70 21.29
C MET B 269 -5.45 -10.88 19.81
N ALA B 270 -4.17 -10.86 19.47
CA ALA B 270 -3.72 -10.97 18.08
C ALA B 270 -4.21 -12.15 17.25
N LYS B 271 -4.54 -13.28 17.86
CA LYS B 271 -4.98 -14.44 17.07
C LYS B 271 -6.47 -14.67 16.93
N GLY B 272 -7.28 -13.76 17.43
CA GLY B 272 -8.72 -13.91 17.30
C GLY B 272 -9.34 -15.02 18.13
N SER B 273 -10.55 -15.42 17.75
CA SER B 273 -11.30 -16.44 18.45
C SER B 273 -10.70 -17.83 18.37
N LEU B 274 -10.92 -18.63 19.41
CA LEU B 274 -10.39 -19.98 19.44
C LEU B 274 -10.90 -20.72 18.22
N VAL B 275 -12.15 -20.44 17.86
CA VAL B 275 -12.79 -21.05 16.70
C VAL B 275 -11.94 -20.81 15.47
N ASP B 276 -11.69 -19.53 15.18
CA ASP B 276 -10.87 -19.18 14.03
C ASP B 276 -9.51 -19.82 14.19
N TYR B 277 -8.94 -19.72 15.39
CA TYR B 277 -7.63 -20.31 15.62
C TYR B 277 -7.61 -21.77 15.24
N LEU B 278 -8.58 -22.52 15.75
CA LEU B 278 -8.69 -23.95 15.49
C LEU B 278 -8.97 -24.27 14.03
N ARG B 279 -9.87 -23.52 13.40
CA ARG B 279 -10.22 -23.79 12.02
C ARG B 279 -9.08 -23.60 11.03
N SER B 280 -8.21 -22.63 11.24
CA SER B 280 -7.14 -22.42 10.28
C SER B 280 -5.86 -23.19 10.54
N ARG B 281 -5.74 -23.82 11.70
CA ARG B 281 -4.54 -24.59 12.02
C ARG B 281 -4.79 -26.06 11.67
N GLY B 282 -5.88 -26.63 12.20
CA GLY B 282 -6.21 -28.02 11.92
C GLY B 282 -5.37 -29.09 12.63
N ARG B 283 -5.82 -30.33 12.53
CA ARG B 283 -5.15 -31.45 13.17
C ARG B 283 -3.68 -31.59 12.78
N SER B 284 -3.33 -31.10 11.59
CA SER B 284 -1.97 -31.20 11.13
C SER B 284 -0.99 -30.33 11.92
N VAL B 285 -1.51 -29.28 12.55
CA VAL B 285 -0.67 -28.37 13.32
C VAL B 285 -0.84 -28.45 14.83
N LEU B 286 -2.06 -28.73 15.28
CA LEU B 286 -2.37 -28.81 16.70
C LEU B 286 -2.48 -30.22 17.25
N GLY B 287 -1.55 -30.59 18.13
CA GLY B 287 -1.58 -31.92 18.72
C GLY B 287 -2.43 -31.98 19.98
N GLY B 288 -2.50 -33.17 20.58
CA GLY B 288 -3.28 -33.36 21.80
C GLY B 288 -2.84 -32.49 22.96
N ASP B 289 -1.52 -32.35 23.15
CA ASP B 289 -1.01 -31.51 24.22
C ASP B 289 -1.63 -30.13 24.06
N CYS B 290 -1.57 -29.62 22.84
CA CYS B 290 -2.12 -28.30 22.56
C CYS B 290 -3.62 -28.17 22.87
N LEU B 291 -4.43 -29.08 22.35
CA LEU B 291 -5.87 -29.03 22.59
C LEU B 291 -6.19 -29.15 24.07
N LEU B 292 -5.39 -29.92 24.79
CA LEU B 292 -5.65 -30.09 26.21
C LEU B 292 -5.27 -28.84 26.97
N LYS B 293 -4.19 -28.20 26.54
CA LYS B 293 -3.74 -26.99 27.20
C LYS B 293 -4.82 -25.91 27.13
N PHE B 294 -5.45 -25.76 25.96
CA PHE B 294 -6.52 -24.78 25.80
C PHE B 294 -7.66 -25.13 26.74
N SER B 295 -8.05 -26.39 26.71
CA SER B 295 -9.11 -26.89 27.59
C SER B 295 -8.80 -26.51 29.04
N LEU B 296 -7.55 -26.73 29.47
CA LEU B 296 -7.18 -26.36 30.82
C LEU B 296 -7.18 -24.84 30.99
N ASP B 297 -6.66 -24.11 30.01
CA ASP B 297 -6.66 -22.65 30.08
C ASP B 297 -8.07 -22.15 30.39
N VAL B 298 -8.99 -22.50 29.51
CA VAL B 298 -10.36 -22.10 29.67
C VAL B 298 -10.93 -22.59 31.00
N CYS B 299 -10.69 -23.86 31.30
CA CYS B 299 -11.20 -24.46 32.53
C CYS B 299 -10.79 -23.73 33.80
N GLU B 300 -9.59 -23.18 33.82
CA GLU B 300 -9.11 -22.46 35.00
C GLU B 300 -9.79 -21.13 35.08
N ALA B 301 -10.05 -20.56 33.91
CA ALA B 301 -10.72 -19.28 33.83
C ALA B 301 -12.07 -19.42 34.50
N MET B 302 -12.79 -20.48 34.14
CA MET B 302 -14.10 -20.74 34.70
C MET B 302 -14.02 -21.05 36.19
N GLU B 303 -13.03 -21.81 36.58
CA GLU B 303 -12.88 -22.12 37.99
C GLU B 303 -12.74 -20.82 38.77
N TYR B 304 -11.98 -19.88 38.21
CA TYR B 304 -11.82 -18.59 38.86
C TYR B 304 -13.15 -17.87 38.97
N LEU B 305 -13.95 -17.94 37.90
CA LEU B 305 -15.25 -17.27 37.92
C LEU B 305 -16.12 -17.92 38.98
N GLU B 306 -16.23 -19.25 38.93
CA GLU B 306 -17.02 -19.92 39.93
C GLU B 306 -16.49 -19.52 41.30
N GLY B 307 -15.16 -19.42 41.41
CA GLY B 307 -14.54 -19.02 42.66
C GLY B 307 -14.92 -17.63 43.12
N ASN B 308 -15.32 -16.79 42.17
CA ASN B 308 -15.71 -15.43 42.47
C ASN B 308 -17.21 -15.20 42.33
N ASN B 309 -17.95 -16.29 42.38
CA ASN B 309 -19.40 -16.25 42.31
C ASN B 309 -19.91 -15.48 41.09
N PHE B 310 -19.40 -15.82 39.91
CA PHE B 310 -19.81 -15.18 38.65
C PHE B 310 -20.22 -16.25 37.67
N VAL B 311 -21.25 -15.97 36.87
CA VAL B 311 -21.71 -16.91 35.87
C VAL B 311 -21.52 -16.22 34.53
N HIS B 312 -20.91 -16.92 33.57
CA HIS B 312 -20.66 -16.31 32.27
C HIS B 312 -21.90 -16.26 31.38
N ARG B 313 -22.59 -17.38 31.23
CA ARG B 313 -23.81 -17.45 30.41
C ARG B 313 -23.56 -17.45 28.91
N ASP B 314 -22.35 -17.16 28.49
CA ASP B 314 -22.06 -17.12 27.06
C ASP B 314 -20.72 -17.77 26.73
N LEU B 315 -20.41 -18.89 27.39
CA LEU B 315 -19.16 -19.56 27.12
C LEU B 315 -19.21 -20.36 25.83
N ALA B 316 -18.35 -20.02 24.88
CA ALA B 316 -18.31 -20.74 23.63
C ALA B 316 -16.99 -20.42 22.96
N ALA B 317 -16.51 -21.35 22.13
CA ALA B 317 -15.25 -21.18 21.45
C ALA B 317 -15.13 -19.83 20.79
N ARG B 318 -16.22 -19.35 20.20
CA ARG B 318 -16.15 -18.05 19.55
C ARG B 318 -15.90 -16.95 20.56
N ASN B 319 -16.15 -17.23 21.84
CA ASN B 319 -15.92 -16.22 22.88
C ASN B 319 -14.63 -16.40 23.65
N VAL B 320 -13.77 -17.27 23.16
CA VAL B 320 -12.48 -17.47 23.79
C VAL B 320 -11.48 -16.97 22.76
N LEU B 321 -10.59 -16.09 23.18
CA LEU B 321 -9.61 -15.55 22.26
C LEU B 321 -8.22 -16.09 22.60
N VAL B 322 -7.32 -16.03 21.63
CA VAL B 322 -5.96 -16.53 21.81
C VAL B 322 -5.00 -15.36 21.72
N SER B 323 -4.08 -15.26 22.68
CA SER B 323 -3.14 -14.16 22.67
C SER B 323 -2.00 -14.39 21.69
N GLU B 324 -1.19 -13.36 21.50
CA GLU B 324 -0.03 -13.40 20.63
C GLU B 324 0.86 -14.49 21.24
N ASP B 325 0.80 -14.55 22.57
CA ASP B 325 1.58 -15.49 23.36
C ASP B 325 0.95 -16.87 23.34
N ASN B 326 -0.14 -17.00 22.60
CA ASN B 326 -0.84 -18.26 22.47
C ASN B 326 -1.62 -18.72 23.71
N VAL B 327 -2.00 -17.79 24.57
CA VAL B 327 -2.78 -18.13 25.75
C VAL B 327 -4.27 -17.90 25.42
N ALA B 328 -5.11 -18.87 25.76
CA ALA B 328 -6.52 -18.75 25.49
C ALA B 328 -7.13 -18.05 26.69
N LYS B 329 -8.09 -17.17 26.45
CA LYS B 329 -8.71 -16.43 27.53
C LYS B 329 -10.17 -16.14 27.22
N VAL B 330 -11.03 -16.36 28.21
CA VAL B 330 -12.47 -16.10 28.07
C VAL B 330 -12.60 -14.58 27.84
N SER B 331 -13.54 -14.16 26.98
CA SER B 331 -13.63 -12.75 26.65
C SER B 331 -14.88 -11.86 26.74
N ASP B 332 -16.07 -12.39 26.54
CA ASP B 332 -17.20 -11.45 26.60
C ASP B 332 -18.04 -11.55 27.84
N PHE B 333 -17.84 -10.57 28.70
CA PHE B 333 -18.52 -10.54 29.98
C PHE B 333 -19.77 -9.69 30.02
N GLY B 334 -20.35 -9.41 28.85
CA GLY B 334 -21.55 -8.62 28.83
C GLY B 334 -22.64 -9.19 29.73
N LEU B 335 -22.72 -10.53 29.80
CA LEU B 335 -23.74 -11.24 30.60
C LEU B 335 -23.22 -11.90 31.89
N THR B 336 -22.00 -11.51 32.30
CA THR B 336 -21.37 -12.02 33.50
C THR B 336 -21.80 -11.28 34.75
N LYS B 337 -22.15 -12.09 35.76
CA LYS B 337 -22.56 -11.70 37.14
C LYS B 337 -23.14 -12.87 37.99
N GLU B 338 -23.39 -12.54 39.26
CA GLU B 338 -23.83 -13.40 40.41
C GLU B 338 -24.77 -14.61 40.12
N ALA B 339 -26.05 -14.35 39.86
CA ALA B 339 -26.91 -15.49 39.51
C ALA B 339 -28.18 -15.07 38.76
N GLY B 346 -30.61 -12.15 28.31
CA GLY B 346 -31.63 -12.33 27.30
C GLY B 346 -31.11 -12.97 26.02
N LYS B 347 -32.00 -13.66 25.31
CA LYS B 347 -31.68 -14.36 24.06
C LYS B 347 -30.28 -14.99 24.04
N LEU B 348 -30.17 -16.21 24.54
CA LEU B 348 -28.88 -16.90 24.56
C LEU B 348 -28.81 -18.09 23.61
N PRO B 349 -27.64 -18.28 22.96
CA PRO B 349 -27.38 -19.37 22.01
C PRO B 349 -27.92 -20.69 22.50
N VAL B 350 -28.75 -21.30 21.67
CA VAL B 350 -29.35 -22.57 22.03
C VAL B 350 -28.37 -23.74 22.07
N LYS B 351 -27.44 -23.77 21.12
CA LYS B 351 -26.47 -24.84 21.03
C LYS B 351 -25.42 -24.89 22.13
N TRP B 352 -25.24 -23.77 22.83
CA TRP B 352 -24.24 -23.69 23.89
C TRP B 352 -24.85 -23.54 25.27
N THR B 353 -26.17 -23.48 25.33
CA THR B 353 -26.87 -23.31 26.60
C THR B 353 -27.56 -24.57 27.08
N ALA B 354 -27.43 -24.85 28.37
CA ALA B 354 -28.04 -26.04 28.97
C ALA B 354 -29.55 -25.96 28.90
N PRO B 355 -30.23 -27.09 28.67
CA PRO B 355 -31.69 -27.13 28.59
C PRO B 355 -32.36 -26.33 29.69
N GLU B 356 -32.09 -26.68 30.94
CA GLU B 356 -32.69 -26.02 32.08
C GLU B 356 -32.35 -24.53 32.18
N ALA B 357 -31.52 -24.05 31.28
CA ALA B 357 -31.15 -22.64 31.27
C ALA B 357 -31.99 -21.94 30.21
N LEU B 358 -32.35 -22.70 29.18
CA LEU B 358 -33.18 -22.19 28.09
C LEU B 358 -34.64 -22.27 28.50
N ARG B 359 -35.16 -23.50 28.56
CA ARG B 359 -36.53 -23.78 28.96
C ARG B 359 -36.95 -22.93 30.15
N GLU B 360 -35.97 -22.56 30.97
CA GLU B 360 -36.25 -21.76 32.15
C GLU B 360 -35.12 -20.76 32.37
N LYS B 361 -35.43 -19.47 32.29
CA LYS B 361 -34.42 -18.45 32.49
C LYS B 361 -33.86 -18.67 33.90
N LYS B 362 -32.81 -19.48 33.98
CA LYS B 362 -32.19 -19.82 35.25
C LYS B 362 -30.74 -20.18 34.94
N PHE B 363 -29.82 -19.25 35.18
CA PHE B 363 -28.42 -19.52 34.89
C PHE B 363 -27.58 -19.75 36.14
N SER B 364 -26.88 -20.88 36.14
CA SER B 364 -26.02 -21.26 37.24
C SER B 364 -24.69 -21.77 36.70
N THR B 365 -23.71 -21.90 37.58
CA THR B 365 -22.42 -22.43 37.18
C THR B 365 -22.65 -23.76 36.46
N LYS B 366 -23.63 -24.52 36.92
CA LYS B 366 -23.91 -25.81 36.31
C LYS B 366 -24.28 -25.68 34.85
N SER B 367 -24.77 -24.52 34.44
CA SER B 367 -25.11 -24.35 33.03
C SER B 367 -23.85 -23.90 32.29
N ASP B 368 -22.98 -23.17 32.98
CA ASP B 368 -21.71 -22.76 32.36
C ASP B 368 -20.96 -24.08 32.14
N VAL B 369 -21.03 -24.96 33.14
CA VAL B 369 -20.37 -26.25 33.07
C VAL B 369 -20.84 -26.97 31.81
N TRP B 370 -22.12 -26.84 31.47
CA TRP B 370 -22.69 -27.45 30.27
C TRP B 370 -22.07 -26.79 29.04
N SER B 371 -22.00 -25.46 29.04
CA SER B 371 -21.40 -24.75 27.92
C SER B 371 -19.98 -25.31 27.75
N PHE B 372 -19.25 -25.43 28.85
CA PHE B 372 -17.92 -26.02 28.80
C PHE B 372 -18.31 -27.43 28.43
N GLY B 373 -17.59 -28.10 27.57
CA GLY B 373 -18.07 -29.42 27.23
C GLY B 373 -18.58 -29.22 25.83
N ILE B 374 -19.42 -28.21 25.63
CA ILE B 374 -19.85 -27.93 24.28
C ILE B 374 -18.55 -27.34 23.71
N LEU B 375 -17.99 -26.37 24.43
CA LEU B 375 -16.72 -25.76 24.03
C LEU B 375 -15.67 -26.84 23.88
N LEU B 376 -15.66 -27.81 24.80
CA LEU B 376 -14.71 -28.90 24.71
C LEU B 376 -14.92 -29.60 23.39
N TRP B 377 -16.17 -29.85 23.05
CA TRP B 377 -16.49 -30.52 21.78
C TRP B 377 -15.97 -29.66 20.65
N GLU B 378 -16.19 -28.35 20.73
CA GLU B 378 -15.69 -27.45 19.70
C GLU B 378 -14.18 -27.59 19.55
N ILE B 379 -13.47 -27.51 20.68
CA ILE B 379 -12.03 -27.62 20.64
C ILE B 379 -11.56 -28.89 19.94
N TYR B 380 -12.06 -30.04 20.37
CA TYR B 380 -11.64 -31.30 19.74
C TYR B 380 -12.18 -31.53 18.34
N SER B 381 -13.08 -30.66 17.88
CA SER B 381 -13.62 -30.76 16.52
C SER B 381 -12.91 -29.71 15.68
N PHE B 382 -11.92 -29.05 16.27
CA PHE B 382 -11.18 -28.00 15.57
C PHE B 382 -12.11 -26.90 15.06
N GLY B 383 -13.01 -26.44 15.92
CA GLY B 383 -13.89 -25.36 15.55
C GLY B 383 -15.20 -25.67 14.83
N ARG B 384 -15.45 -26.94 14.54
CA ARG B 384 -16.69 -27.34 13.86
C ARG B 384 -17.87 -26.77 14.64
N VAL B 385 -18.98 -26.52 13.95
CA VAL B 385 -20.17 -26.00 14.61
C VAL B 385 -20.92 -27.13 15.31
N PRO B 386 -21.43 -26.85 16.52
CA PRO B 386 -22.16 -27.85 17.30
C PRO B 386 -23.38 -28.45 16.59
N TYR B 387 -23.69 -29.68 16.97
CA TYR B 387 -24.83 -30.44 16.44
C TYR B 387 -24.90 -30.58 14.93
N PRO B 388 -23.92 -31.30 14.34
CA PRO B 388 -23.86 -31.52 12.89
C PRO B 388 -24.90 -32.56 12.48
N ARG B 389 -25.42 -32.44 11.25
CA ARG B 389 -26.42 -33.37 10.76
C ARG B 389 -27.74 -33.23 11.49
N ILE B 390 -27.81 -32.27 12.42
CA ILE B 390 -29.04 -32.07 13.17
C ILE B 390 -29.57 -30.65 13.10
N PRO B 391 -30.74 -30.49 12.48
CA PRO B 391 -31.43 -29.20 12.30
C PRO B 391 -31.59 -28.43 13.60
N LEU B 392 -31.28 -27.14 13.55
CA LEU B 392 -31.41 -26.29 14.73
C LEU B 392 -32.80 -26.45 15.30
N LYS B 393 -33.72 -26.92 14.47
CA LYS B 393 -35.12 -27.13 14.84
C LYS B 393 -35.33 -28.35 15.73
N ASP B 394 -34.32 -29.22 15.83
CA ASP B 394 -34.47 -30.43 16.64
C ASP B 394 -33.49 -30.52 17.80
N VAL B 395 -32.59 -29.53 17.90
CA VAL B 395 -31.61 -29.51 18.96
C VAL B 395 -32.24 -29.68 20.34
N VAL B 396 -32.90 -28.63 20.83
CA VAL B 396 -33.54 -28.64 22.14
C VAL B 396 -34.41 -29.86 22.45
N PRO B 397 -35.38 -30.16 21.56
CA PRO B 397 -36.25 -31.31 21.78
C PRO B 397 -35.49 -32.62 21.98
N ARG B 398 -34.66 -32.94 21.00
CA ARG B 398 -33.88 -34.17 21.02
C ARG B 398 -32.87 -34.21 22.17
N VAL B 399 -32.35 -33.05 22.55
CA VAL B 399 -31.39 -32.97 23.65
C VAL B 399 -32.09 -33.33 24.95
N GLU B 400 -33.18 -32.65 25.23
CA GLU B 400 -33.93 -32.90 26.47
C GLU B 400 -34.31 -34.38 26.62
N LYS B 401 -34.15 -35.14 25.55
CA LYS B 401 -34.44 -36.57 25.59
C LYS B 401 -33.13 -37.33 25.73
N GLY B 402 -32.13 -36.64 26.28
CA GLY B 402 -30.82 -37.22 26.51
C GLY B 402 -29.88 -37.32 25.32
N TYR B 403 -30.16 -36.57 24.25
CA TYR B 403 -29.29 -36.61 23.09
C TYR B 403 -27.90 -36.08 23.42
N LYS B 404 -26.89 -36.63 22.76
CA LYS B 404 -25.52 -36.20 22.99
C LYS B 404 -24.67 -36.36 21.75
N MET B 405 -23.98 -35.29 21.35
CA MET B 405 -23.14 -35.35 20.18
C MET B 405 -22.18 -36.53 20.30
N ASP B 406 -21.68 -37.00 19.18
CA ASP B 406 -20.73 -38.09 19.22
C ASP B 406 -19.34 -37.51 19.48
N ALA B 407 -18.42 -38.35 19.93
CA ALA B 407 -17.08 -37.87 20.18
C ALA B 407 -16.46 -37.45 18.85
N PRO B 408 -15.84 -36.26 18.80
CA PRO B 408 -15.21 -35.82 17.55
C PRO B 408 -14.19 -36.85 17.10
N ASP B 409 -13.97 -36.97 15.79
CA ASP B 409 -12.99 -37.93 15.31
C ASP B 409 -11.65 -37.68 16.01
N GLY B 410 -10.95 -38.77 16.32
CA GLY B 410 -9.65 -38.67 16.97
C GLY B 410 -9.70 -38.27 18.43
N CYS B 411 -10.89 -37.98 18.95
CA CYS B 411 -11.02 -37.56 20.34
C CYS B 411 -10.70 -38.64 21.39
N PRO B 412 -9.86 -38.28 22.36
CA PRO B 412 -9.45 -39.18 23.44
C PRO B 412 -10.65 -39.58 24.28
N PRO B 413 -10.96 -40.87 24.35
CA PRO B 413 -12.12 -41.32 25.14
C PRO B 413 -12.27 -40.61 26.49
N ALA B 414 -11.17 -40.42 27.20
CA ALA B 414 -11.22 -39.78 28.50
C ALA B 414 -11.72 -38.35 28.38
N VAL B 415 -11.34 -37.68 27.31
CA VAL B 415 -11.77 -36.30 27.10
C VAL B 415 -13.26 -36.28 26.77
N TYR B 416 -13.71 -37.26 25.99
CA TYR B 416 -15.11 -37.33 25.61
C TYR B 416 -15.94 -37.62 26.86
N ASP B 417 -15.41 -38.45 27.76
CA ASP B 417 -16.15 -38.74 28.98
C ASP B 417 -16.31 -37.45 29.78
N VAL B 418 -15.34 -36.55 29.69
CA VAL B 418 -15.44 -35.29 30.41
C VAL B 418 -16.60 -34.50 29.80
N MET B 419 -16.68 -34.53 28.47
CA MET B 419 -17.75 -33.85 27.75
C MET B 419 -19.09 -34.39 28.27
N LYS B 420 -19.30 -35.69 28.10
CA LYS B 420 -20.53 -36.36 28.54
C LYS B 420 -20.91 -36.01 29.96
N ASN B 421 -19.93 -36.03 30.84
CA ASN B 421 -20.13 -35.73 32.24
C ASN B 421 -20.69 -34.30 32.41
N CYS B 422 -20.31 -33.39 31.51
CA CYS B 422 -20.80 -32.02 31.58
C CYS B 422 -22.24 -31.93 31.05
N TRP B 423 -22.64 -32.97 30.33
CA TRP B 423 -23.96 -32.99 29.73
C TRP B 423 -25.06 -33.73 30.48
N HIS B 424 -24.94 -33.84 31.80
CA HIS B 424 -25.98 -34.53 32.58
C HIS B 424 -27.20 -33.62 32.58
N LEU B 425 -28.35 -34.16 32.17
CA LEU B 425 -29.57 -33.35 32.16
C LEU B 425 -29.86 -32.81 33.56
N ASP B 426 -29.44 -33.56 34.57
CA ASP B 426 -29.64 -33.15 35.95
C ASP B 426 -28.45 -32.28 36.35
N ALA B 427 -28.66 -30.97 36.33
CA ALA B 427 -27.64 -30.00 36.66
C ALA B 427 -26.74 -30.42 37.82
N ALA B 428 -27.35 -30.77 38.94
CA ALA B 428 -26.60 -31.16 40.13
C ALA B 428 -25.58 -32.26 39.92
N THR B 429 -25.81 -33.12 38.93
CA THR B 429 -24.89 -34.21 38.66
C THR B 429 -23.61 -33.81 37.93
N ARG B 430 -23.60 -32.64 37.32
CA ARG B 430 -22.45 -32.13 36.60
C ARG B 430 -21.40 -31.65 37.59
N PRO B 431 -20.12 -31.79 37.22
CA PRO B 431 -18.99 -31.40 38.05
C PRO B 431 -18.80 -29.91 38.19
N THR B 432 -18.02 -29.54 39.19
CA THR B 432 -17.67 -28.15 39.42
C THR B 432 -16.46 -27.93 38.53
N PHE B 433 -15.99 -26.70 38.40
CA PHE B 433 -14.83 -26.49 37.56
C PHE B 433 -13.56 -27.04 38.19
N LEU B 434 -13.51 -27.05 39.52
CA LEU B 434 -12.35 -27.63 40.21
C LEU B 434 -12.29 -29.11 39.85
N GLN B 435 -13.45 -29.76 39.81
CA GLN B 435 -13.48 -31.17 39.48
C GLN B 435 -13.06 -31.37 38.03
N LEU B 436 -13.53 -30.49 37.14
CA LEU B 436 -13.16 -30.59 35.73
C LEU B 436 -11.64 -30.43 35.62
N ARG B 437 -11.09 -29.38 36.24
CA ARG B 437 -9.65 -29.17 36.20
C ARG B 437 -8.93 -30.45 36.65
N GLU B 438 -9.30 -30.95 37.84
CA GLU B 438 -8.70 -32.16 38.38
C GLU B 438 -8.70 -33.34 37.40
N GLN B 439 -9.81 -33.54 36.70
CA GLN B 439 -9.89 -34.66 35.76
C GLN B 439 -9.05 -34.41 34.52
N LEU B 440 -9.02 -33.18 34.04
CA LEU B 440 -8.24 -32.88 32.86
C LEU B 440 -6.77 -33.09 33.19
N GLU B 441 -6.39 -32.76 34.43
CA GLU B 441 -5.01 -32.95 34.87
C GLU B 441 -4.74 -34.44 35.05
N HIS B 442 -5.73 -35.19 35.54
CA HIS B 442 -5.55 -36.63 35.72
C HIS B 442 -5.22 -37.19 34.34
N ILE B 443 -5.90 -36.67 33.33
CA ILE B 443 -5.68 -37.11 31.96
C ILE B 443 -4.26 -36.75 31.49
N ARG B 444 -3.91 -35.48 31.65
CA ARG B 444 -2.59 -35.00 31.24
C ARG B 444 -1.52 -35.82 31.92
N THR B 445 -1.65 -36.01 33.22
CA THR B 445 -0.69 -36.76 33.99
C THR B 445 -0.42 -38.16 33.43
N HIS B 446 -1.47 -38.84 32.99
CA HIS B 446 -1.32 -40.19 32.44
C HIS B 446 -1.25 -40.21 30.94
N GLU B 447 -1.28 -39.03 30.34
CA GLU B 447 -1.23 -38.95 28.89
C GLU B 447 -2.37 -39.69 28.19
N LEU B 448 -3.53 -39.73 28.83
CA LEU B 448 -4.68 -40.42 28.25
C LEU B 448 -5.23 -39.64 27.07
N HIS B 449 -4.60 -38.52 26.75
CA HIS B 449 -5.02 -37.69 25.62
C HIS B 449 -4.10 -37.92 24.41
N LEU B 450 -2.98 -38.58 24.61
CA LEU B 450 -2.06 -38.83 23.51
C LEU B 450 -2.25 -40.26 23.03
N ALA C 6 -20.27 -53.17 30.93
CA ALA C 6 -19.74 -51.78 30.72
C ALA C 6 -18.26 -51.72 31.07
N SER C 7 -17.41 -51.69 30.05
CA SER C 7 -15.98 -51.63 30.28
C SER C 7 -15.58 -50.43 31.15
N TRP C 8 -14.49 -50.61 31.91
CA TRP C 8 -13.97 -49.53 32.76
C TRP C 8 -13.54 -48.34 31.91
N PRO C 9 -13.95 -47.13 32.31
CA PRO C 9 -13.59 -45.91 31.56
C PRO C 9 -12.09 -45.60 31.64
N SER C 10 -11.58 -44.98 30.59
CA SER C 10 -10.18 -44.58 30.54
C SER C 10 -9.91 -43.72 31.78
N GLY C 11 -8.79 -43.96 32.45
CA GLY C 11 -8.46 -43.17 33.63
C GLY C 11 -8.83 -43.82 34.95
N THR C 12 -9.51 -44.96 34.86
CA THR C 12 -9.94 -45.69 36.03
C THR C 12 -8.78 -46.40 36.71
N GLU C 13 -8.80 -46.44 38.04
CA GLU C 13 -7.75 -47.11 38.77
C GLU C 13 -8.22 -48.46 39.25
N CYS C 14 -7.45 -49.49 38.92
CA CYS C 14 -7.75 -50.83 39.34
C CYS C 14 -6.57 -51.34 40.18
N ILE C 15 -6.87 -52.21 41.14
CA ILE C 15 -5.85 -52.76 42.02
C ILE C 15 -5.62 -54.21 41.64
N ALA C 16 -4.36 -54.62 41.60
CA ALA C 16 -4.04 -56.00 41.25
C ALA C 16 -4.47 -56.96 42.35
N LYS C 17 -5.27 -57.96 41.98
CA LYS C 17 -5.73 -58.93 42.95
C LYS C 17 -4.65 -59.98 43.12
N TYR C 18 -4.09 -60.42 41.99
CA TYR C 18 -3.03 -61.42 41.95
C TYR C 18 -1.81 -60.85 41.24
N ASN C 19 -0.82 -61.70 41.01
CA ASN C 19 0.37 -61.29 40.28
C ASN C 19 0.07 -61.63 38.83
N PHE C 20 0.69 -60.92 37.90
CA PHE C 20 0.49 -61.22 36.50
C PHE C 20 1.85 -61.24 35.85
N HIS C 21 2.27 -62.41 35.38
CA HIS C 21 3.58 -62.55 34.76
C HIS C 21 3.56 -62.33 33.27
N GLY C 22 2.38 -62.13 32.72
CA GLY C 22 2.27 -61.88 31.29
C GLY C 22 2.15 -63.15 30.48
N THR C 23 1.61 -63.02 29.28
CA THR C 23 1.42 -64.17 28.41
C THR C 23 1.90 -63.89 27.00
N ALA C 24 2.25 -62.65 26.72
CA ALA C 24 2.72 -62.26 25.40
C ALA C 24 3.53 -60.97 25.50
N GLU C 25 4.25 -60.64 24.44
CA GLU C 25 5.09 -59.43 24.43
C GLU C 25 4.31 -58.16 24.78
N GLN C 26 3.11 -58.03 24.24
CA GLN C 26 2.27 -56.87 24.48
C GLN C 26 1.82 -56.72 25.92
N ASP C 27 1.85 -57.80 26.68
CA ASP C 27 1.40 -57.77 28.07
C ASP C 27 2.23 -56.94 29.06
N LEU C 28 1.53 -56.37 30.04
CA LEU C 28 2.16 -55.57 31.08
C LEU C 28 2.12 -56.34 32.39
N PRO C 29 3.26 -56.89 32.81
CA PRO C 29 3.32 -57.64 34.07
C PRO C 29 3.04 -56.71 35.25
N PHE C 30 2.63 -57.27 36.39
CA PHE C 30 2.37 -56.45 37.57
C PHE C 30 2.22 -57.28 38.85
N CYS C 31 2.53 -56.67 40.00
CA CYS C 31 2.44 -57.38 41.27
C CYS C 31 1.16 -57.13 42.00
N LYS C 32 0.68 -58.15 42.70
CA LYS C 32 -0.54 -58.05 43.49
C LYS C 32 -0.53 -56.76 44.32
N GLY C 33 -1.67 -56.09 44.38
CA GLY C 33 -1.78 -54.86 45.14
C GLY C 33 -1.41 -53.61 44.36
N ASP C 34 -0.67 -53.78 43.27
CA ASP C 34 -0.25 -52.64 42.45
C ASP C 34 -1.43 -51.88 41.89
N VAL C 35 -1.22 -50.60 41.61
CA VAL C 35 -2.26 -49.75 41.06
C VAL C 35 -2.04 -49.65 39.56
N LEU C 36 -3.07 -49.97 38.78
CA LEU C 36 -2.95 -49.88 37.34
C LEU C 36 -3.97 -48.89 36.80
N THR C 37 -3.54 -48.03 35.90
CA THR C 37 -4.43 -47.03 35.34
C THR C 37 -4.91 -47.46 33.99
N ILE C 38 -6.22 -47.67 33.90
CA ILE C 38 -6.85 -48.11 32.67
C ILE C 38 -6.72 -47.08 31.55
N VAL C 39 -6.24 -47.51 30.40
CA VAL C 39 -6.11 -46.62 29.26
C VAL C 39 -7.36 -46.81 28.41
N ALA C 40 -7.51 -48.00 27.85
CA ALA C 40 -8.67 -48.32 27.01
C ALA C 40 -8.91 -49.81 27.04
N VAL C 41 -10.16 -50.20 26.78
CA VAL C 41 -10.51 -51.61 26.73
C VAL C 41 -10.13 -52.06 25.32
N THR C 42 -9.88 -53.36 25.15
CA THR C 42 -9.49 -53.87 23.84
C THR C 42 -10.70 -54.48 23.13
N LYS C 43 -10.44 -55.10 21.98
CA LYS C 43 -11.50 -55.74 21.22
C LYS C 43 -12.07 -56.85 22.09
N ASP C 44 -11.22 -57.45 22.92
CA ASP C 44 -11.64 -58.50 23.83
C ASP C 44 -11.91 -57.91 25.21
N PRO C 45 -13.17 -57.93 25.66
CA PRO C 45 -13.57 -57.39 26.96
C PRO C 45 -12.74 -57.90 28.14
N ASN C 46 -12.07 -59.04 27.95
CA ASN C 46 -11.28 -59.60 29.02
C ASN C 46 -9.89 -58.95 29.12
N TRP C 47 -9.60 -58.02 28.23
CA TRP C 47 -8.29 -57.37 28.27
C TRP C 47 -8.30 -55.85 28.09
N TYR C 48 -7.44 -55.19 28.85
CA TYR C 48 -7.33 -53.74 28.78
C TYR C 48 -5.91 -53.31 28.51
N LYS C 49 -5.77 -52.09 28.02
CA LYS C 49 -4.46 -51.52 27.81
C LYS C 49 -4.34 -50.66 29.08
N ALA C 50 -3.19 -50.70 29.75
CA ALA C 50 -3.05 -49.93 30.96
C ALA C 50 -1.64 -49.47 31.22
N LYS C 51 -1.51 -48.52 32.14
CA LYS C 51 -0.22 -47.97 32.53
C LYS C 51 0.00 -48.31 34.00
N ASN C 52 1.26 -48.50 34.38
CA ASN C 52 1.61 -48.81 35.77
C ASN C 52 2.23 -47.59 36.42
N LYS C 53 2.51 -47.68 37.72
CA LYS C 53 3.06 -46.56 38.47
C LYS C 53 4.18 -45.76 37.80
N VAL C 54 4.98 -46.37 36.92
CA VAL C 54 6.05 -45.60 36.26
C VAL C 54 5.67 -45.18 34.84
N GLY C 55 4.46 -45.49 34.42
CA GLY C 55 4.06 -45.08 33.09
C GLY C 55 4.12 -46.13 32.00
N ARG C 56 4.69 -47.29 32.27
CA ARG C 56 4.72 -48.32 31.22
C ARG C 56 3.30 -48.72 30.86
N GLU C 57 3.09 -49.01 29.58
CA GLU C 57 1.78 -49.39 29.06
C GLU C 57 1.83 -50.78 28.45
N GLY C 58 0.73 -51.51 28.57
CA GLY C 58 0.66 -52.83 28.01
C GLY C 58 -0.72 -53.41 28.24
N ILE C 59 -0.92 -54.66 27.86
CA ILE C 59 -2.22 -55.30 28.01
C ILE C 59 -2.29 -56.08 29.30
N ILE C 60 -3.42 -55.93 30.00
CA ILE C 60 -3.63 -56.58 31.28
C ILE C 60 -4.98 -57.30 31.29
N PRO C 61 -5.09 -58.38 32.07
CA PRO C 61 -6.38 -59.09 32.11
C PRO C 61 -7.34 -58.51 33.14
N ALA C 62 -8.54 -58.21 32.70
CA ALA C 62 -9.55 -57.64 33.59
C ALA C 62 -9.70 -58.40 34.90
N ASN C 63 -9.89 -59.71 34.79
CA ASN C 63 -10.11 -60.55 35.96
C ASN C 63 -9.01 -60.51 37.01
N TYR C 64 -7.87 -59.93 36.68
CA TYR C 64 -6.75 -59.84 37.61
C TYR C 64 -6.71 -58.57 38.46
N VAL C 65 -7.52 -57.58 38.11
CA VAL C 65 -7.53 -56.33 38.85
C VAL C 65 -8.93 -55.97 39.28
N GLN C 66 -9.03 -55.10 40.28
CA GLN C 66 -10.30 -54.66 40.81
C GLN C 66 -10.36 -53.14 40.85
N LYS C 67 -11.47 -52.61 40.36
CA LYS C 67 -11.70 -51.16 40.34
C LYS C 67 -11.78 -50.60 41.74
N ARG C 68 -10.92 -49.64 42.05
CA ARG C 68 -10.95 -49.02 43.36
C ARG C 68 -11.89 -47.86 43.18
N GLU C 69 -12.95 -47.82 43.98
CA GLU C 69 -13.92 -46.75 43.85
C GLU C 69 -14.33 -46.27 45.22
N GLY C 70 -15.01 -45.13 45.24
CA GLY C 70 -15.45 -44.55 46.50
C GLY C 70 -16.55 -45.34 47.19
N VAL C 71 -16.49 -45.33 48.51
CA VAL C 71 -17.49 -45.99 49.33
C VAL C 71 -18.27 -44.81 49.86
N LYS C 72 -19.54 -44.73 49.50
CA LYS C 72 -20.34 -43.59 49.96
C LYS C 72 -21.31 -43.93 51.09
N ALA C 73 -21.35 -45.21 51.47
CA ALA C 73 -22.23 -45.68 52.53
C ALA C 73 -22.21 -44.77 53.74
N GLY C 74 -21.13 -44.01 53.88
CA GLY C 74 -21.00 -43.08 55.00
C GLY C 74 -21.24 -43.65 56.38
N THR C 75 -22.15 -43.00 57.11
CA THR C 75 -22.48 -43.41 58.47
C THR C 75 -23.30 -44.70 58.59
N LYS C 76 -23.82 -45.21 57.47
CA LYS C 76 -24.60 -46.43 57.47
C LYS C 76 -23.69 -47.67 57.53
N LEU C 77 -22.38 -47.43 57.66
CA LEU C 77 -21.41 -48.51 57.72
C LEU C 77 -21.29 -49.11 59.11
N SER C 78 -21.19 -50.44 59.17
CA SER C 78 -21.09 -51.15 60.44
C SER C 78 -20.24 -52.40 60.34
N LEU C 79 -19.56 -52.75 61.43
CA LEU C 79 -18.74 -53.95 61.46
C LEU C 79 -19.63 -55.13 61.83
N MET C 80 -20.83 -54.83 62.31
CA MET C 80 -21.80 -55.84 62.70
C MET C 80 -23.13 -55.59 61.99
N PRO C 81 -23.16 -55.71 60.66
CA PRO C 81 -24.40 -55.50 59.92
C PRO C 81 -25.39 -56.57 60.34
N TRP C 82 -24.88 -57.79 60.44
CA TRP C 82 -25.65 -58.97 60.82
C TRP C 82 -26.21 -58.98 62.24
N PHE C 83 -25.83 -58.01 63.07
CA PHE C 83 -26.34 -57.96 64.43
C PHE C 83 -27.62 -57.13 64.48
N HIS C 84 -28.72 -57.75 64.91
CA HIS C 84 -29.97 -57.04 64.99
C HIS C 84 -30.35 -56.67 66.42
N GLY C 85 -30.22 -57.61 67.34
CA GLY C 85 -30.54 -57.32 68.72
C GLY C 85 -31.75 -58.06 69.26
N LYS C 86 -32.38 -57.47 70.28
CA LYS C 86 -33.54 -58.07 70.91
C LYS C 86 -34.77 -58.13 70.02
N ILE C 87 -34.96 -59.27 69.35
CA ILE C 87 -36.12 -59.48 68.49
C ILE C 87 -36.55 -60.93 68.61
N THR C 88 -37.86 -61.16 68.66
CA THR C 88 -38.40 -62.51 68.79
C THR C 88 -37.74 -63.49 67.82
N ARG C 89 -37.67 -64.75 68.22
CA ARG C 89 -37.07 -65.80 67.41
C ARG C 89 -37.85 -65.99 66.12
N GLU C 90 -39.06 -65.42 66.08
CA GLU C 90 -39.90 -65.53 64.89
C GLU C 90 -39.51 -64.43 63.90
N GLN C 91 -39.36 -63.21 64.39
CA GLN C 91 -38.98 -62.09 63.54
C GLN C 91 -37.78 -62.54 62.72
N ALA C 92 -36.85 -63.22 63.38
CA ALA C 92 -35.65 -63.72 62.73
C ALA C 92 -35.99 -64.69 61.61
N GLU C 93 -36.96 -65.56 61.84
CA GLU C 93 -37.38 -66.54 60.85
C GLU C 93 -38.00 -65.90 59.62
N ARG C 94 -38.93 -64.96 59.82
CA ARG C 94 -39.56 -64.30 58.67
C ARG C 94 -38.50 -63.52 57.93
N LEU C 95 -37.53 -62.99 58.68
CA LEU C 95 -36.44 -62.20 58.12
C LEU C 95 -35.46 -63.07 57.32
N LEU C 96 -35.73 -64.36 57.24
CA LEU C 96 -34.87 -65.27 56.49
C LEU C 96 -35.68 -66.32 55.72
N TYR C 97 -36.69 -65.87 54.98
CA TYR C 97 -37.51 -66.80 54.21
C TYR C 97 -36.77 -67.39 53.00
N PRO C 98 -35.74 -66.70 52.48
CA PRO C 98 -35.02 -67.27 51.33
C PRO C 98 -34.22 -68.47 51.83
N PRO C 99 -34.66 -69.69 51.50
CA PRO C 99 -34.03 -70.95 51.91
C PRO C 99 -32.60 -71.18 51.43
N GLU C 100 -31.87 -70.12 51.12
CA GLU C 100 -30.49 -70.32 50.66
C GLU C 100 -29.38 -70.20 51.68
N THR C 101 -28.39 -71.04 51.48
CA THR C 101 -27.20 -71.16 52.31
C THR C 101 -26.55 -69.83 52.67
N GLY C 102 -25.75 -69.85 53.73
CA GLY C 102 -25.03 -68.67 54.17
C GLY C 102 -25.79 -67.43 54.60
N LEU C 103 -27.12 -67.48 54.53
CA LEU C 103 -27.90 -66.32 54.94
C LEU C 103 -28.12 -66.41 56.44
N PHE C 104 -27.19 -65.81 57.19
CA PHE C 104 -27.26 -65.84 58.65
C PHE C 104 -27.71 -64.52 59.27
N LEU C 105 -27.85 -64.52 60.59
CA LEU C 105 -28.28 -63.35 61.32
C LEU C 105 -28.07 -63.57 62.82
N VAL C 106 -27.73 -62.50 63.55
CA VAL C 106 -27.50 -62.61 64.99
C VAL C 106 -28.55 -61.85 65.80
N ARG C 107 -29.00 -62.48 66.89
CA ARG C 107 -30.02 -61.91 67.75
C ARG C 107 -29.64 -61.94 69.23
N GLU C 108 -29.71 -60.78 69.88
CA GLU C 108 -29.41 -60.65 71.30
C GLU C 108 -30.74 -60.71 72.04
N SER C 109 -31.29 -61.91 72.16
CA SER C 109 -32.60 -62.06 72.80
C SER C 109 -32.55 -62.43 74.28
N THR C 110 -33.69 -62.21 74.94
CA THR C 110 -33.85 -62.55 76.35
C THR C 110 -34.42 -63.96 76.26
N ASN C 111 -33.98 -64.69 75.24
CA ASN C 111 -34.39 -66.06 74.98
C ASN C 111 -34.48 -66.82 76.31
N TYR C 112 -33.67 -66.38 77.27
CA TYR C 112 -33.63 -66.95 78.61
C TYR C 112 -32.56 -66.16 79.36
N PRO C 113 -31.34 -66.07 78.79
CA PRO C 113 -30.26 -65.33 79.43
C PRO C 113 -30.20 -63.88 78.99
N GLY C 114 -28.97 -63.41 78.78
CA GLY C 114 -28.72 -62.06 78.32
C GLY C 114 -27.65 -62.15 77.25
N ASP C 115 -27.49 -63.35 76.71
CA ASP C 115 -26.51 -63.62 75.66
C ASP C 115 -27.15 -63.45 74.28
N TYR C 116 -26.64 -64.18 73.30
CA TYR C 116 -27.15 -64.07 71.94
C TYR C 116 -27.48 -65.42 71.31
N THR C 117 -27.80 -65.38 70.02
CA THR C 117 -28.13 -66.58 69.27
C THR C 117 -27.91 -66.35 67.78
N LEU C 118 -27.30 -67.31 67.11
CA LEU C 118 -27.03 -67.23 65.68
C LEU C 118 -28.14 -67.97 64.92
N CYS C 119 -28.65 -67.36 63.85
CA CYS C 119 -29.72 -67.98 63.05
C CYS C 119 -29.37 -68.06 61.57
N VAL C 120 -29.00 -69.26 61.12
CA VAL C 120 -28.63 -69.48 59.74
C VAL C 120 -29.70 -70.25 58.97
N SER C 121 -29.78 -70.03 57.67
CA SER C 121 -30.76 -70.69 56.82
C SER C 121 -30.09 -71.91 56.15
N CYS C 122 -30.08 -73.04 56.85
CA CYS C 122 -29.47 -74.27 56.36
C CYS C 122 -30.40 -75.12 55.49
N GLU C 123 -30.46 -74.79 54.20
CA GLU C 123 -31.28 -75.54 53.25
C GLU C 123 -32.71 -75.83 53.71
N GLY C 124 -33.65 -74.99 53.26
CA GLY C 124 -35.03 -75.19 53.59
C GLY C 124 -35.54 -74.51 54.85
N LYS C 125 -34.83 -74.67 55.95
CA LYS C 125 -35.24 -74.07 57.22
C LYS C 125 -34.16 -73.19 57.82
N VAL C 126 -34.53 -72.44 58.86
CA VAL C 126 -33.61 -71.56 59.57
C VAL C 126 -33.21 -72.17 60.91
N GLU C 127 -31.98 -72.65 60.99
CA GLU C 127 -31.45 -73.27 62.21
C GLU C 127 -31.02 -72.21 63.22
N HIS C 128 -31.22 -72.49 64.50
CA HIS C 128 -30.84 -71.55 65.55
C HIS C 128 -29.77 -72.16 66.45
N TYR C 129 -28.68 -71.42 66.64
CA TYR C 129 -27.58 -71.85 67.47
C TYR C 129 -27.43 -70.88 68.64
N ARG C 130 -27.74 -71.35 69.85
CA ARG C 130 -27.66 -70.52 71.04
C ARG C 130 -26.20 -70.27 71.39
N ILE C 131 -25.73 -69.05 71.20
CA ILE C 131 -24.34 -68.72 71.54
C ILE C 131 -24.33 -68.38 73.01
N MET C 132 -23.33 -68.86 73.74
CA MET C 132 -23.25 -68.59 75.16
C MET C 132 -22.13 -67.64 75.53
N TYR C 133 -22.43 -66.72 76.45
CA TYR C 133 -21.45 -65.78 76.93
C TYR C 133 -21.20 -66.19 78.38
N HIS C 134 -20.11 -66.90 78.60
CA HIS C 134 -19.76 -67.38 79.94
C HIS C 134 -18.27 -67.20 80.18
N ALA C 135 -17.92 -66.66 81.35
CA ALA C 135 -16.51 -66.45 81.69
C ALA C 135 -15.78 -65.57 80.67
N SER C 136 -16.42 -64.46 80.32
CA SER C 136 -15.85 -63.50 79.38
C SER C 136 -15.52 -64.07 78.00
N LYS C 137 -16.29 -65.04 77.56
CA LYS C 137 -16.07 -65.66 76.25
C LYS C 137 -17.37 -66.14 75.62
N LEU C 138 -17.36 -66.22 74.30
CA LEU C 138 -18.51 -66.68 73.54
C LEU C 138 -18.20 -68.03 72.92
N SER C 139 -19.18 -68.90 72.92
CA SER C 139 -19.00 -70.22 72.33
C SER C 139 -20.35 -70.87 72.09
N ILE C 140 -20.38 -71.74 71.09
CA ILE C 140 -21.59 -72.46 70.74
C ILE C 140 -21.36 -73.94 71.01
N ASP C 141 -20.24 -74.44 70.48
CA ASP C 141 -19.87 -75.85 70.62
C ASP C 141 -19.09 -76.11 71.92
N GLU C 142 -18.76 -75.05 72.64
CA GLU C 142 -17.99 -75.18 73.88
C GLU C 142 -16.62 -75.78 73.61
N GLU C 143 -16.25 -75.86 72.34
CA GLU C 143 -14.96 -76.41 71.94
C GLU C 143 -14.10 -75.25 71.47
N VAL C 144 -14.71 -74.36 70.70
CA VAL C 144 -14.04 -73.18 70.18
C VAL C 144 -14.64 -71.96 70.85
N TYR C 145 -13.78 -71.05 71.30
CA TYR C 145 -14.24 -69.84 71.98
C TYR C 145 -13.86 -68.56 71.23
N PHE C 146 -14.56 -67.47 71.56
CA PHE C 146 -14.31 -66.18 70.92
C PHE C 146 -14.47 -65.04 71.90
N GLU C 147 -13.76 -63.94 71.63
CA GLU C 147 -13.82 -62.77 72.50
C GLU C 147 -15.01 -61.87 72.14
N ASN C 148 -15.41 -61.89 70.87
CA ASN C 148 -16.53 -61.05 70.43
C ASN C 148 -17.29 -61.74 69.28
N LEU C 149 -18.49 -61.24 69.01
CA LEU C 149 -19.33 -61.79 67.95
C LEU C 149 -18.69 -61.68 66.56
N MET C 150 -18.02 -60.57 66.31
CA MET C 150 -17.36 -60.38 65.02
C MET C 150 -16.37 -61.50 64.79
N GLN C 151 -15.52 -61.73 65.78
CA GLN C 151 -14.51 -62.77 65.72
C GLN C 151 -15.21 -64.11 65.49
N LEU C 152 -16.33 -64.31 66.20
CA LEU C 152 -17.09 -65.54 66.07
C LEU C 152 -17.61 -65.67 64.64
N VAL C 153 -18.41 -64.69 64.23
CA VAL C 153 -18.98 -64.69 62.89
C VAL C 153 -17.91 -64.91 61.82
N GLU C 154 -16.80 -64.19 61.96
CA GLU C 154 -15.69 -64.31 61.02
C GLU C 154 -15.24 -65.75 60.88
N HIS C 155 -14.98 -66.39 62.02
CA HIS C 155 -14.52 -67.78 62.06
C HIS C 155 -15.45 -68.76 61.35
N TYR C 156 -16.75 -68.61 61.56
CA TYR C 156 -17.71 -69.50 60.93
C TYR C 156 -18.00 -69.11 59.50
N THR C 157 -17.70 -67.86 59.14
CA THR C 157 -17.90 -67.42 57.78
C THR C 157 -16.91 -68.24 56.96
N THR C 158 -15.69 -68.32 57.46
CA THR C 158 -14.64 -69.07 56.80
C THR C 158 -15.11 -70.51 56.62
N ASP C 159 -15.01 -71.29 57.67
CA ASP C 159 -15.44 -72.69 57.63
C ASP C 159 -16.61 -72.91 58.58
N ALA C 160 -16.97 -74.18 58.74
CA ALA C 160 -18.06 -74.55 59.63
C ALA C 160 -17.56 -75.77 60.42
N ASP C 161 -17.44 -75.61 61.73
CA ASP C 161 -16.97 -76.71 62.57
C ASP C 161 -18.04 -77.78 62.70
N GLY C 162 -19.26 -77.36 63.02
CA GLY C 162 -20.34 -78.31 63.18
C GLY C 162 -21.62 -77.76 62.61
N LEU C 163 -21.68 -76.44 62.50
CA LEU C 163 -22.85 -75.78 61.96
C LEU C 163 -23.04 -76.27 60.53
N CYS C 164 -24.25 -76.70 60.23
CA CYS C 164 -24.61 -77.23 58.91
C CYS C 164 -24.05 -76.48 57.70
N THR C 165 -24.33 -75.18 57.61
CA THR C 165 -23.84 -74.39 56.48
C THR C 165 -22.95 -73.22 56.89
N ARG C 166 -21.71 -73.23 56.40
CA ARG C 166 -20.77 -72.16 56.71
C ARG C 166 -21.37 -70.82 56.31
N LEU C 167 -21.25 -69.85 57.20
CA LEU C 167 -21.80 -68.51 56.95
C LEU C 167 -21.32 -67.93 55.62
N ILE C 168 -22.25 -67.42 54.83
CA ILE C 168 -21.92 -66.84 53.52
C ILE C 168 -22.34 -65.37 53.39
N LYS C 169 -23.63 -65.12 53.18
CA LYS C 169 -24.12 -63.76 53.04
C LYS C 169 -25.02 -63.31 54.18
N PRO C 170 -24.69 -62.17 54.81
CA PRO C 170 -25.41 -61.55 55.92
C PRO C 170 -26.75 -60.95 55.55
N LYS C 171 -27.61 -60.80 56.55
CA LYS C 171 -28.91 -60.18 56.36
C LYS C 171 -28.82 -58.87 57.10
N VAL C 172 -28.11 -57.94 56.49
CA VAL C 172 -27.88 -56.61 57.06
C VAL C 172 -29.12 -56.01 57.71
N MET C 173 -28.91 -55.29 58.81
CA MET C 173 -30.01 -54.65 59.52
C MET C 173 -30.33 -53.34 58.80
N GLU C 174 -31.61 -52.94 58.82
CA GLU C 174 -32.05 -51.71 58.16
C GLU C 174 -31.14 -50.50 58.37
N GLY C 175 -30.88 -49.77 57.28
CA GLY C 175 -30.03 -48.59 57.34
C GLY C 175 -28.59 -48.90 57.67
N THR C 176 -28.16 -50.12 57.37
CA THR C 176 -26.81 -50.56 57.66
C THR C 176 -26.12 -51.14 56.44
N VAL C 177 -24.79 -51.12 56.45
CA VAL C 177 -24.02 -51.65 55.33
C VAL C 177 -22.81 -52.42 55.88
N ALA C 178 -22.54 -53.58 55.28
CA ALA C 178 -21.41 -54.38 55.70
C ALA C 178 -20.11 -53.65 55.30
N ALA C 179 -19.47 -53.01 56.27
CA ALA C 179 -18.26 -52.24 56.03
C ALA C 179 -17.11 -53.03 55.40
N GLN C 180 -16.69 -54.10 56.07
CA GLN C 180 -15.60 -54.93 55.56
C GLN C 180 -15.86 -55.34 54.12
N ASP C 181 -17.13 -55.56 53.82
CA ASP C 181 -17.54 -55.97 52.48
C ASP C 181 -17.35 -54.81 51.48
N GLU C 182 -17.87 -53.65 51.85
CA GLU C 182 -17.76 -52.48 50.99
C GLU C 182 -16.33 -52.20 50.60
N PHE C 183 -15.53 -51.82 51.58
CA PHE C 183 -14.15 -51.51 51.32
C PHE C 183 -13.44 -52.53 50.45
N TYR C 184 -13.49 -53.81 50.86
CA TYR C 184 -12.85 -54.87 50.09
C TYR C 184 -13.44 -54.96 48.68
N ARG C 185 -14.75 -54.75 48.58
CA ARG C 185 -15.46 -54.82 47.30
C ARG C 185 -15.12 -53.60 46.44
N SER C 186 -14.78 -52.50 47.11
CA SER C 186 -14.46 -51.27 46.41
C SER C 186 -12.97 -51.11 46.16
N GLY C 187 -12.25 -52.21 46.27
CA GLY C 187 -10.82 -52.21 46.01
C GLY C 187 -9.93 -51.51 47.01
N TRP C 188 -10.38 -51.37 48.24
CA TRP C 188 -9.57 -50.70 49.27
C TRP C 188 -8.86 -51.63 50.26
N ALA C 189 -8.81 -52.92 49.95
CA ALA C 189 -8.16 -53.86 50.85
C ALA C 189 -6.65 -53.91 50.67
N LEU C 190 -5.92 -53.86 51.78
CA LEU C 190 -4.47 -53.93 51.74
C LEU C 190 -4.05 -55.35 52.14
N ASN C 191 -2.77 -55.67 52.02
CA ASN C 191 -2.31 -57.01 52.38
C ASN C 191 -1.63 -57.05 53.74
N MET C 192 -2.22 -57.78 54.67
CA MET C 192 -1.67 -57.89 56.02
C MET C 192 -0.19 -58.31 56.01
N LYS C 193 0.18 -59.18 55.08
CA LYS C 193 1.55 -59.64 54.97
C LYS C 193 2.52 -58.48 54.74
N GLU C 194 2.03 -57.41 54.11
CA GLU C 194 2.89 -56.26 53.81
C GLU C 194 2.87 -55.15 54.85
N LEU C 195 2.06 -55.33 55.90
CA LEU C 195 1.96 -54.35 56.96
C LEU C 195 2.81 -54.78 58.16
N LYS C 196 3.70 -53.91 58.63
CA LYS C 196 4.51 -54.26 59.79
C LYS C 196 4.35 -53.23 60.89
N LEU C 197 3.59 -53.57 61.92
CA LEU C 197 3.38 -52.65 63.04
C LEU C 197 4.68 -52.44 63.81
N LEU C 198 4.99 -51.19 64.11
CA LEU C 198 6.24 -50.89 64.81
C LEU C 198 6.04 -50.38 66.23
N GLN C 199 5.37 -49.25 66.39
CA GLN C 199 5.18 -48.71 67.72
C GLN C 199 3.78 -48.13 67.91
N THR C 200 3.47 -47.81 69.16
CA THR C 200 2.19 -47.23 69.49
C THR C 200 2.40 -45.73 69.32
N ILE C 201 1.40 -45.05 68.78
CA ILE C 201 1.49 -43.62 68.58
C ILE C 201 0.81 -42.93 69.74
N GLY C 202 1.62 -42.40 70.66
CA GLY C 202 1.09 -41.73 71.83
C GLY C 202 1.80 -42.22 73.08
N LYS C 203 1.34 -41.76 74.24
CA LYS C 203 1.94 -42.14 75.50
C LYS C 203 1.59 -43.57 75.94
N GLY C 204 0.30 -43.88 76.00
CA GLY C 204 -0.11 -45.21 76.39
C GLY C 204 0.51 -46.31 75.56
N GLU C 205 0.33 -47.56 75.98
CA GLU C 205 0.87 -48.69 75.26
C GLU C 205 -0.25 -49.60 74.75
N PHE C 206 -1.48 -49.26 75.14
CA PHE C 206 -2.64 -50.02 74.73
C PHE C 206 -3.53 -49.15 73.84
N GLY C 207 -2.94 -48.17 73.19
CA GLY C 207 -3.73 -47.32 72.32
C GLY C 207 -4.26 -48.09 71.13
N ASP C 208 -5.14 -47.47 70.36
CA ASP C 208 -5.69 -48.14 69.19
C ASP C 208 -5.03 -47.70 67.87
N VAL C 209 -4.03 -46.83 67.95
CA VAL C 209 -3.34 -46.39 66.74
C VAL C 209 -1.84 -46.67 66.85
N MET C 210 -1.28 -47.21 65.78
CA MET C 210 0.14 -47.53 65.76
C MET C 210 0.85 -47.07 64.52
N LEU C 211 2.15 -46.89 64.65
CA LEU C 211 2.99 -46.52 63.52
C LEU C 211 3.31 -47.86 62.88
N GLY C 212 3.13 -47.96 61.57
CA GLY C 212 3.42 -49.21 60.90
C GLY C 212 4.16 -48.94 59.61
N ASP C 213 4.60 -50.00 58.95
CA ASP C 213 5.31 -49.86 57.70
C ASP C 213 4.59 -50.64 56.63
N TYR C 214 4.23 -49.98 55.54
CA TYR C 214 3.55 -50.65 54.46
C TYR C 214 4.31 -50.42 53.17
N ARG C 215 4.73 -51.51 52.53
CA ARG C 215 5.48 -51.42 51.29
C ARG C 215 6.52 -50.32 51.39
N GLY C 216 7.26 -50.34 52.50
CA GLY C 216 8.32 -49.37 52.71
C GLY C 216 7.95 -47.97 53.15
N ASN C 217 6.68 -47.77 53.49
CA ASN C 217 6.27 -46.45 53.92
C ASN C 217 5.67 -46.41 55.32
N LYS C 218 5.97 -45.33 56.03
CA LYS C 218 5.48 -45.15 57.38
C LYS C 218 4.01 -44.78 57.30
N VAL C 219 3.18 -45.59 57.94
CA VAL C 219 1.75 -45.33 57.94
C VAL C 219 1.18 -45.39 59.36
N ALA C 220 0.01 -44.78 59.55
CA ALA C 220 -0.66 -44.79 60.84
C ALA C 220 -1.72 -45.87 60.69
N VAL C 221 -1.85 -46.74 61.70
CA VAL C 221 -2.82 -47.82 61.67
C VAL C 221 -3.76 -47.73 62.86
N LYS C 222 -5.06 -47.60 62.56
CA LYS C 222 -6.08 -47.49 63.59
C LYS C 222 -6.94 -48.73 63.55
N CYS C 223 -7.03 -49.42 64.68
CA CYS C 223 -7.84 -50.63 64.77
C CYS C 223 -9.19 -50.26 65.39
N ILE C 224 -10.28 -50.67 64.76
CA ILE C 224 -11.59 -50.38 65.33
C ILE C 224 -12.40 -51.66 65.45
N LYS C 225 -13.03 -51.84 66.60
CA LYS C 225 -13.84 -53.02 66.85
C LYS C 225 -15.29 -52.58 66.95
N ASN C 226 -15.90 -52.67 68.12
CA ASN C 226 -17.28 -52.25 68.25
C ASN C 226 -17.39 -50.95 69.04
N ASP C 227 -16.26 -50.50 69.57
CA ASP C 227 -16.16 -49.27 70.33
C ASP C 227 -17.19 -48.23 69.85
N ALA C 228 -17.92 -47.65 70.79
CA ALA C 228 -18.94 -46.66 70.47
C ALA C 228 -18.49 -45.69 69.38
N THR C 229 -17.22 -45.32 69.42
CA THR C 229 -16.66 -44.38 68.46
C THR C 229 -16.26 -45.04 67.13
N ALA C 230 -16.61 -46.31 66.95
CA ALA C 230 -16.28 -47.04 65.74
C ALA C 230 -16.86 -46.38 64.49
N GLN C 231 -18.14 -46.04 64.55
CA GLN C 231 -18.82 -45.44 63.40
C GLN C 231 -18.11 -44.21 62.84
N ALA C 232 -17.88 -43.22 63.68
CA ALA C 232 -17.20 -42.00 63.23
C ALA C 232 -15.92 -42.29 62.42
N PHE C 233 -15.16 -43.29 62.83
CA PHE C 233 -13.94 -43.59 62.09
C PHE C 233 -14.26 -44.31 60.79
N LEU C 234 -15.33 -45.10 60.79
CA LEU C 234 -15.74 -45.78 59.57
C LEU C 234 -16.25 -44.70 58.61
N ALA C 235 -16.93 -43.72 59.17
CA ALA C 235 -17.45 -42.63 58.37
C ALA C 235 -16.26 -41.91 57.74
N GLU C 236 -15.28 -41.54 58.56
CA GLU C 236 -14.09 -40.85 58.08
C GLU C 236 -13.38 -41.60 56.95
N ALA C 237 -13.40 -42.93 57.01
CA ALA C 237 -12.75 -43.74 55.99
C ALA C 237 -13.54 -43.66 54.70
N SER C 238 -14.86 -43.67 54.83
CA SER C 238 -15.75 -43.59 53.69
C SER C 238 -15.45 -42.29 52.92
N VAL C 239 -15.40 -41.18 53.65
CA VAL C 239 -15.13 -39.89 53.05
C VAL C 239 -13.76 -39.84 52.40
N MET C 240 -12.79 -40.48 53.03
CA MET C 240 -11.45 -40.47 52.46
C MET C 240 -11.32 -41.25 51.16
N THR C 241 -12.17 -42.23 50.92
CA THR C 241 -12.07 -42.98 49.68
C THR C 241 -12.44 -42.07 48.50
N GLN C 242 -13.07 -40.94 48.80
CA GLN C 242 -13.49 -40.00 47.77
C GLN C 242 -12.60 -38.78 47.68
N LEU C 243 -11.66 -38.66 48.60
CA LEU C 243 -10.77 -37.51 48.62
C LEU C 243 -9.41 -37.87 48.07
N ARG C 244 -8.76 -36.91 47.43
CA ARG C 244 -7.43 -37.10 46.92
C ARG C 244 -6.78 -35.78 46.62
N HIS C 245 -6.23 -35.17 47.66
CA HIS C 245 -5.56 -33.90 47.52
C HIS C 245 -4.35 -33.97 48.43
N SER C 246 -3.27 -33.33 48.03
CA SER C 246 -2.03 -33.36 48.79
C SER C 246 -2.08 -32.72 50.16
N ASN C 247 -3.17 -32.01 50.47
CA ASN C 247 -3.28 -31.37 51.77
C ASN C 247 -4.44 -31.92 52.58
N LEU C 248 -4.79 -33.18 52.30
CA LEU C 248 -5.84 -33.86 53.00
C LEU C 248 -5.23 -35.20 53.35
N VAL C 249 -5.19 -35.53 54.63
CA VAL C 249 -4.62 -36.80 55.07
C VAL C 249 -5.22 -37.89 54.20
N GLN C 250 -4.36 -38.72 53.63
CA GLN C 250 -4.82 -39.75 52.74
C GLN C 250 -5.03 -41.14 53.33
N LEU C 251 -6.05 -41.81 52.83
CA LEU C 251 -6.40 -43.15 53.23
C LEU C 251 -5.69 -44.14 52.29
N LEU C 252 -4.80 -44.96 52.82
CA LEU C 252 -4.10 -45.92 51.97
C LEU C 252 -4.94 -47.16 51.76
N GLY C 253 -5.68 -47.55 52.78
CA GLY C 253 -6.50 -48.75 52.65
C GLY C 253 -7.10 -49.28 53.92
N VAL C 254 -7.59 -50.50 53.82
CA VAL C 254 -8.24 -51.15 54.95
C VAL C 254 -7.86 -52.64 55.05
N ILE C 255 -7.79 -53.15 56.26
CA ILE C 255 -7.44 -54.55 56.51
C ILE C 255 -8.30 -55.19 57.59
N VAL C 256 -8.87 -56.37 57.33
CA VAL C 256 -9.66 -57.04 58.35
C VAL C 256 -8.70 -57.88 59.19
N GLU C 257 -8.64 -57.56 60.48
CA GLU C 257 -7.77 -58.27 61.42
C GLU C 257 -8.20 -59.72 61.63
N GLU C 258 -7.23 -60.55 62.03
CA GLU C 258 -7.45 -61.97 62.28
C GLU C 258 -8.59 -62.21 63.28
N LYS C 259 -8.43 -61.67 64.48
CA LYS C 259 -9.44 -61.81 65.51
C LYS C 259 -10.55 -60.78 65.30
N GLY C 260 -11.07 -60.73 64.07
CA GLY C 260 -12.12 -59.78 63.73
C GLY C 260 -11.62 -58.35 63.72
N GLY C 261 -12.54 -57.40 63.70
CA GLY C 261 -12.14 -55.99 63.70
C GLY C 261 -11.65 -55.47 62.36
N LEU C 262 -11.23 -54.21 62.36
CA LEU C 262 -10.76 -53.59 61.13
C LEU C 262 -9.67 -52.56 61.33
N TYR C 263 -8.64 -52.63 60.49
CA TYR C 263 -7.53 -51.68 60.54
C TYR C 263 -7.78 -50.58 59.50
N ILE C 264 -7.66 -49.33 59.90
CA ILE C 264 -7.81 -48.23 58.95
C ILE C 264 -6.37 -47.73 58.81
N VAL C 265 -5.81 -47.84 57.61
CA VAL C 265 -4.44 -47.42 57.40
C VAL C 265 -4.39 -46.12 56.63
N THR C 266 -3.88 -45.08 57.27
CA THR C 266 -3.78 -43.78 56.65
C THR C 266 -2.36 -43.26 56.68
N GLU C 267 -2.14 -42.21 55.91
CA GLU C 267 -0.86 -41.56 55.81
C GLU C 267 -0.37 -41.09 57.19
N TYR C 268 0.86 -41.47 57.52
CA TYR C 268 1.47 -41.12 58.80
C TYR C 268 1.88 -39.66 58.86
N MET C 269 1.51 -38.99 59.94
CA MET C 269 1.84 -37.58 60.09
C MET C 269 2.77 -37.35 61.28
N ALA C 270 4.05 -37.66 61.06
CA ALA C 270 5.06 -37.56 62.09
C ALA C 270 4.96 -36.46 63.14
N LYS C 271 4.68 -35.22 62.74
CA LYS C 271 4.66 -34.14 63.72
C LYS C 271 3.42 -33.81 64.54
N GLY C 272 2.32 -34.53 64.35
CA GLY C 272 1.14 -34.25 65.15
C GLY C 272 0.25 -33.11 64.71
N SER C 273 -0.73 -32.79 65.55
CA SER C 273 -1.70 -31.73 65.28
C SER C 273 -1.04 -30.37 65.16
N LEU C 274 -1.59 -29.53 64.30
CA LEU C 274 -1.07 -28.20 64.09
C LEU C 274 -1.17 -27.38 65.36
N VAL C 275 -2.20 -27.60 66.17
CA VAL C 275 -2.32 -26.85 67.42
C VAL C 275 -1.09 -27.08 68.27
N ASP C 276 -0.81 -28.36 68.54
CA ASP C 276 0.33 -28.71 69.37
C ASP C 276 1.64 -28.24 68.77
N TYR C 277 1.74 -28.30 67.44
CA TYR C 277 2.95 -27.86 66.76
C TYR C 277 3.14 -26.36 66.98
N LEU C 278 2.05 -25.61 66.88
CA LEU C 278 2.08 -24.17 67.07
C LEU C 278 2.52 -23.85 68.49
N ARG C 279 2.03 -24.62 69.45
CA ARG C 279 2.33 -24.43 70.85
C ARG C 279 3.76 -24.80 71.24
N SER C 280 4.24 -25.94 70.74
CA SER C 280 5.59 -26.36 71.07
C SER C 280 6.60 -25.44 70.41
N ARG C 281 6.69 -25.48 69.09
CA ARG C 281 7.66 -24.64 68.38
C ARG C 281 7.57 -23.14 68.72
N GLY C 282 6.36 -22.59 68.78
CA GLY C 282 6.19 -21.19 69.13
C GLY C 282 6.79 -20.11 68.23
N ARG C 283 6.49 -18.86 68.58
CA ARG C 283 6.94 -17.68 67.84
C ARG C 283 8.45 -17.53 67.72
N SER C 284 9.17 -18.12 68.66
CA SER C 284 10.63 -18.04 68.66
C SER C 284 11.25 -18.94 67.62
N VAL C 285 10.41 -19.66 66.89
CA VAL C 285 10.92 -20.58 65.88
C VAL C 285 10.22 -20.43 64.55
N LEU C 286 8.93 -20.11 64.59
CA LEU C 286 8.11 -19.95 63.39
C LEU C 286 8.01 -18.51 62.91
N GLY C 287 8.47 -18.27 61.67
CA GLY C 287 8.41 -16.94 61.12
C GLY C 287 7.13 -16.72 60.33
N GLY C 288 6.99 -15.53 59.77
CA GLY C 288 5.79 -15.21 59.00
C GLY C 288 5.55 -16.19 57.87
N ASP C 289 6.60 -16.47 57.10
CA ASP C 289 6.45 -17.38 55.99
C ASP C 289 5.89 -18.73 56.41
N CYS C 290 6.42 -19.26 57.49
CA CYS C 290 5.95 -20.54 57.98
C CYS C 290 4.46 -20.48 58.25
N LEU C 291 4.03 -19.49 59.04
CA LEU C 291 2.61 -19.34 59.37
C LEU C 291 1.73 -19.22 58.12
N LEU C 292 2.12 -18.32 57.23
CA LEU C 292 1.37 -18.10 56.00
C LEU C 292 1.28 -19.40 55.20
N LYS C 293 2.37 -20.15 55.17
CA LYS C 293 2.37 -21.42 54.43
C LYS C 293 1.38 -22.43 54.99
N PHE C 294 1.23 -22.48 56.32
CA PHE C 294 0.29 -23.41 56.93
C PHE C 294 -1.13 -22.98 56.53
N SER C 295 -1.34 -21.68 56.52
CA SER C 295 -2.62 -21.11 56.15
C SER C 295 -3.02 -21.48 54.73
N LEU C 296 -2.07 -21.45 53.81
CA LEU C 296 -2.34 -21.83 52.44
C LEU C 296 -2.57 -23.33 52.37
N ASP C 297 -1.81 -24.09 53.15
CA ASP C 297 -1.99 -25.54 53.16
C ASP C 297 -3.44 -25.86 53.46
N VAL C 298 -3.93 -25.34 54.58
CA VAL C 298 -5.29 -25.60 54.97
C VAL C 298 -6.28 -25.05 53.94
N CYS C 299 -6.05 -23.81 53.52
CA CYS C 299 -6.93 -23.20 52.55
C CYS C 299 -7.06 -24.05 51.29
N GLU C 300 -5.94 -24.55 50.79
CA GLU C 300 -6.03 -25.37 49.60
C GLU C 300 -6.82 -26.63 49.81
N ALA C 301 -6.74 -27.20 51.01
CA ALA C 301 -7.48 -28.42 51.27
C ALA C 301 -8.96 -28.09 51.25
N MET C 302 -9.30 -27.03 51.96
CA MET C 302 -10.67 -26.58 52.04
C MET C 302 -11.22 -26.27 50.66
N GLU C 303 -10.39 -25.65 49.80
CA GLU C 303 -10.85 -25.34 48.46
C GLU C 303 -11.20 -26.63 47.72
N TYR C 304 -10.36 -27.66 47.90
CA TYR C 304 -10.64 -28.93 47.26
C TYR C 304 -11.95 -29.53 47.78
N LEU C 305 -12.22 -29.37 49.07
CA LEU C 305 -13.45 -29.92 49.64
C LEU C 305 -14.65 -29.17 49.05
N GLU C 306 -14.60 -27.84 49.07
CA GLU C 306 -15.69 -27.05 48.49
C GLU C 306 -15.84 -27.53 47.05
N GLY C 307 -14.72 -27.57 46.35
CA GLY C 307 -14.72 -28.03 44.97
C GLY C 307 -15.34 -29.40 44.77
N ASN C 308 -15.42 -30.22 45.82
CA ASN C 308 -16.03 -31.55 45.64
C ASN C 308 -17.37 -31.76 46.34
N ASN C 309 -17.98 -30.69 46.84
CA ASN C 309 -19.28 -30.75 47.51
C ASN C 309 -19.23 -31.38 48.89
N PHE C 310 -18.17 -31.11 49.62
CA PHE C 310 -18.03 -31.63 50.97
C PHE C 310 -17.92 -30.45 51.91
N VAL C 311 -18.53 -30.58 53.08
CA VAL C 311 -18.45 -29.54 54.11
C VAL C 311 -17.83 -30.30 55.28
N HIS C 312 -16.75 -29.77 55.82
CA HIS C 312 -16.03 -30.43 56.90
C HIS C 312 -16.79 -30.48 58.22
N ARG C 313 -17.33 -29.34 58.62
CA ARG C 313 -18.10 -29.18 59.85
C ARG C 313 -17.33 -29.20 61.14
N ASP C 314 -16.04 -29.52 61.10
CA ASP C 314 -15.26 -29.56 62.34
C ASP C 314 -13.83 -29.10 62.11
N LEU C 315 -13.67 -28.05 61.34
CA LEU C 315 -12.35 -27.53 61.03
C LEU C 315 -11.83 -26.73 62.20
N ALA C 316 -10.61 -27.06 62.63
CA ALA C 316 -9.98 -26.36 63.74
C ALA C 316 -8.54 -26.86 63.75
N ALA C 317 -7.63 -26.04 64.25
CA ALA C 317 -6.23 -26.41 64.30
C ALA C 317 -5.97 -27.80 64.90
N ARG C 318 -6.74 -28.19 65.92
CA ARG C 318 -6.53 -29.49 66.52
C ARG C 318 -6.83 -30.60 65.53
N ASN C 319 -7.60 -30.28 64.50
CA ASN C 319 -7.97 -31.26 63.49
C ASN C 319 -7.16 -31.16 62.20
N VAL C 320 -5.96 -30.61 62.31
CA VAL C 320 -5.08 -30.51 61.17
C VAL C 320 -3.77 -31.16 61.62
N LEU C 321 -3.28 -32.11 60.85
CA LEU C 321 -2.04 -32.78 61.19
C LEU C 321 -0.88 -32.19 60.40
N VAL C 322 0.33 -32.35 60.92
CA VAL C 322 1.52 -31.85 60.25
C VAL C 322 2.42 -33.04 59.92
N SER C 323 2.99 -33.07 58.71
CA SER C 323 3.86 -34.17 58.29
C SER C 323 5.32 -33.92 58.67
N GLU C 324 6.17 -34.91 58.39
CA GLU C 324 7.58 -34.80 58.70
C GLU C 324 8.21 -33.61 57.96
N ASP C 325 7.65 -33.29 56.80
CA ASP C 325 8.16 -32.17 56.01
C ASP C 325 7.45 -30.87 56.31
N ASN C 326 6.83 -30.81 57.47
CA ASN C 326 6.12 -29.64 57.93
C ASN C 326 4.99 -29.17 57.01
N VAL C 327 4.32 -30.11 56.38
CA VAL C 327 3.17 -29.77 55.54
C VAL C 327 1.92 -30.06 56.36
N ALA C 328 1.06 -29.05 56.51
CA ALA C 328 -0.18 -29.21 57.26
C ALA C 328 -1.22 -29.85 56.35
N LYS C 329 -2.02 -30.75 56.91
CA LYS C 329 -3.07 -31.43 56.16
C LYS C 329 -4.30 -31.64 57.02
N VAL C 330 -5.46 -31.35 56.46
CA VAL C 330 -6.71 -31.49 57.17
C VAL C 330 -7.07 -32.96 57.36
N SER C 331 -7.67 -33.28 58.49
CA SER C 331 -8.08 -34.65 58.78
C SER C 331 -9.37 -34.59 59.57
N ASP C 332 -9.75 -35.71 60.16
CA ASP C 332 -10.97 -35.80 60.95
C ASP C 332 -12.18 -35.56 60.08
N PHE C 333 -12.43 -36.49 59.17
CA PHE C 333 -13.56 -36.36 58.26
C PHE C 333 -14.80 -37.10 58.69
N GLY C 334 -14.92 -37.39 59.99
CA GLY C 334 -16.07 -38.12 60.49
C GLY C 334 -17.39 -37.40 60.27
N LEU C 335 -17.35 -36.08 60.31
CA LEU C 335 -18.55 -35.29 60.10
C LEU C 335 -18.62 -34.74 58.68
N THR C 336 -17.59 -35.02 57.89
CA THR C 336 -17.54 -34.53 56.52
C THR C 336 -18.63 -35.10 55.63
N LYS C 337 -19.39 -34.22 55.00
CA LYS C 337 -20.47 -34.63 54.10
C LYS C 337 -20.96 -33.46 53.26
N GLU C 338 -21.73 -33.76 52.23
CA GLU C 338 -22.32 -32.77 51.35
C GLU C 338 -23.22 -31.86 52.20
N ALA C 339 -23.10 -30.55 52.03
CA ALA C 339 -23.89 -29.59 52.81
C ALA C 339 -25.30 -30.09 53.10
N SER C 340 -25.61 -30.23 54.39
CA SER C 340 -26.90 -30.72 54.87
C SER C 340 -28.03 -30.68 53.82
N LEU C 348 -24.00 -29.03 70.31
CA LEU C 348 -22.90 -28.79 69.36
C LEU C 348 -21.91 -27.77 69.90
N PRO C 349 -20.60 -28.01 69.67
CA PRO C 349 -19.51 -27.12 70.11
C PRO C 349 -19.74 -25.72 69.57
N VAL C 350 -19.28 -24.73 70.32
CA VAL C 350 -19.51 -23.33 69.98
C VAL C 350 -18.41 -22.52 69.30
N LYS C 351 -17.25 -22.47 69.92
CA LYS C 351 -16.11 -21.69 69.45
C LYS C 351 -15.66 -21.69 67.99
N TRP C 352 -15.79 -22.82 67.29
CA TRP C 352 -15.34 -22.90 65.91
C TRP C 352 -16.46 -22.86 64.87
N THR C 353 -17.69 -23.04 65.34
CA THR C 353 -18.84 -23.08 64.45
C THR C 353 -19.49 -21.75 64.16
N ALA C 354 -20.02 -21.63 62.95
CA ALA C 354 -20.67 -20.40 62.50
C ALA C 354 -22.06 -20.22 63.12
N PRO C 355 -22.37 -18.98 63.56
CA PRO C 355 -23.65 -18.64 64.18
C PRO C 355 -24.88 -19.20 63.49
N GLU C 356 -24.94 -19.11 62.16
CA GLU C 356 -26.10 -19.64 61.43
C GLU C 356 -26.21 -21.14 61.63
N ALA C 357 -25.06 -21.81 61.54
CA ALA C 357 -24.99 -23.26 61.69
C ALA C 357 -25.57 -23.70 63.03
N LEU C 358 -25.01 -23.17 64.11
CA LEU C 358 -25.46 -23.48 65.44
C LEU C 358 -26.98 -23.37 65.57
N ARG C 359 -27.51 -22.23 65.09
CA ARG C 359 -28.95 -21.97 65.15
C ARG C 359 -29.76 -22.81 64.18
N GLU C 360 -29.74 -22.45 62.90
CA GLU C 360 -30.51 -23.17 61.90
C GLU C 360 -30.14 -24.64 61.81
N LYS C 361 -29.15 -25.05 62.60
CA LYS C 361 -28.67 -26.44 62.62
C LYS C 361 -28.40 -26.97 61.21
N LYS C 362 -27.65 -26.20 60.43
CA LYS C 362 -27.32 -26.60 59.06
C LYS C 362 -25.91 -26.13 58.70
N PHE C 363 -25.21 -26.94 57.90
CA PHE C 363 -23.86 -26.59 57.50
C PHE C 363 -23.66 -26.32 56.02
N SER C 364 -22.56 -25.64 55.73
CA SER C 364 -22.22 -25.28 54.37
C SER C 364 -20.77 -24.80 54.31
N THR C 365 -20.26 -24.65 53.08
CA THR C 365 -18.92 -24.17 52.88
C THR C 365 -18.80 -22.84 53.61
N LYS C 366 -19.86 -22.05 53.58
CA LYS C 366 -19.81 -20.76 54.26
C LYS C 366 -19.55 -20.93 55.76
N SER C 367 -20.15 -21.95 56.39
CA SER C 367 -19.89 -22.15 57.81
C SER C 367 -18.44 -22.58 57.97
N ASP C 368 -17.95 -23.44 57.05
CA ASP C 368 -16.57 -23.91 57.05
C ASP C 368 -15.65 -22.72 56.91
N VAL C 369 -16.01 -21.76 56.05
CA VAL C 369 -15.16 -20.59 55.89
C VAL C 369 -15.04 -19.88 57.21
N TRP C 370 -16.17 -19.79 57.93
CA TRP C 370 -16.18 -19.15 59.25
C TRP C 370 -15.13 -19.84 60.12
N SER C 371 -15.17 -21.18 60.13
CA SER C 371 -14.21 -21.95 60.91
C SER C 371 -12.80 -21.59 60.47
N PHE C 372 -12.59 -21.55 59.16
CA PHE C 372 -11.29 -21.23 58.62
C PHE C 372 -10.77 -19.97 59.30
N GLY C 373 -11.63 -18.97 59.43
CA GLY C 373 -11.20 -17.74 60.09
C GLY C 373 -10.70 -18.01 61.51
N ILE C 374 -11.45 -18.81 62.26
CA ILE C 374 -11.05 -19.13 63.62
C ILE C 374 -9.72 -19.87 63.59
N LEU C 375 -9.62 -20.86 62.70
CA LEU C 375 -8.40 -21.65 62.52
C LEU C 375 -7.26 -20.67 62.24
N LEU C 376 -7.52 -19.70 61.37
CA LEU C 376 -6.52 -18.70 61.03
C LEU C 376 -6.08 -17.94 62.27
N TRP C 377 -7.03 -17.51 63.08
CA TRP C 377 -6.70 -16.79 64.30
C TRP C 377 -5.80 -17.68 65.17
N GLU C 378 -6.18 -18.96 65.32
CA GLU C 378 -5.37 -19.89 66.10
C GLU C 378 -3.95 -19.95 65.58
N ILE C 379 -3.82 -20.04 64.25
CA ILE C 379 -2.50 -20.13 63.65
C ILE C 379 -1.61 -18.97 64.01
N TYR C 380 -2.09 -17.75 63.81
CA TYR C 380 -1.30 -16.58 64.14
C TYR C 380 -1.20 -16.35 65.64
N SER C 381 -2.04 -17.05 66.40
CA SER C 381 -2.02 -16.94 67.86
C SER C 381 -1.11 -18.05 68.44
N PHE C 382 -0.63 -18.93 67.56
CA PHE C 382 0.24 -20.03 67.96
C PHE C 382 -0.42 -21.08 68.85
N GLY C 383 -1.66 -21.45 68.53
CA GLY C 383 -2.34 -22.47 69.31
C GLY C 383 -3.12 -21.95 70.50
N ARG C 384 -3.15 -20.63 70.66
CA ARG C 384 -3.89 -20.04 71.77
C ARG C 384 -5.34 -20.46 71.58
N VAL C 385 -6.09 -20.49 72.67
CA VAL C 385 -7.47 -20.91 72.62
C VAL C 385 -8.34 -19.78 72.11
N PRO C 386 -9.33 -20.10 71.26
CA PRO C 386 -10.20 -19.06 70.73
C PRO C 386 -10.99 -18.41 71.86
N TYR C 387 -11.29 -17.13 71.70
CA TYR C 387 -12.04 -16.37 72.68
C TYR C 387 -11.49 -16.39 74.09
N PRO C 388 -10.30 -15.81 74.29
CA PRO C 388 -9.71 -15.79 75.63
C PRO C 388 -10.61 -14.98 76.58
N ARG C 389 -10.60 -15.33 77.86
CA ARG C 389 -11.40 -14.65 78.88
C ARG C 389 -12.82 -14.28 78.43
N ILE C 390 -13.61 -15.29 78.06
CA ILE C 390 -15.00 -15.09 77.63
C ILE C 390 -15.76 -16.40 77.80
N PRO C 391 -16.47 -16.57 78.91
CA PRO C 391 -17.26 -17.78 79.20
C PRO C 391 -18.07 -18.32 78.03
N LEU C 392 -17.95 -19.62 77.80
CA LEU C 392 -18.66 -20.30 76.72
C LEU C 392 -20.13 -19.89 76.62
N LYS C 393 -20.68 -19.42 77.72
CA LYS C 393 -22.07 -19.01 77.75
C LYS C 393 -22.37 -17.84 76.83
N ASP C 394 -21.51 -16.81 76.89
CA ASP C 394 -21.71 -15.59 76.09
C ASP C 394 -21.13 -15.56 74.69
N VAL C 395 -20.27 -16.52 74.34
CA VAL C 395 -19.64 -16.55 73.01
C VAL C 395 -20.63 -16.30 71.88
N VAL C 396 -21.63 -17.16 71.74
CA VAL C 396 -22.63 -16.99 70.69
C VAL C 396 -23.30 -15.62 70.78
N PRO C 397 -23.99 -15.35 71.90
CA PRO C 397 -24.67 -14.07 72.08
C PRO C 397 -23.76 -12.87 71.81
N ARG C 398 -22.57 -12.89 72.40
CA ARG C 398 -21.61 -11.82 72.24
C ARG C 398 -21.19 -11.68 70.77
N VAL C 399 -20.99 -12.82 70.11
CA VAL C 399 -20.60 -12.84 68.70
C VAL C 399 -21.76 -12.39 67.83
N GLU C 400 -22.95 -12.92 68.11
CA GLU C 400 -24.14 -12.58 67.34
C GLU C 400 -24.44 -11.09 67.39
N LYS C 401 -23.68 -10.36 68.21
CA LYS C 401 -23.88 -8.93 68.31
C LYS C 401 -22.61 -8.20 67.91
N GLY C 402 -21.97 -8.72 66.86
CA GLY C 402 -20.76 -8.12 66.33
C GLY C 402 -19.41 -8.35 67.01
N TYR C 403 -19.27 -9.40 67.79
CA TYR C 403 -17.97 -9.63 68.42
C TYR C 403 -17.02 -10.39 67.48
N LYS C 404 -15.78 -9.95 67.44
CA LYS C 404 -14.73 -10.57 66.63
C LYS C 404 -13.49 -10.48 67.51
N MET C 405 -12.72 -11.56 67.59
CA MET C 405 -11.52 -11.53 68.42
C MET C 405 -10.55 -10.51 67.89
N ASP C 406 -9.77 -9.91 68.77
CA ASP C 406 -8.78 -8.93 68.34
C ASP C 406 -7.69 -9.63 67.54
N ALA C 407 -6.95 -8.87 66.76
CA ALA C 407 -5.88 -9.43 65.96
C ALA C 407 -4.78 -9.90 66.91
N PRO C 408 -4.19 -11.07 66.65
CA PRO C 408 -3.12 -11.60 67.49
C PRO C 408 -1.85 -10.76 67.42
N ASP C 409 -1.07 -10.78 68.50
CA ASP C 409 0.18 -10.03 68.55
C ASP C 409 1.07 -10.46 67.39
N GLY C 410 1.64 -9.49 66.69
CA GLY C 410 2.52 -9.76 65.58
C GLY C 410 1.80 -10.10 64.28
N CYS C 411 0.48 -10.13 64.33
CA CYS C 411 -0.30 -10.46 63.15
C CYS C 411 -0.34 -9.38 62.07
N PRO C 412 0.01 -9.74 60.83
CA PRO C 412 0.01 -8.82 59.69
C PRO C 412 -1.43 -8.34 59.44
N PRO C 413 -1.65 -7.02 59.43
CA PRO C 413 -2.98 -6.46 59.20
C PRO C 413 -3.71 -7.14 58.04
N ALA C 414 -3.02 -7.34 56.93
CA ALA C 414 -3.65 -8.00 55.79
C ALA C 414 -4.24 -9.35 56.21
N VAL C 415 -3.46 -10.16 56.92
CA VAL C 415 -3.96 -11.47 57.36
C VAL C 415 -5.17 -11.30 58.26
N TYR C 416 -5.14 -10.30 59.14
CA TYR C 416 -6.28 -10.09 60.01
C TYR C 416 -7.52 -9.70 59.18
N ASP C 417 -7.29 -8.99 58.08
CA ASP C 417 -8.37 -8.60 57.20
C ASP C 417 -9.01 -9.86 56.60
N VAL C 418 -8.20 -10.88 56.34
CA VAL C 418 -8.74 -12.12 55.80
C VAL C 418 -9.67 -12.76 56.85
N MET C 419 -9.20 -12.82 58.10
CA MET C 419 -9.99 -13.39 59.20
C MET C 419 -11.31 -12.65 59.31
N LYS C 420 -11.22 -11.32 59.31
CA LYS C 420 -12.41 -10.50 59.43
C LYS C 420 -13.39 -10.81 58.30
N ASN C 421 -12.88 -10.96 57.09
CA ASN C 421 -13.73 -11.26 55.95
C ASN C 421 -14.42 -12.62 56.15
N CYS C 422 -13.80 -13.51 56.92
CA CYS C 422 -14.38 -14.83 57.19
C CYS C 422 -15.45 -14.75 58.27
N TRP C 423 -15.38 -13.73 59.12
CA TRP C 423 -16.36 -13.58 60.21
C TRP C 423 -17.61 -12.71 59.98
N HIS C 424 -17.96 -12.42 58.73
CA HIS C 424 -19.17 -11.64 58.48
C HIS C 424 -20.37 -12.47 58.92
N LEU C 425 -21.37 -11.83 59.53
CA LEU C 425 -22.55 -12.54 60.01
C LEU C 425 -23.39 -13.01 58.84
N ASP C 426 -23.32 -12.29 57.72
CA ASP C 426 -24.07 -12.69 56.54
C ASP C 426 -23.21 -13.70 55.79
N ALA C 427 -23.52 -14.98 55.94
CA ALA C 427 -22.78 -16.05 55.29
C ALA C 427 -22.39 -15.73 53.84
N ALA C 428 -23.39 -15.40 53.03
CA ALA C 428 -23.17 -15.10 51.62
C ALA C 428 -22.06 -14.09 51.38
N THR C 429 -21.86 -13.20 52.33
CA THR C 429 -20.84 -12.17 52.23
C THR C 429 -19.43 -12.71 52.43
N ARG C 430 -19.31 -13.90 53.02
CA ARG C 430 -18.00 -14.50 53.26
C ARG C 430 -17.43 -15.02 51.94
N PRO C 431 -16.11 -14.98 51.80
CA PRO C 431 -15.43 -15.44 50.58
C PRO C 431 -15.47 -16.95 50.38
N THR C 432 -15.16 -17.38 49.15
CA THR C 432 -15.10 -18.79 48.84
C THR C 432 -13.67 -19.15 49.22
N PHE C 433 -13.37 -20.44 49.29
CA PHE C 433 -12.02 -20.84 49.62
C PHE C 433 -11.06 -20.41 48.52
N LEU C 434 -11.55 -20.35 47.27
CA LEU C 434 -10.68 -19.90 46.18
C LEU C 434 -10.29 -18.43 46.39
N GLN C 435 -11.26 -17.57 46.69
CA GLN C 435 -10.96 -16.14 46.91
C GLN C 435 -10.01 -15.96 48.06
N LEU C 436 -10.14 -16.86 49.04
CA LEU C 436 -9.30 -16.87 50.23
C LEU C 436 -7.89 -17.30 49.82
N ARG C 437 -7.80 -18.32 48.96
CA ARG C 437 -6.50 -18.77 48.51
C ARG C 437 -5.76 -17.64 47.79
N GLU C 438 -6.40 -17.01 46.83
CA GLU C 438 -5.75 -15.95 46.08
C GLU C 438 -5.32 -14.79 46.96
N GLN C 439 -6.11 -14.45 47.98
CA GLN C 439 -5.71 -13.33 48.83
C GLN C 439 -4.47 -13.71 49.62
N LEU C 440 -4.46 -14.93 50.13
CA LEU C 440 -3.31 -15.43 50.87
C LEU C 440 -2.10 -15.43 49.93
N GLU C 441 -2.28 -15.89 48.70
CA GLU C 441 -1.18 -15.89 47.72
C GLU C 441 -0.75 -14.46 47.39
N HIS C 442 -1.72 -13.56 47.31
CA HIS C 442 -1.44 -12.17 47.02
C HIS C 442 -0.57 -11.63 48.14
N ILE C 443 -0.95 -11.96 49.37
CA ILE C 443 -0.23 -11.51 50.55
C ILE C 443 1.21 -11.97 50.56
N ARG C 444 1.48 -13.19 50.11
CA ARG C 444 2.85 -13.67 50.12
C ARG C 444 3.64 -13.13 48.95
N THR C 445 3.01 -12.96 47.80
CA THR C 445 3.74 -12.44 46.65
C THR C 445 4.32 -11.07 46.98
N HIS C 446 3.55 -10.27 47.70
CA HIS C 446 4.01 -8.93 48.02
C HIS C 446 4.60 -8.77 49.42
N GLU C 447 4.66 -9.87 50.15
CA GLU C 447 5.25 -9.90 51.48
C GLU C 447 4.56 -9.02 52.52
N LEU C 448 3.23 -9.01 52.47
CA LEU C 448 2.44 -8.22 53.39
C LEU C 448 2.43 -8.88 54.79
N HIS C 449 2.89 -10.13 54.84
CA HIS C 449 2.95 -10.87 56.10
C HIS C 449 4.28 -10.60 56.81
N LEU C 450 5.24 -10.06 56.06
CA LEU C 450 6.55 -9.73 56.58
C LEU C 450 6.61 -8.26 56.97
N ALA D 6 14.92 17.60 -38.76
CA ALA D 6 13.75 17.27 -37.90
C ALA D 6 14.20 17.24 -36.45
N SER D 7 15.51 17.39 -36.24
CA SER D 7 16.08 17.37 -34.89
C SER D 7 15.76 18.66 -34.14
N TRP D 8 15.58 18.54 -32.82
CA TRP D 8 15.28 19.71 -32.02
C TRP D 8 16.38 20.74 -32.03
N PRO D 9 15.99 22.01 -32.21
CA PRO D 9 16.87 23.17 -32.25
C PRO D 9 17.31 23.50 -30.83
N SER D 10 18.51 24.06 -30.73
CA SER D 10 19.04 24.44 -29.44
C SER D 10 18.06 25.43 -28.78
N GLY D 11 17.86 25.27 -27.47
CA GLY D 11 16.96 26.15 -26.74
C GLY D 11 15.59 25.56 -26.50
N THR D 12 15.23 24.56 -27.32
CA THR D 12 13.95 23.86 -27.24
C THR D 12 13.74 23.23 -25.86
N GLU D 13 12.48 23.24 -25.42
CA GLU D 13 12.08 22.69 -24.13
C GLU D 13 11.30 21.40 -24.33
N CYS D 14 11.79 20.33 -23.74
CA CYS D 14 11.12 19.03 -23.82
C CYS D 14 10.79 18.56 -22.41
N ILE D 15 9.63 17.95 -22.24
CA ILE D 15 9.20 17.45 -20.93
C ILE D 15 9.52 15.96 -20.77
N ALA D 16 10.12 15.59 -19.64
CA ALA D 16 10.49 14.20 -19.38
C ALA D 16 9.26 13.32 -19.28
N LYS D 17 9.17 12.32 -20.15
CA LYS D 17 8.03 11.41 -20.16
C LYS D 17 8.16 10.30 -19.10
N TYR D 18 9.39 10.00 -18.69
CA TYR D 18 9.64 8.96 -17.71
C TYR D 18 10.88 9.38 -16.94
N ASN D 19 11.21 8.64 -15.89
CA ASN D 19 12.43 8.94 -15.16
C ASN D 19 13.54 8.35 -16.01
N PHE D 20 14.70 9.01 -16.03
CA PHE D 20 15.85 8.51 -16.78
C PHE D 20 16.97 8.40 -15.76
N HIS D 21 17.53 7.20 -15.59
CA HIS D 21 18.57 7.00 -14.59
C HIS D 21 19.96 7.09 -15.10
N GLY D 22 20.12 7.13 -16.42
CA GLY D 22 21.46 7.25 -16.96
C GLY D 22 22.03 5.95 -17.45
N THR D 23 22.79 6.00 -18.54
CA THR D 23 23.38 4.80 -19.08
C THR D 23 24.89 4.91 -19.15
N ALA D 24 25.40 6.12 -18.91
CA ALA D 24 26.84 6.40 -18.96
C ALA D 24 27.17 7.65 -18.17
N GLU D 25 28.45 7.88 -17.92
CA GLU D 25 28.89 9.06 -17.16
C GLU D 25 28.48 10.41 -17.77
N GLN D 26 28.42 10.46 -19.10
CA GLN D 26 28.05 11.70 -19.79
C GLN D 26 26.56 11.97 -19.72
N ASP D 27 25.81 11.01 -19.23
CA ASP D 27 24.36 11.16 -19.15
C ASP D 27 23.84 12.08 -18.05
N LEU D 28 22.72 12.73 -18.35
CA LEU D 28 22.09 13.62 -17.40
C LEU D 28 20.78 13.01 -16.93
N PRO D 29 20.76 12.49 -15.70
CA PRO D 29 19.52 11.89 -15.19
C PRO D 29 18.46 12.97 -15.03
N PHE D 30 17.20 12.54 -14.96
CA PHE D 30 16.10 13.46 -14.78
C PHE D 30 14.87 12.66 -14.40
N CYS D 31 13.88 13.35 -13.86
CA CYS D 31 12.63 12.70 -13.42
C CYS D 31 11.46 13.04 -14.32
N LYS D 32 10.47 12.17 -14.32
CA LYS D 32 9.27 12.41 -15.11
C LYS D 32 8.69 13.80 -14.75
N GLY D 33 8.36 14.59 -15.77
CA GLY D 33 7.80 15.90 -15.52
C GLY D 33 8.82 17.03 -15.54
N ASP D 34 10.09 16.68 -15.46
CA ASP D 34 11.16 17.67 -15.49
C ASP D 34 11.23 18.35 -16.85
N VAL D 35 11.70 19.59 -16.83
CA VAL D 35 11.85 20.34 -18.05
C VAL D 35 13.32 20.25 -18.40
N LEU D 36 13.59 19.83 -19.63
CA LEU D 36 14.95 19.71 -20.11
C LEU D 36 15.13 20.70 -21.27
N THR D 37 16.24 21.43 -21.24
CA THR D 37 16.49 22.41 -22.29
C THR D 37 17.52 21.82 -23.23
N ILE D 38 17.19 21.79 -24.51
CA ILE D 38 18.08 21.22 -25.52
C ILE D 38 19.26 22.12 -25.85
N VAL D 39 20.46 21.56 -25.80
CA VAL D 39 21.63 22.34 -26.13
C VAL D 39 21.95 22.03 -27.59
N ALA D 40 21.99 20.74 -27.92
CA ALA D 40 22.27 20.31 -29.28
C ALA D 40 22.20 18.79 -29.40
N VAL D 41 21.81 18.31 -30.58
CA VAL D 41 21.75 16.88 -30.83
C VAL D 41 23.18 16.34 -30.99
N THR D 42 23.35 15.04 -30.81
CA THR D 42 24.67 14.43 -30.96
C THR D 42 24.78 13.77 -32.33
N LYS D 43 25.92 13.13 -32.59
CA LYS D 43 26.12 12.43 -33.87
C LYS D 43 24.92 11.51 -34.06
N ASP D 44 24.42 10.97 -32.95
CA ASP D 44 23.29 10.05 -32.94
C ASP D 44 21.95 10.79 -32.69
N PRO D 45 21.04 10.78 -33.67
CA PRO D 45 19.73 11.42 -33.60
C PRO D 45 18.90 10.99 -32.39
N ASN D 46 19.30 9.88 -31.77
CA ASN D 46 18.56 9.39 -30.62
C ASN D 46 18.95 10.10 -29.32
N TRP D 47 20.08 10.79 -29.32
CA TRP D 47 20.55 11.47 -28.13
C TRP D 47 20.87 12.95 -28.30
N TYR D 48 20.59 13.71 -27.25
CA TYR D 48 20.83 15.14 -27.24
C TYR D 48 21.62 15.58 -26.02
N LYS D 49 22.33 16.69 -26.15
CA LYS D 49 23.06 17.27 -25.03
C LYS D 49 22.03 18.27 -24.53
N ALA D 50 21.70 18.22 -23.25
CA ALA D 50 20.70 19.13 -22.67
C ALA D 50 21.06 19.60 -21.26
N LYS D 51 20.24 20.49 -20.71
CA LYS D 51 20.43 21.01 -19.36
C LYS D 51 19.12 21.01 -18.58
N ASN D 52 19.21 20.82 -17.26
CA ASN D 52 18.01 20.86 -16.41
C ASN D 52 17.89 22.26 -15.81
N LYS D 53 16.88 22.46 -14.98
CA LYS D 53 16.57 23.75 -14.36
C LYS D 53 17.62 24.34 -13.44
N VAL D 54 18.66 23.57 -13.16
CA VAL D 54 19.69 24.00 -12.25
C VAL D 54 21.02 24.21 -12.98
N GLY D 55 21.00 23.99 -14.30
CA GLY D 55 22.21 24.18 -15.08
C GLY D 55 23.01 22.93 -15.41
N ARG D 56 22.67 21.78 -14.83
CA ARG D 56 23.43 20.57 -15.14
C ARG D 56 23.29 20.22 -16.60
N GLU D 57 24.40 19.81 -17.21
CA GLU D 57 24.45 19.48 -18.63
C GLU D 57 24.87 18.02 -18.83
N GLY D 58 24.23 17.35 -19.78
CA GLY D 58 24.55 15.96 -20.04
C GLY D 58 23.77 15.39 -21.22
N ILE D 59 23.97 14.10 -21.52
CA ILE D 59 23.28 13.47 -22.63
C ILE D 59 21.94 12.84 -22.20
N ILE D 60 20.90 13.04 -23.01
CA ILE D 60 19.59 12.51 -22.72
C ILE D 60 19.04 11.83 -23.96
N PRO D 61 18.18 10.81 -23.79
CA PRO D 61 17.64 10.13 -24.96
C PRO D 61 16.33 10.78 -25.45
N ALA D 62 16.25 11.08 -26.74
CA ALA D 62 15.05 11.72 -27.30
C ALA D 62 13.77 11.02 -26.96
N ASN D 63 13.75 9.70 -27.08
CA ASN D 63 12.54 8.95 -26.80
C ASN D 63 11.96 9.18 -25.40
N TYR D 64 12.79 9.67 -24.48
CA TYR D 64 12.39 9.91 -23.10
C TYR D 64 11.77 11.27 -22.85
N VAL D 65 11.84 12.18 -23.83
CA VAL D 65 11.26 13.49 -23.62
C VAL D 65 10.32 13.88 -24.75
N GLN D 66 9.56 14.94 -24.52
CA GLN D 66 8.60 15.41 -25.51
C GLN D 66 8.62 16.91 -25.61
N LYS D 67 8.95 17.40 -26.79
CA LYS D 67 9.00 18.83 -27.02
C LYS D 67 7.69 19.50 -26.60
N ARG D 68 7.79 20.65 -25.94
CA ARG D 68 6.57 21.38 -25.57
C ARG D 68 6.57 22.55 -26.53
N GLU D 69 5.46 22.75 -27.22
CA GLU D 69 5.37 23.81 -28.21
C GLU D 69 4.00 24.46 -28.23
N GLY D 70 3.88 25.53 -29.01
CA GLY D 70 2.63 26.24 -29.11
C GLY D 70 1.52 25.42 -29.75
N VAL D 71 0.29 25.63 -29.27
CA VAL D 71 -0.86 24.95 -29.81
C VAL D 71 -1.65 26.08 -30.46
N LYS D 72 -1.59 26.14 -31.79
CA LYS D 72 -2.24 27.23 -32.51
C LYS D 72 -3.68 27.06 -32.95
N ALA D 73 -4.21 25.85 -32.88
CA ALA D 73 -5.59 25.58 -33.29
C ALA D 73 -6.54 26.71 -32.92
N GLY D 74 -6.31 27.33 -31.77
CA GLY D 74 -7.14 28.44 -31.33
C GLY D 74 -8.58 28.06 -31.11
N THR D 75 -9.48 28.75 -31.81
CA THR D 75 -10.91 28.50 -31.68
C THR D 75 -11.41 27.23 -32.39
N LYS D 76 -10.51 26.49 -33.01
CA LYS D 76 -10.89 25.27 -33.71
C LYS D 76 -10.73 24.04 -32.83
N LEU D 77 -10.43 24.25 -31.55
CA LEU D 77 -10.27 23.14 -30.62
C LEU D 77 -11.63 22.68 -30.15
N SER D 78 -11.80 21.37 -30.05
CA SER D 78 -13.07 20.80 -29.61
C SER D 78 -12.87 19.58 -28.73
N LEU D 79 -13.68 19.47 -27.68
CA LEU D 79 -13.60 18.32 -26.79
C LEU D 79 -14.39 17.16 -27.37
N MET D 80 -15.02 17.42 -28.51
CA MET D 80 -15.81 16.43 -29.22
C MET D 80 -15.59 16.59 -30.72
N PRO D 81 -14.39 16.21 -31.20
CA PRO D 81 -14.05 16.33 -32.62
C PRO D 81 -14.90 15.33 -33.39
N TRP D 82 -14.90 14.10 -32.87
CA TRP D 82 -15.61 12.97 -33.44
C TRP D 82 -17.12 13.15 -33.45
N PHE D 83 -17.60 14.27 -32.95
CA PHE D 83 -19.04 14.47 -32.93
C PHE D 83 -19.57 15.35 -34.03
N HIS D 84 -19.97 14.75 -35.14
CA HIS D 84 -20.53 15.54 -36.22
C HIS D 84 -21.92 15.94 -35.77
N GLY D 85 -22.94 15.18 -36.15
CA GLY D 85 -24.28 15.52 -35.73
C GLY D 85 -25.38 14.81 -36.49
N LYS D 86 -26.44 15.55 -36.80
CA LYS D 86 -27.58 15.02 -37.53
C LYS D 86 -27.26 14.82 -38.99
N ILE D 87 -26.51 13.76 -39.27
CA ILE D 87 -26.11 13.41 -40.63
C ILE D 87 -26.56 11.99 -40.93
N THR D 88 -27.26 11.79 -42.06
CA THR D 88 -27.75 10.48 -42.43
C THR D 88 -26.65 9.44 -42.24
N ARG D 89 -27.04 8.23 -41.83
CA ARG D 89 -26.07 7.18 -41.60
C ARG D 89 -25.31 6.82 -42.86
N GLU D 90 -25.68 7.44 -43.97
CA GLU D 90 -25.01 7.19 -45.24
C GLU D 90 -23.87 8.18 -45.46
N GLN D 91 -24.18 9.48 -45.42
CA GLN D 91 -23.18 10.51 -45.64
C GLN D 91 -22.08 10.44 -44.58
N ALA D 92 -22.19 9.44 -43.71
CA ALA D 92 -21.23 9.21 -42.65
C ALA D 92 -20.34 8.03 -43.01
N GLU D 93 -20.93 7.03 -43.63
CA GLU D 93 -20.18 5.84 -44.05
C GLU D 93 -19.17 6.26 -45.12
N ARG D 94 -19.45 7.38 -45.77
CA ARG D 94 -18.55 7.89 -46.79
C ARG D 94 -17.50 8.74 -46.08
N LEU D 95 -17.75 9.05 -44.81
CA LEU D 95 -16.82 9.83 -44.01
C LEU D 95 -15.79 8.88 -43.41
N LEU D 96 -16.11 7.59 -43.42
CA LEU D 96 -15.21 6.56 -42.92
C LEU D 96 -14.98 5.59 -44.08
N TYR D 97 -15.10 6.11 -45.30
CA TYR D 97 -14.92 5.34 -46.52
C TYR D 97 -13.63 4.51 -46.55
N PRO D 98 -12.46 5.15 -46.36
CA PRO D 98 -11.20 4.38 -46.38
C PRO D 98 -11.12 3.48 -45.14
N PRO D 99 -11.30 2.16 -45.33
CA PRO D 99 -11.26 1.15 -44.26
C PRO D 99 -10.07 1.24 -43.30
N GLU D 100 -10.27 1.95 -42.18
CA GLU D 100 -9.23 2.08 -41.16
C GLU D 100 -9.70 1.46 -39.86
N THR D 101 -8.95 0.49 -39.38
CA THR D 101 -9.28 -0.22 -38.14
C THR D 101 -9.16 0.63 -36.89
N GLY D 102 -10.27 1.26 -36.49
CA GLY D 102 -10.24 2.09 -35.29
C GLY D 102 -10.90 3.44 -35.46
N LEU D 103 -10.99 3.92 -36.70
CA LEU D 103 -11.60 5.22 -36.98
C LEU D 103 -13.06 5.16 -36.52
N PHE D 104 -13.52 6.21 -35.85
CA PHE D 104 -14.89 6.23 -35.36
C PHE D 104 -15.58 7.59 -35.52
N LEU D 105 -16.91 7.59 -35.38
CA LEU D 105 -17.70 8.80 -35.54
C LEU D 105 -18.98 8.70 -34.71
N VAL D 106 -19.53 9.84 -34.30
CA VAL D 106 -20.77 9.85 -33.52
C VAL D 106 -21.80 10.75 -34.18
N ARG D 107 -22.98 10.19 -34.47
CA ARG D 107 -24.07 10.92 -35.12
C ARG D 107 -25.30 10.88 -34.22
N GLU D 108 -26.20 11.84 -34.40
CA GLU D 108 -27.43 11.84 -33.60
C GLU D 108 -28.46 10.85 -34.15
N TYR D 116 -28.47 9.20 -30.79
CA TYR D 116 -27.03 9.05 -30.93
C TYR D 116 -26.59 7.65 -31.36
N THR D 117 -25.53 7.59 -32.17
CA THR D 117 -25.00 6.32 -32.68
C THR D 117 -23.46 6.34 -32.79
N LEU D 118 -22.83 5.28 -32.32
CA LEU D 118 -21.37 5.16 -32.38
C LEU D 118 -20.97 4.27 -33.56
N CYS D 119 -20.39 4.88 -34.60
CA CYS D 119 -19.98 4.17 -35.81
C CYS D 119 -18.46 3.98 -35.91
N VAL D 120 -18.00 2.75 -35.68
CA VAL D 120 -16.56 2.43 -35.75
C VAL D 120 -16.22 1.50 -36.91
N SER D 121 -15.22 1.89 -37.71
CA SER D 121 -14.79 1.07 -38.83
C SER D 121 -13.94 -0.10 -38.33
N CYS D 122 -14.56 -1.28 -38.31
CA CYS D 122 -13.90 -2.50 -37.86
C CYS D 122 -13.77 -3.49 -39.02
N GLU D 123 -12.72 -4.31 -38.97
CA GLU D 123 -12.45 -5.34 -39.98
C GLU D 123 -12.86 -4.97 -41.41
N GLY D 124 -12.88 -3.68 -41.72
CA GLY D 124 -13.25 -3.24 -43.05
C GLY D 124 -14.73 -2.96 -43.24
N LYS D 125 -15.48 -2.88 -42.14
CA LYS D 125 -16.92 -2.62 -42.23
C LYS D 125 -17.41 -1.48 -41.34
N VAL D 126 -18.51 -0.85 -41.77
CA VAL D 126 -19.11 0.27 -41.06
C VAL D 126 -20.10 -0.15 -39.98
N GLU D 127 -19.60 -0.40 -38.77
CA GLU D 127 -20.44 -0.81 -37.64
C GLU D 127 -21.23 0.37 -37.06
N HIS D 128 -22.53 0.16 -36.83
CA HIS D 128 -23.39 1.20 -36.26
C HIS D 128 -23.95 0.78 -34.89
N TYR D 129 -23.43 1.37 -33.82
CA TYR D 129 -23.88 1.06 -32.46
C TYR D 129 -24.80 2.18 -31.97
N ARG D 130 -26.04 1.84 -31.66
CA ARG D 130 -27.01 2.83 -31.19
C ARG D 130 -26.76 3.20 -29.73
N ILE D 131 -26.72 4.49 -29.44
CA ILE D 131 -26.49 4.97 -28.07
C ILE D 131 -27.83 5.41 -27.51
N MET D 132 -28.25 4.75 -26.43
CA MET D 132 -29.53 5.08 -25.80
C MET D 132 -29.39 6.19 -24.77
N TYR D 133 -30.36 7.11 -24.78
CA TYR D 133 -30.38 8.23 -23.85
C TYR D 133 -31.62 8.14 -22.95
N HIS D 134 -31.68 7.07 -22.16
CA HIS D 134 -32.81 6.85 -21.27
C HIS D 134 -32.45 7.18 -19.83
N ALA D 135 -33.38 7.81 -19.13
CA ALA D 135 -33.20 8.16 -17.73
C ALA D 135 -31.91 8.92 -17.45
N SER D 136 -31.75 10.06 -18.11
CA SER D 136 -30.57 10.89 -17.93
C SER D 136 -29.28 10.09 -18.03
N LYS D 137 -29.30 9.04 -18.84
CA LYS D 137 -28.11 8.21 -18.99
C LYS D 137 -27.88 7.77 -20.42
N LEU D 138 -26.62 7.47 -20.70
CA LEU D 138 -26.20 7.02 -22.02
C LEU D 138 -25.64 5.63 -21.87
N SER D 139 -26.02 4.74 -22.77
CA SER D 139 -25.53 3.37 -22.73
C SER D 139 -25.76 2.69 -24.06
N ILE D 140 -24.98 1.63 -24.29
CA ILE D 140 -25.10 0.86 -25.51
C ILE D 140 -25.47 -0.57 -25.15
N ASP D 141 -24.74 -1.16 -24.22
CA ASP D 141 -24.98 -2.54 -23.82
C ASP D 141 -25.87 -2.69 -22.58
N GLU D 142 -26.46 -1.59 -22.13
CA GLU D 142 -27.32 -1.60 -20.96
C GLU D 142 -26.59 -2.17 -19.74
N GLU D 143 -25.27 -2.24 -19.81
CA GLU D 143 -24.47 -2.77 -18.71
C GLU D 143 -23.63 -1.64 -18.13
N VAL D 144 -22.98 -0.88 -19.01
CA VAL D 144 -22.15 0.24 -18.58
C VAL D 144 -22.86 1.52 -19.03
N TYR D 145 -22.98 2.48 -18.12
CA TYR D 145 -23.66 3.73 -18.44
C TYR D 145 -22.76 4.96 -18.41
N PHE D 146 -23.26 6.08 -18.95
CA PHE D 146 -22.48 7.32 -18.97
C PHE D 146 -23.41 8.52 -18.91
N GLU D 147 -22.87 9.65 -18.43
CA GLU D 147 -23.61 10.89 -18.30
C GLU D 147 -23.52 11.75 -19.56
N ASN D 148 -22.51 11.50 -20.39
CA ASN D 148 -22.32 12.26 -21.62
C ASN D 148 -21.47 11.48 -22.62
N LEU D 149 -21.53 11.90 -23.88
CA LEU D 149 -20.80 11.25 -24.95
C LEU D 149 -19.30 11.23 -24.75
N MET D 150 -18.74 12.30 -24.20
CA MET D 150 -17.30 12.35 -23.97
C MET D 150 -16.86 11.18 -23.10
N GLN D 151 -17.55 11.00 -21.98
CA GLN D 151 -17.25 9.92 -21.05
C GLN D 151 -17.38 8.57 -21.76
N LEU D 152 -18.45 8.41 -22.52
CA LEU D 152 -18.72 7.19 -23.26
C LEU D 152 -17.54 6.91 -24.18
N VAL D 153 -17.27 7.88 -25.06
CA VAL D 153 -16.17 7.79 -26.02
C VAL D 153 -14.86 7.47 -25.32
N GLU D 154 -14.59 8.14 -24.20
CA GLU D 154 -13.37 7.88 -23.47
C GLU D 154 -13.31 6.44 -23.01
N HIS D 155 -14.41 5.94 -22.48
CA HIS D 155 -14.48 4.56 -21.98
C HIS D 155 -14.20 3.52 -23.06
N TYR D 156 -14.84 3.69 -24.22
CA TYR D 156 -14.66 2.76 -25.32
C TYR D 156 -13.38 3.02 -26.10
N THR D 157 -12.57 3.93 -25.57
CA THR D 157 -11.28 4.28 -26.15
C THR D 157 -10.22 3.57 -25.33
N THR D 158 -10.43 3.59 -24.02
CA THR D 158 -9.50 3.00 -23.06
C THR D 158 -9.60 1.48 -22.92
N ASP D 159 -10.82 0.94 -22.99
CA ASP D 159 -11.01 -0.49 -22.82
C ASP D 159 -11.73 -1.22 -23.97
N ALA D 160 -12.91 -0.73 -24.35
CA ALA D 160 -13.69 -1.36 -25.41
C ALA D 160 -14.14 -2.74 -24.98
N ASP D 161 -15.44 -2.89 -24.75
CA ASP D 161 -16.01 -4.17 -24.31
C ASP D 161 -16.65 -4.91 -25.47
N GLY D 162 -17.98 -4.80 -25.57
CA GLY D 162 -18.70 -5.46 -26.64
C GLY D 162 -18.39 -4.87 -28.00
N LEU D 163 -17.55 -3.83 -28.01
CA LEU D 163 -17.16 -3.18 -29.25
C LEU D 163 -16.12 -4.02 -29.96
N CYS D 164 -16.24 -4.14 -31.28
CA CYS D 164 -15.31 -4.92 -32.07
C CYS D 164 -13.84 -4.54 -31.89
N THR D 165 -13.58 -3.24 -31.79
CA THR D 165 -12.22 -2.73 -31.60
C THR D 165 -12.29 -1.36 -30.95
N ARG D 166 -11.62 -1.19 -29.83
CA ARG D 166 -11.63 0.10 -29.12
C ARG D 166 -11.40 1.26 -30.06
N LEU D 167 -11.97 2.40 -29.69
CA LEU D 167 -11.85 3.62 -30.48
C LEU D 167 -10.40 4.09 -30.58
N ILE D 168 -9.87 4.13 -31.80
CA ILE D 168 -8.48 4.53 -32.05
C ILE D 168 -8.34 5.98 -32.52
N LYS D 169 -8.79 6.25 -33.75
CA LYS D 169 -8.71 7.59 -34.30
C LYS D 169 -10.08 8.19 -34.58
N PRO D 170 -10.30 9.43 -34.13
CA PRO D 170 -11.57 10.14 -34.30
C PRO D 170 -11.70 10.72 -35.71
N LYS D 171 -12.90 10.68 -36.28
CA LYS D 171 -13.08 11.27 -37.59
C LYS D 171 -13.52 12.70 -37.31
N VAL D 172 -12.55 13.54 -37.03
CA VAL D 172 -12.77 14.95 -36.73
C VAL D 172 -13.72 15.60 -37.73
N MET D 173 -14.44 16.62 -37.28
CA MET D 173 -15.37 17.33 -38.14
C MET D 173 -14.69 18.56 -38.76
N GLU D 174 -15.34 19.17 -39.75
CA GLU D 174 -14.81 20.36 -40.44
C GLU D 174 -14.47 21.49 -39.46
N GLY D 175 -13.28 22.07 -39.63
CA GLY D 175 -12.87 23.15 -38.74
C GLY D 175 -12.90 22.74 -37.28
N THR D 176 -12.29 21.60 -37.00
CA THR D 176 -12.26 21.06 -35.65
C THR D 176 -10.95 20.37 -35.37
N VAL D 177 -10.50 20.49 -34.13
CA VAL D 177 -9.25 19.86 -33.72
C VAL D 177 -9.44 19.20 -32.37
N ALA D 178 -8.92 17.98 -32.23
CA ALA D 178 -9.02 17.21 -30.99
C ALA D 178 -8.22 17.88 -29.88
N ALA D 179 -8.92 18.62 -29.01
CA ALA D 179 -8.31 19.35 -27.91
C ALA D 179 -7.33 18.56 -27.04
N GLN D 180 -7.81 17.50 -26.39
CA GLN D 180 -6.97 16.69 -25.51
C GLN D 180 -5.78 16.14 -26.26
N ASP D 181 -5.99 15.84 -27.53
CA ASP D 181 -4.93 15.30 -28.35
C ASP D 181 -3.84 16.33 -28.62
N GLU D 182 -4.24 17.50 -29.12
CA GLU D 182 -3.29 18.55 -29.41
C GLU D 182 -2.42 18.93 -28.22
N PHE D 183 -3.05 19.30 -27.11
CA PHE D 183 -2.27 19.67 -25.95
C PHE D 183 -1.33 18.54 -25.54
N TYR D 184 -1.85 17.33 -25.48
CA TYR D 184 -1.01 16.19 -25.08
C TYR D 184 0.13 15.98 -26.05
N ARG D 185 -0.13 16.10 -27.34
CA ARG D 185 0.93 15.91 -28.32
C ARG D 185 1.92 17.06 -28.30
N SER D 186 1.45 18.23 -27.88
CA SER D 186 2.30 19.41 -27.86
C SER D 186 3.03 19.58 -26.53
N GLY D 187 2.98 18.53 -25.71
CA GLY D 187 3.65 18.55 -24.42
C GLY D 187 3.09 19.37 -23.27
N TRP D 188 1.77 19.52 -23.19
CA TRP D 188 1.19 20.30 -22.10
C TRP D 188 0.39 19.50 -21.07
N ALA D 189 0.47 18.17 -21.15
CA ALA D 189 -0.24 17.35 -20.18
C ALA D 189 0.45 17.34 -18.82
N LEU D 190 -0.33 17.48 -17.76
CA LEU D 190 0.22 17.43 -16.41
C LEU D 190 -0.18 16.09 -15.76
N ASN D 191 0.56 15.68 -14.74
CA ASN D 191 0.29 14.42 -14.05
C ASN D 191 -0.82 14.58 -13.00
N MET D 192 -1.99 13.99 -13.28
CA MET D 192 -3.11 14.09 -12.35
C MET D 192 -2.71 13.65 -10.94
N LYS D 193 -1.95 12.57 -10.87
CA LYS D 193 -1.50 12.05 -9.59
C LYS D 193 -0.91 13.15 -8.71
N GLU D 194 -0.30 14.16 -9.32
CA GLU D 194 0.33 15.23 -8.55
C GLU D 194 -0.44 16.54 -8.34
N LEU D 195 -1.72 16.53 -8.70
CA LEU D 195 -2.57 17.69 -8.55
C LEU D 195 -3.50 17.41 -7.37
N LYS D 196 -3.64 18.37 -6.47
CA LYS D 196 -4.54 18.18 -5.34
C LYS D 196 -5.54 19.32 -5.28
N LEU D 197 -6.82 18.98 -5.40
CA LEU D 197 -7.88 19.98 -5.38
C LEU D 197 -8.30 20.31 -3.96
N LEU D 198 -8.09 21.57 -3.57
CA LEU D 198 -8.45 22.02 -2.24
C LEU D 198 -9.83 22.66 -2.32
N GLN D 199 -9.93 23.94 -1.97
CA GLN D 199 -11.21 24.64 -1.98
C GLN D 199 -11.75 25.05 -3.34
N THR D 200 -12.85 25.81 -3.30
CA THR D 200 -13.51 26.32 -4.50
C THR D 200 -13.25 27.82 -4.67
N ILE D 201 -12.63 28.17 -5.79
CA ILE D 201 -12.36 29.57 -6.05
C ILE D 201 -13.66 30.20 -6.52
N GLY D 202 -14.16 31.17 -5.75
CA GLY D 202 -15.38 31.81 -6.14
C GLY D 202 -16.47 31.86 -5.09
N LYS D 203 -17.66 32.14 -5.58
CA LYS D 203 -18.86 32.30 -4.78
C LYS D 203 -19.53 31.00 -4.33
N GLY D 204 -20.31 30.40 -5.24
CA GLY D 204 -21.02 29.16 -4.92
C GLY D 204 -20.20 28.00 -4.37
N GLU D 205 -20.47 26.80 -4.88
CA GLU D 205 -19.77 25.59 -4.45
C GLU D 205 -19.77 24.54 -5.55
N PHE D 206 -20.63 24.72 -6.55
CA PHE D 206 -20.66 23.79 -7.67
C PHE D 206 -20.00 24.45 -8.88
N GLY D 207 -18.99 25.26 -8.60
CA GLY D 207 -18.29 25.96 -9.66
C GLY D 207 -17.27 25.13 -10.40
N ASP D 208 -16.88 25.61 -11.57
CA ASP D 208 -15.90 24.91 -12.40
C ASP D 208 -14.48 25.37 -12.13
N VAL D 209 -14.31 26.22 -11.13
CA VAL D 209 -12.96 26.70 -10.79
C VAL D 209 -12.56 26.33 -9.38
N MET D 210 -11.42 25.68 -9.24
CA MET D 210 -10.94 25.31 -7.91
C MET D 210 -9.49 25.71 -7.70
N LEU D 211 -9.13 25.90 -6.43
CA LEU D 211 -7.76 26.22 -6.09
C LEU D 211 -7.14 24.86 -5.84
N GLY D 212 -5.92 24.66 -6.29
CA GLY D 212 -5.29 23.38 -6.06
C GLY D 212 -3.82 23.52 -5.76
N ASP D 213 -3.17 22.39 -5.59
CA ASP D 213 -1.73 22.37 -5.35
C ASP D 213 -1.15 21.46 -6.41
N TYR D 214 -0.06 21.89 -7.01
CA TYR D 214 0.59 21.09 -8.01
C TYR D 214 2.06 21.24 -7.79
N ARG D 215 2.74 20.11 -7.57
CA ARG D 215 4.18 20.11 -7.32
C ARG D 215 4.52 21.02 -6.15
N GLY D 216 3.55 21.21 -5.24
CA GLY D 216 3.76 22.04 -4.07
C GLY D 216 3.51 23.53 -4.19
N ASN D 217 2.85 23.97 -5.26
CA ASN D 217 2.57 25.39 -5.45
C ASN D 217 1.10 25.59 -5.82
N LYS D 218 0.55 26.78 -5.51
CA LYS D 218 -0.85 27.07 -5.77
C LYS D 218 -1.22 27.22 -7.25
N VAL D 219 -2.38 26.70 -7.62
CA VAL D 219 -2.85 26.79 -8.99
C VAL D 219 -4.36 26.86 -9.07
N ALA D 220 -4.84 27.39 -10.18
CA ALA D 220 -6.26 27.52 -10.43
C ALA D 220 -6.57 26.39 -11.38
N VAL D 221 -7.70 25.74 -11.19
CA VAL D 221 -8.05 24.63 -12.06
C VAL D 221 -9.47 24.82 -12.55
N LYS D 222 -9.61 24.89 -13.87
CA LYS D 222 -10.93 25.05 -14.46
C LYS D 222 -11.29 23.79 -15.23
N CYS D 223 -12.46 23.24 -14.94
CA CYS D 223 -12.92 22.03 -15.61
C CYS D 223 -13.74 22.43 -16.82
N ILE D 224 -13.50 21.76 -17.93
CA ILE D 224 -14.20 22.08 -19.16
C ILE D 224 -14.93 20.87 -19.75
N LYS D 225 -16.22 21.05 -19.99
CA LYS D 225 -17.07 20.01 -20.59
C LYS D 225 -17.66 20.70 -21.82
N ASN D 226 -18.52 20.01 -22.56
CA ASN D 226 -19.10 20.63 -23.75
C ASN D 226 -19.93 21.88 -23.45
N ASP D 227 -19.88 22.34 -22.20
CA ASP D 227 -20.61 23.53 -21.77
C ASP D 227 -20.36 24.68 -22.75
N ALA D 228 -21.44 25.20 -23.33
CA ALA D 228 -21.38 26.30 -24.32
C ALA D 228 -20.09 27.13 -24.31
N THR D 229 -19.69 27.56 -23.12
CA THR D 229 -18.50 28.38 -22.93
C THR D 229 -17.22 27.69 -23.39
N ALA D 230 -17.04 26.44 -22.96
CA ALA D 230 -15.88 25.62 -23.28
C ALA D 230 -14.93 26.12 -24.37
N GLN D 231 -15.46 26.33 -25.58
CA GLN D 231 -14.61 26.77 -26.69
C GLN D 231 -13.77 28.00 -26.41
N ALA D 232 -14.31 28.96 -25.69
CA ALA D 232 -13.56 30.18 -25.40
C ALA D 232 -12.35 29.89 -24.51
N PHE D 233 -12.54 29.04 -23.51
CA PHE D 233 -11.46 28.72 -22.60
C PHE D 233 -10.44 27.81 -23.25
N LEU D 234 -10.88 27.03 -24.24
CA LEU D 234 -9.95 26.17 -24.94
C LEU D 234 -9.08 27.10 -25.78
N ALA D 235 -9.73 28.05 -26.44
CA ALA D 235 -9.01 29.01 -27.26
C ALA D 235 -8.02 29.75 -26.36
N GLU D 236 -8.48 30.19 -25.19
CA GLU D 236 -7.63 30.91 -24.26
C GLU D 236 -6.39 30.10 -23.91
N ALA D 237 -6.58 28.82 -23.64
CA ALA D 237 -5.47 27.96 -23.29
C ALA D 237 -4.50 27.90 -24.46
N SER D 238 -5.05 27.83 -25.67
CA SER D 238 -4.26 27.77 -26.90
C SER D 238 -3.29 28.96 -26.98
N VAL D 239 -3.84 30.15 -26.79
CA VAL D 239 -3.00 31.33 -26.84
C VAL D 239 -1.95 31.27 -25.75
N MET D 240 -2.36 30.82 -24.56
CA MET D 240 -1.43 30.75 -23.45
C MET D 240 -0.25 29.82 -23.69
N THR D 241 -0.40 28.85 -24.57
CA THR D 241 0.72 27.96 -24.85
C THR D 241 1.76 28.71 -25.66
N GLN D 242 1.47 29.93 -26.06
CA GLN D 242 2.40 30.71 -26.86
C GLN D 242 2.82 31.99 -26.19
N LEU D 243 2.50 32.15 -24.92
CA LEU D 243 2.89 33.39 -24.24
C LEU D 243 3.75 33.06 -23.03
N ARG D 244 4.80 33.84 -22.78
CA ARG D 244 5.62 33.60 -21.61
C ARG D 244 6.17 34.91 -21.09
N HIS D 245 5.39 35.57 -20.24
CA HIS D 245 5.79 36.85 -19.68
C HIS D 245 5.26 36.97 -18.25
N SER D 246 6.10 37.47 -17.35
CA SER D 246 5.72 37.61 -15.97
C SER D 246 4.44 38.42 -15.70
N ASN D 247 3.96 39.17 -16.68
CA ASN D 247 2.74 39.96 -16.49
C ASN D 247 1.57 39.42 -17.30
N LEU D 248 1.71 38.16 -17.69
CA LEU D 248 0.67 37.47 -18.43
C LEU D 248 0.41 36.22 -17.61
N VAL D 249 -0.85 35.99 -17.27
CA VAL D 249 -1.21 34.82 -16.47
C VAL D 249 -0.78 33.57 -17.22
N GLN D 250 0.06 32.79 -16.56
CA GLN D 250 0.64 31.58 -17.13
C GLN D 250 -0.17 30.27 -17.05
N LEU D 251 -0.11 29.48 -18.12
CA LEU D 251 -0.74 28.18 -18.21
C LEU D 251 0.32 27.18 -17.81
N LEU D 252 0.01 26.33 -16.84
CA LEU D 252 0.97 25.34 -16.42
C LEU D 252 0.76 24.09 -17.22
N GLY D 253 -0.50 23.81 -17.54
CA GLY D 253 -0.79 22.63 -18.32
C GLY D 253 -2.25 22.20 -18.32
N VAL D 254 -2.48 21.03 -18.88
CA VAL D 254 -3.81 20.48 -19.01
C VAL D 254 -3.84 19.02 -18.53
N ILE D 255 -5.02 18.57 -18.09
CA ILE D 255 -5.17 17.20 -17.62
C ILE D 255 -6.50 16.61 -18.06
N VAL D 256 -6.45 15.42 -18.65
CA VAL D 256 -7.67 14.74 -19.08
C VAL D 256 -8.39 14.17 -17.86
N GLU D 257 -9.63 14.58 -17.67
CA GLU D 257 -10.42 14.12 -16.53
C GLU D 257 -11.02 12.74 -16.75
N GLU D 258 -11.42 12.12 -15.64
CA GLU D 258 -12.02 10.80 -15.67
C GLU D 258 -13.38 10.88 -16.36
N LYS D 259 -14.21 11.85 -15.95
CA LYS D 259 -15.54 12.03 -16.53
C LYS D 259 -15.47 12.56 -17.96
N GLY D 260 -14.34 12.35 -18.62
CA GLY D 260 -14.18 12.80 -19.99
C GLY D 260 -13.98 14.29 -20.19
N GLY D 261 -13.83 15.04 -19.10
CA GLY D 261 -13.62 16.47 -19.21
C GLY D 261 -12.16 16.83 -19.40
N LEU D 262 -11.82 18.10 -19.20
CA LEU D 262 -10.44 18.56 -19.33
C LEU D 262 -10.12 19.60 -18.26
N TYR D 263 -8.99 19.45 -17.59
CA TYR D 263 -8.57 20.42 -16.56
C TYR D 263 -7.57 21.41 -17.14
N ILE D 264 -7.85 22.71 -17.01
CA ILE D 264 -6.95 23.74 -17.47
C ILE D 264 -6.27 24.29 -16.21
N VAL D 265 -4.97 24.04 -16.09
CA VAL D 265 -4.20 24.45 -14.91
C VAL D 265 -3.39 25.70 -15.18
N THR D 266 -3.79 26.81 -14.56
CA THR D 266 -3.10 28.07 -14.73
C THR D 266 -2.61 28.58 -13.40
N GLU D 267 -1.81 29.64 -13.43
CA GLU D 267 -1.23 30.17 -12.22
C GLU D 267 -2.27 30.85 -11.36
N TYR D 268 -2.19 30.58 -10.06
CA TYR D 268 -3.14 31.13 -9.11
C TYR D 268 -2.91 32.59 -8.78
N MET D 269 -3.97 33.38 -8.96
CA MET D 269 -3.92 34.80 -8.67
C MET D 269 -4.80 35.06 -7.44
N ALA D 270 -4.17 35.11 -6.28
CA ALA D 270 -4.88 35.27 -5.00
C ALA D 270 -5.80 36.46 -4.76
N LYS D 271 -5.60 37.59 -5.43
CA LYS D 271 -6.46 38.73 -5.14
C LYS D 271 -7.54 39.11 -6.13
N GLY D 272 -7.84 38.20 -7.05
CA GLY D 272 -8.88 38.45 -8.02
C GLY D 272 -8.61 39.58 -8.99
N SER D 273 -9.65 39.96 -9.72
CA SER D 273 -9.59 41.00 -10.73
C SER D 273 -9.10 42.34 -10.18
N LEU D 274 -8.36 43.07 -11.01
CA LEU D 274 -7.80 44.37 -10.64
C LEU D 274 -8.86 45.34 -10.17
N VAL D 275 -9.98 45.41 -10.90
CA VAL D 275 -11.07 46.31 -10.54
C VAL D 275 -11.44 46.12 -9.08
N ASP D 276 -11.89 44.92 -8.74
CA ASP D 276 -12.28 44.65 -7.37
C ASP D 276 -11.21 45.13 -6.42
N TYR D 277 -9.97 44.73 -6.69
CA TYR D 277 -8.84 45.13 -5.85
C TYR D 277 -8.83 46.63 -5.66
N LEU D 278 -9.04 47.36 -6.76
CA LEU D 278 -9.07 48.81 -6.74
C LEU D 278 -10.24 49.33 -5.92
N ARG D 279 -11.42 48.74 -6.12
CA ARG D 279 -12.62 49.16 -5.40
C ARG D 279 -12.60 48.85 -3.92
N SER D 280 -12.09 47.68 -3.54
CA SER D 280 -12.05 47.31 -2.13
C SER D 280 -10.89 47.87 -1.32
N ARG D 281 -9.72 48.06 -1.94
CA ARG D 281 -8.61 48.63 -1.17
C ARG D 281 -8.68 50.16 -1.30
N GLY D 282 -9.46 50.63 -2.27
CA GLY D 282 -9.68 52.06 -2.49
C GLY D 282 -8.54 53.08 -2.41
N ARG D 283 -8.88 54.34 -2.68
CA ARG D 283 -7.92 55.46 -2.68
C ARG D 283 -7.50 55.85 -1.29
N SER D 284 -7.72 54.97 -0.33
CA SER D 284 -7.35 55.24 1.04
C SER D 284 -6.10 54.43 1.33
N VAL D 285 -5.96 53.33 0.59
CA VAL D 285 -4.85 52.41 0.77
C VAL D 285 -3.87 52.43 -0.38
N LEU D 286 -4.38 52.70 -1.58
CA LEU D 286 -3.56 52.69 -2.79
C LEU D 286 -2.95 54.04 -3.15
N GLY D 287 -1.65 54.15 -2.94
CA GLY D 287 -0.93 55.38 -3.26
C GLY D 287 -0.62 55.53 -4.75
N GLY D 288 -0.20 56.74 -5.13
CA GLY D 288 0.13 57.02 -6.51
C GLY D 288 1.17 56.07 -7.04
N ASP D 289 2.14 55.72 -6.20
CA ASP D 289 3.19 54.82 -6.62
C ASP D 289 2.58 53.47 -7.02
N CYS D 290 1.67 52.98 -6.18
CA CYS D 290 1.03 51.70 -6.44
C CYS D 290 0.22 51.71 -7.72
N LEU D 291 -0.49 52.80 -7.99
CA LEU D 291 -1.29 52.90 -9.22
C LEU D 291 -0.44 52.89 -10.49
N LEU D 292 0.74 53.52 -10.42
CA LEU D 292 1.61 53.60 -11.58
C LEU D 292 2.25 52.25 -11.85
N LYS D 293 2.53 51.50 -10.78
CA LYS D 293 3.12 50.18 -10.92
C LYS D 293 2.16 49.21 -11.61
N PHE D 294 0.86 49.35 -11.34
CA PHE D 294 -0.15 48.49 -11.97
C PHE D 294 -0.18 48.85 -13.45
N SER D 295 -0.06 50.15 -13.71
CA SER D 295 -0.07 50.66 -15.08
C SER D 295 1.10 50.06 -15.85
N LEU D 296 2.28 50.07 -15.26
CA LEU D 296 3.42 49.49 -15.92
C LEU D 296 3.22 47.98 -16.10
N ASP D 297 2.80 47.29 -15.04
CA ASP D 297 2.56 45.85 -15.14
C ASP D 297 1.73 45.54 -16.39
N VAL D 298 0.53 46.11 -16.48
CA VAL D 298 -0.35 45.88 -17.62
C VAL D 298 0.31 46.31 -18.92
N CYS D 299 0.91 47.49 -18.90
CA CYS D 299 1.56 48.03 -20.09
C CYS D 299 2.62 47.08 -20.65
N GLU D 300 3.42 46.48 -19.79
CA GLU D 300 4.46 45.56 -20.26
C GLU D 300 3.86 44.29 -20.85
N ALA D 301 2.77 43.82 -20.27
CA ALA D 301 2.13 42.62 -20.77
C ALA D 301 1.71 42.90 -22.20
N MET D 302 1.09 44.06 -22.41
CA MET D 302 0.62 44.45 -23.74
C MET D 302 1.79 44.66 -24.71
N GLU D 303 2.91 45.18 -24.20
CA GLU D 303 4.05 45.38 -25.08
C GLU D 303 4.49 44.02 -25.59
N TYR D 304 4.43 43.03 -24.70
CA TYR D 304 4.81 41.66 -25.05
C TYR D 304 3.86 41.08 -26.10
N LEU D 305 2.57 41.30 -25.92
CA LEU D 305 1.58 40.81 -26.88
C LEU D 305 1.83 41.45 -28.25
N GLU D 306 1.95 42.77 -28.29
CA GLU D 306 2.23 43.46 -29.56
C GLU D 306 3.54 42.88 -30.12
N GLY D 307 4.48 42.59 -29.22
CA GLY D 307 5.75 42.04 -29.66
C GLY D 307 5.63 40.66 -30.29
N ASN D 308 4.57 39.94 -29.93
CA ASN D 308 4.36 38.60 -30.46
C ASN D 308 3.16 38.52 -31.40
N ASN D 309 2.90 39.63 -32.09
CA ASN D 309 1.79 39.74 -33.04
C ASN D 309 0.48 39.22 -32.47
N PHE D 310 0.09 39.70 -31.30
CA PHE D 310 -1.16 39.30 -30.67
C PHE D 310 -2.00 40.50 -30.30
N VAL D 311 -3.27 40.47 -30.66
CA VAL D 311 -4.17 41.55 -30.30
C VAL D 311 -5.14 40.94 -29.31
N HIS D 312 -5.26 41.55 -28.14
CA HIS D 312 -6.16 41.09 -27.09
C HIS D 312 -7.37 42.02 -27.23
N ARG D 313 -8.34 41.63 -28.03
CA ARG D 313 -9.48 42.49 -28.28
C ARG D 313 -10.44 42.64 -27.11
N ASP D 314 -9.95 42.52 -25.88
CA ASP D 314 -10.84 42.61 -24.73
C ASP D 314 -10.14 43.08 -23.45
N LEU D 315 -9.28 44.09 -23.58
CA LEU D 315 -8.55 44.62 -22.45
C LEU D 315 -9.46 45.47 -21.60
N ALA D 316 -9.43 45.25 -20.29
CA ALA D 316 -10.24 46.02 -19.35
C ALA D 316 -9.79 45.60 -17.95
N ALA D 317 -9.97 46.47 -16.97
CA ALA D 317 -9.53 46.16 -15.61
C ALA D 317 -10.16 44.89 -15.04
N ARG D 318 -11.35 44.52 -15.51
CA ARG D 318 -11.99 43.32 -15.00
C ARG D 318 -11.32 42.09 -15.58
N ASN D 319 -10.50 42.28 -16.62
CA ASN D 319 -9.82 41.14 -17.24
C ASN D 319 -8.34 41.09 -16.91
N VAL D 320 -7.99 41.68 -15.76
CA VAL D 320 -6.61 41.73 -15.26
C VAL D 320 -6.67 41.18 -13.84
N LEU D 321 -5.81 40.23 -13.51
CA LEU D 321 -5.83 39.65 -12.17
C LEU D 321 -4.64 40.13 -11.33
N VAL D 322 -4.76 40.01 -10.01
CA VAL D 322 -3.71 40.43 -9.10
C VAL D 322 -3.18 39.27 -8.27
N SER D 323 -1.86 39.12 -8.25
CA SER D 323 -1.24 38.01 -7.51
C SER D 323 -1.17 38.26 -5.99
N GLU D 324 -0.76 37.24 -5.25
CA GLU D 324 -0.64 37.37 -3.82
C GLU D 324 0.34 38.49 -3.52
N ASP D 325 1.32 38.67 -4.41
CA ASP D 325 2.33 39.71 -4.23
C ASP D 325 1.98 41.01 -4.96
N ASN D 326 0.67 41.23 -5.11
CA ASN D 326 0.17 42.43 -5.76
C ASN D 326 0.68 42.70 -7.17
N VAL D 327 1.06 41.66 -7.91
CA VAL D 327 1.52 41.85 -9.27
C VAL D 327 0.28 41.71 -10.18
N ALA D 328 0.06 42.69 -11.04
CA ALA D 328 -1.06 42.65 -11.95
C ALA D 328 -0.62 41.92 -13.21
N LYS D 329 -1.51 41.09 -13.75
CA LYS D 329 -1.22 40.32 -14.95
C LYS D 329 -2.47 40.22 -15.79
N VAL D 330 -2.33 40.53 -17.07
CA VAL D 330 -3.45 40.45 -17.97
C VAL D 330 -3.86 38.98 -18.11
N SER D 331 -5.15 38.74 -18.27
CA SER D 331 -5.65 37.37 -18.45
C SER D 331 -6.77 37.42 -19.47
N ASP D 332 -7.60 36.39 -19.48
CA ASP D 332 -8.75 36.35 -20.39
C ASP D 332 -8.33 36.45 -21.84
N PHE D 333 -7.66 35.42 -22.34
CA PHE D 333 -7.19 35.42 -23.72
C PHE D 333 -8.10 34.76 -24.74
N GLY D 334 -9.37 34.58 -24.40
CA GLY D 334 -10.30 33.98 -25.32
C GLY D 334 -10.29 34.63 -26.70
N LEU D 335 -10.32 35.96 -26.72
CA LEU D 335 -10.33 36.67 -27.99
C LEU D 335 -8.95 37.04 -28.55
N THR D 336 -7.90 36.78 -27.78
CA THR D 336 -6.56 37.09 -28.24
C THR D 336 -6.29 36.33 -29.53
N LYS D 337 -5.80 37.05 -30.54
CA LYS D 337 -5.56 36.47 -31.85
C LYS D 337 -4.77 37.50 -32.66
N GLU D 338 -4.06 37.06 -33.69
CA GLU D 338 -3.29 37.99 -34.52
C GLU D 338 -4.22 39.08 -35.06
N ALA D 339 -3.68 40.28 -35.28
CA ALA D 339 -4.49 41.39 -35.80
C ALA D 339 -5.36 40.92 -36.96
N SER D 340 -6.66 41.13 -36.85
CA SER D 340 -7.60 40.69 -37.87
C SER D 340 -8.98 41.32 -37.70
N SER D 341 -9.98 40.70 -38.34
CA SER D 341 -11.37 41.18 -38.30
C SER D 341 -12.22 40.36 -37.30
N THR D 342 -13.53 40.57 -37.37
CA THR D 342 -14.50 39.89 -36.49
C THR D 342 -14.04 39.88 -35.04
N LEU D 348 -21.14 44.22 -30.33
CA LEU D 348 -19.92 44.27 -29.52
C LEU D 348 -20.04 45.32 -28.41
N PRO D 349 -19.34 45.11 -27.29
CA PRO D 349 -19.39 46.08 -26.17
C PRO D 349 -18.67 47.33 -26.67
N VAL D 350 -18.99 48.49 -26.10
CA VAL D 350 -18.39 49.72 -26.58
C VAL D 350 -17.50 50.51 -25.62
N LYS D 351 -17.82 50.52 -24.34
CA LYS D 351 -17.05 51.30 -23.38
C LYS D 351 -15.55 51.12 -23.40
N TRP D 352 -15.06 50.00 -23.92
CA TRP D 352 -13.62 49.73 -23.94
C TRP D 352 -13.05 49.56 -25.33
N THR D 353 -13.92 49.44 -26.33
CA THR D 353 -13.47 49.26 -27.69
C THR D 353 -13.19 50.57 -28.39
N ALA D 354 -12.35 50.52 -29.42
CA ALA D 354 -12.00 51.71 -30.17
C ALA D 354 -13.03 51.93 -31.26
N PRO D 355 -13.45 53.19 -31.45
CA PRO D 355 -14.44 53.56 -32.46
C PRO D 355 -14.24 52.83 -33.77
N GLU D 356 -13.00 52.80 -34.27
CA GLU D 356 -12.75 52.11 -35.55
C GLU D 356 -13.03 50.63 -35.40
N ALA D 357 -12.53 50.03 -34.33
CA ALA D 357 -12.73 48.61 -34.10
C ALA D 357 -14.23 48.28 -34.20
N LEU D 358 -15.02 49.09 -33.52
CA LEU D 358 -16.47 48.91 -33.53
C LEU D 358 -17.04 49.07 -34.93
N ARG D 359 -16.79 50.23 -35.52
CA ARG D 359 -17.29 50.57 -36.85
C ARG D 359 -16.82 49.67 -37.99
N GLU D 360 -15.52 49.49 -38.13
CA GLU D 360 -14.97 48.66 -39.20
C GLU D 360 -14.77 47.19 -38.81
N LYS D 361 -15.04 46.88 -37.55
CA LYS D 361 -14.89 45.52 -37.03
C LYS D 361 -13.56 44.85 -37.38
N LYS D 362 -12.48 45.57 -37.13
CA LYS D 362 -11.12 45.07 -37.37
C LYS D 362 -10.29 45.54 -36.18
N PHE D 363 -9.74 44.59 -35.42
CA PHE D 363 -8.94 44.95 -34.26
C PHE D 363 -7.47 44.99 -34.62
N SER D 364 -6.75 45.90 -33.97
CA SER D 364 -5.33 46.06 -34.20
C SER D 364 -4.72 46.41 -32.87
N THR D 365 -3.39 46.39 -32.78
CA THR D 365 -2.75 46.76 -31.54
C THR D 365 -3.23 48.16 -31.19
N LYS D 366 -3.45 48.98 -32.21
CA LYS D 366 -3.90 50.34 -31.93
C LYS D 366 -5.20 50.35 -31.17
N SER D 367 -6.10 49.43 -31.47
CA SER D 367 -7.36 49.39 -30.72
C SER D 367 -7.10 48.94 -29.28
N ASP D 368 -6.11 48.06 -29.07
CA ASP D 368 -5.79 47.64 -27.71
C ASP D 368 -5.25 48.85 -26.96
N VAL D 369 -4.53 49.71 -27.67
CA VAL D 369 -3.95 50.89 -27.07
C VAL D 369 -5.09 51.73 -26.52
N TRP D 370 -6.14 51.88 -27.32
CA TRP D 370 -7.31 52.63 -26.91
C TRP D 370 -7.83 52.02 -25.60
N SER D 371 -7.96 50.69 -25.60
CA SER D 371 -8.44 49.98 -24.43
C SER D 371 -7.56 50.26 -23.22
N PHE D 372 -6.24 50.14 -23.42
CA PHE D 372 -5.32 50.40 -22.32
C PHE D 372 -5.63 51.78 -21.76
N GLY D 373 -6.00 52.69 -22.65
CA GLY D 373 -6.33 54.03 -22.23
C GLY D 373 -7.49 54.00 -21.24
N ILE D 374 -8.55 53.30 -21.60
CA ILE D 374 -9.71 53.20 -20.71
C ILE D 374 -9.30 52.56 -19.38
N LEU D 375 -8.47 51.53 -19.45
CA LEU D 375 -7.99 50.84 -18.25
C LEU D 375 -7.17 51.77 -17.37
N LEU D 376 -6.43 52.70 -17.98
CA LEU D 376 -5.65 53.63 -17.18
C LEU D 376 -6.63 54.48 -16.39
N TRP D 377 -7.71 54.88 -17.05
CA TRP D 377 -8.74 55.66 -16.40
C TRP D 377 -9.34 54.89 -15.22
N GLU D 378 -9.68 53.61 -15.42
CA GLU D 378 -10.24 52.82 -14.33
C GLU D 378 -9.25 52.80 -13.18
N ILE D 379 -7.98 52.55 -13.49
CA ILE D 379 -6.97 52.51 -12.46
C ILE D 379 -6.91 53.78 -11.66
N TYR D 380 -6.96 54.93 -12.33
CA TYR D 380 -6.89 56.18 -11.58
C TYR D 380 -8.22 56.65 -11.02
N SER D 381 -9.29 55.95 -11.39
CA SER D 381 -10.62 56.25 -10.90
C SER D 381 -10.97 55.19 -9.85
N PHE D 382 -9.95 54.43 -9.45
CA PHE D 382 -10.09 53.35 -8.47
C PHE D 382 -11.23 52.38 -8.72
N GLY D 383 -11.50 52.10 -9.99
CA GLY D 383 -12.56 51.17 -10.32
C GLY D 383 -13.83 51.75 -10.89
N ARG D 384 -14.05 53.05 -10.74
CA ARG D 384 -15.27 53.66 -11.26
C ARG D 384 -15.58 53.15 -12.65
N VAL D 385 -16.86 53.03 -12.96
CA VAL D 385 -17.27 52.54 -14.25
C VAL D 385 -17.04 53.65 -15.28
N PRO D 386 -16.52 53.30 -16.46
CA PRO D 386 -16.25 54.25 -17.54
C PRO D 386 -17.50 55.03 -17.98
N TYR D 387 -17.29 56.21 -18.57
CA TYR D 387 -18.38 57.08 -19.03
C TYR D 387 -19.44 57.16 -17.94
N PRO D 388 -19.09 57.78 -16.80
CA PRO D 388 -19.89 57.99 -15.59
C PRO D 388 -21.37 58.32 -15.78
N ARG D 389 -21.65 59.41 -16.48
CA ARG D 389 -23.03 59.81 -16.67
C ARG D 389 -23.40 59.90 -18.14
N ILE D 390 -23.53 58.75 -18.79
CA ILE D 390 -23.88 58.73 -20.21
C ILE D 390 -24.29 57.34 -20.70
N PRO D 391 -25.52 57.22 -21.20
CA PRO D 391 -26.08 55.96 -21.72
C PRO D 391 -25.20 55.32 -22.78
N LEU D 392 -25.27 54.00 -22.89
CA LEU D 392 -24.49 53.27 -23.88
C LEU D 392 -24.75 53.82 -25.27
N LYS D 393 -26.03 53.89 -25.62
CA LYS D 393 -26.47 54.39 -26.93
C LYS D 393 -25.79 55.70 -27.30
N ASP D 394 -25.31 56.42 -26.29
CA ASP D 394 -24.64 57.70 -26.50
C ASP D 394 -23.14 57.59 -26.71
N VAL D 395 -22.48 56.85 -25.83
CA VAL D 395 -21.03 56.66 -25.86
C VAL D 395 -20.34 56.74 -27.24
N VAL D 396 -20.65 55.81 -28.13
CA VAL D 396 -20.00 55.82 -29.45
C VAL D 396 -20.15 57.15 -30.21
N PRO D 397 -21.39 57.61 -30.45
CA PRO D 397 -21.61 58.86 -31.17
C PRO D 397 -20.82 60.03 -30.57
N ARG D 398 -20.81 60.10 -29.24
CA ARG D 398 -20.11 61.16 -28.52
C ARG D 398 -18.59 61.09 -28.71
N VAL D 399 -18.03 59.89 -28.55
CA VAL D 399 -16.60 59.69 -28.70
C VAL D 399 -16.17 59.99 -30.14
N GLU D 400 -17.02 59.63 -31.10
CA GLU D 400 -16.74 59.87 -32.51
C GLU D 400 -16.84 61.34 -32.86
N LYS D 401 -17.01 62.17 -31.85
CA LYS D 401 -17.10 63.62 -32.02
C LYS D 401 -16.08 64.29 -31.10
N GLY D 402 -15.07 63.51 -30.69
CA GLY D 402 -14.03 64.04 -29.83
C GLY D 402 -14.29 64.04 -28.34
N TYR D 403 -15.23 63.21 -27.88
CA TYR D 403 -15.50 63.17 -26.44
C TYR D 403 -14.48 62.31 -25.72
N LYS D 404 -14.00 62.79 -24.58
CA LYS D 404 -13.04 62.07 -23.75
C LYS D 404 -13.44 62.24 -22.30
N MET D 405 -13.30 61.19 -21.49
CA MET D 405 -13.65 61.28 -20.09
C MET D 405 -12.78 62.37 -19.44
N ASP D 406 -13.17 62.82 -18.25
CA ASP D 406 -12.40 63.84 -17.56
C ASP D 406 -11.31 63.17 -16.76
N ALA D 407 -10.38 63.97 -16.24
CA ALA D 407 -9.29 63.42 -15.46
C ALA D 407 -9.80 62.96 -14.10
N PRO D 408 -9.62 61.67 -13.78
CA PRO D 408 -10.07 61.18 -12.49
C PRO D 408 -9.53 62.09 -11.41
N ASP D 409 -10.29 62.24 -10.33
CA ASP D 409 -9.86 63.11 -9.23
C ASP D 409 -8.52 62.68 -8.67
N GLY D 410 -7.60 63.65 -8.55
CA GLY D 410 -6.29 63.38 -8.01
C GLY D 410 -5.33 62.73 -9.00
N CYS D 411 -5.81 62.56 -10.24
CA CYS D 411 -5.02 61.96 -11.30
C CYS D 411 -3.92 62.89 -11.81
N PRO D 412 -2.66 62.43 -11.80
CA PRO D 412 -1.50 63.21 -12.26
C PRO D 412 -1.73 63.68 -13.69
N PRO D 413 -1.55 64.98 -13.96
CA PRO D 413 -1.75 65.50 -15.31
C PRO D 413 -0.97 64.73 -16.39
N ALA D 414 0.25 64.32 -16.06
CA ALA D 414 1.07 63.58 -17.00
C ALA D 414 0.42 62.26 -17.37
N VAL D 415 -0.20 61.61 -16.38
CA VAL D 415 -0.86 60.33 -16.61
C VAL D 415 -2.10 60.56 -17.48
N TYR D 416 -2.80 61.65 -17.22
CA TYR D 416 -3.98 61.93 -18.01
C TYR D 416 -3.53 62.18 -19.43
N ASP D 417 -2.31 62.71 -19.57
CA ASP D 417 -1.75 62.98 -20.88
C ASP D 417 -1.61 61.68 -21.64
N VAL D 418 -1.13 60.65 -20.94
CA VAL D 418 -0.97 59.34 -21.54
C VAL D 418 -2.34 58.82 -22.02
N MET D 419 -3.36 58.98 -21.16
CA MET D 419 -4.71 58.53 -21.49
C MET D 419 -5.19 59.15 -22.80
N LYS D 420 -5.20 60.48 -22.82
CA LYS D 420 -5.61 61.25 -23.99
C LYS D 420 -4.84 60.83 -25.22
N ASN D 421 -3.56 60.50 -25.04
CA ASN D 421 -2.76 60.08 -26.17
C ASN D 421 -3.28 58.73 -26.71
N CYS D 422 -3.78 57.88 -25.82
CA CYS D 422 -4.32 56.58 -26.25
C CYS D 422 -5.66 56.79 -26.95
N TRP D 423 -6.29 57.95 -26.72
CA TRP D 423 -7.59 58.21 -27.32
C TRP D 423 -7.67 59.07 -28.59
N HIS D 424 -6.59 59.15 -29.35
CA HIS D 424 -6.68 59.93 -30.57
C HIS D 424 -7.64 59.14 -31.44
N LEU D 425 -8.40 59.81 -32.30
CA LEU D 425 -9.33 59.09 -33.16
C LEU D 425 -8.56 58.46 -34.32
N ASP D 426 -7.45 59.10 -34.69
CA ASP D 426 -6.61 58.58 -35.77
C ASP D 426 -5.74 57.49 -35.17
N ALA D 427 -6.16 56.24 -35.36
CA ALA D 427 -5.46 55.10 -34.81
C ALA D 427 -3.95 55.17 -34.90
N ALA D 428 -3.43 55.46 -36.09
CA ALA D 428 -1.99 55.54 -36.32
C ALA D 428 -1.28 56.60 -35.50
N THR D 429 -2.04 57.51 -34.91
CA THR D 429 -1.45 58.57 -34.10
C THR D 429 -1.28 58.13 -32.66
N ARG D 430 -1.83 56.96 -32.32
CA ARG D 430 -1.71 56.44 -30.97
C ARG D 430 -0.33 55.84 -30.75
N PRO D 431 0.20 55.92 -29.53
CA PRO D 431 1.53 55.38 -29.30
C PRO D 431 1.53 53.85 -29.27
N THR D 432 2.71 53.26 -29.48
CA THR D 432 2.85 51.82 -29.42
C THR D 432 3.01 51.53 -27.93
N PHE D 433 2.94 50.27 -27.53
CA PHE D 433 3.08 49.99 -26.12
C PHE D 433 4.47 50.26 -25.58
N LEU D 434 5.48 50.14 -26.43
CA LEU D 434 6.81 50.45 -25.94
C LEU D 434 6.86 51.96 -25.61
N GLN D 435 6.19 52.80 -26.40
CA GLN D 435 6.22 54.23 -26.13
C GLN D 435 5.49 54.53 -24.83
N LEU D 436 4.41 53.79 -24.60
CA LEU D 436 3.65 53.97 -23.38
C LEU D 436 4.54 53.62 -22.20
N ARG D 437 5.19 52.46 -22.29
CA ARG D 437 6.07 52.03 -21.22
C ARG D 437 7.10 53.10 -20.87
N GLU D 438 7.78 53.62 -21.88
CA GLU D 438 8.78 54.64 -21.63
C GLU D 438 8.23 55.93 -21.04
N GLN D 439 7.03 56.33 -21.45
CA GLN D 439 6.46 57.55 -20.87
C GLN D 439 6.13 57.30 -19.40
N LEU D 440 5.45 56.19 -19.13
CA LEU D 440 5.11 55.84 -17.76
C LEU D 440 6.37 55.66 -16.92
N GLU D 441 7.45 55.17 -17.52
CA GLU D 441 8.68 55.01 -16.75
C GLU D 441 9.28 56.39 -16.55
N HIS D 442 9.13 57.24 -17.56
CA HIS D 442 9.66 58.59 -17.46
C HIS D 442 8.99 59.21 -16.25
N ILE D 443 7.66 59.14 -16.24
CA ILE D 443 6.87 59.66 -15.15
C ILE D 443 7.35 59.17 -13.77
N ARG D 444 7.62 57.88 -13.66
CA ARG D 444 8.06 57.33 -12.38
C ARG D 444 9.39 57.92 -11.96
N THR D 445 10.34 57.93 -12.88
CA THR D 445 11.66 58.48 -12.60
C THR D 445 11.65 59.93 -12.12
N HIS D 446 10.77 60.75 -12.67
CA HIS D 446 10.72 62.14 -12.28
C HIS D 446 9.62 62.46 -11.30
N GLU D 447 9.02 61.38 -10.78
CA GLU D 447 7.95 61.49 -9.81
C GLU D 447 6.83 62.43 -10.22
N LEU D 448 6.48 62.41 -11.51
CA LEU D 448 5.41 63.24 -12.04
C LEU D 448 4.05 62.73 -11.58
N HIS D 449 4.05 61.57 -10.91
CA HIS D 449 2.82 60.95 -10.42
C HIS D 449 2.59 61.27 -8.94
N LEU D 450 3.61 61.79 -8.27
CA LEU D 450 3.51 62.15 -6.86
C LEU D 450 3.25 63.65 -6.73
N ALA E 6 26.97 23.71 41.46
CA ALA E 6 26.84 25.05 42.13
C ALA E 6 25.39 25.55 42.05
N SER E 7 24.73 25.63 43.19
CA SER E 7 23.35 26.09 43.25
C SER E 7 23.17 27.43 42.55
N TRP E 8 21.94 27.70 42.10
CA TRP E 8 21.62 28.95 41.41
C TRP E 8 21.54 30.08 42.43
N PRO E 9 22.18 31.22 42.12
CA PRO E 9 22.18 32.37 43.02
C PRO E 9 20.75 32.84 43.26
N SER E 10 20.50 33.38 44.45
CA SER E 10 19.18 33.88 44.79
C SER E 10 18.70 34.90 43.75
N GLY E 11 17.43 34.83 43.38
CA GLY E 11 16.89 35.77 42.42
C GLY E 11 17.08 35.36 40.97
N THR E 12 17.69 34.20 40.76
CA THR E 12 17.92 33.69 39.42
C THR E 12 16.56 33.44 38.73
N GLU E 13 16.51 33.72 37.44
CA GLU E 13 15.26 33.52 36.69
C GLU E 13 15.28 32.18 35.95
N CYS E 14 14.25 31.38 36.20
CA CYS E 14 14.14 30.07 35.58
C CYS E 14 12.86 29.88 34.79
N ILE E 15 12.94 29.05 33.75
CA ILE E 15 11.79 28.76 32.91
C ILE E 15 11.42 27.28 33.02
N ALA E 16 10.14 27.01 33.27
CA ALA E 16 9.65 25.64 33.41
C ALA E 16 9.76 24.85 32.13
N LYS E 17 10.29 23.64 32.23
CA LYS E 17 10.43 22.79 31.06
C LYS E 17 9.24 21.87 30.91
N TYR E 18 8.59 21.57 32.02
CA TYR E 18 7.43 20.68 32.02
C TYR E 18 6.41 21.22 32.99
N ASN E 19 5.25 20.58 33.06
CA ASN E 19 4.25 20.98 34.02
C ASN E 19 4.67 20.28 35.31
N PHE E 20 4.37 20.90 36.43
CA PHE E 20 4.67 20.32 37.73
C PHE E 20 3.40 20.45 38.55
N HIS E 21 2.85 19.33 38.99
CA HIS E 21 1.61 19.36 39.74
C HIS E 21 1.74 19.37 41.26
N GLY E 22 2.97 19.34 41.76
CA GLY E 22 3.16 19.36 43.20
C GLY E 22 3.08 17.99 43.84
N THR E 23 4.00 17.76 44.78
CA THR E 23 4.10 16.48 45.47
C THR E 23 3.84 16.62 46.97
N ALA E 24 3.59 17.85 47.41
CA ALA E 24 3.35 18.10 48.82
C ALA E 24 2.85 19.53 48.99
N GLU E 25 2.03 19.76 50.02
CA GLU E 25 1.49 21.09 50.27
C GLU E 25 2.52 22.20 50.07
N GLN E 26 3.73 21.99 50.57
CA GLN E 26 4.78 23.00 50.45
C GLN E 26 5.28 23.21 49.02
N ASP E 27 4.67 22.51 48.06
CA ASP E 27 5.06 22.61 46.66
C ASP E 27 4.37 23.72 45.88
N LEU E 28 5.10 24.29 44.92
CA LEU E 28 4.56 25.34 44.08
C LEU E 28 4.34 24.83 42.67
N PRO E 29 3.09 24.53 42.33
CA PRO E 29 2.81 24.03 40.99
C PRO E 29 3.09 25.11 39.95
N PHE E 30 3.30 24.71 38.70
CA PHE E 30 3.53 25.66 37.62
C PHE E 30 3.38 24.97 36.29
N CYS E 31 3.40 25.74 35.20
CA CYS E 31 3.21 25.16 33.87
C CYS E 31 4.39 25.35 32.95
N LYS E 32 4.52 24.43 32.00
CA LYS E 32 5.60 24.49 31.02
C LYS E 32 5.64 25.90 30.41
N GLY E 33 6.80 26.54 30.49
CA GLY E 33 6.91 27.89 29.94
C GLY E 33 6.87 29.01 30.97
N ASP E 34 6.23 28.78 32.12
CA ASP E 34 6.16 29.80 33.16
C ASP E 34 7.54 30.27 33.60
N VAL E 35 7.61 31.49 34.11
CA VAL E 35 8.85 32.03 34.60
C VAL E 35 8.78 32.01 36.11
N LEU E 36 9.84 31.50 36.73
CA LEU E 36 9.91 31.40 38.18
C LEU E 36 11.17 32.09 38.68
N THR E 37 11.05 32.77 39.82
CA THR E 37 12.18 33.46 40.41
C THR E 37 12.65 32.67 41.60
N ILE E 38 13.93 32.31 41.57
CA ILE E 38 14.53 31.54 42.65
C ILE E 38 14.74 32.39 43.91
N VAL E 39 14.15 31.93 45.01
CA VAL E 39 14.32 32.60 46.29
C VAL E 39 15.63 32.06 46.89
N ALA E 40 15.63 30.77 47.21
CA ALA E 40 16.82 30.12 47.77
C ALA E 40 16.80 28.60 47.62
N VAL E 41 17.98 28.01 47.49
CA VAL E 41 18.10 26.56 47.38
C VAL E 41 17.67 26.02 48.75
N THR E 42 17.35 24.74 48.82
CA THR E 42 16.95 24.16 50.10
C THR E 42 18.05 23.24 50.59
N LYS E 43 17.78 22.55 51.69
CA LYS E 43 18.74 21.63 52.25
C LYS E 43 19.04 20.55 51.21
N ASP E 44 18.09 20.33 50.30
CA ASP E 44 18.21 19.34 49.22
C ASP E 44 18.54 20.04 47.91
N PRO E 45 19.74 19.80 47.35
CA PRO E 45 20.21 20.41 46.10
C PRO E 45 19.26 20.27 44.91
N ASN E 46 18.32 19.31 44.99
CA ASN E 46 17.38 19.08 43.92
C ASN E 46 16.16 19.98 43.98
N TRP E 47 15.93 20.60 45.14
CA TRP E 47 14.77 21.48 45.30
C TRP E 47 15.10 22.90 45.70
N TYR E 48 14.32 23.84 45.18
CA TYR E 48 14.50 25.24 45.50
C TYR E 48 13.17 25.81 45.94
N LYS E 49 13.27 26.96 46.60
CA LYS E 49 12.13 27.71 47.08
C LYS E 49 12.10 28.86 46.07
N ALA E 50 10.93 29.10 45.46
CA ALA E 50 10.81 30.17 44.47
C ALA E 50 9.40 30.71 44.34
N LYS E 51 9.24 31.78 43.57
CA LYS E 51 7.94 32.38 43.39
C LYS E 51 7.54 32.49 41.92
N ASN E 52 6.24 32.52 41.66
CA ASN E 52 5.76 32.66 40.30
C ASN E 52 5.41 34.13 40.06
N LYS E 53 5.03 34.47 38.83
CA LYS E 53 4.69 35.84 38.45
C LYS E 53 3.58 36.53 39.23
N VAL E 54 2.91 35.80 40.11
CA VAL E 54 1.84 36.40 40.87
C VAL E 54 2.28 36.48 42.33
N GLY E 55 3.59 36.36 42.54
CA GLY E 55 4.13 36.42 43.89
C GLY E 55 4.00 35.18 44.76
N ARG E 56 3.30 34.15 44.29
CA ARG E 56 3.17 32.93 45.08
C ARG E 56 4.51 32.24 45.24
N GLU E 57 4.80 31.77 46.46
CA GLU E 57 6.06 31.11 46.75
C GLU E 57 5.90 29.63 47.12
N GLY E 58 6.92 28.83 46.81
CA GLY E 58 6.85 27.41 47.11
C GLY E 58 8.10 26.62 46.72
N ILE E 59 8.06 25.32 46.96
CA ILE E 59 9.18 24.46 46.64
C ILE E 59 9.00 23.82 45.27
N ILE E 60 10.05 23.87 44.47
CA ILE E 60 10.02 23.32 43.12
C ILE E 60 11.23 22.41 42.88
N PRO E 61 11.14 21.53 41.87
CA PRO E 61 12.27 20.66 41.61
C PRO E 61 13.18 21.24 40.53
N ALA E 62 14.48 21.33 40.85
CA ALA E 62 15.46 21.87 39.92
C ALA E 62 15.39 21.26 38.52
N ASN E 63 15.18 19.95 38.44
CA ASN E 63 15.14 19.27 37.16
C ASN E 63 14.02 19.78 36.28
N TYR E 64 12.94 20.21 36.91
CA TYR E 64 11.79 20.68 36.15
C TYR E 64 11.93 22.05 35.49
N VAL E 65 12.93 22.83 35.87
CA VAL E 65 13.10 24.15 35.29
C VAL E 65 14.47 24.40 34.73
N GLN E 66 14.62 25.46 33.95
CA GLN E 66 15.89 25.79 33.35
C GLN E 66 16.31 27.22 33.63
N LYS E 67 17.60 27.41 33.82
CA LYS E 67 18.16 28.72 34.13
C LYS E 67 18.23 29.59 32.90
N ARG E 68 17.47 30.69 32.92
CA ARG E 68 17.47 31.60 31.80
C ARG E 68 18.65 32.55 31.91
N GLU E 69 19.45 32.64 30.84
CA GLU E 69 20.60 33.53 30.86
C GLU E 69 20.92 34.11 29.49
N GLY E 70 21.66 35.21 29.48
CA GLY E 70 22.00 35.84 28.23
C GLY E 70 22.75 34.92 27.29
N VAL E 71 22.68 35.23 26.01
CA VAL E 71 23.35 34.48 24.97
C VAL E 71 24.25 35.49 24.29
N LYS E 72 25.56 35.38 24.51
CA LYS E 72 26.48 36.30 23.89
C LYS E 72 26.80 35.85 22.47
N ALA E 73 26.42 36.66 21.49
CA ALA E 73 26.65 36.34 20.09
C ALA E 73 28.10 36.62 19.74
N GLY E 74 28.61 35.90 18.75
CA GLY E 74 29.97 36.10 18.32
C GLY E 74 30.15 35.68 16.89
N THR E 75 31.36 35.84 16.38
CA THR E 75 31.66 35.47 15.01
C THR E 75 31.62 33.95 14.93
N LYS E 76 31.24 33.33 16.04
CA LYS E 76 31.16 31.88 16.10
C LYS E 76 29.77 31.38 16.36
N LEU E 77 28.83 32.30 16.56
CA LEU E 77 27.44 31.92 16.79
C LEU E 77 26.78 31.84 15.43
N SER E 78 26.27 30.66 15.08
CA SER E 78 25.62 30.50 13.78
C SER E 78 24.56 29.41 13.74
N LEU E 79 23.70 29.50 12.74
CA LEU E 79 22.63 28.54 12.52
C LEU E 79 22.98 27.69 11.31
N MET E 80 24.07 28.08 10.66
CA MET E 80 24.54 27.42 9.45
C MET E 80 25.99 26.95 9.56
N PRO E 81 26.20 25.78 10.20
CA PRO E 81 27.54 25.23 10.36
C PRO E 81 28.25 25.19 9.02
N TRP E 82 27.54 24.65 8.02
CA TRP E 82 28.01 24.50 6.66
C TRP E 82 28.35 25.77 5.86
N PHE E 83 28.09 26.94 6.43
CA PHE E 83 28.36 28.19 5.74
C PHE E 83 29.77 28.72 6.03
N HIS E 84 30.62 28.80 5.02
CA HIS E 84 31.98 29.25 5.24
C HIS E 84 32.25 30.66 4.70
N GLY E 85 31.19 31.47 4.60
CA GLY E 85 31.34 32.83 4.13
C GLY E 85 32.15 32.99 2.86
N LYS E 86 33.02 34.00 2.84
CA LYS E 86 33.85 34.27 1.68
C LYS E 86 35.00 33.27 1.54
N ILE E 87 34.88 32.40 0.53
CA ILE E 87 35.89 31.39 0.25
C ILE E 87 35.89 31.08 -1.23
N THR E 88 37.07 31.10 -1.84
CA THR E 88 37.22 30.84 -3.28
C THR E 88 36.89 29.38 -3.62
N ARG E 89 36.46 29.17 -4.85
CA ARG E 89 36.12 27.83 -5.32
C ARG E 89 37.16 26.79 -4.88
N GLU E 90 38.41 27.02 -5.27
CA GLU E 90 39.50 26.11 -4.95
C GLU E 90 39.44 25.59 -3.52
N GLN E 91 39.47 26.52 -2.56
CA GLN E 91 39.42 26.16 -1.14
C GLN E 91 38.22 25.27 -0.85
N ALA E 92 37.11 25.58 -1.49
CA ALA E 92 35.88 24.82 -1.30
C ALA E 92 36.07 23.38 -1.77
N GLU E 93 36.65 23.22 -2.96
CA GLU E 93 36.88 21.91 -3.55
C GLU E 93 37.86 21.09 -2.72
N ARG E 94 38.62 21.78 -1.88
CA ARG E 94 39.59 21.14 -1.02
C ARG E 94 38.91 20.60 0.24
N LEU E 95 38.15 21.46 0.90
CA LEU E 95 37.43 21.05 2.10
C LEU E 95 36.49 19.93 1.72
N LEU E 96 36.31 19.77 0.41
CA LEU E 96 35.44 18.74 -0.14
C LEU E 96 36.23 17.74 -0.99
N TYR E 97 37.54 17.70 -0.80
CA TYR E 97 38.37 16.78 -1.59
C TYR E 97 37.94 15.32 -1.46
N PRO E 98 38.02 14.74 -0.25
CA PRO E 98 37.61 13.35 -0.08
C PRO E 98 36.18 13.15 -0.59
N PRO E 99 36.03 12.58 -1.78
CA PRO E 99 34.74 12.32 -2.44
C PRO E 99 33.68 11.68 -1.56
N GLU E 100 32.60 12.42 -1.36
CA GLU E 100 31.48 11.95 -0.57
C GLU E 100 30.22 12.53 -1.18
N THR E 101 29.24 11.67 -1.43
CA THR E 101 27.99 12.11 -2.03
C THR E 101 27.09 12.76 -0.98
N GLY E 102 26.68 13.99 -1.26
CA GLY E 102 25.82 14.71 -0.32
C GLY E 102 26.64 15.66 0.55
N LEU E 103 27.96 15.57 0.43
CA LEU E 103 28.87 16.41 1.18
C LEU E 103 28.78 17.81 0.58
N PHE E 104 28.78 18.85 1.41
CA PHE E 104 28.66 20.20 0.87
C PHE E 104 29.04 21.33 1.82
N LEU E 105 28.93 22.54 1.30
CA LEU E 105 29.22 23.75 2.04
C LEU E 105 28.70 24.92 1.20
N VAL E 106 28.43 26.05 1.83
CA VAL E 106 27.97 27.21 1.09
C VAL E 106 28.99 28.33 1.26
N ARG E 107 29.16 29.14 0.22
CA ARG E 107 30.11 30.24 0.28
C ARG E 107 29.55 31.47 -0.43
N GLU E 108 30.26 32.59 -0.32
CA GLU E 108 29.83 33.80 -0.99
C GLU E 108 30.26 33.68 -2.45
N SER E 109 29.35 34.02 -3.35
CA SER E 109 29.57 33.91 -4.79
C SER E 109 30.94 34.18 -5.38
N THR E 110 31.27 33.29 -6.32
CA THR E 110 32.52 33.31 -7.07
C THR E 110 32.60 34.67 -7.77
N ASN E 111 31.98 34.72 -8.94
CA ASN E 111 31.97 35.89 -9.80
C ASN E 111 30.63 36.64 -9.81
N TYR E 112 29.88 36.52 -8.72
CA TYR E 112 28.59 37.21 -8.62
C TYR E 112 28.44 37.84 -7.24
N PRO E 113 28.97 39.06 -7.07
CA PRO E 113 28.89 39.77 -5.80
C PRO E 113 27.47 39.80 -5.23
N GLY E 114 27.32 39.36 -3.99
CA GLY E 114 26.02 39.39 -3.36
C GLY E 114 25.28 38.06 -3.36
N ASP E 115 25.68 37.17 -4.25
CA ASP E 115 25.05 35.86 -4.33
C ASP E 115 25.87 34.85 -3.56
N TYR E 116 25.36 33.62 -3.49
CA TYR E 116 26.06 32.56 -2.79
C TYR E 116 26.27 31.41 -3.76
N THR E 117 26.98 30.39 -3.31
CA THR E 117 27.23 29.23 -4.14
C THR E 117 27.17 27.98 -3.28
N LEU E 118 26.38 27.01 -3.71
CA LEU E 118 26.27 25.74 -3.01
C LEU E 118 27.29 24.82 -3.69
N CYS E 119 28.14 24.20 -2.88
CA CYS E 119 29.18 23.33 -3.42
C CYS E 119 28.99 21.93 -2.89
N VAL E 120 28.79 20.97 -3.79
CA VAL E 120 28.56 19.58 -3.41
C VAL E 120 29.52 18.62 -4.12
N SER E 121 29.82 17.50 -3.47
CA SER E 121 30.71 16.51 -4.05
C SER E 121 29.84 15.42 -4.69
N CYS E 122 29.93 15.31 -6.02
CA CYS E 122 29.17 14.34 -6.80
C CYS E 122 30.05 13.44 -7.65
N GLU E 123 29.81 12.13 -7.59
CA GLU E 123 30.59 11.17 -8.36
C GLU E 123 32.06 11.55 -8.42
N GLY E 124 32.63 11.97 -7.29
CA GLY E 124 34.03 12.35 -7.28
C GLY E 124 34.33 13.76 -7.75
N LYS E 125 33.36 14.37 -8.44
CA LYS E 125 33.51 15.73 -8.95
C LYS E 125 32.92 16.75 -7.95
N VAL E 126 33.37 17.99 -8.01
CA VAL E 126 32.87 19.04 -7.13
C VAL E 126 31.92 19.96 -7.90
N GLU E 127 30.65 19.93 -7.51
CA GLU E 127 29.62 20.73 -8.15
C GLU E 127 29.38 22.11 -7.53
N HIS E 128 29.37 23.15 -8.36
CA HIS E 128 29.15 24.51 -7.89
C HIS E 128 27.84 25.07 -8.43
N TYR E 129 26.92 25.37 -7.52
CA TYR E 129 25.63 25.92 -7.93
C TYR E 129 25.44 27.34 -7.44
N ARG E 130 25.23 28.25 -8.38
CA ARG E 130 25.03 29.64 -8.06
C ARG E 130 23.67 29.85 -7.42
N ILE E 131 23.66 30.54 -6.29
CA ILE E 131 22.44 30.84 -5.56
C ILE E 131 22.20 32.32 -5.76
N MET E 132 21.20 32.67 -6.57
CA MET E 132 20.91 34.08 -6.79
C MET E 132 20.19 34.68 -5.60
N TYR E 133 20.58 35.89 -5.25
CA TYR E 133 19.97 36.59 -4.14
C TYR E 133 19.34 37.86 -4.70
N HIS E 134 18.02 37.90 -4.75
CA HIS E 134 17.32 39.06 -5.28
C HIS E 134 15.98 39.27 -4.60
N ALA E 135 15.65 40.53 -4.34
CA ALA E 135 14.39 40.87 -3.69
C ALA E 135 14.26 40.15 -2.36
N SER E 136 15.38 39.98 -1.68
CA SER E 136 15.40 39.30 -0.38
C SER E 136 15.09 37.80 -0.48
N LYS E 137 15.30 37.23 -1.67
CA LYS E 137 15.03 35.80 -1.82
C LYS E 137 16.18 35.11 -2.55
N LEU E 138 16.54 33.93 -2.06
CA LEU E 138 17.62 33.16 -2.66
C LEU E 138 17.04 32.04 -3.50
N SER E 139 17.65 31.79 -4.64
CA SER E 139 17.17 30.73 -5.52
C SER E 139 18.26 30.21 -6.44
N ILE E 140 18.17 28.92 -6.73
CA ILE E 140 19.10 28.26 -7.62
C ILE E 140 18.47 28.01 -9.00
N ASP E 141 17.19 27.66 -8.99
CA ASP E 141 16.47 27.37 -10.23
C ASP E 141 15.40 28.38 -10.60
N GLU E 142 15.31 29.47 -9.84
CA GLU E 142 14.32 30.48 -10.14
C GLU E 142 12.91 29.93 -10.22
N GLU E 143 12.60 28.99 -9.33
CA GLU E 143 11.28 28.39 -9.26
C GLU E 143 10.97 28.22 -7.77
N VAL E 144 11.98 27.77 -7.03
CA VAL E 144 11.85 27.60 -5.59
C VAL E 144 12.74 28.68 -5.00
N TYR E 145 12.16 29.56 -4.18
CA TYR E 145 12.92 30.62 -3.54
C TYR E 145 12.86 30.44 -2.04
N PHE E 146 13.87 30.94 -1.34
CA PHE E 146 13.90 30.81 0.10
C PHE E 146 14.26 32.16 0.69
N GLU E 147 13.96 32.31 1.97
CA GLU E 147 14.25 33.55 2.69
C GLU E 147 15.66 33.51 3.27
N ASN E 148 16.15 32.32 3.59
CA ASN E 148 17.49 32.19 4.14
C ASN E 148 18.18 30.88 3.72
N LEU E 149 19.51 30.85 3.79
CA LEU E 149 20.28 29.67 3.41
C LEU E 149 19.90 28.39 4.18
N MET E 150 19.28 28.51 5.34
CA MET E 150 18.92 27.30 6.07
C MET E 150 17.79 26.60 5.34
N GLN E 151 16.81 27.39 4.91
CA GLN E 151 15.67 26.84 4.19
C GLN E 151 16.11 26.17 2.89
N LEU E 152 17.00 26.83 2.14
CA LEU E 152 17.50 26.25 0.89
C LEU E 152 18.12 24.88 1.16
N VAL E 153 19.06 24.83 2.10
CA VAL E 153 19.71 23.57 2.45
C VAL E 153 18.70 22.49 2.83
N GLU E 154 17.77 22.79 3.73
CA GLU E 154 16.78 21.81 4.13
C GLU E 154 16.03 21.27 2.92
N HIS E 155 15.67 22.17 2.01
CA HIS E 155 14.96 21.79 0.81
C HIS E 155 15.72 20.74 0.00
N TYR E 156 17.02 20.99 -0.18
CA TYR E 156 17.85 20.10 -0.97
C TYR E 156 18.39 18.86 -0.27
N THR E 157 17.93 18.60 0.96
CA THR E 157 18.38 17.39 1.65
C THR E 157 17.23 16.41 1.50
N THR E 158 16.05 16.98 1.26
CA THR E 158 14.80 16.23 1.08
C THR E 158 14.58 15.79 -0.38
N ASP E 159 15.03 16.63 -1.32
CA ASP E 159 14.87 16.34 -2.75
C ASP E 159 16.00 16.98 -3.55
N ALA E 160 16.73 16.17 -4.33
CA ALA E 160 17.81 16.69 -5.15
C ALA E 160 17.30 17.82 -6.05
N ASP E 161 16.03 17.71 -6.40
CA ASP E 161 15.33 18.69 -7.22
C ASP E 161 16.20 19.32 -8.29
N GLY E 162 17.05 18.51 -8.92
CA GLY E 162 17.91 19.01 -9.96
C GLY E 162 19.39 18.89 -9.70
N LEU E 163 19.81 19.02 -8.44
CA LEU E 163 21.22 18.91 -8.12
C LEU E 163 21.58 17.49 -8.44
N CYS E 164 22.87 17.21 -8.64
CA CYS E 164 23.27 15.86 -8.96
C CYS E 164 22.87 14.90 -7.85
N THR E 165 22.94 15.38 -6.61
CA THR E 165 22.56 14.56 -5.48
C THR E 165 21.94 15.43 -4.42
N ARG E 166 20.91 14.93 -3.75
CA ARG E 166 20.31 15.71 -2.70
C ARG E 166 21.38 15.81 -1.60
N LEU E 167 21.26 16.85 -0.77
CA LEU E 167 22.23 17.10 0.29
C LEU E 167 22.20 16.03 1.40
N ILE E 168 23.38 15.56 1.77
CA ILE E 168 23.50 14.54 2.79
C ILE E 168 24.28 14.95 4.03
N LYS E 169 25.59 15.04 3.92
CA LYS E 169 26.40 15.40 5.08
C LYS E 169 27.08 16.76 4.99
N PRO E 170 26.93 17.58 6.03
CA PRO E 170 27.51 18.92 6.10
C PRO E 170 29.00 18.93 6.41
N LYS E 171 29.77 19.69 5.65
CA LYS E 171 31.19 19.81 5.92
C LYS E 171 31.27 21.05 6.80
N VAL E 172 30.92 20.89 8.07
CA VAL E 172 30.91 22.00 9.02
C VAL E 172 32.19 22.81 9.04
N MET E 173 32.09 24.04 9.54
CA MET E 173 33.25 24.91 9.63
C MET E 173 33.60 25.11 11.10
N GLU E 174 34.45 24.21 11.61
CA GLU E 174 34.89 24.23 13.00
C GLU E 174 35.10 25.63 13.57
N GLY E 175 34.94 25.75 14.88
CA GLY E 175 35.09 27.05 15.52
C GLY E 175 33.74 27.72 15.44
N THR E 176 32.69 26.93 15.67
CA THR E 176 31.32 27.42 15.61
C THR E 176 30.44 26.84 16.71
N VAL E 177 29.60 27.69 17.27
CA VAL E 177 28.68 27.29 18.32
C VAL E 177 27.27 27.24 17.74
N ALA E 178 26.61 26.10 17.90
CA ALA E 178 25.25 25.91 17.41
C ALA E 178 24.26 26.86 18.09
N ALA E 179 23.92 27.94 17.41
CA ALA E 179 22.98 28.91 17.96
C ALA E 179 21.70 28.22 18.43
N GLN E 180 21.27 27.21 17.69
CA GLN E 180 20.07 26.45 18.03
C GLN E 180 20.05 26.00 19.49
N ASP E 181 21.14 25.37 19.92
CA ASP E 181 21.24 24.87 21.29
C ASP E 181 21.48 25.94 22.34
N GLU E 182 22.26 26.96 21.99
CA GLU E 182 22.53 28.04 22.94
C GLU E 182 21.21 28.63 23.43
N PHE E 183 20.35 29.02 22.52
CA PHE E 183 19.06 29.59 22.91
C PHE E 183 18.22 28.59 23.68
N TYR E 184 18.31 27.33 23.30
CA TYR E 184 17.53 26.32 24.01
C TYR E 184 18.00 26.19 25.44
N ARG E 185 19.31 25.95 25.59
CA ARG E 185 19.93 25.79 26.91
C ARG E 185 19.90 27.06 27.73
N SER E 186 19.73 28.21 27.08
CA SER E 186 19.67 29.48 27.80
C SER E 186 18.26 29.83 28.20
N GLY E 187 17.32 28.93 27.92
CA GLY E 187 15.93 29.15 28.30
C GLY E 187 15.10 30.06 27.41
N TRP E 188 15.54 30.31 26.19
CA TRP E 188 14.82 31.21 25.30
C TRP E 188 14.09 30.54 24.15
N ALA E 189 14.29 29.24 23.99
CA ALA E 189 13.64 28.51 22.91
C ALA E 189 12.15 28.37 23.18
N LEU E 190 11.35 28.75 22.19
CA LEU E 190 9.89 28.69 22.30
C LEU E 190 9.32 27.58 21.42
N ASN E 191 8.09 27.20 21.72
CA ASN E 191 7.40 26.14 20.98
C ASN E 191 6.61 26.71 19.80
N MET E 192 7.12 26.51 18.58
CA MET E 192 6.42 26.99 17.39
C MET E 192 4.98 26.48 17.35
N LYS E 193 4.76 25.34 17.99
CA LYS E 193 3.45 24.71 18.04
C LYS E 193 2.47 25.45 18.96
N GLU E 194 3.00 26.07 20.02
CA GLU E 194 2.14 26.80 20.95
C GLU E 194 1.85 28.23 20.52
N LEU E 195 2.43 28.61 19.40
CA LEU E 195 2.22 29.94 18.87
C LEU E 195 1.20 29.92 17.76
N LYS E 196 0.03 30.50 18.04
CA LYS E 196 -1.01 30.54 17.02
C LYS E 196 -0.91 31.90 16.35
N LEU E 197 -0.33 31.92 15.15
CA LEU E 197 -0.20 33.17 14.43
C LEU E 197 -1.58 33.73 14.13
N LEU E 198 -1.62 35.03 13.86
CA LEU E 198 -2.87 35.70 13.55
C LEU E 198 -2.61 36.74 12.47
N GLN E 199 -3.37 37.82 12.50
CA GLN E 199 -3.20 38.90 11.53
C GLN E 199 -1.75 39.39 11.60
N THR E 200 -1.31 40.16 10.60
CA THR E 200 0.06 40.66 10.60
C THR E 200 0.08 42.19 10.78
N ILE E 201 0.36 42.61 12.00
CA ILE E 201 0.40 44.02 12.36
C ILE E 201 1.12 44.97 11.41
N GLY E 202 2.29 44.57 10.91
CA GLY E 202 3.02 45.45 10.02
C GLY E 202 3.99 44.74 9.10
N LYS E 203 4.24 45.34 7.94
CA LYS E 203 5.15 44.76 6.96
C LYS E 203 6.13 45.82 6.48
N GLY E 204 7.20 46.02 7.24
CA GLY E 204 8.21 47.01 6.90
C GLY E 204 9.28 46.50 5.93
N GLU E 205 10.27 47.34 5.65
CA GLU E 205 11.33 46.98 4.73
C GLU E 205 12.43 46.14 5.37
N PHE E 206 12.44 46.07 6.69
CA PHE E 206 13.46 45.28 7.37
C PHE E 206 12.91 43.99 7.94
N GLY E 207 11.60 43.80 7.87
CA GLY E 207 11.00 42.59 8.38
C GLY E 207 9.52 42.76 8.69
N ASP E 208 8.79 41.66 8.82
CA ASP E 208 7.36 41.73 9.11
C ASP E 208 7.08 41.42 10.56
N VAL E 209 5.96 41.94 11.05
CA VAL E 209 5.53 41.73 12.44
C VAL E 209 4.08 41.28 12.45
N MET E 210 3.83 40.17 13.14
CA MET E 210 2.48 39.61 13.22
C MET E 210 2.00 39.56 14.67
N LEU E 211 0.69 39.48 14.86
CA LEU E 211 0.14 39.36 16.20
C LEU E 211 0.00 37.86 16.41
N GLY E 212 0.22 37.41 17.62
CA GLY E 212 0.10 36.00 17.89
C GLY E 212 -0.47 35.70 19.25
N ASP E 213 -0.66 34.41 19.51
CA ASP E 213 -1.19 33.96 20.79
C ASP E 213 -0.34 32.79 21.23
N TYR E 214 0.56 33.05 22.17
CA TYR E 214 1.45 32.01 22.69
C TYR E 214 0.88 31.53 24.03
N ARG E 215 0.48 30.26 24.08
CA ARG E 215 -0.07 29.69 25.29
C ARG E 215 -1.22 30.51 25.89
N GLY E 216 -1.94 31.25 25.05
CA GLY E 216 -3.07 32.02 25.54
C GLY E 216 -2.93 33.52 25.71
N ASN E 217 -1.77 34.09 25.39
CA ASN E 217 -1.59 35.53 25.52
C ASN E 217 -1.12 36.18 24.23
N LYS E 218 -1.33 37.49 24.14
CA LYS E 218 -0.94 38.25 22.97
C LYS E 218 0.58 38.48 22.94
N VAL E 219 1.18 38.29 21.77
CA VAL E 219 2.60 38.49 21.61
C VAL E 219 2.85 38.99 20.20
N ALA E 220 4.04 39.54 19.96
CA ALA E 220 4.38 40.02 18.64
C ALA E 220 5.41 39.05 18.06
N VAL E 221 5.28 38.70 16.78
CA VAL E 221 6.19 37.77 16.14
C VAL E 221 6.90 38.46 14.98
N LYS E 222 8.21 38.62 15.10
CA LYS E 222 8.96 39.31 14.07
C LYS E 222 9.89 38.37 13.29
N CYS E 223 10.14 38.71 12.03
CA CYS E 223 11.04 37.94 11.18
C CYS E 223 11.88 39.03 10.54
N ILE E 224 13.07 38.70 10.06
CA ILE E 224 13.92 39.74 9.48
C ILE E 224 14.25 39.51 8.00
N LYS E 225 13.86 40.46 7.16
CA LYS E 225 14.08 40.39 5.72
C LYS E 225 15.53 40.57 5.32
N ASN E 226 15.87 40.08 4.12
CA ASN E 226 17.23 40.19 3.58
C ASN E 226 18.24 39.66 4.55
N ASP E 227 17.93 38.54 5.19
CA ASP E 227 18.82 37.99 6.17
C ASP E 227 19.20 36.57 5.81
N ALA E 228 19.80 36.42 4.63
CA ALA E 228 20.21 35.12 4.11
C ALA E 228 21.08 34.30 5.07
N THR E 229 21.92 34.99 5.85
CA THR E 229 22.82 34.33 6.79
C THR E 229 22.21 34.16 8.17
N ALA E 230 21.12 34.88 8.44
CA ALA E 230 20.48 34.86 9.74
C ALA E 230 21.31 35.64 10.78
N GLN E 231 22.27 36.43 10.31
CA GLN E 231 23.11 37.22 11.21
C GLN E 231 22.24 38.22 11.95
N ALA E 232 21.50 39.00 11.18
CA ALA E 232 20.62 39.99 11.75
C ALA E 232 19.75 39.31 12.80
N PHE E 233 19.22 38.15 12.45
CA PHE E 233 18.36 37.41 13.37
C PHE E 233 19.14 37.10 14.66
N LEU E 234 20.31 36.49 14.52
CA LEU E 234 21.13 36.15 15.68
C LEU E 234 21.47 37.39 16.50
N ALA E 235 21.98 38.42 15.82
CA ALA E 235 22.34 39.66 16.46
C ALA E 235 21.20 40.18 17.35
N GLU E 236 20.09 40.54 16.71
CA GLU E 236 18.95 41.05 17.43
C GLU E 236 18.47 40.11 18.54
N ALA E 237 18.44 38.82 18.27
CA ALA E 237 17.98 37.88 19.28
C ALA E 237 18.95 37.76 20.45
N SER E 238 20.24 37.90 20.17
CA SER E 238 21.25 37.80 21.22
C SER E 238 21.14 38.97 22.17
N VAL E 239 21.23 40.18 21.63
CA VAL E 239 21.18 41.37 22.49
C VAL E 239 19.99 41.32 23.40
N MET E 240 18.85 40.92 22.84
CA MET E 240 17.64 40.88 23.62
C MET E 240 17.61 39.97 24.82
N THR E 241 18.37 38.88 24.80
CA THR E 241 18.39 38.01 25.97
C THR E 241 19.15 38.74 27.09
N GLN E 242 19.77 39.86 26.74
CA GLN E 242 20.56 40.64 27.70
C GLN E 242 19.90 41.91 28.18
N LEU E 243 18.88 42.36 27.47
CA LEU E 243 18.21 43.58 27.84
C LEU E 243 17.02 43.27 28.72
N ARG E 244 16.83 44.08 29.76
CA ARG E 244 15.72 43.87 30.67
C ARG E 244 15.41 45.19 31.37
N HIS E 245 14.33 45.83 30.92
CA HIS E 245 13.93 47.11 31.46
C HIS E 245 12.50 47.40 31.03
N SER E 246 11.77 48.11 31.88
CA SER E 246 10.38 48.42 31.59
C SER E 246 10.14 49.27 30.36
N ASN E 247 11.18 49.92 29.85
CA ASN E 247 10.97 50.74 28.68
C ASN E 247 11.73 50.26 27.45
N LEU E 248 11.95 48.95 27.43
CA LEU E 248 12.58 48.26 26.31
C LEU E 248 11.63 47.11 26.00
N VAL E 249 11.21 46.98 24.75
CA VAL E 249 10.30 45.90 24.37
C VAL E 249 10.94 44.57 24.75
N GLN E 250 10.23 43.81 25.57
CA GLN E 250 10.72 42.54 26.09
C GLN E 250 10.69 41.31 25.21
N LEU E 251 11.80 40.60 25.20
CA LEU E 251 11.91 39.35 24.45
C LEU E 251 11.17 38.32 25.30
N LEU E 252 10.52 37.36 24.65
CA LEU E 252 9.79 36.30 25.35
C LEU E 252 10.38 34.96 24.94
N GLY E 253 10.91 34.92 23.73
CA GLY E 253 11.47 33.68 23.25
C GLY E 253 11.85 33.78 21.80
N VAL E 254 12.56 32.76 21.33
CA VAL E 254 13.04 32.70 19.97
C VAL E 254 12.50 31.44 19.30
N ILE E 255 12.25 31.52 18.00
CA ILE E 255 11.76 30.35 17.28
C ILE E 255 12.62 30.06 16.06
N VAL E 256 13.17 28.85 16.04
CA VAL E 256 14.01 28.39 14.94
C VAL E 256 13.42 27.09 14.39
N GLU E 257 12.48 27.23 13.45
CA GLU E 257 11.83 26.09 12.82
C GLU E 257 12.82 25.19 12.11
N GLU E 258 12.60 23.89 12.18
CA GLU E 258 13.50 22.93 11.55
C GLU E 258 13.80 23.33 10.10
N LYS E 259 12.75 23.76 9.38
CA LYS E 259 12.87 24.17 7.98
C LYS E 259 13.64 25.46 7.77
N GLY E 260 14.12 26.05 8.86
CA GLY E 260 14.88 27.29 8.75
C GLY E 260 14.11 28.59 8.95
N GLY E 261 12.92 28.51 9.54
CA GLY E 261 12.14 29.71 9.80
C GLY E 261 12.66 30.39 11.05
N LEU E 262 12.92 31.69 10.98
CA LEU E 262 13.47 32.41 12.11
C LEU E 262 12.54 33.45 12.69
N TYR E 263 12.14 33.28 13.94
CA TYR E 263 11.24 34.27 14.54
C TYR E 263 11.61 34.76 15.94
N ILE E 264 11.30 36.02 16.21
CA ILE E 264 11.56 36.64 17.49
C ILE E 264 10.22 37.05 18.09
N VAL E 265 9.85 36.43 19.20
CA VAL E 265 8.60 36.72 19.88
C VAL E 265 8.80 37.73 21.01
N THR E 266 8.00 38.79 21.03
CA THR E 266 8.13 39.80 22.08
C THR E 266 6.78 40.14 22.68
N GLU E 267 6.78 41.02 23.68
CA GLU E 267 5.53 41.40 24.30
C GLU E 267 4.77 42.20 23.23
N TYR E 268 3.45 42.15 23.30
CA TYR E 268 2.62 42.86 22.35
C TYR E 268 2.54 44.34 22.70
N MET E 269 2.64 45.20 21.69
CA MET E 269 2.54 46.63 21.92
C MET E 269 1.29 47.14 21.21
N ALA E 270 0.18 47.15 21.96
CA ALA E 270 -1.13 47.56 21.45
C ALA E 270 -1.21 48.83 20.62
N LYS E 271 -0.79 49.96 21.19
CA LYS E 271 -0.84 51.25 20.50
C LYS E 271 0.06 51.36 19.26
N GLY E 272 0.97 50.40 19.09
CA GLY E 272 1.87 50.44 17.95
C GLY E 272 2.92 51.53 18.07
N SER E 273 3.48 51.94 16.92
CA SER E 273 4.51 52.97 16.87
C SER E 273 4.14 54.24 17.61
N LEU E 274 5.14 54.90 18.21
CA LEU E 274 4.91 56.14 18.95
C LEU E 274 4.52 57.26 17.97
N VAL E 275 5.03 57.19 16.75
CA VAL E 275 4.69 58.19 15.76
C VAL E 275 3.18 58.20 15.64
N ASP E 276 2.63 57.04 15.31
CA ASP E 276 1.18 56.88 15.15
C ASP E 276 0.44 57.41 16.36
N TYR E 277 0.73 56.85 17.53
CA TYR E 277 0.05 57.28 18.76
C TYR E 277 0.12 58.79 18.95
N LEU E 278 1.03 59.44 18.21
CA LEU E 278 1.16 60.89 18.29
C LEU E 278 0.41 61.52 17.13
N ARG E 279 0.80 61.18 15.90
CA ARG E 279 0.12 61.72 14.72
C ARG E 279 -1.38 61.43 14.86
N SER E 280 -1.83 60.47 14.08
CA SER E 280 -3.23 60.08 14.10
C SER E 280 -3.65 59.56 15.48
N ARG E 281 -3.85 60.46 16.45
CA ARG E 281 -4.28 60.02 17.77
C ARG E 281 -4.87 61.07 18.72
N GLY E 282 -4.58 62.35 18.51
CA GLY E 282 -5.17 63.34 19.39
C GLY E 282 -4.33 64.51 19.84
N ARG E 283 -4.07 65.44 18.93
CA ARG E 283 -3.28 66.63 19.24
C ARG E 283 -4.02 67.48 20.27
N SER E 284 -3.27 68.09 21.20
CA SER E 284 -3.83 68.93 22.26
C SER E 284 -4.86 68.23 23.15
N VAL E 285 -5.05 66.94 22.93
CA VAL E 285 -5.96 66.13 23.74
C VAL E 285 -5.05 65.38 24.71
N LEU E 286 -3.75 65.48 24.42
CA LEU E 286 -2.68 64.88 25.21
C LEU E 286 -1.62 65.96 25.38
N GLY E 287 -1.83 66.82 26.37
CA GLY E 287 -0.90 67.91 26.59
C GLY E 287 0.36 67.58 27.38
N GLY E 288 1.23 68.58 27.46
CA GLY E 288 2.50 68.47 28.17
C GLY E 288 2.69 67.25 29.03
N ASP E 289 1.88 67.11 30.08
CA ASP E 289 1.97 65.97 30.97
C ASP E 289 2.21 64.68 30.19
N CYS E 290 1.33 64.37 29.25
CA CYS E 290 1.47 63.16 28.46
C CYS E 290 2.80 63.17 27.71
N LEU E 291 3.00 64.17 26.87
CA LEU E 291 4.23 64.28 26.09
C LEU E 291 5.48 64.17 26.96
N LEU E 292 5.52 64.90 28.07
CA LEU E 292 6.68 64.86 28.94
C LEU E 292 6.88 63.45 29.49
N LYS E 293 5.80 62.69 29.55
CA LYS E 293 5.87 61.35 30.09
C LYS E 293 6.48 60.39 29.10
N PHE E 294 6.25 60.62 27.82
CA PHE E 294 6.82 59.76 26.81
C PHE E 294 8.30 60.06 26.69
N SER E 295 8.65 61.33 26.87
CA SER E 295 10.04 61.75 26.79
C SER E 295 10.83 61.05 27.88
N LEU E 296 10.29 61.07 29.08
CA LEU E 296 10.92 60.43 30.23
C LEU E 296 11.03 58.92 30.01
N ASP E 297 9.98 58.31 29.49
CA ASP E 297 9.99 56.88 29.24
C ASP E 297 11.19 56.48 28.38
N VAL E 298 11.26 57.05 27.18
CA VAL E 298 12.34 56.75 26.26
C VAL E 298 13.68 57.04 26.90
N CYS E 299 13.72 58.11 27.67
CA CYS E 299 14.94 58.52 28.33
C CYS E 299 15.37 57.46 29.34
N GLU E 300 14.43 56.99 30.15
CA GLU E 300 14.78 55.98 31.13
C GLU E 300 15.30 54.75 30.42
N ALA E 301 14.82 54.51 29.20
CA ALA E 301 15.24 53.36 28.42
C ALA E 301 16.69 53.53 28.00
N MET E 302 17.03 54.75 27.59
CA MET E 302 18.37 55.08 27.12
C MET E 302 19.36 55.14 28.26
N GLU E 303 18.88 55.52 29.44
CA GLU E 303 19.74 55.57 30.61
C GLU E 303 20.09 54.12 30.94
N TYR E 304 19.11 53.22 30.85
CA TYR E 304 19.34 51.80 31.10
C TYR E 304 20.39 51.25 30.12
N LEU E 305 20.20 51.54 28.85
CA LEU E 305 21.15 51.05 27.87
C LEU E 305 22.52 51.61 28.17
N GLU E 306 22.57 52.88 28.55
CA GLU E 306 23.84 53.50 28.86
C GLU E 306 24.42 52.78 30.06
N GLY E 307 23.55 52.52 31.03
CA GLY E 307 23.98 51.85 32.23
C GLY E 307 24.54 50.45 32.03
N ASN E 308 24.22 49.84 30.90
CA ASN E 308 24.72 48.48 30.62
C ASN E 308 25.68 48.44 29.45
N ASN E 309 26.21 49.61 29.07
CA ASN E 309 27.18 49.70 27.99
C ASN E 309 26.64 49.34 26.62
N PHE E 310 25.44 49.83 26.30
CA PHE E 310 24.87 49.54 25.00
C PHE E 310 24.54 50.81 24.23
N VAL E 311 24.82 50.78 22.93
CA VAL E 311 24.51 51.90 22.06
C VAL E 311 23.43 51.37 21.11
N HIS E 312 22.24 51.95 21.17
CA HIS E 312 21.15 51.49 20.32
C HIS E 312 21.41 51.75 18.83
N ARG E 313 21.94 52.93 18.52
CA ARG E 313 22.27 53.35 17.14
C ARG E 313 21.10 53.61 16.19
N ASP E 314 19.87 53.32 16.61
CA ASP E 314 18.76 53.52 15.70
C ASP E 314 17.54 54.06 16.42
N LEU E 315 17.76 55.02 17.32
CA LEU E 315 16.67 55.61 18.06
C LEU E 315 15.95 56.65 17.23
N ALA E 316 14.63 56.51 17.15
CA ALA E 316 13.77 57.41 16.39
C ALA E 316 12.37 57.11 16.90
N ALA E 317 11.40 57.98 16.64
CA ALA E 317 10.04 57.74 17.12
C ALA E 317 9.43 56.55 16.38
N ARG E 318 10.01 56.23 15.23
CA ARG E 318 9.57 55.10 14.41
C ARG E 318 9.81 53.78 15.13
N ASN E 319 10.90 53.71 15.89
CA ASN E 319 11.26 52.49 16.60
C ASN E 319 10.94 52.49 18.10
N VAL E 320 9.87 53.19 18.48
CA VAL E 320 9.41 53.25 19.86
C VAL E 320 7.97 52.79 19.80
N LEU E 321 7.51 52.02 20.78
CA LEU E 321 6.14 51.54 20.74
C LEU E 321 5.39 51.86 22.02
N VAL E 322 4.06 51.98 21.92
CA VAL E 322 3.26 52.28 23.10
C VAL E 322 2.45 51.06 23.52
N SER E 323 2.24 50.91 24.83
CA SER E 323 1.52 49.75 25.35
C SER E 323 0.09 50.03 25.80
N GLU E 324 -0.60 48.94 26.14
CA GLU E 324 -1.98 49.00 26.60
C GLU E 324 -2.14 49.97 27.76
N ASP E 325 -1.18 49.99 28.69
CA ASP E 325 -1.30 50.90 29.80
C ASP E 325 -0.47 52.17 29.61
N ASN E 326 -0.44 52.61 28.35
CA ASN E 326 0.25 53.84 27.92
C ASN E 326 1.71 54.03 28.34
N VAL E 327 2.56 53.07 28.00
CA VAL E 327 3.97 53.15 28.32
C VAL E 327 4.78 53.10 27.04
N ALA E 328 5.71 54.02 26.88
CA ALA E 328 6.53 54.03 25.67
C ALA E 328 7.74 53.13 25.91
N LYS E 329 8.07 52.31 24.92
CA LYS E 329 9.19 51.39 25.02
C LYS E 329 9.98 51.38 23.74
N VAL E 330 11.30 51.46 23.87
CA VAL E 330 12.20 51.44 22.73
C VAL E 330 12.24 50.00 22.19
N SER E 331 12.47 49.84 20.89
CA SER E 331 12.56 48.50 20.30
C SER E 331 13.56 48.51 19.15
N ASP E 332 13.49 47.52 18.26
CA ASP E 332 14.42 47.39 17.13
C ASP E 332 15.86 47.39 17.60
N PHE E 333 16.28 46.31 18.25
CA PHE E 333 17.63 46.24 18.77
C PHE E 333 18.65 45.61 17.83
N GLY E 334 18.24 45.41 16.59
CA GLY E 334 19.13 44.80 15.62
C GLY E 334 20.52 45.40 15.54
N LEU E 335 20.63 46.71 15.75
CA LEU E 335 21.93 47.38 15.70
C LEU E 335 22.51 47.63 17.09
N THR E 336 21.78 47.23 18.13
CA THR E 336 22.20 47.44 19.50
C THR E 336 23.40 46.59 19.90
N LYS E 337 24.50 47.27 20.22
CA LYS E 337 25.72 46.60 20.61
C LYS E 337 26.51 47.55 21.51
N GLU E 338 27.61 47.07 22.07
CA GLU E 338 28.42 47.92 22.92
C GLU E 338 29.22 48.89 22.07
N ALA E 339 29.63 50.01 22.65
CA ALA E 339 30.37 51.06 21.96
C ALA E 339 31.38 50.60 20.91
N SER E 340 32.34 49.79 21.34
CA SER E 340 33.41 49.25 20.49
C SER E 340 33.19 49.37 18.97
N SER E 341 34.14 50.04 18.31
CA SER E 341 34.14 50.27 16.88
C SER E 341 33.74 49.08 16.00
N THR E 342 33.49 49.37 14.72
CA THR E 342 33.11 48.35 13.73
C THR E 342 33.27 48.91 12.32
N LEU E 348 22.25 54.31 10.04
CA LEU E 348 21.96 54.86 8.72
C LEU E 348 20.88 55.93 8.67
N PRO E 349 19.96 55.96 9.66
CA PRO E 349 18.90 56.99 9.65
C PRO E 349 19.49 58.40 9.61
N VAL E 350 19.87 58.85 8.41
CA VAL E 350 20.49 60.14 8.20
C VAL E 350 19.88 61.32 8.96
N LYS E 351 18.55 61.40 8.97
CA LYS E 351 17.89 62.49 9.69
C LYS E 351 17.93 62.28 11.19
N TRP E 352 18.30 61.08 11.62
CA TRP E 352 18.35 60.75 13.03
C TRP E 352 19.74 60.47 13.60
N THR E 353 20.75 60.43 12.76
CA THR E 353 22.09 60.10 13.24
C THR E 353 22.97 61.30 13.55
N ALA E 354 23.80 61.15 14.59
CA ALA E 354 24.71 62.21 15.00
C ALA E 354 25.73 62.44 13.90
N PRO E 355 26.02 63.71 13.60
CA PRO E 355 26.98 64.08 12.55
C PRO E 355 28.29 63.32 12.57
N GLU E 356 28.93 63.25 13.74
CA GLU E 356 30.20 62.56 13.85
C GLU E 356 30.10 61.06 13.65
N ALA E 357 28.89 60.54 13.72
CA ALA E 357 28.68 59.10 13.54
C ALA E 357 28.52 58.76 12.06
N LEU E 358 27.80 59.59 11.33
CA LEU E 358 27.61 59.35 9.90
C LEU E 358 28.99 59.30 9.23
N ARG E 359 29.78 60.34 9.43
CA ARG E 359 31.12 60.38 8.83
C ARG E 359 32.06 59.45 9.56
N GLU E 360 32.74 59.96 10.59
CA GLU E 360 33.69 59.17 11.34
C GLU E 360 33.14 57.82 11.80
N LYS E 361 31.90 57.52 11.43
CA LYS E 361 31.26 56.26 11.81
C LYS E 361 31.68 55.90 13.23
N LYS E 362 31.56 56.89 14.10
CA LYS E 362 31.94 56.73 15.49
C LYS E 362 30.65 56.71 16.30
N PHE E 363 30.22 55.53 16.73
CA PHE E 363 29.00 55.40 17.52
C PHE E 363 29.29 55.29 19.01
N SER E 364 28.61 56.12 19.79
CA SER E 364 28.78 56.17 21.23
C SER E 364 27.45 56.51 21.84
N THR E 365 27.39 56.50 23.17
CA THR E 365 26.16 56.85 23.83
C THR E 365 25.84 58.29 23.44
N LYS E 366 26.87 59.06 23.13
CA LYS E 366 26.67 60.45 22.73
C LYS E 366 25.90 60.57 21.43
N SER E 367 26.12 59.65 20.49
CA SER E 367 25.37 59.74 19.24
C SER E 367 23.92 59.35 19.52
N ASP E 368 23.70 58.46 20.48
CA ASP E 368 22.35 58.08 20.84
C ASP E 368 21.71 59.32 21.46
N VAL E 369 22.48 60.03 22.27
CA VAL E 369 21.95 61.23 22.90
C VAL E 369 21.47 62.18 21.80
N TRP E 370 22.25 62.29 20.74
CA TRP E 370 21.88 63.14 19.61
C TRP E 370 20.53 62.68 19.06
N SER E 371 20.46 61.41 18.67
CA SER E 371 19.23 60.85 18.13
C SER E 371 18.07 61.16 19.08
N PHE E 372 18.36 61.12 20.38
CA PHE E 372 17.32 61.41 21.36
C PHE E 372 16.80 62.82 21.18
N GLY E 373 17.67 63.74 20.82
CA GLY E 373 17.23 65.11 20.61
C GLY E 373 16.20 65.14 19.50
N ILE E 374 16.51 64.46 18.40
CA ILE E 374 15.63 64.39 17.26
C ILE E 374 14.31 63.75 17.66
N LEU E 375 14.39 62.66 18.41
CA LEU E 375 13.19 61.97 18.84
C LEU E 375 12.37 62.88 19.73
N LEU E 376 13.05 63.65 20.57
CA LEU E 376 12.37 64.57 21.47
C LEU E 376 11.62 65.59 20.61
N TRP E 377 12.24 65.94 19.48
CA TRP E 377 11.63 66.89 18.55
C TRP E 377 10.36 66.26 17.96
N GLU E 378 10.49 65.04 17.44
CA GLU E 378 9.35 64.32 16.88
C GLU E 378 8.22 64.36 17.88
N ILE E 379 8.52 64.03 19.13
CA ILE E 379 7.50 64.00 20.15
C ILE E 379 6.76 65.32 20.26
N TYR E 380 7.47 66.40 20.58
CA TYR E 380 6.81 67.68 20.74
C TYR E 380 6.14 68.22 19.50
N SER E 381 6.53 67.68 18.36
CA SER E 381 5.86 68.03 17.11
C SER E 381 4.79 66.95 17.27
N PHE E 382 4.33 66.34 16.19
CA PHE E 382 3.36 65.27 16.36
C PHE E 382 3.55 64.23 15.28
N GLY E 383 4.76 63.68 15.25
CA GLY E 383 5.10 62.68 14.26
C GLY E 383 5.75 63.35 13.07
N ARG E 384 5.87 64.67 13.15
CA ARG E 384 6.47 65.44 12.07
C ARG E 384 7.85 64.92 11.68
N VAL E 385 8.02 64.59 10.41
CA VAL E 385 9.30 64.11 9.92
C VAL E 385 10.37 65.17 10.11
N PRO E 386 11.48 64.81 10.74
CA PRO E 386 12.60 65.74 11.00
C PRO E 386 12.99 66.55 9.78
N TYR E 387 13.48 67.76 10.03
CA TYR E 387 13.94 68.68 9.01
C TYR E 387 12.95 69.07 7.91
N PRO E 388 11.80 69.64 8.30
CA PRO E 388 10.79 70.05 7.32
C PRO E 388 11.27 71.32 6.60
N ARG E 389 10.95 71.42 5.30
CA ARG E 389 11.36 72.58 4.51
C ARG E 389 12.87 72.56 4.26
N ILE E 390 13.45 71.36 4.24
CA ILE E 390 14.90 71.20 4.02
C ILE E 390 15.18 70.01 3.12
N PRO E 391 16.17 70.13 2.22
CA PRO E 391 16.56 69.07 1.28
C PRO E 391 17.25 67.89 1.97
N LEU E 392 16.70 66.69 1.77
CA LEU E 392 17.25 65.48 2.38
C LEU E 392 18.61 65.12 1.77
N LYS E 393 19.39 66.16 1.50
CA LYS E 393 20.74 66.04 0.96
C LYS E 393 21.43 67.34 1.32
N ASP E 394 20.69 68.17 2.04
CA ASP E 394 21.16 69.46 2.50
C ASP E 394 21.38 69.38 4.00
N VAL E 395 20.59 68.52 4.64
CA VAL E 395 20.65 68.32 6.09
C VAL E 395 22.06 68.17 6.65
N VAL E 396 22.83 67.23 6.12
CA VAL E 396 24.19 67.03 6.62
C VAL E 396 25.07 68.27 6.53
N PRO E 397 25.13 68.91 5.35
CA PRO E 397 25.98 70.11 5.25
C PRO E 397 25.54 71.18 6.25
N ARG E 398 24.24 71.38 6.36
CA ARG E 398 23.65 72.38 7.27
C ARG E 398 23.85 72.05 8.75
N VAL E 399 23.62 70.79 9.11
CA VAL E 399 23.79 70.37 10.50
C VAL E 399 25.25 70.54 10.91
N GLU E 400 26.16 70.08 10.05
CA GLU E 400 27.59 70.18 10.32
C GLU E 400 28.07 71.62 10.44
N LYS E 401 27.32 72.54 9.84
CA LYS E 401 27.65 73.97 9.89
C LYS E 401 27.02 74.57 11.14
N GLY E 402 26.25 73.75 11.85
CA GLY E 402 25.62 74.19 13.07
C GLY E 402 24.11 74.33 13.00
N TYR E 403 23.51 74.00 11.86
CA TYR E 403 22.06 74.13 11.72
C TYR E 403 21.28 73.27 12.71
N LYS E 404 20.36 73.93 13.42
CA LYS E 404 19.49 73.29 14.39
C LYS E 404 18.09 73.60 13.89
N MET E 405 17.16 72.67 14.00
CA MET E 405 15.82 72.96 13.51
C MET E 405 15.00 73.71 14.54
N ASP E 406 14.00 74.45 14.07
CA ASP E 406 13.16 75.24 14.95
C ASP E 406 12.42 74.44 15.99
N ALA E 407 12.03 75.12 17.06
CA ALA E 407 11.29 74.49 18.13
C ALA E 407 9.86 74.27 17.65
N PRO E 408 9.33 73.05 17.86
CA PRO E 408 7.95 72.76 17.43
C PRO E 408 6.98 73.72 18.08
N ASP E 409 5.81 73.91 17.46
CA ASP E 409 4.82 74.80 18.00
C ASP E 409 4.38 74.41 19.39
N GLY E 410 4.10 75.42 20.21
CA GLY E 410 3.66 75.19 21.57
C GLY E 410 4.69 74.48 22.43
N CYS E 411 5.89 74.28 21.91
CA CYS E 411 6.92 73.60 22.67
C CYS E 411 7.50 74.42 23.81
N PRO E 412 7.45 73.87 25.03
CA PRO E 412 7.99 74.59 26.18
C PRO E 412 9.49 74.86 25.99
N PRO E 413 9.90 76.14 26.05
CA PRO E 413 11.31 76.55 25.88
C PRO E 413 12.29 75.61 26.59
N ALA E 414 11.95 75.23 27.81
CA ALA E 414 12.80 74.34 28.58
C ALA E 414 13.06 73.06 27.79
N VAL E 415 11.98 72.48 27.24
CA VAL E 415 12.08 71.26 26.46
C VAL E 415 12.89 71.49 25.20
N TYR E 416 12.68 72.63 24.55
CA TYR E 416 13.46 72.91 23.36
C TYR E 416 14.92 73.01 23.77
N ASP E 417 15.18 73.59 24.93
CA ASP E 417 16.55 73.71 25.41
C ASP E 417 17.24 72.34 25.42
N VAL E 418 16.56 71.35 25.98
CA VAL E 418 17.08 69.99 26.04
C VAL E 418 17.48 69.54 24.63
N MET E 419 16.54 69.62 23.68
CA MET E 419 16.84 69.24 22.30
C MET E 419 18.16 69.90 21.92
N LYS E 420 18.17 71.22 21.97
CA LYS E 420 19.36 72.01 21.64
C LYS E 420 20.62 71.42 22.27
N ASN E 421 20.55 71.11 23.56
CA ASN E 421 21.70 70.58 24.26
C ASN E 421 22.13 69.21 23.72
N CYS E 422 21.19 68.43 23.22
CA CYS E 422 21.56 67.12 22.65
C CYS E 422 22.23 67.35 21.33
N TRP E 423 21.97 68.50 20.72
CA TRP E 423 22.53 68.79 19.42
C TRP E 423 23.88 69.49 19.33
N HIS E 424 24.64 69.48 20.43
CA HIS E 424 25.97 70.10 20.39
C HIS E 424 26.77 69.34 19.35
N LEU E 425 27.49 70.07 18.48
CA LEU E 425 28.30 69.42 17.46
C LEU E 425 29.47 68.69 18.11
N ASP E 426 29.85 69.14 19.29
CA ASP E 426 30.91 68.45 20.01
C ASP E 426 30.17 67.43 20.87
N ALA E 427 30.34 66.16 20.54
CA ALA E 427 29.67 65.06 21.26
C ALA E 427 29.83 65.10 22.78
N ALA E 428 31.07 65.20 23.24
CA ALA E 428 31.37 65.24 24.67
C ALA E 428 30.61 66.34 25.40
N THR E 429 30.22 67.40 24.69
CA THR E 429 29.48 68.48 25.34
C THR E 429 28.05 68.02 25.63
N ARG E 430 27.58 67.05 24.85
CA ARG E 430 26.22 66.54 25.02
C ARG E 430 25.99 65.95 26.39
N PRO E 431 24.77 66.11 26.91
CA PRO E 431 24.48 65.56 28.22
C PRO E 431 24.53 64.05 28.26
N THR E 432 24.35 63.55 29.47
CA THR E 432 24.37 62.14 29.78
C THR E 432 22.87 61.78 29.80
N PHE E 433 22.51 60.51 29.65
CA PHE E 433 21.09 60.22 29.72
C PHE E 433 20.52 60.49 31.11
N LEU E 434 21.34 60.30 32.14
CA LEU E 434 20.87 60.59 33.50
C LEU E 434 20.60 62.09 33.59
N GLN E 435 21.59 62.89 33.19
CA GLN E 435 21.43 64.35 33.21
C GLN E 435 20.21 64.76 32.39
N LEU E 436 19.89 63.98 31.36
CA LEU E 436 18.72 64.28 30.55
C LEU E 436 17.47 63.97 31.33
N ARG E 437 17.46 62.86 32.03
CA ARG E 437 16.29 62.49 32.82
C ARG E 437 16.00 63.55 33.88
N GLU E 438 17.05 64.07 34.49
CA GLU E 438 16.87 65.08 35.52
C GLU E 438 16.48 66.44 34.93
N GLN E 439 17.10 66.84 33.83
CA GLN E 439 16.71 68.09 33.21
C GLN E 439 15.19 67.96 33.07
N LEU E 440 14.76 66.88 32.42
CA LEU E 440 13.33 66.61 32.19
C LEU E 440 12.50 66.54 33.47
N GLU E 441 13.05 65.94 34.52
CA GLU E 441 12.32 65.85 35.78
C GLU E 441 12.19 67.24 36.38
N HIS E 442 13.29 68.00 36.32
CA HIS E 442 13.34 69.36 36.81
C HIS E 442 12.20 70.12 36.14
N ILE E 443 12.09 69.95 34.83
CA ILE E 443 11.04 70.60 34.05
C ILE E 443 9.67 70.18 34.56
N ARG E 444 9.61 69.05 35.25
CA ARG E 444 8.33 68.57 35.77
C ARG E 444 8.21 68.91 37.24
N THR E 445 9.31 68.77 37.99
CA THR E 445 9.33 69.09 39.42
C THR E 445 8.61 70.41 39.61
N HIS E 446 8.80 71.30 38.65
CA HIS E 446 8.14 72.59 38.61
C HIS E 446 7.39 72.47 37.31
N GLU E 447 6.15 72.92 37.22
CA GLU E 447 5.49 72.83 35.93
C GLU E 447 6.36 73.77 35.10
N LEU E 448 6.67 73.37 33.87
CA LEU E 448 7.49 74.18 32.97
C LEU E 448 7.19 73.75 31.56
N HIS E 449 6.47 72.64 31.45
CA HIS E 449 6.06 72.12 30.15
C HIS E 449 4.61 72.56 30.06
N LEU E 450 4.04 72.84 31.22
CA LEU E 450 2.67 73.30 31.33
C LEU E 450 2.64 74.78 31.01
N ALA F 6 18.10 11.46 -60.31
CA ALA F 6 18.51 10.03 -60.46
C ALA F 6 19.38 9.87 -61.70
N SER F 7 20.67 9.65 -61.51
CA SER F 7 21.59 9.50 -62.63
C SER F 7 21.25 8.26 -63.44
N TRP F 8 21.58 8.26 -64.72
CA TRP F 8 21.30 7.12 -65.56
C TRP F 8 22.10 5.94 -65.03
N PRO F 9 21.46 4.77 -64.92
CA PRO F 9 22.12 3.56 -64.42
C PRO F 9 23.07 3.02 -65.47
N SER F 10 24.11 2.33 -65.02
CA SER F 10 25.07 1.75 -65.95
C SER F 10 24.37 0.93 -67.04
N GLY F 11 24.83 1.05 -68.27
CA GLY F 11 24.25 0.28 -69.35
C GLY F 11 23.16 1.01 -70.10
N THR F 12 22.68 2.10 -69.51
CA THR F 12 21.63 2.90 -70.15
C THR F 12 22.03 3.30 -71.58
N GLU F 13 21.03 3.46 -72.45
CA GLU F 13 21.29 3.83 -73.84
C GLU F 13 20.92 5.29 -74.10
N CYS F 14 21.88 6.05 -74.66
CA CYS F 14 21.63 7.46 -74.96
C CYS F 14 22.05 7.83 -76.37
N ILE F 15 21.21 8.61 -77.03
CA ILE F 15 21.49 9.07 -78.38
C ILE F 15 22.03 10.50 -78.26
N ALA F 16 22.97 10.87 -79.12
CA ALA F 16 23.57 12.22 -79.09
C ALA F 16 22.68 13.24 -79.76
N LYS F 17 22.45 14.36 -79.06
CA LYS F 17 21.62 15.44 -79.58
C LYS F 17 22.40 16.43 -80.44
N TYR F 18 23.70 16.53 -80.19
CA TYR F 18 24.55 17.45 -80.93
C TYR F 18 25.91 16.81 -81.10
N ASN F 19 26.77 17.46 -81.85
CA ASN F 19 28.12 16.98 -82.04
C ASN F 19 28.91 17.41 -80.81
N PHE F 20 29.78 16.53 -80.32
CA PHE F 20 30.59 16.87 -79.16
C PHE F 20 32.03 16.73 -79.58
N HIS F 21 32.77 17.83 -79.50
CA HIS F 21 34.15 17.81 -79.93
C HIS F 21 35.16 17.53 -78.82
N GLY F 22 34.69 17.55 -77.57
CA GLY F 22 35.59 17.28 -76.47
C GLY F 22 36.15 18.55 -75.89
N THR F 23 36.37 18.55 -74.58
CA THR F 23 36.89 19.73 -73.91
C THR F 23 38.19 19.40 -73.20
N ALA F 24 38.47 18.12 -73.06
CA ALA F 24 39.69 17.66 -72.41
C ALA F 24 40.07 16.31 -73.00
N GLU F 25 41.19 15.74 -72.56
CA GLU F 25 41.61 14.45 -73.09
C GLU F 25 40.59 13.35 -72.80
N GLN F 26 40.31 13.14 -71.51
CA GLN F 26 39.36 12.11 -71.09
C GLN F 26 38.03 12.11 -71.83
N ASP F 27 37.58 13.28 -72.26
CA ASP F 27 36.31 13.40 -72.96
C ASP F 27 36.18 12.49 -74.18
N LEU F 28 34.98 11.98 -74.41
CA LEU F 28 34.74 11.11 -75.54
C LEU F 28 33.97 11.84 -76.62
N PRO F 29 34.67 12.28 -77.66
CA PRO F 29 34.00 12.98 -78.75
C PRO F 29 32.94 12.07 -79.37
N PHE F 30 32.07 12.65 -80.19
CA PHE F 30 31.03 11.89 -80.86
C PHE F 30 30.17 12.79 -81.75
N CYS F 31 29.36 12.17 -82.60
CA CYS F 31 28.53 12.93 -83.52
C CYS F 31 27.04 12.82 -83.29
N LYS F 32 26.31 13.83 -83.74
CA LYS F 32 24.87 13.87 -83.59
C LYS F 32 24.28 12.57 -84.10
N GLY F 33 23.29 12.06 -83.38
CA GLY F 33 22.65 10.82 -83.80
C GLY F 33 23.43 9.59 -83.37
N ASP F 34 24.61 9.79 -82.81
CA ASP F 34 25.44 8.67 -82.34
C ASP F 34 24.71 8.01 -81.16
N VAL F 35 25.00 6.74 -80.92
CA VAL F 35 24.40 6.03 -79.80
C VAL F 35 25.54 5.71 -78.85
N LEU F 36 25.35 6.00 -77.58
CA LEU F 36 26.38 5.75 -76.57
C LEU F 36 25.83 5.00 -75.36
N THR F 37 26.62 4.07 -74.84
CA THR F 37 26.22 3.29 -73.67
C THR F 37 26.81 3.90 -72.43
N ILE F 38 25.98 4.22 -71.45
CA ILE F 38 26.48 4.82 -70.22
C ILE F 38 27.19 3.76 -69.39
N VAL F 39 28.33 4.12 -68.82
CA VAL F 39 29.11 3.22 -67.98
C VAL F 39 28.91 3.54 -66.51
N ALA F 40 28.99 4.83 -66.17
CA ALA F 40 28.80 5.27 -64.80
C ALA F 40 28.86 6.80 -64.74
N VAL F 41 28.21 7.38 -63.73
CA VAL F 41 28.22 8.83 -63.58
C VAL F 41 29.42 9.20 -62.74
N THR F 42 30.16 10.21 -63.19
CA THR F 42 31.34 10.67 -62.46
C THR F 42 30.89 11.41 -61.22
N LYS F 43 31.86 11.98 -60.50
CA LYS F 43 31.56 12.74 -59.29
C LYS F 43 30.63 13.91 -59.67
N ASP F 44 30.79 14.39 -60.91
CA ASP F 44 30.00 15.51 -61.42
C ASP F 44 28.76 14.97 -62.13
N PRO F 45 27.57 15.28 -61.61
CA PRO F 45 26.32 14.81 -62.22
C PRO F 45 26.16 15.22 -63.67
N ASN F 46 26.90 16.26 -64.09
CA ASN F 46 26.78 16.74 -65.46
C ASN F 46 27.60 15.89 -66.42
N TRP F 47 28.44 15.02 -65.88
CA TRP F 47 29.27 14.17 -66.73
C TRP F 47 29.30 12.70 -66.35
N TYR F 48 29.22 11.84 -67.37
CA TYR F 48 29.26 10.40 -67.18
C TYR F 48 30.43 9.78 -67.94
N LYS F 49 30.68 8.51 -67.66
CA LYS F 49 31.70 7.75 -68.36
C LYS F 49 30.86 6.89 -69.31
N ALA F 50 31.21 6.89 -70.59
CA ALA F 50 30.43 6.11 -71.56
C ALA F 50 31.26 5.60 -72.72
N LYS F 51 30.64 4.79 -73.57
CA LYS F 51 31.30 4.21 -74.74
C LYS F 51 30.43 4.29 -75.99
N ASN F 52 31.08 4.23 -77.14
CA ASN F 52 30.37 4.28 -78.42
C ASN F 52 30.21 2.85 -78.95
N LYS F 53 29.59 2.70 -80.12
CA LYS F 53 29.39 1.36 -80.67
C LYS F 53 30.67 0.81 -81.27
N VAL F 54 31.75 0.86 -80.51
CA VAL F 54 33.05 0.37 -80.93
C VAL F 54 33.84 0.02 -79.69
N GLY F 55 33.41 0.55 -78.55
CA GLY F 55 34.08 0.24 -77.30
C GLY F 55 34.94 1.35 -76.73
N ARG F 56 34.99 2.50 -77.42
CA ARG F 56 35.78 3.62 -76.93
C ARG F 56 35.15 4.19 -75.65
N GLU F 57 35.99 4.43 -74.65
CA GLU F 57 35.54 4.98 -73.38
C GLU F 57 35.96 6.42 -73.25
N GLY F 58 35.13 7.23 -72.59
CA GLY F 58 35.46 8.62 -72.41
C GLY F 58 34.42 9.35 -71.59
N ILE F 59 34.71 10.59 -71.25
CA ILE F 59 33.78 11.37 -70.46
C ILE F 59 32.88 12.14 -71.41
N ILE F 60 31.60 12.22 -71.07
CA ILE F 60 30.65 12.92 -71.92
C ILE F 60 29.69 13.78 -71.09
N PRO F 61 29.17 14.86 -71.69
CA PRO F 61 28.25 15.75 -70.98
C PRO F 61 26.79 15.31 -71.11
N ALA F 62 26.16 15.01 -69.98
CA ALA F 62 24.77 14.58 -69.99
C ALA F 62 23.85 15.45 -70.87
N ASN F 63 24.09 16.75 -70.88
CA ASN F 63 23.23 17.63 -71.67
C ASN F 63 23.23 17.36 -73.14
N TYR F 64 24.31 16.77 -73.63
CA TYR F 64 24.45 16.48 -75.06
C TYR F 64 23.71 15.25 -75.55
N VAL F 65 23.52 14.26 -74.69
CA VAL F 65 22.84 13.03 -75.08
C VAL F 65 21.45 12.94 -74.46
N GLN F 66 20.68 11.99 -74.96
CA GLN F 66 19.33 11.78 -74.47
C GLN F 66 19.09 10.30 -74.22
N LYS F 67 18.46 10.00 -73.10
CA LYS F 67 18.15 8.62 -72.75
C LYS F 67 17.09 8.07 -73.70
N ARG F 68 17.46 7.05 -74.46
CA ARG F 68 16.52 6.41 -75.38
C ARG F 68 15.81 5.34 -74.57
N GLU F 69 14.53 5.57 -74.29
CA GLU F 69 13.74 4.65 -73.50
C GLU F 69 12.44 4.28 -74.18
N GLY F 70 11.73 3.31 -73.61
CA GLY F 70 10.47 2.89 -74.20
C GLY F 70 9.40 3.93 -74.09
N VAL F 71 8.54 4.00 -75.10
CA VAL F 71 7.44 4.95 -75.10
C VAL F 71 6.20 4.10 -74.88
N LYS F 72 5.84 3.92 -73.62
CA LYS F 72 4.69 3.10 -73.28
C LYS F 72 3.37 3.76 -73.63
N ALA F 73 2.86 3.43 -74.80
CA ALA F 73 1.59 3.97 -75.29
C ALA F 73 0.54 3.95 -74.19
N GLY F 74 -0.47 4.80 -74.34
CA GLY F 74 -1.53 4.87 -73.33
C GLY F 74 -2.90 5.19 -73.89
N THR F 75 -3.85 5.35 -72.99
CA THR F 75 -5.23 5.66 -73.34
C THR F 75 -5.38 7.16 -73.60
N LYS F 76 -4.29 7.90 -73.41
CA LYS F 76 -4.30 9.34 -73.62
C LYS F 76 -3.21 9.81 -74.58
N LEU F 77 -2.70 8.88 -75.39
CA LEU F 77 -1.65 9.21 -76.34
C LEU F 77 -2.23 9.48 -77.74
N SER F 78 -2.16 10.72 -78.18
CA SER F 78 -2.70 11.09 -79.48
C SER F 78 -1.86 12.16 -80.20
N LEU F 79 -1.65 11.96 -81.50
CA LEU F 79 -0.91 12.90 -82.34
C LEU F 79 -1.86 13.99 -82.77
N MET F 80 -3.14 13.79 -82.51
CA MET F 80 -4.17 14.73 -82.90
C MET F 80 -4.95 15.24 -81.69
N PRO F 81 -4.44 16.30 -81.04
CA PRO F 81 -5.08 16.89 -79.86
C PRO F 81 -6.57 17.16 -80.07
N TRP F 82 -6.88 17.81 -81.18
CA TRP F 82 -8.25 18.16 -81.54
C TRP F 82 -9.22 17.00 -81.65
N PHE F 83 -8.72 15.83 -81.99
CA PHE F 83 -9.58 14.66 -82.13
C PHE F 83 -10.44 14.50 -80.88
N HIS F 84 -11.60 13.85 -81.03
CA HIS F 84 -12.50 13.63 -79.90
C HIS F 84 -13.08 12.22 -79.84
N GLY F 85 -12.88 11.45 -80.91
CA GLY F 85 -13.34 10.08 -80.93
C GLY F 85 -14.81 9.75 -81.15
N LYS F 86 -15.66 10.15 -80.21
CA LYS F 86 -17.09 9.84 -80.33
C LYS F 86 -18.01 10.95 -79.81
N ILE F 87 -17.46 12.15 -79.65
CA ILE F 87 -18.25 13.28 -79.17
C ILE F 87 -19.41 13.53 -80.14
N THR F 88 -20.62 13.12 -79.76
CA THR F 88 -21.81 13.30 -80.59
C THR F 88 -21.92 14.71 -81.16
N ARG F 89 -22.65 14.84 -82.25
CA ARG F 89 -22.84 16.14 -82.90
C ARG F 89 -23.24 17.20 -81.88
N GLU F 90 -24.43 17.03 -81.31
CA GLU F 90 -24.98 17.97 -80.33
C GLU F 90 -24.05 18.17 -79.12
N GLN F 91 -23.21 17.19 -78.84
CA GLN F 91 -22.28 17.30 -77.73
C GLN F 91 -21.12 18.18 -78.20
N ALA F 92 -20.72 17.98 -79.44
CA ALA F 92 -19.63 18.73 -80.05
C ALA F 92 -19.95 20.22 -80.13
N GLU F 93 -21.22 20.52 -80.39
CA GLU F 93 -21.66 21.91 -80.51
C GLU F 93 -21.58 22.60 -79.16
N ARG F 94 -22.17 21.99 -78.14
CA ARG F 94 -22.18 22.54 -76.79
C ARG F 94 -20.77 22.86 -76.30
N LEU F 95 -19.82 22.03 -76.69
CA LEU F 95 -18.42 22.22 -76.29
C LEU F 95 -17.87 23.49 -76.94
N LEU F 96 -18.75 24.29 -77.53
CA LEU F 96 -18.34 25.50 -78.22
C LEU F 96 -19.29 26.69 -78.06
N TYR F 97 -19.17 27.44 -76.96
CA TYR F 97 -20.04 28.60 -76.79
C TYR F 97 -19.31 29.85 -77.28
N PRO F 98 -18.10 30.13 -76.76
CA PRO F 98 -17.35 31.31 -77.20
C PRO F 98 -17.01 31.16 -78.69
N PRO F 99 -17.51 32.07 -79.54
CA PRO F 99 -17.27 32.01 -80.99
C PRO F 99 -15.95 32.57 -81.51
N GLU F 100 -16.08 33.28 -82.63
CA GLU F 100 -14.98 33.90 -83.36
C GLU F 100 -14.17 32.87 -84.14
N THR F 101 -14.51 32.76 -85.42
CA THR F 101 -13.89 31.85 -86.36
C THR F 101 -12.50 31.34 -85.97
N GLY F 102 -12.29 30.03 -86.13
CA GLY F 102 -11.01 29.44 -85.80
C GLY F 102 -11.16 28.11 -85.09
N LEU F 103 -11.83 28.12 -83.95
CA LEU F 103 -12.06 26.91 -83.15
C LEU F 103 -12.54 25.77 -84.03
N PHE F 104 -12.06 24.57 -83.75
CA PHE F 104 -12.47 23.40 -84.51
C PHE F 104 -12.11 22.11 -83.79
N LEU F 105 -12.90 21.08 -84.04
CA LEU F 105 -12.67 19.77 -83.43
C LEU F 105 -13.13 18.71 -84.43
N VAL F 106 -12.60 17.51 -84.30
CA VAL F 106 -12.97 16.43 -85.19
C VAL F 106 -13.57 15.25 -84.44
N ARG F 107 -14.88 15.09 -84.54
CA ARG F 107 -15.54 13.99 -83.87
C ARG F 107 -15.43 12.75 -84.75
N GLU F 108 -16.50 11.99 -84.87
CA GLU F 108 -16.45 10.79 -85.69
C GLU F 108 -17.75 10.62 -86.48
N SER F 109 -17.61 10.23 -87.74
CA SER F 109 -18.77 10.05 -88.60
C SER F 109 -19.81 9.13 -87.97
N THR F 110 -20.77 9.75 -87.29
CA THR F 110 -21.85 9.04 -86.63
C THR F 110 -23.04 9.08 -87.60
N ASN F 111 -23.12 10.17 -88.34
CA ASN F 111 -24.19 10.38 -89.32
C ASN F 111 -23.99 9.41 -90.48
N TYR F 112 -22.72 9.23 -90.86
CA TYR F 112 -22.33 8.32 -91.94
C TYR F 112 -21.23 7.38 -91.43
N PRO F 113 -21.55 6.55 -90.42
CA PRO F 113 -20.62 5.59 -89.81
C PRO F 113 -19.55 5.01 -90.74
N GLY F 114 -18.29 5.15 -90.32
CA GLY F 114 -17.18 4.65 -91.11
C GLY F 114 -16.18 5.74 -91.42
N ASP F 115 -16.63 6.99 -91.39
CA ASP F 115 -15.77 8.13 -91.67
C ASP F 115 -15.56 8.98 -90.42
N TYR F 116 -15.33 10.27 -90.60
CA TYR F 116 -15.12 11.22 -89.50
C TYR F 116 -15.85 12.53 -89.77
N THR F 117 -15.69 13.50 -88.87
CA THR F 117 -16.35 14.80 -89.01
C THR F 117 -15.59 15.98 -88.45
N LEU F 118 -15.60 17.09 -89.17
CA LEU F 118 -14.94 18.31 -88.76
C LEU F 118 -16.02 19.28 -88.30
N CYS F 119 -15.75 19.99 -87.21
CA CYS F 119 -16.71 20.95 -86.68
C CYS F 119 -16.00 22.29 -86.47
N VAL F 120 -16.68 23.39 -86.79
CA VAL F 120 -16.09 24.71 -86.64
C VAL F 120 -17.06 25.79 -86.20
N SER F 121 -16.53 26.76 -85.45
CA SER F 121 -17.28 27.90 -84.96
C SER F 121 -17.03 29.02 -85.97
N CYS F 122 -18.05 29.31 -86.79
CA CYS F 122 -17.94 30.33 -87.82
C CYS F 122 -18.25 31.71 -87.22
N GLU F 123 -18.20 32.75 -88.04
CA GLU F 123 -18.47 34.10 -87.55
C GLU F 123 -19.69 34.07 -86.65
N GLY F 124 -20.58 33.11 -86.92
CA GLY F 124 -21.79 32.97 -86.12
C GLY F 124 -22.00 31.54 -85.68
N LYS F 125 -22.93 30.86 -86.35
CA LYS F 125 -23.27 29.48 -86.02
C LYS F 125 -22.08 28.51 -86.13
N VAL F 126 -22.38 27.24 -85.89
CA VAL F 126 -21.37 26.17 -85.95
C VAL F 126 -21.63 25.30 -87.16
N GLU F 127 -20.60 25.12 -87.99
CA GLU F 127 -20.72 24.31 -89.20
C GLU F 127 -20.18 22.90 -89.02
N HIS F 128 -20.93 21.94 -89.53
CA HIS F 128 -20.55 20.53 -89.45
C HIS F 128 -20.12 20.04 -90.83
N TYR F 129 -18.83 19.79 -90.99
CA TYR F 129 -18.32 19.31 -92.27
C TYR F 129 -17.96 17.83 -92.20
N ARG F 130 -18.58 17.05 -93.08
CA ARG F 130 -18.34 15.61 -93.13
C ARG F 130 -17.07 15.23 -93.85
N ILE F 131 -16.23 14.43 -93.19
CA ILE F 131 -15.00 13.94 -93.81
C ILE F 131 -15.36 12.54 -94.28
N MET F 132 -14.83 12.15 -95.44
CA MET F 132 -15.16 10.84 -95.97
C MET F 132 -13.97 9.90 -96.09
N TYR F 133 -14.11 8.74 -95.46
CA TYR F 133 -13.09 7.71 -95.48
C TYR F 133 -13.51 6.66 -96.50
N HIS F 134 -12.56 6.24 -97.32
CA HIS F 134 -12.81 5.25 -98.35
C HIS F 134 -11.47 5.02 -99.05
N ALA F 135 -11.26 3.80 -99.55
CA ALA F 135 -10.02 3.48 -100.25
C ALA F 135 -8.83 3.86 -99.38
N SER F 136 -9.04 3.94 -98.08
CA SER F 136 -7.98 4.30 -97.14
C SER F 136 -7.50 5.73 -97.38
N LYS F 137 -8.44 6.58 -97.77
CA LYS F 137 -8.18 8.00 -98.05
C LYS F 137 -9.24 8.87 -97.39
N LEU F 138 -8.85 10.08 -97.02
CA LEU F 138 -9.75 11.02 -96.37
C LEU F 138 -10.02 12.20 -97.30
N SER F 139 -11.26 12.68 -97.31
CA SER F 139 -11.63 13.80 -98.18
C SER F 139 -12.99 14.42 -97.84
N ILE F 140 -13.12 15.71 -98.13
CA ILE F 140 -14.36 16.44 -97.88
C ILE F 140 -14.94 16.93 -99.22
N ASP F 141 -14.05 17.40 -100.08
CA ASP F 141 -14.46 17.93 -101.37
C ASP F 141 -14.24 16.95 -102.50
N GLU F 142 -14.11 15.68 -102.16
CA GLU F 142 -13.89 14.65 -103.17
C GLU F 142 -12.96 15.17 -104.27
N GLU F 143 -11.97 15.95 -103.86
CA GLU F 143 -11.00 16.50 -104.79
C GLU F 143 -9.62 16.41 -104.18
N VAL F 144 -9.53 16.65 -102.88
CA VAL F 144 -8.25 16.58 -102.17
C VAL F 144 -8.31 15.37 -101.24
N TYR F 145 -7.31 14.49 -101.33
CA TYR F 145 -7.31 13.31 -100.47
C TYR F 145 -6.07 13.22 -99.58
N PHE F 146 -6.28 12.80 -98.33
CA PHE F 146 -5.18 12.68 -97.37
C PHE F 146 -5.16 11.30 -96.70
N GLU F 147 -4.00 10.94 -96.11
CA GLU F 147 -3.87 9.66 -95.43
C GLU F 147 -4.49 9.70 -94.02
N ASN F 148 -3.97 10.57 -93.17
CA ASN F 148 -4.48 10.70 -91.81
C ASN F 148 -5.10 12.08 -91.58
N LEU F 149 -5.85 12.21 -90.49
CA LEU F 149 -6.52 13.48 -90.20
C LEU F 149 -5.61 14.68 -89.98
N MET F 150 -4.30 14.47 -89.83
CA MET F 150 -3.41 15.61 -89.63
C MET F 150 -3.21 16.35 -90.96
N GLN F 151 -2.73 15.62 -91.97
CA GLN F 151 -2.51 16.22 -93.28
C GLN F 151 -3.76 16.99 -93.69
N LEU F 152 -4.92 16.48 -93.29
CA LEU F 152 -6.16 17.15 -93.63
C LEU F 152 -6.23 18.51 -92.94
N VAL F 153 -6.32 18.49 -91.61
CA VAL F 153 -6.38 19.71 -90.82
C VAL F 153 -5.27 20.68 -91.19
N GLU F 154 -4.10 20.13 -91.51
CA GLU F 154 -2.95 20.94 -91.89
C GLU F 154 -3.21 21.66 -93.21
N HIS F 155 -4.13 21.08 -93.99
CA HIS F 155 -4.50 21.62 -95.29
C HIS F 155 -5.60 22.67 -95.13
N TYR F 156 -6.46 22.48 -94.14
CA TYR F 156 -7.55 23.42 -93.88
C TYR F 156 -7.20 24.46 -92.84
N THR F 157 -5.90 24.68 -92.66
CA THR F 157 -5.42 25.67 -91.72
C THR F 157 -4.66 26.66 -92.58
N THR F 158 -4.21 26.16 -93.73
CA THR F 158 -3.47 26.97 -94.68
C THR F 158 -4.42 27.46 -95.78
N ASP F 159 -5.67 27.01 -95.73
CA ASP F 159 -6.68 27.42 -96.71
C ASP F 159 -8.06 26.79 -96.47
N ALA F 160 -9.06 27.62 -96.16
CA ALA F 160 -10.43 27.17 -95.91
C ALA F 160 -10.99 26.33 -97.05
N ASP F 161 -10.35 26.44 -98.21
CA ASP F 161 -10.71 25.69 -99.40
C ASP F 161 -12.21 25.40 -99.56
N GLY F 162 -13.06 26.34 -99.17
CA GLY F 162 -14.48 26.15 -99.32
C GLY F 162 -15.27 26.06 -98.03
N LEU F 163 -14.56 26.03 -96.90
CA LEU F 163 -15.18 25.95 -95.59
C LEU F 163 -15.53 27.33 -95.06
N CYS F 164 -16.16 27.36 -93.90
CA CYS F 164 -16.54 28.59 -93.22
C CYS F 164 -15.37 29.55 -93.21
N THR F 165 -14.25 29.03 -92.75
CA THR F 165 -13.01 29.78 -92.63
C THR F 165 -11.90 28.76 -92.53
N ARG F 166 -10.66 29.21 -92.63
CA ARG F 166 -9.54 28.29 -92.49
C ARG F 166 -9.58 27.89 -91.01
N LEU F 167 -8.73 26.96 -90.62
CA LEU F 167 -8.71 26.52 -89.22
C LEU F 167 -7.66 27.31 -88.43
N ILE F 168 -7.92 27.50 -87.15
CA ILE F 168 -6.99 28.24 -86.30
C ILE F 168 -6.68 27.52 -85.00
N LYS F 169 -7.40 27.88 -83.95
CA LYS F 169 -7.18 27.29 -82.63
C LYS F 169 -7.86 25.93 -82.46
N PRO F 170 -7.06 24.90 -82.11
CA PRO F 170 -7.53 23.52 -81.90
C PRO F 170 -8.46 23.41 -80.69
N LYS F 171 -9.27 22.36 -80.68
CA LYS F 171 -10.18 22.13 -79.56
C LYS F 171 -9.66 20.97 -78.72
N VAL F 172 -8.45 21.16 -78.20
CA VAL F 172 -7.77 20.17 -77.38
C VAL F 172 -8.66 19.48 -76.35
N MET F 173 -8.55 18.16 -76.27
CA MET F 173 -9.31 17.40 -75.29
C MET F 173 -8.32 17.04 -74.18
N GLU F 174 -8.31 17.86 -73.14
CA GLU F 174 -7.42 17.69 -71.99
C GLU F 174 -7.13 16.25 -71.60
N GLY F 175 -5.95 16.03 -71.02
CA GLY F 175 -5.56 14.70 -70.61
C GLY F 175 -5.01 13.92 -71.79
N THR F 176 -4.48 14.64 -72.76
CA THR F 176 -3.92 14.02 -73.96
C THR F 176 -2.43 14.34 -74.02
N VAL F 177 -1.62 13.31 -74.30
CA VAL F 177 -0.17 13.50 -74.39
C VAL F 177 0.33 13.59 -75.83
N ALA F 178 1.00 14.69 -76.14
CA ALA F 178 1.55 14.90 -77.48
C ALA F 178 2.60 13.84 -77.76
N ALA F 179 2.21 12.84 -78.54
CA ALA F 179 3.11 11.75 -78.89
C ALA F 179 4.44 12.24 -79.46
N GLN F 180 4.39 13.27 -80.30
CA GLN F 180 5.61 13.78 -80.90
C GLN F 180 6.63 14.14 -79.83
N ASP F 181 6.14 14.70 -78.71
CA ASP F 181 7.02 15.05 -77.60
C ASP F 181 7.64 13.77 -77.05
N GLU F 182 6.79 12.88 -76.56
CA GLU F 182 7.22 11.60 -76.02
C GLU F 182 8.34 10.99 -76.85
N PHE F 183 8.07 10.74 -78.12
CA PHE F 183 9.07 10.14 -78.98
C PHE F 183 10.40 10.89 -79.00
N TYR F 184 10.36 12.19 -79.23
CA TYR F 184 11.60 12.95 -79.27
C TYR F 184 12.26 12.91 -77.92
N ARG F 185 11.48 13.23 -76.89
CA ARG F 185 11.96 13.24 -75.53
C ARG F 185 12.53 11.87 -75.17
N SER F 186 11.99 10.83 -75.80
CA SER F 186 12.41 9.46 -75.53
C SER F 186 13.61 8.98 -76.31
N GLY F 187 14.15 9.86 -77.16
CA GLY F 187 15.31 9.52 -77.95
C GLY F 187 15.01 8.71 -79.20
N TRP F 188 13.75 8.69 -79.59
CA TRP F 188 13.33 7.94 -80.76
C TRP F 188 12.96 8.82 -81.94
N ALA F 189 13.27 10.11 -81.83
CA ALA F 189 12.99 11.05 -82.91
C ALA F 189 14.22 11.11 -83.80
N LEU F 190 13.99 11.01 -85.11
CA LEU F 190 15.11 11.08 -86.05
C LEU F 190 14.88 12.19 -87.08
N ASN F 191 15.93 12.97 -87.33
CA ASN F 191 15.88 14.08 -88.27
C ASN F 191 15.61 13.65 -89.72
N MET F 192 14.56 14.22 -90.31
CA MET F 192 14.19 13.93 -91.69
C MET F 192 15.27 14.37 -92.68
N LYS F 193 16.29 15.05 -92.18
CA LYS F 193 17.37 15.55 -93.03
C LYS F 193 18.49 14.53 -93.31
N GLU F 194 19.11 13.97 -92.26
CA GLU F 194 20.18 13.00 -92.46
C GLU F 194 19.65 11.62 -92.85
N LEU F 195 18.42 11.60 -93.34
CA LEU F 195 17.76 10.37 -93.78
C LEU F 195 17.34 10.59 -95.23
N LYS F 196 18.24 10.31 -96.16
CA LYS F 196 17.96 10.49 -97.58
C LYS F 196 17.09 9.38 -98.14
N LEU F 197 15.86 9.71 -98.51
CA LEU F 197 14.95 8.74 -99.07
C LEU F 197 15.42 8.36 -100.46
N LEU F 198 15.50 7.06 -100.71
CA LEU F 198 15.92 6.57 -102.02
C LEU F 198 14.78 5.82 -102.68
N GLN F 199 15.11 4.99 -103.67
CA GLN F 199 14.12 4.19 -104.39
C GLN F 199 13.08 3.57 -103.46
N THR F 200 11.89 3.33 -104.01
CA THR F 200 10.82 2.70 -103.24
C THR F 200 11.01 1.19 -103.37
N ILE F 201 11.00 0.49 -102.23
CA ILE F 201 11.23 -0.96 -102.18
C ILE F 201 10.01 -1.87 -102.36
N GLY F 202 8.93 -1.60 -101.64
CA GLY F 202 7.74 -2.41 -101.76
C GLY F 202 6.51 -1.58 -101.48
N LYS F 203 5.33 -2.14 -101.73
CA LYS F 203 4.09 -1.40 -101.50
C LYS F 203 3.11 -2.16 -100.60
N GLY F 204 2.97 -3.46 -100.84
CA GLY F 204 2.06 -4.24 -100.03
C GLY F 204 0.68 -3.66 -99.81
N GLU F 205 -0.13 -4.37 -99.03
CA GLU F 205 -1.49 -3.93 -98.75
C GLU F 205 -1.61 -3.02 -97.52
N PHE F 206 -0.57 -2.94 -96.71
CA PHE F 206 -0.65 -2.12 -95.51
C PHE F 206 0.37 -1.00 -95.40
N GLY F 207 1.33 -0.94 -96.31
CA GLY F 207 2.32 0.11 -96.21
C GLY F 207 3.51 0.00 -97.13
N ASP F 208 4.08 1.15 -97.49
CA ASP F 208 5.21 1.21 -98.40
C ASP F 208 6.53 1.18 -97.64
N VAL F 209 7.61 0.95 -98.37
CA VAL F 209 8.93 0.90 -97.77
C VAL F 209 9.98 1.35 -98.75
N MET F 210 10.69 2.41 -98.38
CA MET F 210 11.75 2.94 -99.22
C MET F 210 13.08 2.60 -98.59
N LEU F 211 14.13 2.54 -99.40
CA LEU F 211 15.46 2.28 -98.88
C LEU F 211 15.89 3.64 -98.34
N GLY F 212 17.10 3.73 -97.83
CA GLY F 212 17.58 5.00 -97.31
C GLY F 212 18.99 4.88 -96.81
N ASP F 213 19.80 5.89 -97.09
CA ASP F 213 21.17 5.89 -96.65
C ASP F 213 21.22 6.82 -95.44
N TYR F 214 20.99 6.25 -94.26
CA TYR F 214 21.01 7.03 -93.04
C TYR F 214 22.33 6.90 -92.32
N ARG F 215 23.00 8.03 -92.13
CA ARG F 215 24.28 8.05 -91.42
C ARG F 215 25.29 7.04 -91.98
N GLY F 216 25.36 6.96 -93.30
CA GLY F 216 26.30 6.05 -93.95
C GLY F 216 25.94 4.59 -94.11
N ASN F 217 24.65 4.26 -94.16
CA ASN F 217 24.23 2.87 -94.32
C ASN F 217 22.77 2.73 -94.73
N LYS F 218 22.42 1.54 -95.22
CA LYS F 218 21.07 1.24 -95.67
C LYS F 218 20.06 1.30 -94.53
N VAL F 219 18.78 1.34 -94.89
CA VAL F 219 17.72 1.44 -93.90
C VAL F 219 16.36 1.43 -94.60
N ALA F 220 15.33 0.97 -93.90
CA ALA F 220 13.99 0.94 -94.48
C ALA F 220 13.18 2.06 -93.85
N VAL F 221 12.21 2.57 -94.60
CA VAL F 221 11.34 3.65 -94.14
C VAL F 221 9.89 3.28 -94.48
N LYS F 222 9.24 2.58 -93.57
CA LYS F 222 7.86 2.13 -93.75
C LYS F 222 6.79 3.17 -93.45
N CYS F 223 5.67 3.04 -94.14
CA CYS F 223 4.50 3.91 -93.97
C CYS F 223 3.39 2.91 -93.65
N ILE F 224 2.45 3.30 -92.81
CA ILE F 224 1.35 2.41 -92.46
C ILE F 224 0.10 2.94 -93.12
N LYS F 225 -0.40 2.22 -94.13
CA LYS F 225 -1.58 2.64 -94.85
C LYS F 225 -2.86 2.56 -94.02
N ASN F 226 -3.96 3.03 -94.59
CA ASN F 226 -5.26 3.03 -93.94
C ASN F 226 -5.16 3.27 -92.45
N ASP F 227 -4.76 4.48 -92.06
CA ASP F 227 -4.61 4.82 -90.66
C ASP F 227 -5.00 6.28 -90.44
N ALA F 228 -6.30 6.54 -90.50
CA ALA F 228 -6.84 7.88 -90.34
C ALA F 228 -6.45 8.57 -89.05
N THR F 229 -6.45 7.82 -87.95
CA THR F 229 -6.12 8.39 -86.64
C THR F 229 -4.69 8.17 -86.19
N ALA F 230 -3.93 7.44 -86.99
CA ALA F 230 -2.53 7.16 -86.66
C ALA F 230 -2.37 6.25 -85.44
N GLN F 231 -3.49 5.78 -84.90
CA GLN F 231 -3.45 4.89 -83.74
C GLN F 231 -2.56 3.72 -84.10
N ALA F 232 -2.84 3.11 -85.25
CA ALA F 232 -2.07 2.00 -85.75
C ALA F 232 -0.60 2.38 -85.76
N PHE F 233 -0.32 3.62 -86.17
CA PHE F 233 1.06 4.11 -86.22
C PHE F 233 1.69 4.21 -84.83
N LEU F 234 0.94 4.73 -83.87
CA LEU F 234 1.47 4.87 -82.52
C LEU F 234 1.59 3.52 -81.84
N ALA F 235 0.47 2.80 -81.77
CA ALA F 235 0.49 1.48 -81.14
C ALA F 235 1.73 0.72 -81.60
N GLU F 236 1.94 0.65 -82.91
CA GLU F 236 3.06 -0.10 -83.45
C GLU F 236 4.42 0.55 -83.20
N ALA F 237 4.45 1.87 -83.16
CA ALA F 237 5.70 2.59 -82.94
C ALA F 237 6.08 2.54 -81.46
N SER F 238 5.12 2.81 -80.60
CA SER F 238 5.38 2.79 -79.17
C SER F 238 5.91 1.41 -78.77
N VAL F 239 5.26 0.36 -79.24
CA VAL F 239 5.70 -0.99 -78.92
C VAL F 239 7.11 -1.26 -79.40
N MET F 240 7.38 -0.86 -80.63
CA MET F 240 8.69 -1.12 -81.20
C MET F 240 9.83 -0.43 -80.44
N THR F 241 9.51 0.54 -79.58
CA THR F 241 10.55 1.22 -78.81
C THR F 241 10.83 0.40 -77.54
N GLN F 242 10.18 -0.75 -77.42
CA GLN F 242 10.36 -1.59 -76.26
C GLN F 242 10.92 -2.96 -76.63
N LEU F 243 10.97 -3.25 -77.93
CA LEU F 243 11.48 -4.54 -78.37
C LEU F 243 12.90 -4.38 -78.89
N ARG F 244 13.74 -5.36 -78.59
CA ARG F 244 15.12 -5.33 -79.06
C ARG F 244 15.70 -6.74 -78.96
N HIS F 245 15.81 -7.39 -80.12
CA HIS F 245 16.34 -8.75 -80.20
C HIS F 245 16.71 -9.11 -81.63
N SER F 246 17.90 -9.68 -81.79
CA SER F 246 18.45 -10.10 -83.09
C SER F 246 17.50 -10.72 -84.10
N ASN F 247 16.30 -11.11 -83.68
CA ASN F 247 15.37 -11.72 -84.60
C ASN F 247 14.05 -10.99 -84.63
N LEU F 248 14.16 -9.68 -84.45
CA LEU F 248 13.04 -8.75 -84.50
C LEU F 248 13.61 -7.55 -85.24
N VAL F 249 12.89 -7.06 -86.25
CA VAL F 249 13.37 -5.92 -87.02
C VAL F 249 13.54 -4.75 -86.05
N GLN F 250 14.77 -4.28 -85.93
CA GLN F 250 15.09 -3.18 -85.02
C GLN F 250 14.66 -1.80 -85.50
N LEU F 251 13.97 -1.08 -84.61
CA LEU F 251 13.51 0.27 -84.90
C LEU F 251 14.71 1.19 -84.76
N LEU F 252 14.98 2.01 -85.79
CA LEU F 252 16.10 2.94 -85.73
C LEU F 252 15.64 4.33 -85.28
N GLY F 253 14.36 4.60 -85.48
CA GLY F 253 13.82 5.89 -85.07
C GLY F 253 12.46 6.14 -85.69
N VAL F 254 11.77 7.18 -85.22
CA VAL F 254 10.46 7.51 -85.78
C VAL F 254 10.47 8.92 -86.36
N ILE F 255 9.58 9.16 -87.33
CA ILE F 255 9.49 10.45 -88.01
C ILE F 255 8.04 10.94 -87.99
N VAL F 256 7.85 12.14 -87.46
CA VAL F 256 6.51 12.72 -87.36
C VAL F 256 6.48 14.11 -88.00
N GLU F 257 6.34 14.16 -89.32
CA GLU F 257 6.29 15.43 -90.05
C GLU F 257 5.10 16.27 -89.63
N GLU F 258 5.33 17.58 -89.58
CA GLU F 258 4.32 18.56 -89.21
C GLU F 258 3.19 18.56 -90.25
N LYS F 259 3.53 18.16 -91.47
CA LYS F 259 2.55 18.10 -92.55
C LYS F 259 1.53 17.02 -92.24
N GLY F 260 1.97 15.96 -91.57
CA GLY F 260 1.08 14.87 -91.21
C GLY F 260 1.59 13.51 -91.67
N GLY F 261 2.87 13.45 -92.02
CA GLY F 261 3.44 12.19 -92.46
C GLY F 261 3.90 11.38 -91.27
N LEU F 262 3.69 10.06 -91.32
CA LEU F 262 4.07 9.17 -90.23
C LEU F 262 4.97 8.07 -90.76
N TYR F 263 6.26 8.13 -90.42
CA TYR F 263 7.23 7.14 -90.89
C TYR F 263 7.96 6.42 -89.77
N ILE F 264 8.37 5.18 -90.05
CA ILE F 264 9.10 4.34 -89.10
C ILE F 264 10.37 3.87 -89.78
N VAL F 265 11.51 4.19 -89.19
CA VAL F 265 12.81 3.81 -89.75
C VAL F 265 13.39 2.59 -89.02
N THR F 266 13.52 1.50 -89.78
CA THR F 266 14.03 0.23 -89.26
C THR F 266 15.32 -0.14 -89.99
N GLU F 267 15.87 -1.31 -89.67
CA GLU F 267 17.07 -1.80 -90.33
C GLU F 267 16.64 -2.34 -91.69
N TYR F 268 17.55 -2.41 -92.64
CA TYR F 268 17.21 -2.91 -93.97
C TYR F 268 17.25 -4.43 -94.10
N MET F 269 16.10 -5.01 -94.43
CA MET F 269 15.97 -6.46 -94.62
C MET F 269 15.97 -6.73 -96.12
N ALA F 270 17.18 -6.71 -96.68
CA ALA F 270 17.42 -6.89 -98.11
C ALA F 270 16.78 -8.03 -98.89
N LYS F 271 16.29 -9.07 -98.24
CA LYS F 271 15.72 -10.17 -99.02
C LYS F 271 14.21 -10.39 -98.95
N GLY F 272 13.47 -9.34 -98.59
CA GLY F 272 12.02 -9.45 -98.53
C GLY F 272 11.46 -10.30 -97.39
N SER F 273 10.19 -10.61 -97.48
CA SER F 273 9.53 -11.41 -96.45
C SER F 273 9.85 -12.88 -96.61
N LEU F 274 9.58 -13.66 -95.57
CA LEU F 274 9.86 -15.09 -95.59
C LEU F 274 8.91 -15.85 -96.51
N VAL F 275 7.61 -15.55 -96.45
CA VAL F 275 6.61 -16.22 -97.30
C VAL F 275 7.02 -16.23 -98.78
N ASP F 276 7.56 -15.11 -99.24
CA ASP F 276 7.98 -15.03 -100.63
C ASP F 276 9.31 -15.71 -100.89
N TYR F 277 10.26 -15.54 -99.97
CA TYR F 277 11.57 -16.17 -100.13
C TYR F 277 11.39 -17.68 -100.29
N LEU F 278 10.39 -18.22 -99.59
CA LEU F 278 10.11 -19.65 -99.65
C LEU F 278 9.48 -20.04 -100.99
N ARG F 279 9.01 -19.04 -101.72
CA ARG F 279 8.38 -19.26 -103.02
C ARG F 279 9.31 -18.84 -104.14
N SER F 280 9.96 -17.68 -103.99
CA SER F 280 10.89 -17.19 -105.01
C SER F 280 11.99 -18.21 -105.20
N ARG F 281 12.32 -18.91 -104.11
CA ARG F 281 13.33 -19.95 -104.12
C ARG F 281 12.63 -21.17 -103.51
N GLY F 282 12.36 -22.18 -104.33
CA GLY F 282 11.66 -23.36 -103.85
C GLY F 282 12.51 -24.51 -103.32
N ARG F 283 11.94 -25.71 -103.39
CA ARG F 283 12.60 -26.94 -102.91
C ARG F 283 13.99 -27.20 -103.49
N SER F 284 14.25 -26.73 -104.71
CA SER F 284 15.55 -26.94 -105.35
C SER F 284 16.63 -25.98 -104.83
N VAL F 285 16.22 -25.01 -104.03
CA VAL F 285 17.15 -24.02 -103.48
C VAL F 285 17.28 -24.09 -101.97
N LEU F 286 16.14 -24.16 -101.28
CA LEU F 286 16.12 -24.19 -99.82
C LEU F 286 16.45 -25.57 -99.24
N GLY F 287 17.69 -25.75 -98.83
CA GLY F 287 18.10 -27.01 -98.25
C GLY F 287 17.44 -27.19 -96.90
N GLY F 288 17.13 -28.42 -96.53
CA GLY F 288 16.48 -28.69 -95.25
C GLY F 288 17.13 -28.01 -94.06
N ASP F 289 18.46 -28.03 -94.02
CA ASP F 289 19.21 -27.41 -92.94
C ASP F 289 18.79 -25.94 -92.82
N CYS F 290 18.71 -25.27 -93.96
CA CYS F 290 18.32 -23.87 -94.03
C CYS F 290 16.94 -23.69 -93.40
N LEU F 291 16.03 -24.61 -93.68
CA LEU F 291 14.69 -24.54 -93.13
C LEU F 291 14.71 -24.58 -91.61
N LEU F 292 15.73 -25.24 -91.05
CA LEU F 292 15.86 -25.36 -89.60
C LEU F 292 16.32 -24.02 -89.02
N LYS F 293 17.26 -23.37 -89.69
CA LYS F 293 17.77 -22.08 -89.24
C LYS F 293 16.65 -21.05 -89.16
N PHE F 294 15.80 -21.01 -90.18
CA PHE F 294 14.69 -20.07 -90.19
C PHE F 294 13.76 -20.42 -89.04
N SER F 295 13.58 -21.71 -88.81
CA SER F 295 12.73 -22.19 -87.73
C SER F 295 13.31 -21.76 -86.38
N LEU F 296 14.63 -21.81 -86.27
CA LEU F 296 15.30 -21.41 -85.03
C LEU F 296 15.27 -19.89 -84.89
N ASP F 297 15.61 -19.19 -85.96
CA ASP F 297 15.60 -17.73 -85.96
C ASP F 297 14.29 -17.23 -85.37
N VAL F 298 13.16 -17.61 -85.97
CA VAL F 298 11.86 -17.17 -85.50
C VAL F 298 11.64 -17.54 -84.06
N CYS F 299 11.70 -18.84 -83.80
CA CYS F 299 11.47 -19.36 -82.46
C CYS F 299 12.11 -18.50 -81.39
N GLU F 300 13.39 -18.20 -81.56
CA GLU F 300 14.09 -17.37 -80.60
C GLU F 300 13.35 -16.06 -80.41
N ALA F 301 13.01 -15.43 -81.52
CA ALA F 301 12.29 -14.17 -81.49
C ALA F 301 11.05 -14.32 -80.62
N MET F 302 10.36 -15.43 -80.79
CA MET F 302 9.14 -15.64 -80.03
C MET F 302 9.43 -15.85 -78.55
N GLU F 303 10.57 -16.46 -78.25
CA GLU F 303 10.94 -16.69 -76.86
C GLU F 303 11.00 -15.34 -76.16
N TYR F 304 11.69 -14.42 -76.84
CA TYR F 304 11.87 -13.06 -76.38
C TYR F 304 10.54 -12.39 -76.01
N LEU F 305 9.56 -12.45 -76.92
CA LEU F 305 8.28 -11.83 -76.65
C LEU F 305 7.66 -12.38 -75.37
N GLU F 306 7.59 -13.71 -75.28
CA GLU F 306 7.03 -14.37 -74.10
C GLU F 306 7.88 -13.99 -72.88
N GLY F 307 9.21 -14.02 -73.06
CA GLY F 307 10.10 -13.69 -71.98
C GLY F 307 9.93 -12.24 -71.52
N ASN F 308 9.27 -11.44 -72.35
CA ASN F 308 9.05 -10.04 -72.03
C ASN F 308 7.57 -9.73 -71.88
N ASN F 309 6.76 -10.78 -71.75
CA ASN F 309 5.32 -10.62 -71.57
C ASN F 309 4.61 -9.91 -72.70
N PHE F 310 4.99 -10.22 -73.93
CA PHE F 310 4.36 -9.60 -75.09
C PHE F 310 3.79 -10.73 -75.95
N VAL F 311 2.58 -10.54 -76.46
CA VAL F 311 1.96 -11.53 -77.36
C VAL F 311 1.86 -10.90 -78.74
N HIS F 312 2.48 -11.54 -79.72
CA HIS F 312 2.49 -11.02 -81.09
C HIS F 312 1.10 -10.93 -81.71
N ARG F 313 0.40 -12.05 -81.75
CA ARG F 313 -0.97 -12.12 -82.29
C ARG F 313 -1.13 -12.23 -83.80
N ASP F 314 -0.04 -12.06 -84.55
CA ASP F 314 -0.15 -12.12 -86.00
C ASP F 314 1.08 -12.80 -86.61
N LEU F 315 1.59 -13.82 -85.93
CA LEU F 315 2.76 -14.51 -86.41
C LEU F 315 2.47 -15.35 -87.65
N ALA F 316 3.18 -15.03 -88.73
CA ALA F 316 3.04 -15.73 -90.02
C ALA F 316 4.34 -15.51 -90.81
N ALA F 317 4.58 -16.32 -91.83
CA ALA F 317 5.79 -16.19 -92.64
C ALA F 317 5.77 -14.89 -93.43
N ARG F 318 4.57 -14.32 -93.55
CA ARG F 318 4.38 -13.06 -94.25
C ARG F 318 4.91 -11.93 -93.37
N ASN F 319 4.79 -12.12 -92.05
CA ASN F 319 5.24 -11.12 -91.08
C ASN F 319 6.66 -11.39 -90.57
N VAL F 320 7.51 -11.94 -91.42
CA VAL F 320 8.90 -12.22 -91.07
C VAL F 320 9.74 -11.74 -92.22
N LEU F 321 10.93 -11.23 -91.94
CA LEU F 321 11.80 -10.72 -92.98
C LEU F 321 13.11 -11.46 -93.02
N VAL F 322 13.79 -11.39 -94.16
CA VAL F 322 15.07 -12.07 -94.34
C VAL F 322 16.13 -11.06 -94.70
N SER F 323 17.26 -11.12 -94.01
CA SER F 323 18.34 -10.19 -94.27
C SER F 323 19.28 -10.72 -95.35
N GLU F 324 20.30 -9.92 -95.64
CA GLU F 324 21.32 -10.23 -96.64
C GLU F 324 22.06 -11.51 -96.22
N ASP F 325 22.32 -11.63 -94.93
CA ASP F 325 23.02 -12.80 -94.40
C ASP F 325 22.06 -13.96 -94.18
N ASN F 326 20.91 -13.90 -94.85
CA ASN F 326 19.91 -14.95 -94.75
C ASN F 326 19.32 -15.15 -93.35
N VAL F 327 19.34 -14.10 -92.54
CA VAL F 327 18.79 -14.18 -91.18
C VAL F 327 17.33 -13.77 -91.16
N ALA F 328 16.48 -14.58 -90.56
CA ALA F 328 15.06 -14.26 -90.47
C ALA F 328 14.81 -13.42 -89.21
N LYS F 329 13.89 -12.47 -89.30
CA LYS F 329 13.56 -11.59 -88.18
C LYS F 329 12.08 -11.31 -88.23
N VAL F 330 11.39 -11.55 -87.13
CA VAL F 330 9.96 -11.28 -87.10
C VAL F 330 9.74 -9.78 -87.25
N SER F 331 8.55 -9.41 -87.70
CA SER F 331 8.19 -8.02 -87.92
C SER F 331 6.70 -7.82 -87.68
N ASP F 332 6.19 -6.64 -88.08
CA ASP F 332 4.78 -6.31 -87.92
C ASP F 332 4.32 -6.47 -86.50
N PHE F 333 4.70 -5.54 -85.65
CA PHE F 333 4.33 -5.62 -84.26
C PHE F 333 3.14 -4.76 -83.93
N GLY F 334 2.46 -4.27 -84.96
CA GLY F 334 1.29 -3.43 -84.75
C GLY F 334 0.37 -4.03 -83.72
N LEU F 335 0.08 -5.32 -83.86
CA LEU F 335 -0.81 -6.03 -82.93
C LEU F 335 -0.12 -6.50 -81.65
N THR F 336 1.21 -6.50 -81.65
CA THR F 336 1.99 -6.93 -80.51
C THR F 336 1.71 -6.10 -79.26
N LYS F 337 1.22 -6.75 -78.22
CA LYS F 337 0.92 -6.07 -76.96
C LYS F 337 1.01 -7.00 -75.75
N GLU F 338 1.28 -6.42 -74.59
CA GLU F 338 1.40 -7.17 -73.36
C GLU F 338 0.15 -7.99 -73.07
N ALA F 339 0.29 -8.98 -72.19
CA ALA F 339 -0.83 -9.83 -71.84
C ALA F 339 -1.19 -9.68 -70.36
N PRO F 349 -6.07 -12.21 -87.62
CA PRO F 349 -5.91 -13.15 -88.73
C PRO F 349 -7.01 -14.22 -88.74
N VAL F 350 -6.75 -15.35 -89.39
CA VAL F 350 -7.74 -16.41 -89.46
C VAL F 350 -7.18 -17.81 -89.24
N LYS F 351 -6.50 -18.32 -90.27
CA LYS F 351 -5.91 -19.67 -90.24
C LYS F 351 -4.65 -19.80 -89.39
N TRP F 352 -4.09 -18.68 -88.96
CA TRP F 352 -2.89 -18.70 -88.16
C TRP F 352 -3.22 -18.51 -86.67
N THR F 353 -4.49 -18.29 -86.37
CA THR F 353 -4.92 -18.09 -85.00
C THR F 353 -5.37 -19.36 -84.29
N ALA F 354 -5.18 -19.40 -82.97
CA ALA F 354 -5.58 -20.55 -82.17
C ALA F 354 -7.08 -20.52 -81.92
N PRO F 355 -7.68 -21.71 -81.69
CA PRO F 355 -9.11 -21.88 -81.44
C PRO F 355 -9.72 -20.98 -80.36
N GLU F 356 -9.21 -21.06 -79.14
CA GLU F 356 -9.75 -20.23 -78.07
C GLU F 356 -9.51 -18.75 -78.32
N ALA F 357 -8.55 -18.44 -79.20
CA ALA F 357 -8.21 -17.07 -79.52
C ALA F 357 -9.29 -16.41 -80.37
N LEU F 358 -9.62 -17.07 -81.49
CA LEU F 358 -10.65 -16.57 -82.40
C LEU F 358 -11.94 -16.35 -81.62
N ARG F 359 -12.36 -17.38 -80.89
CA ARG F 359 -13.57 -17.32 -80.09
C ARG F 359 -13.39 -16.28 -78.98
N GLU F 360 -13.24 -16.73 -77.74
CA GLU F 360 -13.01 -15.80 -76.64
C GLU F 360 -11.63 -15.17 -76.90
N LYS F 361 -11.63 -13.97 -77.47
CA LYS F 361 -10.40 -13.27 -77.80
C LYS F 361 -9.39 -13.16 -76.65
N LYS F 362 -8.90 -14.30 -76.18
CA LYS F 362 -7.93 -14.32 -75.09
C LYS F 362 -6.58 -14.78 -75.64
N PHE F 363 -5.68 -13.81 -75.86
CA PHE F 363 -4.36 -14.11 -76.39
C PHE F 363 -3.29 -14.28 -75.32
N SER F 364 -2.84 -15.52 -75.17
CA SER F 364 -1.80 -15.85 -74.21
C SER F 364 -0.61 -16.20 -75.08
N THR F 365 0.53 -16.45 -74.46
CA THR F 365 1.71 -16.81 -75.23
C THR F 365 1.41 -18.09 -75.99
N LYS F 366 0.47 -18.86 -75.44
CA LYS F 366 0.10 -20.13 -76.03
C LYS F 366 -0.49 -19.92 -77.42
N SER F 367 -1.38 -18.94 -77.53
CA SER F 367 -2.02 -18.64 -78.81
C SER F 367 -0.92 -18.43 -79.85
N ASP F 368 0.19 -17.83 -79.42
CA ASP F 368 1.31 -17.58 -80.32
C ASP F 368 1.99 -18.89 -80.68
N VAL F 369 1.98 -19.84 -79.74
CA VAL F 369 2.60 -21.13 -79.99
C VAL F 369 1.84 -21.75 -81.13
N TRP F 370 0.51 -21.68 -81.06
CA TRP F 370 -0.35 -22.23 -82.09
C TRP F 370 0.01 -21.62 -83.45
N SER F 371 0.14 -20.30 -83.46
CA SER F 371 0.49 -19.60 -84.67
C SER F 371 1.87 -20.08 -85.12
N PHE F 372 2.77 -20.30 -84.17
CA PHE F 372 4.08 -20.83 -84.53
C PHE F 372 3.72 -22.27 -84.91
N GLY F 373 4.52 -22.92 -85.73
CA GLY F 373 4.16 -24.27 -86.11
C GLY F 373 3.39 -24.13 -87.40
N ILE F 374 2.26 -23.42 -87.36
CA ILE F 374 1.49 -23.18 -88.57
C ILE F 374 2.47 -22.45 -89.48
N LEU F 375 3.30 -21.60 -88.89
CA LEU F 375 4.32 -20.86 -89.63
C LEU F 375 5.41 -21.86 -90.06
N LEU F 376 5.63 -22.89 -89.23
CA LEU F 376 6.62 -23.93 -89.51
C LEU F 376 6.12 -24.75 -90.69
N TRP F 377 4.81 -24.99 -90.70
CA TRP F 377 4.17 -25.72 -91.78
C TRP F 377 4.46 -24.93 -93.07
N GLU F 378 4.29 -23.62 -93.01
CA GLU F 378 4.56 -22.75 -94.15
C GLU F 378 6.02 -22.93 -94.59
N ILE F 379 6.94 -22.87 -93.63
CA ILE F 379 8.36 -23.03 -93.94
C ILE F 379 8.69 -24.35 -94.63
N TYR F 380 8.08 -25.44 -94.16
CA TYR F 380 8.33 -26.75 -94.75
C TYR F 380 7.34 -27.07 -95.87
N SER F 381 6.41 -26.15 -96.09
CA SER F 381 5.40 -26.30 -97.14
C SER F 381 5.76 -25.33 -98.26
N PHE F 382 6.94 -24.71 -98.13
CA PHE F 382 7.49 -23.73 -99.08
C PHE F 382 6.60 -22.57 -99.54
N GLY F 383 5.94 -21.93 -98.57
CA GLY F 383 5.08 -20.80 -98.89
C GLY F 383 3.62 -21.19 -99.09
N ARG F 384 3.35 -22.49 -99.13
CA ARG F 384 1.99 -22.93 -99.33
C ARG F 384 1.06 -22.26 -98.33
N VAL F 385 -0.12 -21.90 -98.79
CA VAL F 385 -1.10 -21.27 -97.92
C VAL F 385 -1.75 -22.39 -97.14
N PRO F 386 -1.69 -22.32 -95.79
CA PRO F 386 -2.28 -23.34 -94.92
C PRO F 386 -3.65 -23.82 -95.42
N TYR F 387 -3.89 -25.12 -95.28
CA TYR F 387 -5.14 -25.74 -95.70
C TYR F 387 -5.37 -25.58 -97.20
N PRO F 388 -4.56 -26.26 -98.04
CA PRO F 388 -4.64 -26.21 -99.50
C PRO F 388 -6.05 -26.36 -100.08
N ARG F 389 -6.72 -27.45 -99.71
CA ARG F 389 -8.08 -27.71 -100.17
C ARG F 389 -8.98 -28.02 -98.97
N ILE F 390 -9.23 -26.99 -98.18
CA ILE F 390 -10.06 -27.08 -96.99
C ILE F 390 -10.94 -25.84 -96.94
N PRO F 391 -12.26 -25.99 -97.18
CA PRO F 391 -13.24 -24.90 -97.18
C PRO F 391 -12.87 -23.69 -96.30
N LEU F 392 -12.48 -22.61 -96.95
CA LEU F 392 -12.07 -21.38 -96.28
C LEU F 392 -13.05 -20.79 -95.26
N LYS F 393 -14.13 -21.48 -94.96
CA LYS F 393 -15.08 -20.96 -93.98
C LYS F 393 -15.66 -22.06 -93.10
N ASP F 394 -14.92 -23.14 -92.96
CA ASP F 394 -15.34 -24.26 -92.13
C ASP F 394 -14.11 -24.81 -91.40
N VAL F 395 -13.04 -24.03 -91.46
CA VAL F 395 -11.79 -24.39 -90.81
C VAL F 395 -11.98 -24.41 -89.29
N VAL F 396 -12.65 -23.40 -88.77
CA VAL F 396 -12.90 -23.32 -87.33
C VAL F 396 -13.60 -24.58 -86.81
N PRO F 397 -14.64 -25.05 -87.51
CA PRO F 397 -15.37 -26.25 -87.10
C PRO F 397 -14.49 -27.49 -86.94
N ARG F 398 -13.83 -27.91 -88.03
CA ARG F 398 -12.97 -29.09 -87.99
C ARG F 398 -11.87 -28.99 -86.95
N VAL F 399 -11.17 -27.86 -86.91
CA VAL F 399 -10.10 -27.68 -85.93
C VAL F 399 -10.62 -27.84 -84.51
N GLU F 400 -11.77 -27.21 -84.20
CA GLU F 400 -12.36 -27.33 -82.87
C GLU F 400 -12.73 -28.79 -82.64
N LYS F 401 -12.82 -29.54 -83.74
CA LYS F 401 -13.16 -30.96 -83.70
C LYS F 401 -11.88 -31.76 -83.51
N GLY F 402 -10.76 -31.17 -83.91
CA GLY F 402 -9.47 -31.83 -83.77
C GLY F 402 -8.70 -31.95 -85.06
N TYR F 403 -9.16 -31.23 -86.09
CA TYR F 403 -8.49 -31.30 -87.40
C TYR F 403 -7.07 -30.77 -87.40
N LYS F 404 -6.16 -31.56 -87.97
CA LYS F 404 -4.76 -31.19 -88.08
C LYS F 404 -4.33 -31.35 -89.53
N MET F 405 -3.57 -30.39 -90.04
CA MET F 405 -3.09 -30.46 -91.42
C MET F 405 -2.21 -31.69 -91.54
N ASP F 406 -1.55 -31.84 -92.67
CA ASP F 406 -0.66 -32.99 -92.87
C ASP F 406 0.77 -32.51 -93.05
N ALA F 407 1.72 -33.36 -92.67
CA ALA F 407 3.13 -33.01 -92.80
C ALA F 407 3.51 -32.76 -94.25
N PRO F 408 4.09 -31.59 -94.53
CA PRO F 408 4.51 -31.24 -95.89
C PRO F 408 5.40 -32.31 -96.52
N ASP F 409 5.74 -32.12 -97.78
CA ASP F 409 6.59 -33.06 -98.50
C ASP F 409 8.03 -33.00 -98.00
N GLY F 410 8.66 -34.16 -97.86
CA GLY F 410 10.04 -34.24 -97.40
C GLY F 410 10.23 -33.70 -96.00
N CYS F 411 9.14 -33.51 -95.27
CA CYS F 411 9.19 -32.98 -93.91
C CYS F 411 9.74 -33.97 -92.87
N PRO F 412 10.86 -33.63 -92.21
CA PRO F 412 11.41 -34.53 -91.20
C PRO F 412 10.30 -34.78 -90.19
N PRO F 413 10.00 -36.05 -89.89
CA PRO F 413 8.94 -36.42 -88.93
C PRO F 413 9.05 -35.74 -87.57
N ALA F 414 10.29 -35.65 -87.07
CA ALA F 414 10.56 -35.04 -85.78
C ALA F 414 10.04 -33.61 -85.79
N VAL F 415 10.31 -32.90 -86.89
CA VAL F 415 9.86 -31.52 -87.08
C VAL F 415 8.33 -31.44 -87.16
N TYR F 416 7.73 -32.44 -87.80
CA TYR F 416 6.29 -32.48 -87.93
C TYR F 416 5.68 -32.71 -86.56
N ASP F 417 6.41 -33.44 -85.70
CA ASP F 417 5.92 -33.70 -84.36
C ASP F 417 5.87 -32.38 -83.59
N VAL F 418 6.79 -31.48 -83.92
CA VAL F 418 6.84 -30.17 -83.27
C VAL F 418 5.53 -29.46 -83.60
N MET F 419 5.24 -29.34 -84.90
CA MET F 419 4.01 -28.71 -85.36
C MET F 419 2.82 -29.23 -84.55
N LYS F 420 2.66 -30.56 -84.54
CA LYS F 420 1.57 -31.20 -83.81
C LYS F 420 1.60 -30.85 -82.33
N ASN F 421 2.79 -30.61 -81.81
CA ASN F 421 2.91 -30.28 -80.40
C ASN F 421 2.34 -28.89 -80.14
N CYS F 422 2.45 -28.02 -81.13
CA CYS F 422 1.93 -26.65 -81.02
C CYS F 422 0.41 -26.64 -81.16
N TRP F 423 -0.12 -27.71 -81.73
CA TRP F 423 -1.56 -27.82 -81.97
C TRP F 423 -2.34 -28.65 -80.95
N HIS F 424 -2.19 -28.33 -79.68
CA HIS F 424 -2.91 -29.03 -78.62
C HIS F 424 -4.11 -28.20 -78.19
N LEU F 425 -5.31 -28.69 -78.49
CA LEU F 425 -6.53 -27.99 -78.15
C LEU F 425 -6.44 -27.32 -76.78
N ASP F 426 -5.97 -28.07 -75.78
CA ASP F 426 -5.83 -27.53 -74.44
C ASP F 426 -4.64 -26.58 -74.33
N ALA F 427 -4.93 -25.29 -74.40
CA ALA F 427 -3.91 -24.24 -74.33
C ALA F 427 -2.71 -24.64 -73.48
N ALA F 428 -2.96 -24.80 -72.18
CA ALA F 428 -1.92 -25.18 -71.23
C ALA F 428 -0.98 -26.21 -71.81
N THR F 429 -1.55 -27.32 -72.29
CA THR F 429 -0.79 -28.42 -72.85
C THR F 429 0.16 -28.06 -73.99
N ARG F 430 0.01 -26.88 -74.56
CA ARG F 430 0.93 -26.50 -75.65
C ARG F 430 2.26 -26.10 -75.03
N PRO F 431 3.37 -26.34 -75.74
CA PRO F 431 4.70 -26.00 -75.22
C PRO F 431 4.98 -24.49 -75.13
N THR F 432 6.09 -24.12 -74.47
CA THR F 432 6.49 -22.73 -74.36
C THR F 432 7.49 -22.58 -75.50
N PHE F 433 7.82 -21.36 -75.88
CA PHE F 433 8.79 -21.23 -76.97
C PHE F 433 10.15 -21.77 -76.57
N LEU F 434 10.43 -21.82 -75.27
CA LEU F 434 11.71 -22.35 -74.83
C LEU F 434 11.70 -23.85 -75.14
N GLN F 435 10.59 -24.50 -74.81
CA GLN F 435 10.51 -25.93 -75.07
C GLN F 435 10.69 -26.18 -76.56
N LEU F 436 10.03 -25.37 -77.40
CA LEU F 436 10.16 -25.49 -78.86
C LEU F 436 11.62 -25.33 -79.29
N ARG F 437 12.26 -24.26 -78.83
CA ARG F 437 13.67 -24.02 -79.17
C ARG F 437 14.51 -25.26 -78.89
N GLU F 438 14.30 -25.83 -77.70
CA GLU F 438 15.00 -27.03 -77.27
C GLU F 438 14.67 -28.21 -78.19
N GLN F 439 13.39 -28.36 -78.51
CA GLN F 439 12.92 -29.43 -79.40
C GLN F 439 13.60 -29.35 -80.77
N LEU F 440 13.83 -28.14 -81.26
CA LEU F 440 14.46 -27.94 -82.56
C LEU F 440 15.96 -28.14 -82.57
N GLU F 441 16.65 -27.74 -81.50
CA GLU F 441 18.10 -27.91 -81.42
C GLU F 441 18.39 -29.40 -81.29
N HIS F 442 17.53 -30.11 -80.57
CA HIS F 442 17.68 -31.54 -80.41
C HIS F 442 17.72 -32.12 -81.82
N ILE F 443 16.75 -31.70 -82.64
CA ILE F 443 16.64 -32.13 -84.03
C ILE F 443 17.92 -31.76 -84.78
N ARG F 444 18.36 -30.52 -84.61
CA ARG F 444 19.57 -30.04 -85.28
C ARG F 444 20.84 -30.80 -84.89
N THR F 445 20.98 -31.10 -83.61
CA THR F 445 22.16 -31.82 -83.12
C THR F 445 22.24 -33.25 -83.68
N HIS F 446 21.12 -33.95 -83.69
CA HIS F 446 21.11 -35.33 -84.18
C HIS F 446 20.78 -35.42 -85.66
N GLU F 447 20.48 -34.27 -86.27
CA GLU F 447 20.17 -34.19 -87.68
C GLU F 447 18.91 -34.94 -88.07
N LEU F 448 17.94 -34.94 -87.17
CA LEU F 448 16.69 -35.62 -87.46
C LEU F 448 15.98 -34.93 -88.64
N HIS F 449 16.64 -33.95 -89.24
CA HIS F 449 16.08 -33.19 -90.35
C HIS F 449 16.80 -33.49 -91.67
N LEU F 450 18.08 -33.86 -91.58
CA LEU F 450 18.88 -34.15 -92.75
C LEU F 450 18.67 -35.57 -93.27
#